data_7AE4
#
_entry.id   7AE4
#
_cell.length_a   270.920
_cell.length_b   320.550
_cell.length_c   326.230
_cell.angle_alpha   90.000
_cell.angle_beta   90.000
_cell.angle_gamma   90.000
#
_symmetry.space_group_name_H-M   'F 2 2 2'
#
loop_
_entity.id
_entity.type
_entity.pdbx_description
1 polymer 'Phenolic acid decarboxylase'
2 polymer 'Protein ShdD'
3 non-polymer DI(HYDROXYETHYL)ETHER
4 non-polymer 'SODIUM ION'
5 non-polymer 'PHOSPHATE ION'
6 non-polymer 'MAGNESIUM ION'
7 non-polymer 'CHLORIDE ION'
8 non-polymer 1,2-ETHANEDIOL
9 non-polymer 'ZINC ION'
#
loop_
_entity_poly.entity_id
_entity_poly.type
_entity_poly.pdbx_seq_one_letter_code
_entity_poly.pdbx_strand_id
1 'polypeptide(L)'
;MAKVYKDLREFLEVLEQEGQLIRVKEEVNPEPDIAAAGRAAANLGKNQPAVFFEKIKGYKYSVVTNVHGSWQNHALMLGL
DKNTSTKDQFYELNRRWDKFPVPPNVVKREAAPCKENVIDKDINLFEILPLYRINEQDGGFYISKASVVTADPEYPDDFN
KLNVGTYRIQVKDRDRVGIQALAMHDIAVQLEKAEAENKPLPIAITIGNNPLVTFMASTPVGYNQNEYEFVGALQDGVPM
DIVKSDLYDHLYVPAGSEVVLEGHIIPRVRTVEGPFGEFPGSYSGARLQCEVKIDRITHRTNPIFENLYLGIPWTEIDYL
MALNTSVPLYKQLKETMPEVVAVNAMYTHGIGVIISTKVRYGGYAKGVAFRLLSTPHGMPYSKIVIVVDEFVDPFNLEQV
MWALTTRVHPGKDVSIIENCPGMPLDPSTNPPGMHTKMIIDATTPVPPEPNPRETQLLDPPDGTEEWEEKLKELLKNQNR
;
A,B,C,D,E,F
2 'polypeptide(L)' MKCHRCGSDNVRKMVDSPVGDAWEVYVCEKCCYSWRSTENPVVMEKFKLDDNKIANMGVIPPIPPLKK a,b,c,d,e,f
#
loop_
_chem_comp.id
_chem_comp.type
_chem_comp.name
_chem_comp.formula
CL non-polymer 'CHLORIDE ION' 'Cl -1'
EDO non-polymer 1,2-ETHANEDIOL 'C2 H6 O2'
MG non-polymer 'MAGNESIUM ION' 'Mg 2'
NA non-polymer 'SODIUM ION' 'Na 1'
PEG non-polymer DI(HYDROXYETHYL)ETHER 'C4 H10 O3'
PO4 non-polymer 'PHOSPHATE ION' 'O4 P -3'
ZN non-polymer 'ZINC ION' 'Zn 2'
#
# COMPACT_ATOMS: atom_id res chain seq x y z
N ALA A 2 47.22 28.28 2.96
CA ALA A 2 46.76 27.06 3.62
C ALA A 2 47.86 26.01 3.65
N LYS A 3 48.57 25.95 4.79
CA LYS A 3 49.66 25.01 4.98
C LYS A 3 49.28 23.62 4.51
N VAL A 4 50.04 23.11 3.54
CA VAL A 4 49.82 21.79 2.96
C VAL A 4 50.90 20.85 3.50
N TYR A 5 50.51 19.62 3.79
CA TYR A 5 51.39 18.66 4.45
C TYR A 5 51.80 17.58 3.47
N LYS A 6 53.08 17.19 3.54
CA LYS A 6 53.60 16.13 2.68
C LYS A 6 53.58 14.77 3.34
N ASP A 7 53.51 14.71 4.67
CA ASP A 7 53.47 13.45 5.40
C ASP A 7 52.58 13.62 6.62
N LEU A 8 52.29 12.50 7.28
CA LEU A 8 51.51 12.56 8.52
C LEU A 8 52.25 13.33 9.60
N ARG A 9 53.59 13.31 9.57
CA ARG A 9 54.35 13.93 10.65
C ARG A 9 54.20 15.45 10.65
N GLU A 10 54.16 16.07 9.47
CA GLU A 10 53.95 17.51 9.42
C GLU A 10 52.61 17.89 10.04
N PHE A 11 51.57 17.12 9.73
CA PHE A 11 50.25 17.40 10.29
C PHE A 11 50.25 17.22 11.81
N LEU A 12 50.86 16.14 12.30
CA LEU A 12 50.90 15.92 13.75
C LEU A 12 51.62 17.06 14.46
N GLU A 13 52.69 17.58 13.86
CA GLU A 13 53.39 18.71 14.45
C GLU A 13 52.48 19.92 14.58
N VAL A 14 51.69 20.20 13.54
CA VAL A 14 50.75 21.30 13.61
C VAL A 14 49.71 21.06 14.70
N LEU A 15 49.22 19.82 14.78
CA LEU A 15 48.21 19.49 15.80
C LEU A 15 48.72 19.79 17.20
N GLU A 16 50.00 19.52 17.46
CA GLU A 16 50.54 19.78 18.79
C GLU A 16 50.72 21.27 19.05
N GLN A 17 51.19 22.02 18.03
CA GLN A 17 51.35 23.46 18.19
C GLN A 17 50.02 24.15 18.46
N GLU A 18 48.93 23.58 17.98
CA GLU A 18 47.59 24.15 18.17
C GLU A 18 46.89 23.57 19.39
N GLY A 19 47.60 22.78 20.20
CA GLY A 19 46.99 22.18 21.37
C GLY A 19 45.95 21.13 21.04
N GLN A 20 46.10 20.42 19.92
CA GLN A 20 45.19 19.37 19.53
C GLN A 20 45.86 18.00 19.49
N LEU A 21 46.95 17.83 20.24
CA LEU A 21 47.62 16.54 20.32
C LEU A 21 48.29 16.41 21.69
N ILE A 22 48.07 15.28 22.35
CA ILE A 22 48.66 14.99 23.65
C ILE A 22 49.46 13.70 23.55
N ARG A 23 50.56 13.65 24.29
CA ARG A 23 51.47 12.51 24.24
C ARG A 23 51.31 11.66 25.50
N VAL A 24 51.15 10.36 25.31
CA VAL A 24 51.13 9.40 26.42
C VAL A 24 52.55 8.85 26.51
N LYS A 25 53.38 9.50 27.33
CA LYS A 25 54.79 9.12 27.40
C LYS A 25 54.99 7.79 28.11
N GLU A 26 54.13 7.46 29.07
CA GLU A 26 54.25 6.21 29.80
C GLU A 26 53.98 5.01 28.89
N GLU A 27 54.67 3.91 29.17
CA GLU A 27 54.38 2.68 28.45
C GLU A 27 53.01 2.15 28.85
N VAL A 28 52.30 1.60 27.88
CA VAL A 28 50.94 1.12 28.10
C VAL A 28 50.72 -0.11 27.24
N ASN A 29 50.26 -1.19 27.85
CA ASN A 29 50.01 -2.40 27.08
C ASN A 29 48.83 -2.18 26.13
N PRO A 30 48.85 -2.80 24.95
CA PRO A 30 47.99 -2.34 23.87
C PRO A 30 46.53 -2.75 23.96
N GLU A 31 46.19 -3.79 24.71
CA GLU A 31 44.88 -4.40 24.50
C GLU A 31 43.72 -3.51 24.90
N PRO A 32 43.54 -3.20 26.20
CA PRO A 32 42.37 -2.43 26.60
C PRO A 32 42.55 -0.92 26.53
N ASP A 33 43.77 -0.44 26.31
CA ASP A 33 44.11 0.96 26.55
C ASP A 33 44.03 1.83 25.30
N ILE A 34 44.73 1.44 24.23
CA ILE A 34 44.67 2.23 23.01
C ILE A 34 43.24 2.36 22.52
N ALA A 35 42.44 1.30 22.70
CA ALA A 35 41.03 1.38 22.36
C ALA A 35 40.30 2.33 23.31
N ALA A 36 40.53 2.19 24.61
CA ALA A 36 39.85 3.05 25.57
C ALA A 36 40.21 4.52 25.36
N ALA A 37 41.49 4.80 25.10
CA ALA A 37 41.90 6.18 24.88
C ALA A 37 41.18 6.77 23.67
N GLY A 38 41.01 5.97 22.62
CA GLY A 38 40.28 6.46 21.46
C GLY A 38 38.83 6.77 21.77
N ARG A 39 38.18 5.91 22.55
CA ARG A 39 36.80 6.18 22.95
C ARG A 39 36.70 7.40 23.84
N ALA A 40 37.61 7.51 24.82
CA ALA A 40 37.59 8.66 25.71
C ALA A 40 37.84 9.96 24.95
N ALA A 41 38.79 9.95 24.02
CA ALA A 41 39.11 11.16 23.26
C ALA A 41 37.88 11.68 22.54
N ALA A 42 37.18 10.79 21.82
CA ALA A 42 35.95 11.21 21.16
C ALA A 42 34.86 11.57 22.17
N ASN A 43 34.85 10.90 23.33
CA ASN A 43 33.87 11.21 24.37
C ASN A 43 34.06 12.59 24.95
N LEU A 44 35.22 13.22 24.74
CA LEU A 44 35.47 14.55 25.29
C LEU A 44 34.51 15.60 24.74
N GLY A 45 33.81 15.29 23.65
CA GLY A 45 32.76 16.17 23.18
C GLY A 45 33.20 17.20 22.14
N LYS A 46 34.02 18.16 22.55
CA LYS A 46 34.47 19.22 21.67
C LYS A 46 35.98 19.40 21.82
N ASN A 47 36.59 19.96 20.77
CA ASN A 47 38.03 20.19 20.75
C ASN A 47 38.81 18.92 21.06
N GLN A 48 38.30 17.78 20.61
CA GLN A 48 38.93 16.50 20.92
C GLN A 48 40.29 16.43 20.25
N PRO A 49 41.35 16.09 20.98
CA PRO A 49 42.69 16.04 20.40
C PRO A 49 43.04 14.66 19.89
N ALA A 50 44.12 14.61 19.12
CA ALA A 50 44.74 13.33 18.79
C ALA A 50 45.67 12.92 19.92
N VAL A 51 45.67 11.63 20.26
CA VAL A 51 46.51 11.10 21.33
C VAL A 51 47.61 10.27 20.69
N PHE A 52 48.85 10.49 21.14
CA PHE A 52 50.04 9.84 20.59
C PHE A 52 50.64 8.95 21.66
N PHE A 53 50.68 7.65 21.40
CA PHE A 53 51.27 6.69 22.32
C PHE A 53 52.74 6.50 21.98
N GLU A 54 53.63 6.80 22.93
CA GLU A 54 55.06 6.72 22.69
C GLU A 54 55.62 5.32 22.90
N LYS A 55 55.06 4.56 23.84
CA LYS A 55 55.60 3.25 24.17
C LYS A 55 54.46 2.26 24.33
N ILE A 56 54.58 1.11 23.65
CA ILE A 56 53.60 0.03 23.72
C ILE A 56 54.30 -1.20 24.26
N LYS A 57 53.57 -1.98 25.06
CA LYS A 57 54.20 -2.99 25.92
C LYS A 57 55.15 -3.89 25.12
N GLY A 58 54.68 -4.44 24.01
CA GLY A 58 55.49 -5.43 23.31
C GLY A 58 56.25 -4.92 22.10
N TYR A 59 55.82 -3.80 21.54
CA TYR A 59 56.31 -3.35 20.24
C TYR A 59 57.42 -2.32 20.36
N LYS A 60 58.07 -2.06 19.22
CA LYS A 60 59.19 -1.13 19.13
C LYS A 60 58.74 0.30 18.84
N TYR A 61 57.72 0.48 18.01
CA TYR A 61 57.31 1.78 17.49
C TYR A 61 56.05 2.28 18.21
N SER A 62 55.47 3.37 17.70
CA SER A 62 54.39 4.08 18.37
C SER A 62 53.13 4.11 17.52
N VAL A 63 52.04 4.63 18.09
CA VAL A 63 50.75 4.69 17.41
C VAL A 63 50.08 6.03 17.72
N VAL A 64 49.16 6.42 16.82
CA VAL A 64 48.37 7.63 17.00
C VAL A 64 46.91 7.33 16.68
N THR A 65 46.02 7.73 17.58
CA THR A 65 44.60 7.53 17.40
C THR A 65 43.89 8.88 17.47
N ASN A 66 42.68 8.92 16.91
CA ASN A 66 41.87 10.14 16.86
C ASN A 66 42.58 11.30 16.17
N VAL A 67 43.24 11.03 15.04
CA VAL A 67 43.88 12.09 14.29
C VAL A 67 42.84 13.03 13.69
N HIS A 68 41.76 12.47 13.14
CA HIS A 68 40.69 13.23 12.51
C HIS A 68 39.52 13.46 13.44
N GLY A 69 39.64 13.11 14.72
CA GLY A 69 38.48 13.00 15.58
C GLY A 69 37.95 14.28 16.21
N SER A 70 37.89 15.37 15.46
CA SER A 70 37.30 16.60 15.95
C SER A 70 37.23 17.61 14.82
N TRP A 71 36.32 18.58 14.95
CA TRP A 71 36.23 19.63 13.94
C TRP A 71 37.49 20.48 13.92
N GLN A 72 38.14 20.65 15.07
CA GLN A 72 39.39 21.40 15.11
C GLN A 72 40.45 20.72 14.25
N ASN A 73 40.64 19.41 14.45
CA ASN A 73 41.58 18.69 13.61
C ASN A 73 41.14 18.70 12.15
N HIS A 74 39.82 18.58 11.93
CA HIS A 74 39.31 18.61 10.57
C HIS A 74 39.64 19.94 9.89
N ALA A 75 39.55 21.05 10.64
CA ALA A 75 39.85 22.35 10.05
C ALA A 75 41.34 22.50 9.78
N LEU A 76 42.19 22.12 10.74
CA LEU A 76 43.62 22.18 10.51
C LEU A 76 44.04 21.29 9.36
N MET A 77 43.30 20.20 9.12
CA MET A 77 43.58 19.36 7.97
C MET A 77 43.50 20.16 6.68
N LEU A 78 42.51 21.05 6.57
CA LEU A 78 42.32 21.89 5.41
C LEU A 78 43.21 23.13 5.42
N GLY A 79 44.10 23.26 6.41
CA GLY A 79 44.94 24.44 6.51
C GLY A 79 44.24 25.68 6.98
N LEU A 80 43.04 25.55 7.55
CA LEU A 80 42.25 26.67 8.01
C LEU A 80 42.46 26.87 9.50
N ASP A 81 41.89 27.96 10.03
CA ASP A 81 41.97 28.22 11.45
C ASP A 81 41.31 27.08 12.23
N LYS A 82 41.91 26.74 13.37
CA LYS A 82 41.46 25.58 14.12
C LYS A 82 40.00 25.71 14.54
N ASN A 83 39.48 26.94 14.66
CA ASN A 83 38.11 27.17 15.09
C ASN A 83 37.17 27.53 13.94
N THR A 84 37.58 27.31 12.69
CA THR A 84 36.70 27.54 11.55
C THR A 84 35.44 26.70 11.67
N SER A 85 34.29 27.30 11.34
CA SER A 85 33.00 26.68 11.57
C SER A 85 32.79 25.49 10.63
N THR A 86 31.72 24.71 10.92
CA THR A 86 31.40 23.55 10.09
C THR A 86 31.06 23.97 8.67
N LYS A 87 30.10 24.90 8.52
CA LYS A 87 29.72 25.33 7.19
C LYS A 87 30.81 26.15 6.50
N ASP A 88 31.67 26.80 7.28
CA ASP A 88 32.81 27.48 6.68
C ASP A 88 33.73 26.48 5.99
N GLN A 89 33.99 25.34 6.63
CA GLN A 89 34.78 24.29 6.00
C GLN A 89 34.04 23.68 4.82
N PHE A 90 32.73 23.47 4.97
CA PHE A 90 31.94 22.91 3.88
C PHE A 90 32.03 23.79 2.63
N TYR A 91 32.00 25.11 2.80
CA TYR A 91 32.11 26.00 1.65
C TYR A 91 33.53 26.03 1.10
N GLU A 92 34.53 25.84 1.96
CA GLU A 92 35.91 25.80 1.46
C GLU A 92 36.15 24.55 0.62
N LEU A 93 35.60 23.40 1.05
CA LEU A 93 35.71 22.20 0.22
C LEU A 93 34.95 22.37 -1.08
N ASN A 94 33.79 23.02 -1.03
CA ASN A 94 32.99 23.24 -2.24
C ASN A 94 33.76 24.03 -3.28
N ARG A 95 34.70 24.88 -2.84
CA ARG A 95 35.48 25.69 -3.77
C ARG A 95 36.65 24.91 -4.34
N ARG A 96 37.52 24.39 -3.46
CA ARG A 96 38.69 23.67 -3.94
C ARG A 96 38.31 22.45 -4.78
N TRP A 97 37.12 21.90 -4.56
CA TRP A 97 36.68 20.73 -5.31
C TRP A 97 36.67 21.00 -6.81
N ASP A 98 36.35 22.22 -7.22
CA ASP A 98 36.20 22.57 -8.62
C ASP A 98 37.52 22.70 -9.35
N LYS A 99 38.65 22.54 -8.64
CA LYS A 99 39.96 22.47 -9.27
C LYS A 99 40.35 21.05 -9.63
N PHE A 100 39.37 20.18 -9.90
CA PHE A 100 39.56 18.74 -9.74
C PHE A 100 40.87 18.22 -10.33
N PRO A 101 41.07 18.29 -11.66
CA PRO A 101 42.26 17.65 -12.22
C PRO A 101 43.52 18.40 -11.86
N VAL A 102 44.26 17.87 -10.89
CA VAL A 102 45.54 18.42 -10.47
C VAL A 102 46.57 17.30 -10.51
N PRO A 103 47.20 17.05 -11.65
CA PRO A 103 48.05 15.86 -11.81
C PRO A 103 49.08 15.77 -10.70
N PRO A 104 49.20 14.61 -10.07
CA PRO A 104 50.20 14.45 -9.00
C PRO A 104 51.61 14.51 -9.55
N ASN A 105 52.55 14.66 -8.64
CA ASN A 105 53.96 14.78 -8.97
C ASN A 105 54.65 13.44 -8.68
N VAL A 106 55.14 12.78 -9.72
CA VAL A 106 55.87 11.53 -9.56
C VAL A 106 57.32 11.85 -9.26
N VAL A 107 57.87 11.19 -8.23
CA VAL A 107 59.23 11.45 -7.79
C VAL A 107 60.04 10.17 -7.89
N LYS A 108 61.36 10.32 -7.91
CA LYS A 108 62.27 9.19 -7.92
C LYS A 108 62.19 8.42 -6.60
N ARG A 109 62.60 7.16 -6.66
CA ARG A 109 62.50 6.30 -5.49
C ARG A 109 63.35 6.82 -4.34
N GLU A 110 64.53 7.37 -4.65
CA GLU A 110 65.43 7.83 -3.59
C GLU A 110 64.81 8.97 -2.79
N ALA A 111 63.88 9.72 -3.39
CA ALA A 111 63.28 10.88 -2.75
C ALA A 111 62.08 10.54 -1.87
N ALA A 112 61.62 9.29 -1.88
CA ALA A 112 60.42 8.91 -1.13
C ALA A 112 60.79 8.39 0.24
N PRO A 113 60.36 9.04 1.32
CA PRO A 113 60.67 8.52 2.67
C PRO A 113 60.10 7.13 2.93
N CYS A 114 59.00 6.76 2.28
CA CYS A 114 58.40 5.44 2.50
C CYS A 114 59.27 4.32 1.96
N LYS A 115 60.26 4.61 1.14
CA LYS A 115 61.17 3.62 0.59
C LYS A 115 62.46 3.50 1.39
N GLU A 116 62.53 4.12 2.58
CA GLU A 116 63.76 4.10 3.35
C GLU A 116 64.16 2.68 3.74
N ASN A 117 63.19 1.86 4.13
CA ASN A 117 63.44 0.50 4.58
C ASN A 117 62.60 -0.47 3.75
N VAL A 118 63.15 -1.64 3.46
CA VAL A 118 62.47 -2.65 2.66
C VAL A 118 62.54 -3.98 3.40
N ILE A 119 61.42 -4.69 3.45
CA ILE A 119 61.35 -6.02 4.03
C ILE A 119 60.86 -6.96 2.94
N ASP A 120 61.73 -7.88 2.50
CA ASP A 120 61.41 -8.88 1.49
C ASP A 120 61.63 -10.31 1.97
N LYS A 121 62.53 -10.50 2.94
CA LYS A 121 62.73 -11.80 3.57
C LYS A 121 61.58 -12.01 4.55
N ASP A 122 61.70 -12.98 5.47
CA ASP A 122 60.59 -13.38 6.32
C ASP A 122 59.78 -12.18 6.78
N ILE A 123 58.51 -12.14 6.38
CA ILE A 123 57.65 -10.97 6.56
C ILE A 123 56.94 -11.06 7.91
N ASN A 124 56.92 -9.94 8.63
CA ASN A 124 56.28 -9.90 9.94
C ASN A 124 55.69 -8.51 10.13
N LEU A 125 54.35 -8.42 10.17
CA LEU A 125 53.71 -7.13 10.40
C LEU A 125 53.94 -6.63 11.82
N PHE A 126 54.00 -7.53 12.80
CA PHE A 126 54.15 -7.15 14.19
C PHE A 126 55.50 -6.49 14.46
N GLU A 127 56.50 -6.76 13.62
CA GLU A 127 57.81 -6.15 13.81
C GLU A 127 57.73 -4.63 13.69
N ILE A 128 56.88 -4.13 12.78
CA ILE A 128 56.85 -2.72 12.47
C ILE A 128 55.56 -2.02 12.90
N LEU A 129 54.45 -2.76 13.02
CA LEU A 129 53.16 -2.16 13.37
C LEU A 129 52.73 -2.61 14.75
N PRO A 130 52.53 -1.70 15.71
CA PRO A 130 52.04 -2.10 17.03
C PRO A 130 50.58 -2.52 16.98
N LEU A 131 50.31 -3.73 16.49
CA LEU A 131 48.94 -4.18 16.33
C LEU A 131 48.25 -4.33 17.68
N TYR A 132 46.98 -3.90 17.74
CA TYR A 132 46.19 -3.97 18.95
C TYR A 132 44.74 -4.28 18.57
N ARG A 133 43.95 -4.67 19.57
CA ARG A 133 42.54 -4.95 19.36
C ARG A 133 41.69 -3.72 19.65
N ILE A 134 40.75 -3.43 18.75
CA ILE A 134 39.97 -2.19 18.84
C ILE A 134 38.76 -2.35 19.75
N ASN A 135 37.97 -3.41 19.57
CA ASN A 135 36.83 -3.69 20.44
C ASN A 135 36.91 -5.13 20.91
N GLU A 136 36.30 -5.39 22.07
CA GLU A 136 36.52 -6.66 22.77
C GLU A 136 36.22 -7.87 21.88
N GLN A 137 35.05 -7.90 21.27
CA GLN A 137 34.60 -9.07 20.52
C GLN A 137 35.09 -9.07 19.07
N ASP A 138 35.99 -8.16 18.71
CA ASP A 138 36.55 -8.18 17.36
C ASP A 138 37.24 -9.52 17.12
N GLY A 139 37.16 -9.99 15.86
CA GLY A 139 37.78 -11.25 15.50
C GLY A 139 39.29 -11.24 15.53
N GLY A 140 39.92 -10.09 15.66
CA GLY A 140 41.37 -10.03 15.71
C GLY A 140 41.85 -8.59 15.71
N PHE A 141 43.13 -8.42 15.43
CA PHE A 141 43.72 -7.09 15.39
C PHE A 141 43.45 -6.47 14.04
N TYR A 142 42.98 -5.22 14.04
CA TYR A 142 42.47 -4.59 12.83
C TYR A 142 43.26 -3.35 12.49
N ILE A 143 43.23 -2.99 11.21
CA ILE A 143 43.85 -1.77 10.71
C ILE A 143 42.72 -0.96 10.10
N SER A 144 42.15 -0.04 10.90
CA SER A 144 40.95 0.68 10.50
C SER A 144 41.25 1.79 9.49
N LYS A 145 42.05 2.77 9.89
CA LYS A 145 42.40 3.88 9.00
C LYS A 145 43.54 3.44 8.09
N ALA A 146 43.22 3.13 6.83
CA ALA A 146 44.21 2.65 5.87
C ALA A 146 43.77 3.01 4.47
N SER A 147 44.69 3.56 3.68
CA SER A 147 44.41 3.92 2.30
C SER A 147 44.95 2.82 1.39
N VAL A 148 44.05 2.18 0.65
CA VAL A 148 44.37 0.98 -0.13
C VAL A 148 44.35 1.35 -1.61
N VAL A 149 45.40 0.97 -2.32
CA VAL A 149 45.58 1.33 -3.73
C VAL A 149 45.45 0.08 -4.58
N THR A 150 44.53 0.10 -5.54
CA THR A 150 44.35 -0.97 -6.50
C THR A 150 44.15 -0.39 -7.89
N ALA A 151 44.46 -1.19 -8.91
CA ALA A 151 44.37 -0.76 -10.29
C ALA A 151 43.48 -1.72 -11.08
N ASP A 152 42.84 -1.19 -12.12
CA ASP A 152 41.93 -1.99 -12.95
C ASP A 152 42.73 -3.01 -13.75
N PRO A 153 42.47 -4.31 -13.60
CA PRO A 153 43.21 -5.30 -14.41
C PRO A 153 42.96 -5.15 -15.90
N GLU A 154 41.76 -4.74 -16.30
CA GLU A 154 41.45 -4.62 -17.73
C GLU A 154 42.19 -3.45 -18.37
N TYR A 155 42.34 -2.35 -17.63
CA TYR A 155 43.02 -1.16 -18.13
C TYR A 155 44.07 -0.73 -17.10
N PRO A 156 45.15 -1.50 -16.97
CA PRO A 156 46.15 -1.19 -15.94
C PRO A 156 46.94 0.07 -16.21
N ASP A 157 46.88 0.62 -17.43
CA ASP A 157 47.59 1.84 -17.75
C ASP A 157 46.76 3.10 -17.52
N ASP A 158 45.44 2.97 -17.43
CA ASP A 158 44.57 4.13 -17.23
C ASP A 158 44.73 4.62 -15.79
N PHE A 159 45.39 5.76 -15.62
CA PHE A 159 45.62 6.28 -14.27
C PHE A 159 44.32 6.67 -13.59
N ASN A 160 43.28 7.00 -14.36
CA ASN A 160 42.00 7.37 -13.77
C ASN A 160 41.35 6.19 -13.05
N LYS A 161 41.46 4.99 -13.61
CA LYS A 161 40.86 3.81 -13.02
C LYS A 161 41.68 3.23 -11.86
N LEU A 162 42.83 3.81 -11.55
CA LEU A 162 43.51 3.52 -10.30
C LEU A 162 42.73 4.18 -9.16
N ASN A 163 42.24 3.38 -8.22
CA ASN A 163 41.41 3.89 -7.15
C ASN A 163 42.05 3.59 -5.80
N VAL A 164 42.00 4.57 -4.90
CA VAL A 164 42.45 4.42 -3.53
C VAL A 164 41.27 4.66 -2.60
N GLY A 165 41.03 3.72 -1.69
CA GLY A 165 39.93 3.82 -0.76
C GLY A 165 40.27 3.19 0.57
N THR A 166 39.36 3.32 1.52
CA THR A 166 39.55 2.81 2.87
C THR A 166 38.71 1.57 3.07
N TYR A 167 39.35 0.50 3.55
CA TYR A 167 38.68 -0.76 3.83
C TYR A 167 39.30 -1.35 5.08
N ARG A 168 38.47 -2.01 5.89
CA ARG A 168 38.95 -2.57 7.15
C ARG A 168 39.74 -3.85 6.88
N ILE A 169 40.81 -4.01 7.65
CA ILE A 169 41.80 -5.07 7.41
C ILE A 169 42.04 -5.82 8.71
N GLN A 170 41.73 -7.11 8.72
CA GLN A 170 41.96 -7.97 9.87
C GLN A 170 43.27 -8.72 9.68
N VAL A 171 44.18 -8.58 10.63
CA VAL A 171 45.46 -9.29 10.58
C VAL A 171 45.22 -10.74 10.97
N LYS A 172 45.57 -11.66 10.06
CA LYS A 172 45.34 -13.09 10.26
C LYS A 172 46.62 -13.91 10.39
N ASP A 173 47.78 -13.34 10.10
CA ASP A 173 49.04 -14.05 10.25
C ASP A 173 50.18 -13.04 10.14
N ARG A 174 51.41 -13.54 10.27
CA ARG A 174 52.57 -12.66 10.18
C ARG A 174 52.63 -11.96 8.82
N ASP A 175 52.09 -12.58 7.76
CA ASP A 175 52.22 -12.05 6.41
C ASP A 175 50.92 -12.08 5.62
N ARG A 176 49.77 -12.36 6.25
CA ARG A 176 48.50 -12.37 5.54
C ARG A 176 47.44 -11.65 6.35
N VAL A 177 46.56 -10.93 5.64
CA VAL A 177 45.49 -10.15 6.26
C VAL A 177 44.20 -10.35 5.48
N GLY A 178 43.09 -9.89 6.06
CA GLY A 178 41.81 -9.96 5.42
C GLY A 178 41.18 -8.61 5.15
N ILE A 179 40.71 -8.38 3.92
CA ILE A 179 40.15 -7.11 3.51
C ILE A 179 38.68 -7.27 3.21
N GLN A 180 37.87 -6.28 3.61
CA GLN A 180 36.44 -6.28 3.35
C GLN A 180 36.18 -5.58 2.02
N ALA A 181 36.17 -6.35 0.93
CA ALA A 181 35.86 -5.81 -0.38
C ALA A 181 34.34 -5.83 -0.57
N LEU A 182 33.70 -4.81 0.01
CA LEU A 182 32.25 -4.73 -0.08
C LEU A 182 31.81 -4.58 -1.54
N ALA A 183 30.66 -5.17 -1.86
CA ALA A 183 30.26 -5.32 -3.26
C ALA A 183 30.03 -3.98 -3.95
N MET A 184 29.58 -2.96 -3.22
CA MET A 184 29.23 -1.71 -3.86
C MET A 184 30.41 -0.74 -4.03
N HIS A 185 31.59 -1.07 -3.49
CA HIS A 185 32.73 -0.17 -3.56
C HIS A 185 33.59 -0.46 -4.79
N ASP A 186 34.49 0.49 -5.10
CA ASP A 186 35.27 0.41 -6.34
C ASP A 186 36.13 -0.84 -6.39
N ILE A 187 36.69 -1.25 -5.26
CA ILE A 187 37.64 -2.36 -5.28
C ILE A 187 36.96 -3.64 -5.76
N ALA A 188 35.66 -3.80 -5.47
CA ALA A 188 34.97 -5.01 -5.87
C ALA A 188 34.81 -5.09 -7.38
N VAL A 189 34.72 -3.96 -8.07
CA VAL A 189 34.66 -3.97 -9.52
C VAL A 189 35.95 -4.55 -10.10
N GLN A 190 37.09 -4.11 -9.56
CA GLN A 190 38.37 -4.60 -10.05
C GLN A 190 38.63 -6.06 -9.64
N LEU A 191 38.17 -6.45 -8.45
CA LEU A 191 38.37 -7.83 -8.01
C LEU A 191 37.57 -8.80 -8.86
N GLU A 192 36.37 -8.41 -9.28
CA GLU A 192 35.55 -9.27 -10.13
C GLU A 192 36.24 -9.54 -11.46
N LYS A 193 36.83 -8.51 -12.06
CA LYS A 193 37.54 -8.71 -13.32
C LYS A 193 38.70 -9.68 -13.15
N ALA A 194 39.41 -9.59 -12.02
CA ALA A 194 40.54 -10.47 -11.78
C ALA A 194 40.07 -11.89 -11.45
N GLU A 195 39.08 -12.02 -10.57
CA GLU A 195 38.60 -13.35 -10.19
C GLU A 195 37.89 -14.05 -11.34
N ALA A 196 37.33 -13.28 -12.28
CA ALA A 196 36.71 -13.89 -13.46
C ALA A 196 37.73 -14.60 -14.32
N GLU A 197 39.03 -14.35 -14.10
CA GLU A 197 40.10 -15.03 -14.80
C GLU A 197 41.01 -15.79 -13.85
N ASN A 198 40.62 -15.93 -12.59
CA ASN A 198 41.41 -16.63 -11.58
C ASN A 198 42.82 -16.02 -11.49
N LYS A 199 42.90 -14.71 -11.66
CA LYS A 199 44.14 -13.98 -11.55
C LYS A 199 44.17 -13.14 -10.28
N PRO A 200 45.32 -13.02 -9.62
CA PRO A 200 45.40 -12.19 -8.42
C PRO A 200 45.27 -10.71 -8.76
N LEU A 201 44.86 -9.93 -7.76
CA LEU A 201 44.72 -8.49 -7.90
C LEU A 201 45.80 -7.78 -7.11
N PRO A 202 46.75 -7.11 -7.76
CA PRO A 202 47.78 -6.37 -7.02
C PRO A 202 47.15 -5.26 -6.18
N ILE A 203 47.74 -5.04 -5.00
CA ILE A 203 47.17 -4.13 -4.02
C ILE A 203 48.31 -3.50 -3.22
N ALA A 204 48.11 -2.26 -2.78
CA ALA A 204 49.06 -1.54 -1.95
C ALA A 204 48.33 -0.90 -0.79
N ILE A 205 48.66 -1.32 0.43
CA ILE A 205 48.02 -0.83 1.64
C ILE A 205 48.95 0.18 2.30
N THR A 206 48.54 1.45 2.32
CA THR A 206 49.32 2.52 2.93
C THR A 206 48.77 2.88 4.30
N ILE A 207 49.68 3.26 5.20
CA ILE A 207 49.32 3.58 6.59
C ILE A 207 50.11 4.80 7.03
N GLY A 208 49.43 5.74 7.69
CA GLY A 208 50.05 6.94 8.19
C GLY A 208 50.38 7.95 7.11
N ASN A 209 49.37 8.51 6.47
CA ASN A 209 49.55 9.43 5.35
C ASN A 209 49.04 10.83 5.69
N ASN A 210 49.34 11.76 4.79
CA ASN A 210 48.74 13.08 4.76
C ASN A 210 47.24 12.94 5.05
N PRO A 211 46.70 13.73 5.98
CA PRO A 211 45.28 13.59 6.31
C PRO A 211 44.37 13.80 5.11
N LEU A 212 44.80 14.57 4.12
CA LEU A 212 43.99 14.75 2.92
C LEU A 212 43.91 13.46 2.11
N VAL A 213 44.98 12.67 2.10
CA VAL A 213 44.93 11.38 1.42
C VAL A 213 43.94 10.44 2.10
N THR A 214 44.04 10.32 3.43
CA THR A 214 43.05 9.57 4.18
C THR A 214 41.64 10.11 3.92
N PHE A 215 41.52 11.42 3.75
CA PHE A 215 40.22 12.03 3.49
C PHE A 215 39.64 11.56 2.17
N MET A 216 40.43 11.63 1.10
CA MET A 216 39.93 11.23 -0.22
C MET A 216 39.70 9.74 -0.29
N ALA A 217 40.46 8.95 0.47
CA ALA A 217 40.27 7.51 0.48
C ALA A 217 38.82 7.15 0.81
N SER A 218 38.27 7.78 1.85
CA SER A 218 36.91 7.52 2.30
C SER A 218 35.85 8.28 1.51
N THR A 219 36.24 9.00 0.46
CA THR A 219 35.30 9.82 -0.31
C THR A 219 34.72 9.03 -1.47
N PRO A 220 33.40 9.03 -1.66
CA PRO A 220 32.75 8.25 -2.73
C PRO A 220 32.70 8.99 -4.06
N VAL A 221 33.88 9.20 -4.66
CA VAL A 221 33.97 9.79 -6.00
C VAL A 221 33.77 8.69 -7.04
N GLY A 222 33.60 9.10 -8.30
CA GLY A 222 33.37 8.14 -9.36
C GLY A 222 34.54 7.21 -9.59
N TYR A 223 34.25 6.12 -10.30
CA TYR A 223 35.28 5.11 -10.58
C TYR A 223 36.40 5.67 -11.44
N ASN A 224 36.05 6.47 -12.44
CA ASN A 224 37.01 7.03 -13.38
C ASN A 224 37.72 8.28 -12.87
N GLN A 225 37.65 8.56 -11.56
CA GLN A 225 38.28 9.72 -10.96
C GLN A 225 39.37 9.26 -10.01
N ASN A 226 40.59 9.76 -10.22
CA ASN A 226 41.72 9.41 -9.37
C ASN A 226 41.74 10.27 -8.12
N GLU A 227 41.87 9.63 -6.96
CA GLU A 227 41.81 10.36 -5.70
C GLU A 227 43.06 11.22 -5.48
N TYR A 228 44.21 10.81 -6.02
CA TYR A 228 45.41 11.64 -5.90
C TYR A 228 45.21 12.99 -6.58
N GLU A 229 44.48 13.01 -7.70
CA GLU A 229 44.20 14.27 -8.38
C GLU A 229 43.26 15.15 -7.57
N PHE A 230 42.40 14.54 -6.74
CA PHE A 230 41.55 15.32 -5.85
C PHE A 230 42.35 15.92 -4.70
N VAL A 231 43.36 15.19 -4.21
CA VAL A 231 44.17 15.72 -3.10
C VAL A 231 44.85 17.01 -3.52
N GLY A 232 45.38 17.06 -4.75
CA GLY A 232 45.97 18.29 -5.23
C GLY A 232 44.98 19.44 -5.27
N ALA A 233 43.71 19.14 -5.56
CA ALA A 233 42.69 20.18 -5.55
C ALA A 233 42.41 20.67 -4.13
N LEU A 234 42.30 19.74 -3.17
CA LEU A 234 42.07 20.13 -1.79
C LEU A 234 43.27 20.85 -1.19
N GLN A 235 44.46 20.65 -1.74
CA GLN A 235 45.62 21.46 -1.37
C GLN A 235 45.69 22.77 -2.14
N ASP A 236 44.58 23.16 -2.75
CA ASP A 236 44.44 24.46 -3.41
C ASP A 236 45.38 24.58 -4.60
N GLY A 237 45.57 23.47 -5.33
CA GLY A 237 46.38 23.44 -6.53
C GLY A 237 47.77 22.89 -6.37
N VAL A 238 48.23 22.65 -5.13
CA VAL A 238 49.57 22.12 -4.91
C VAL A 238 49.54 20.61 -5.15
N PRO A 239 50.19 20.11 -6.19
CA PRO A 239 50.17 18.67 -6.45
C PRO A 239 50.84 17.89 -5.32
N MET A 240 50.33 16.69 -5.07
CA MET A 240 50.91 15.81 -4.06
C MET A 240 51.96 14.91 -4.70
N ASP A 241 52.80 14.32 -3.85
CA ASP A 241 53.94 13.52 -4.30
C ASP A 241 53.62 12.04 -4.17
N ILE A 242 53.78 11.31 -5.28
CA ILE A 242 53.54 9.87 -5.33
C ILE A 242 54.76 9.19 -5.94
N VAL A 243 54.89 7.90 -5.64
CA VAL A 243 55.99 7.09 -6.16
C VAL A 243 55.46 5.75 -6.61
N LYS A 244 56.15 5.15 -7.57
CA LYS A 244 55.73 3.85 -8.09
C LYS A 244 56.04 2.76 -7.07
N SER A 245 55.14 1.79 -6.98
CA SER A 245 55.35 0.65 -6.10
C SER A 245 56.57 -0.16 -6.54
N ASP A 246 57.21 -0.83 -5.58
CA ASP A 246 58.38 -1.63 -5.89
C ASP A 246 58.02 -2.83 -6.76
N LEU A 247 57.06 -3.64 -6.30
CA LEU A 247 56.75 -4.89 -6.96
C LEU A 247 55.83 -4.72 -8.17
N TYR A 248 54.95 -3.72 -8.15
CA TYR A 248 53.94 -3.54 -9.18
C TYR A 248 54.04 -2.16 -9.79
N ASP A 249 54.26 -2.10 -11.11
CA ASP A 249 53.97 -0.88 -11.83
C ASP A 249 52.46 -0.67 -11.91
N HIS A 250 52.05 0.51 -12.36
CA HIS A 250 50.63 0.85 -12.40
C HIS A 250 50.10 1.11 -11.00
N LEU A 251 50.91 0.87 -9.98
CA LEU A 251 50.53 1.07 -8.59
C LEU A 251 51.39 2.18 -8.00
N TYR A 252 50.74 3.27 -7.59
CA TYR A 252 51.43 4.42 -7.05
C TYR A 252 50.92 4.69 -5.64
N VAL A 253 51.85 4.91 -4.72
CA VAL A 253 51.53 5.14 -3.32
C VAL A 253 52.07 6.51 -2.94
N PRO A 254 51.50 7.13 -1.89
CA PRO A 254 52.03 8.42 -1.44
C PRO A 254 53.49 8.30 -1.04
N ALA A 255 54.26 9.35 -1.34
CA ALA A 255 55.69 9.33 -1.03
C ALA A 255 55.95 9.44 0.47
N GLY A 256 55.06 10.10 1.21
CA GLY A 256 55.29 10.33 2.61
C GLY A 256 54.58 9.36 3.53
N SER A 257 54.23 8.19 3.02
CA SER A 257 53.55 7.18 3.83
C SER A 257 54.50 6.62 4.89
N GLU A 258 53.93 6.31 6.06
CA GLU A 258 54.72 5.71 7.12
C GLU A 258 54.99 4.23 6.83
N VAL A 259 53.98 3.51 6.33
CA VAL A 259 54.12 2.09 6.02
C VAL A 259 53.38 1.81 4.72
N VAL A 260 53.99 1.01 3.86
CA VAL A 260 53.36 0.53 2.63
C VAL A 260 53.44 -0.98 2.59
N LEU A 261 52.29 -1.63 2.42
CA LEU A 261 52.21 -3.08 2.32
C LEU A 261 51.88 -3.42 0.88
N GLU A 262 52.85 -3.98 0.16
CA GLU A 262 52.64 -4.41 -1.22
C GLU A 262 52.28 -5.89 -1.21
N GLY A 263 51.17 -6.22 -1.84
CA GLY A 263 50.72 -7.58 -1.89
C GLY A 263 49.68 -7.79 -2.96
N HIS A 264 48.92 -8.87 -2.82
CA HIS A 264 47.90 -9.20 -3.80
C HIS A 264 46.74 -9.91 -3.11
N ILE A 265 45.54 -9.74 -3.64
CA ILE A 265 44.36 -10.44 -3.15
C ILE A 265 44.36 -11.83 -3.77
N ILE A 266 44.32 -12.86 -2.92
CA ILE A 266 44.23 -14.24 -3.39
C ILE A 266 42.88 -14.43 -4.08
N PRO A 267 42.84 -14.85 -5.33
CA PRO A 267 41.58 -14.88 -6.07
C PRO A 267 40.71 -16.08 -5.71
N ARG A 268 39.40 -15.83 -5.77
CA ARG A 268 38.39 -16.87 -5.61
C ARG A 268 38.53 -17.61 -4.29
N VAL A 269 38.92 -16.89 -3.25
CA VAL A 269 39.12 -17.46 -1.92
C VAL A 269 38.48 -16.54 -0.89
N ARG A 270 37.75 -17.11 0.05
CA ARG A 270 37.13 -16.37 1.14
C ARG A 270 37.40 -17.09 2.45
N THR A 271 37.69 -16.32 3.50
CA THR A 271 37.94 -16.87 4.83
C THR A 271 37.11 -16.09 5.86
N VAL A 272 37.16 -16.54 7.11
CA VAL A 272 36.30 -16.00 8.16
C VAL A 272 36.88 -14.66 8.61
N GLU A 273 36.23 -13.57 8.20
CA GLU A 273 36.61 -12.22 8.60
C GLU A 273 35.57 -11.66 9.58
N GLY A 274 36.06 -10.98 10.61
CA GLY A 274 35.17 -10.43 11.62
C GLY A 274 35.00 -11.39 12.78
N PRO A 275 34.08 -11.06 13.71
CA PRO A 275 33.26 -9.84 13.69
C PRO A 275 34.06 -8.58 14.03
N PHE A 276 33.45 -7.42 13.84
CA PHE A 276 34.15 -6.15 14.01
C PHE A 276 33.15 -5.06 14.35
N GLY A 277 33.45 -4.28 15.40
CA GLY A 277 32.60 -3.17 15.76
C GLY A 277 32.67 -2.07 14.73
N GLU A 278 31.53 -1.69 14.16
CA GLU A 278 31.48 -0.72 13.07
C GLU A 278 30.74 0.54 13.50
N PHE A 279 30.63 1.48 12.57
CA PHE A 279 30.15 2.81 12.91
C PHE A 279 28.70 2.85 13.40
N PRO A 280 27.82 1.90 13.08
CA PRO A 280 26.46 1.95 13.64
C PRO A 280 26.39 1.68 15.13
N GLY A 281 27.54 1.50 15.79
CA GLY A 281 27.59 1.23 17.21
C GLY A 281 27.37 -0.21 17.59
N SER A 282 27.30 -1.10 16.61
CA SER A 282 27.04 -2.51 16.86
C SER A 282 28.14 -3.34 16.20
N TYR A 283 28.30 -4.57 16.69
CA TYR A 283 29.20 -5.51 16.03
C TYR A 283 28.59 -5.96 14.72
N SER A 284 29.40 -5.99 13.66
CA SER A 284 28.97 -6.57 12.40
C SER A 284 29.41 -8.03 12.36
N GLY A 285 28.48 -8.91 12.01
CA GLY A 285 28.77 -10.34 12.09
C GLY A 285 29.88 -10.78 11.18
N ALA A 286 30.47 -11.92 11.51
CA ALA A 286 31.56 -12.48 10.73
C ALA A 286 31.03 -13.02 9.40
N ARG A 287 31.79 -12.78 8.33
CA ARG A 287 31.44 -13.23 6.99
C ARG A 287 32.67 -13.83 6.34
N LEU A 288 32.46 -14.46 5.18
CA LEU A 288 33.57 -14.99 4.38
C LEU A 288 34.05 -13.89 3.45
N GLN A 289 35.25 -13.39 3.68
CA GLN A 289 35.78 -12.27 2.93
C GLN A 289 37.18 -12.59 2.41
N CYS A 290 37.69 -11.71 1.54
CA CYS A 290 38.93 -11.97 0.82
C CYS A 290 40.12 -12.01 1.78
N GLU A 291 41.18 -12.67 1.31
CA GLU A 291 42.46 -12.69 2.01
C GLU A 291 43.51 -12.03 1.12
N VAL A 292 44.45 -11.34 1.74
CA VAL A 292 45.55 -10.67 1.05
C VAL A 292 46.86 -11.21 1.58
N LYS A 293 47.79 -11.50 0.67
CA LYS A 293 49.11 -11.96 1.01
C LYS A 293 50.09 -10.79 0.91
N ILE A 294 50.80 -10.51 1.99
CA ILE A 294 51.76 -9.41 2.00
C ILE A 294 53.07 -9.91 1.40
N ASP A 295 53.47 -9.31 0.28
CA ASP A 295 54.66 -9.72 -0.44
C ASP A 295 55.90 -8.91 -0.08
N ARG A 296 55.72 -7.68 0.39
CA ARG A 296 56.84 -6.81 0.66
C ARG A 296 56.36 -5.60 1.46
N ILE A 297 57.23 -5.08 2.32
CA ILE A 297 56.92 -3.94 3.16
C ILE A 297 57.97 -2.87 2.96
N THR A 298 57.52 -1.65 2.69
CA THR A 298 58.38 -0.47 2.68
C THR A 298 57.86 0.49 3.74
N HIS A 299 58.78 1.10 4.48
CA HIS A 299 58.37 1.94 5.59
C HIS A 299 59.48 2.92 5.93
N ARG A 300 59.08 4.03 6.53
CA ARG A 300 60.03 5.02 7.02
C ARG A 300 60.62 4.56 8.34
N THR A 301 61.83 5.03 8.63
CA THR A 301 62.47 4.70 9.89
C THR A 301 61.68 5.30 11.05
N ASN A 302 61.47 4.49 12.09
CA ASN A 302 60.58 4.88 13.17
C ASN A 302 59.19 5.15 12.62
N PRO A 303 58.51 4.14 12.07
CA PRO A 303 57.19 4.36 11.48
C PRO A 303 56.15 4.67 12.54
N ILE A 304 55.10 5.36 12.10
CA ILE A 304 53.99 5.76 12.96
C ILE A 304 52.73 5.04 12.51
N PHE A 305 52.03 4.43 13.46
CA PHE A 305 50.82 3.66 13.15
C PHE A 305 49.61 4.58 13.33
N GLU A 306 49.03 5.02 12.22
CA GLU A 306 47.83 5.85 12.24
C GLU A 306 46.62 4.93 12.16
N ASN A 307 46.07 4.58 13.32
CA ASN A 307 44.85 3.79 13.42
C ASN A 307 43.77 4.61 14.12
N LEU A 308 42.54 4.13 14.06
CA LEU A 308 41.43 4.85 14.67
C LEU A 308 40.55 3.89 15.44
N TYR A 309 39.79 4.44 16.38
CA TYR A 309 38.73 3.73 17.07
C TYR A 309 37.38 4.10 16.46
N LEU A 310 36.49 3.12 16.37
CA LEU A 310 35.13 3.35 15.92
C LEU A 310 34.19 2.54 16.80
N GLY A 311 32.94 2.99 16.86
CA GLY A 311 31.95 2.36 17.72
C GLY A 311 30.68 3.18 17.83
N ILE A 312 30.13 3.29 19.04
CA ILE A 312 28.88 4.02 19.23
C ILE A 312 29.07 5.42 18.67
N PRO A 313 28.15 5.89 17.83
CA PRO A 313 28.52 6.85 16.80
C PRO A 313 29.07 8.15 17.35
N TRP A 314 29.67 8.87 16.41
CA TRP A 314 30.55 10.01 16.68
C TRP A 314 31.77 9.59 17.48
N THR A 315 32.45 8.58 16.94
CA THR A 315 33.86 8.32 17.19
C THR A 315 34.67 9.07 16.13
N GLU A 316 35.97 8.81 16.05
CA GLU A 316 36.81 9.50 15.07
C GLU A 316 36.26 9.34 13.65
N ILE A 317 35.77 8.14 13.33
CA ILE A 317 35.37 7.86 11.95
C ILE A 317 34.18 8.71 11.53
N ASP A 318 33.27 9.00 12.45
CA ASP A 318 32.10 9.81 12.09
C ASP A 318 32.51 11.24 11.72
N TYR A 319 33.56 11.77 12.35
CA TYR A 319 34.09 13.06 11.92
C TYR A 319 34.72 12.98 10.55
N LEU A 320 35.49 11.91 10.30
CA LEU A 320 36.11 11.76 9.00
C LEU A 320 35.08 11.74 7.87
N MET A 321 33.99 10.99 8.06
CA MET A 321 32.97 10.78 7.04
C MET A 321 31.92 11.89 7.01
N ALA A 322 31.99 12.87 7.91
CA ALA A 322 30.94 13.88 7.99
C ALA A 322 30.87 14.70 6.71
N LEU A 323 32.00 15.26 6.28
CA LEU A 323 32.01 16.17 5.14
C LEU A 323 32.45 15.49 3.85
N ASN A 324 33.33 14.50 3.91
CA ASN A 324 33.74 13.83 2.68
C ASN A 324 32.61 13.04 2.05
N THR A 325 31.51 12.84 2.75
CA THR A 325 30.33 12.20 2.18
C THR A 325 29.36 13.22 1.61
N SER A 326 29.21 14.37 2.27
CA SER A 326 28.22 15.35 1.85
C SER A 326 28.67 16.11 0.61
N VAL A 327 29.95 16.43 0.49
CA VAL A 327 30.45 17.28 -0.60
C VAL A 327 30.28 16.59 -1.95
N PRO A 328 30.80 15.38 -2.15
CA PRO A 328 30.63 14.72 -3.46
C PRO A 328 29.18 14.42 -3.80
N LEU A 329 28.35 14.11 -2.80
CA LEU A 329 26.93 13.94 -3.06
C LEU A 329 26.31 15.25 -3.55
N TYR A 330 26.71 16.38 -2.95
CA TYR A 330 26.21 17.67 -3.40
C TYR A 330 26.67 17.97 -4.82
N LYS A 331 27.95 17.74 -5.11
CA LYS A 331 28.45 18.02 -6.45
C LYS A 331 27.80 17.11 -7.48
N GLN A 332 27.65 15.83 -7.15
CA GLN A 332 27.05 14.89 -8.09
C GLN A 332 25.60 15.27 -8.42
N LEU A 333 24.84 15.69 -7.41
CA LEU A 333 23.47 16.16 -7.66
C LEU A 333 23.49 17.44 -8.49
N LYS A 334 24.35 18.39 -8.10
CA LYS A 334 24.34 19.71 -8.73
C LYS A 334 24.68 19.64 -10.22
N GLU A 335 25.46 18.63 -10.63
CA GLU A 335 25.85 18.55 -12.03
C GLU A 335 24.61 18.43 -12.93
N THR A 336 23.66 17.60 -12.53
CA THR A 336 22.41 17.45 -13.26
C THR A 336 21.36 18.48 -12.85
N MET A 337 21.33 18.86 -11.57
CA MET A 337 20.27 19.67 -10.99
C MET A 337 20.84 20.88 -10.27
N PRO A 338 20.95 22.02 -10.95
CA PRO A 338 21.50 23.21 -10.30
C PRO A 338 20.60 23.76 -9.21
N GLU A 339 19.34 23.31 -9.12
CA GLU A 339 18.43 23.80 -8.10
C GLU A 339 18.83 23.38 -6.70
N VAL A 340 19.73 22.41 -6.57
CA VAL A 340 20.11 21.90 -5.25
C VAL A 340 20.96 22.94 -4.54
N VAL A 341 20.67 23.18 -3.26
CA VAL A 341 21.37 24.17 -2.47
C VAL A 341 22.48 23.54 -1.66
N ALA A 342 22.14 22.53 -0.83
CA ALA A 342 23.11 21.85 0.00
C ALA A 342 22.61 20.47 0.37
N VAL A 343 23.54 19.60 0.77
CA VAL A 343 23.26 18.20 1.08
C VAL A 343 23.93 17.84 2.40
N ASN A 344 23.15 17.20 3.29
CA ASN A 344 23.61 16.76 4.61
C ASN A 344 23.63 15.24 4.66
N ALA A 345 24.84 14.68 4.73
CA ALA A 345 25.01 13.23 4.78
C ALA A 345 25.99 12.84 5.88
N MET A 346 25.98 13.57 6.99
CA MET A 346 26.91 13.32 8.07
C MET A 346 26.48 12.17 8.97
N TYR A 347 25.25 11.70 8.85
CA TYR A 347 24.66 10.84 9.87
C TYR A 347 24.82 9.39 9.46
N THR A 348 25.57 8.64 10.27
CA THR A 348 25.82 7.22 10.06
C THR A 348 26.23 6.94 8.62
N HIS A 349 27.22 7.70 8.16
CA HIS A 349 27.89 7.44 6.89
C HIS A 349 26.94 7.56 5.70
N GLY A 350 25.97 8.47 5.79
CA GLY A 350 25.07 8.75 4.68
C GLY A 350 23.85 7.87 4.59
N ILE A 351 23.64 6.95 5.54
CA ILE A 351 22.42 6.15 5.52
C ILE A 351 21.20 7.04 5.66
N GLY A 352 21.36 8.21 6.26
CA GLY A 352 20.32 9.22 6.27
C GLY A 352 20.80 10.50 5.63
N VAL A 353 20.06 11.01 4.65
CA VAL A 353 20.48 12.19 3.91
C VAL A 353 19.35 13.21 3.88
N ILE A 354 19.70 14.48 4.08
CA ILE A 354 18.77 15.60 3.99
C ILE A 354 19.27 16.55 2.91
N ILE A 355 18.42 16.85 1.92
CA ILE A 355 18.80 17.65 0.76
C ILE A 355 17.96 18.93 0.74
N SER A 356 18.63 20.05 0.52
CA SER A 356 17.98 21.34 0.39
C SER A 356 17.98 21.75 -1.08
N THR A 357 16.81 22.13 -1.60
CA THR A 357 16.73 22.40 -3.03
C THR A 357 15.58 23.33 -3.32
N LYS A 358 15.73 24.09 -4.41
CA LYS A 358 14.61 24.78 -5.03
C LYS A 358 13.79 23.78 -5.83
N VAL A 359 12.48 23.96 -5.84
CA VAL A 359 11.58 23.05 -6.54
C VAL A 359 11.25 23.67 -7.89
N ARG A 360 11.91 23.18 -8.95
CA ARG A 360 11.73 23.79 -10.26
C ARG A 360 10.27 23.71 -10.71
N TYR A 361 9.70 22.50 -10.71
CA TYR A 361 8.30 22.27 -11.01
C TYR A 361 7.78 21.20 -10.08
N GLY A 362 6.45 21.15 -9.93
CA GLY A 362 5.79 20.13 -9.14
C GLY A 362 6.46 18.78 -9.12
N GLY A 363 6.64 18.21 -7.92
CA GLY A 363 7.29 16.94 -7.74
C GLY A 363 8.80 16.92 -7.91
N TYR A 364 9.43 18.06 -8.17
CA TYR A 364 10.87 18.06 -8.40
C TYR A 364 11.63 17.50 -7.21
N ALA A 365 11.08 17.61 -5.99
CA ALA A 365 11.79 17.11 -4.82
C ALA A 365 12.03 15.61 -4.92
N LYS A 366 11.03 14.86 -5.40
CA LYS A 366 11.18 13.42 -5.56
C LYS A 366 12.24 13.08 -6.61
N GLY A 367 12.33 13.90 -7.66
CA GLY A 367 13.36 13.67 -8.66
C GLY A 367 14.76 13.86 -8.10
N VAL A 368 14.95 14.88 -7.25
CA VAL A 368 16.24 15.04 -6.62
C VAL A 368 16.59 13.80 -5.80
N ALA A 369 15.61 13.31 -5.04
CA ALA A 369 15.81 12.09 -4.27
C ALA A 369 16.18 10.92 -5.18
N PHE A 370 15.57 10.86 -6.37
CA PHE A 370 15.91 9.82 -7.33
C PHE A 370 17.37 9.91 -7.74
N ARG A 371 17.87 11.12 -7.99
CA ARG A 371 19.29 11.27 -8.34
C ARG A 371 20.16 10.87 -7.16
N LEU A 372 19.78 11.25 -5.95
CA LEU A 372 20.57 10.85 -4.78
C LEU A 372 20.62 9.33 -4.67
N LEU A 373 19.52 8.66 -4.99
CA LEU A 373 19.44 7.21 -4.87
C LEU A 373 20.03 6.47 -6.07
N SER A 374 20.56 7.21 -7.06
CA SER A 374 21.22 6.62 -8.22
C SER A 374 22.67 7.07 -8.32
N THR A 375 23.26 7.50 -7.20
CA THR A 375 24.64 7.93 -7.13
C THR A 375 25.52 6.83 -6.55
N PRO A 376 26.81 6.80 -6.92
CA PRO A 376 27.69 5.72 -6.45
C PRO A 376 27.58 5.41 -4.96
N HIS A 377 27.39 6.42 -4.11
CA HIS A 377 27.30 6.18 -2.68
C HIS A 377 25.87 6.10 -2.17
N GLY A 378 24.97 6.91 -2.72
CA GLY A 378 23.63 6.98 -2.16
C GLY A 378 22.74 5.84 -2.59
N MET A 379 23.04 5.23 -3.74
CA MET A 379 22.26 4.08 -4.20
C MET A 379 22.31 2.92 -3.23
N PRO A 380 23.46 2.50 -2.73
CA PRO A 380 23.47 1.37 -1.78
C PRO A 380 23.37 1.81 -0.32
N TYR A 381 23.70 3.07 -0.03
CA TYR A 381 23.84 3.52 1.35
C TYR A 381 22.59 4.23 1.88
N SER A 382 22.11 5.24 1.15
CA SER A 382 21.06 6.11 1.66
C SER A 382 19.73 5.38 1.72
N LYS A 383 19.20 5.22 2.93
CA LYS A 383 17.91 4.58 3.17
C LYS A 383 16.78 5.57 3.42
N ILE A 384 17.08 6.69 4.09
CA ILE A 384 16.09 7.72 4.40
C ILE A 384 16.57 9.02 3.78
N VAL A 385 15.79 9.54 2.83
CA VAL A 385 16.13 10.76 2.11
C VAL A 385 15.04 11.78 2.38
N ILE A 386 15.40 12.87 3.05
CA ILE A 386 14.50 13.99 3.33
C ILE A 386 14.89 15.15 2.43
N VAL A 387 13.90 15.74 1.76
CA VAL A 387 14.12 16.89 0.88
C VAL A 387 13.36 18.07 1.46
N VAL A 388 14.06 19.19 1.64
CA VAL A 388 13.47 20.40 2.21
C VAL A 388 13.65 21.54 1.22
N ASP A 389 13.05 22.68 1.53
CA ASP A 389 13.04 23.80 0.60
C ASP A 389 14.41 24.48 0.55
N GLU A 390 14.51 25.45 -0.36
CA GLU A 390 15.77 26.16 -0.57
C GLU A 390 16.24 26.86 0.69
N PHE A 391 15.31 27.44 1.46
CA PHE A 391 15.63 28.30 2.59
C PHE A 391 15.81 27.55 3.90
N VAL A 392 15.63 26.24 3.90
CA VAL A 392 15.83 25.43 5.10
C VAL A 392 17.25 24.90 5.10
N ASP A 393 17.95 25.08 6.21
CA ASP A 393 19.31 24.57 6.32
C ASP A 393 19.31 23.08 6.62
N PRO A 394 19.74 22.23 5.68
CA PRO A 394 19.72 20.79 5.95
C PRO A 394 20.63 20.39 7.10
N PHE A 395 21.55 21.24 7.51
CA PHE A 395 22.40 20.95 8.67
C PHE A 395 21.76 21.33 9.99
N ASN A 396 20.62 22.02 9.96
CA ASN A 396 19.90 22.47 11.14
C ASN A 396 18.71 21.55 11.38
N LEU A 397 18.91 20.50 12.16
CA LEU A 397 17.85 19.52 12.38
C LEU A 397 16.60 20.17 12.97
N GLU A 398 16.77 21.27 13.71
CA GLU A 398 15.61 21.99 14.21
C GLU A 398 14.72 22.45 13.07
N GLN A 399 15.33 23.04 12.03
CA GLN A 399 14.56 23.50 10.87
C GLN A 399 13.98 22.32 10.10
N VAL A 400 14.74 21.25 9.94
CA VAL A 400 14.24 20.06 9.26
C VAL A 400 13.01 19.53 9.98
N MET A 401 13.04 19.56 11.32
CA MET A 401 11.87 19.15 12.08
C MET A 401 10.67 20.04 11.81
N TRP A 402 10.92 21.33 11.53
CA TRP A 402 9.82 22.23 11.14
C TRP A 402 9.27 21.85 9.78
N ALA A 403 10.15 21.56 8.83
CA ALA A 403 9.70 21.20 7.49
C ALA A 403 8.89 19.90 7.53
N LEU A 404 9.31 18.95 8.37
CA LEU A 404 8.58 17.69 8.48
C LEU A 404 7.18 17.90 9.02
N THR A 405 7.03 18.79 9.99
CA THR A 405 5.75 18.94 10.66
C THR A 405 4.77 19.78 9.84
N THR A 406 5.25 20.67 8.98
CA THR A 406 4.38 21.63 8.31
C THR A 406 4.30 21.45 6.80
N ARG A 407 5.17 20.65 6.19
CA ARG A 407 5.21 20.52 4.75
C ARG A 407 5.03 19.09 4.26
N VAL A 408 4.82 18.13 5.15
CA VAL A 408 4.74 16.72 4.79
C VAL A 408 3.30 16.25 4.94
N HIS A 409 2.70 15.83 3.84
CA HIS A 409 1.39 15.18 3.86
C HIS A 409 1.63 13.70 3.62
N PRO A 410 1.64 12.87 4.66
CA PRO A 410 2.02 11.45 4.47
C PRO A 410 1.20 10.71 3.41
N GLY A 411 0.06 11.26 2.99
CA GLY A 411 -0.66 10.64 1.89
C GLY A 411 0.13 10.65 0.60
N LYS A 412 0.85 11.73 0.34
CA LYS A 412 1.57 11.89 -0.91
C LYS A 412 3.06 12.10 -0.75
N ASP A 413 3.50 12.81 0.30
CA ASP A 413 4.88 13.24 0.38
C ASP A 413 5.83 12.16 0.88
N VAL A 414 5.34 11.06 1.44
CA VAL A 414 6.17 9.96 1.91
C VAL A 414 6.00 8.79 0.96
N SER A 415 7.12 8.29 0.41
CA SER A 415 7.12 7.22 -0.59
C SER A 415 8.09 6.14 -0.17
N ILE A 416 7.62 4.89 -0.19
CA ILE A 416 8.39 3.74 0.30
C ILE A 416 8.55 2.73 -0.84
N ILE A 417 9.79 2.40 -1.17
CA ILE A 417 10.14 1.59 -2.35
C ILE A 417 10.85 0.33 -1.88
N GLU A 418 10.31 -0.83 -2.26
CA GLU A 418 10.82 -2.11 -1.79
C GLU A 418 11.94 -2.64 -2.67
N ASN A 419 12.83 -3.44 -2.07
CA ASN A 419 13.78 -4.26 -2.82
C ASN A 419 14.79 -3.42 -3.60
N CYS A 420 15.36 -2.43 -2.96
CA CYS A 420 16.36 -1.57 -3.56
C CYS A 420 17.73 -1.88 -2.99
N PRO A 421 18.80 -1.46 -3.67
CA PRO A 421 20.16 -1.74 -3.19
C PRO A 421 20.36 -1.26 -1.76
N GLY A 422 21.08 -2.05 -0.97
CA GLY A 422 21.29 -1.75 0.44
C GLY A 422 22.74 -1.94 0.85
N MET A 423 22.99 -1.61 2.12
CA MET A 423 24.31 -1.71 2.72
C MET A 423 24.26 -2.70 3.88
N PRO A 424 25.07 -3.77 3.83
CA PRO A 424 24.95 -4.80 4.87
C PRO A 424 25.32 -4.32 6.26
N LEU A 425 26.15 -3.28 6.40
CA LEU A 425 26.52 -2.81 7.73
C LEU A 425 25.37 -2.15 8.46
N ASP A 426 24.33 -1.75 7.75
CA ASP A 426 23.10 -1.28 8.37
C ASP A 426 22.38 -2.42 9.07
N PRO A 427 22.32 -2.45 10.41
CA PRO A 427 21.73 -3.60 11.10
C PRO A 427 20.21 -3.66 11.01
N SER A 428 19.57 -2.76 10.26
CA SER A 428 18.13 -2.79 10.12
C SER A 428 17.65 -3.58 8.92
N THR A 429 18.49 -3.72 7.89
CA THR A 429 18.09 -4.40 6.66
C THR A 429 17.77 -5.85 6.94
N ASN A 430 16.51 -6.25 6.71
CA ASN A 430 16.15 -7.63 7.02
C ASN A 430 16.74 -8.60 6.03
N PRO A 431 16.53 -8.46 4.73
CA PRO A 431 17.44 -9.10 3.78
C PRO A 431 18.75 -8.35 3.77
N PRO A 432 19.78 -8.89 4.40
CA PRO A 432 20.99 -8.08 4.67
C PRO A 432 21.64 -7.62 3.39
N GLY A 433 22.10 -6.37 3.39
CA GLY A 433 22.63 -5.76 2.18
C GLY A 433 21.56 -5.31 1.22
N MET A 434 20.33 -5.17 1.68
CA MET A 434 19.17 -4.93 0.84
C MET A 434 18.16 -4.21 1.71
N HIS A 435 17.85 -2.96 1.43
CA HIS A 435 16.86 -2.29 2.29
C HIS A 435 15.82 -1.55 1.45
N THR A 436 14.65 -1.39 2.07
CA THR A 436 13.54 -0.62 1.53
C THR A 436 13.77 0.87 1.75
N LYS A 437 13.74 1.64 0.67
CA LYS A 437 14.01 3.07 0.75
C LYS A 437 12.77 3.85 1.17
N MET A 438 13.00 5.00 1.80
CA MET A 438 11.92 5.91 2.17
C MET A 438 12.29 7.33 1.76
N ILE A 439 11.44 7.95 0.95
CA ILE A 439 11.63 9.32 0.46
C ILE A 439 10.57 10.21 1.07
N ILE A 440 11.00 11.33 1.66
CA ILE A 440 10.11 12.29 2.32
C ILE A 440 10.27 13.65 1.64
N ASP A 441 9.18 14.15 1.07
CA ASP A 441 9.17 15.41 0.32
C ASP A 441 8.66 16.48 1.29
N ALA A 442 9.57 17.10 2.03
CA ALA A 442 9.24 18.15 2.97
C ALA A 442 9.32 19.55 2.36
N THR A 443 9.08 19.67 1.06
CA THR A 443 9.09 20.96 0.37
C THR A 443 7.67 21.48 0.21
N THR A 444 7.57 22.78 0.02
CA THR A 444 6.28 23.43 -0.22
C THR A 444 5.82 23.15 -1.64
N PRO A 445 4.56 22.78 -1.85
CA PRO A 445 4.09 22.39 -3.18
C PRO A 445 4.27 23.50 -4.22
N VAL A 446 4.59 23.07 -5.43
CA VAL A 446 4.79 23.96 -6.57
C VAL A 446 3.93 23.47 -7.72
N PRO A 447 3.37 24.35 -8.55
CA PRO A 447 2.58 23.88 -9.69
C PRO A 447 3.39 22.96 -10.58
N PRO A 448 2.74 22.01 -11.25
CA PRO A 448 1.29 21.82 -11.27
C PRO A 448 0.75 20.95 -10.15
N GLU A 449 1.48 20.79 -9.06
CA GLU A 449 0.95 20.07 -7.92
C GLU A 449 -0.13 20.94 -7.28
N PRO A 450 -1.37 20.48 -7.20
CA PRO A 450 -2.41 21.31 -6.58
C PRO A 450 -2.15 21.54 -5.10
N ASN A 451 -2.51 22.72 -4.64
CA ASN A 451 -2.36 23.09 -3.23
C ASN A 451 -3.51 24.01 -2.86
N PRO A 452 -4.57 23.48 -2.26
CA PRO A 452 -5.68 24.34 -1.83
C PRO A 452 -5.37 25.16 -0.60
N ARG A 453 -4.33 24.83 0.14
CA ARG A 453 -4.02 25.50 1.39
C ARG A 453 -3.02 26.64 1.17
N GLU A 454 -2.87 27.45 2.19
CA GLU A 454 -1.88 28.53 2.16
C GLU A 454 -0.63 28.03 2.87
N THR A 455 0.52 28.30 2.29
CA THR A 455 1.76 27.78 2.86
C THR A 455 2.93 28.73 2.72
N GLN A 456 2.74 29.92 2.15
CA GLN A 456 3.83 30.88 2.07
C GLN A 456 4.16 31.42 3.46
N LEU A 457 5.44 31.70 3.68
CA LEU A 457 5.93 32.13 4.97
C LEU A 457 5.65 33.61 5.22
N LEU A 458 5.58 33.99 6.49
CA LEU A 458 5.27 35.36 6.89
C LEU A 458 6.47 36.27 6.69
N ASP A 459 6.26 37.40 6.03
CA ASP A 459 7.30 38.42 5.98
C ASP A 459 7.36 39.12 7.34
N PRO A 460 8.55 39.24 7.95
CA PRO A 460 8.61 39.83 9.28
C PRO A 460 8.12 41.26 9.25
N PRO A 461 7.56 41.75 10.37
CA PRO A 461 7.05 43.14 10.42
C PRO A 461 8.10 44.15 10.00
N ASP A 462 7.66 45.39 9.77
CA ASP A 462 8.49 46.36 9.04
C ASP A 462 9.83 46.59 9.74
N GLY A 463 9.80 47.10 10.97
CA GLY A 463 11.04 47.50 11.59
C GLY A 463 11.84 46.41 12.27
N THR A 464 11.49 45.13 12.08
CA THR A 464 12.14 44.07 12.86
C THR A 464 13.67 44.18 12.76
N GLU A 465 14.18 44.51 11.58
CA GLU A 465 15.62 44.62 11.40
C GLU A 465 16.20 45.68 12.32
N GLU A 466 15.62 46.88 12.31
CA GLU A 466 16.13 47.95 13.16
C GLU A 466 15.85 47.67 14.64
N TRP A 467 14.70 47.09 14.95
CA TRP A 467 14.36 46.83 16.34
C TRP A 467 15.32 45.82 16.96
N GLU A 468 15.90 44.93 16.16
CA GLU A 468 16.91 44.02 16.69
C GLU A 468 18.09 44.80 17.24
N GLU A 469 18.51 45.86 16.55
CA GLU A 469 19.62 46.67 17.05
C GLU A 469 19.19 47.50 18.26
N LYS A 470 18.01 48.13 18.18
CA LYS A 470 17.55 48.95 19.29
C LYS A 470 17.39 48.12 20.56
N LEU A 471 17.00 46.85 20.43
CA LEU A 471 16.91 45.98 21.60
C LEU A 471 18.29 45.62 22.13
N LYS A 472 19.22 45.29 21.22
CA LYS A 472 20.59 44.99 21.67
C LYS A 472 21.19 46.21 22.38
N GLU A 473 20.89 47.41 21.88
CA GLU A 473 21.44 48.62 22.47
C GLU A 473 20.87 48.87 23.86
N LEU A 474 19.55 48.73 24.03
CA LEU A 474 18.96 48.92 25.35
C LEU A 474 19.48 47.92 26.35
N LEU A 475 19.83 46.72 25.89
CA LEU A 475 20.31 45.69 26.79
C LEU A 475 21.70 45.99 27.34
N LYS A 476 22.46 46.87 26.67
CA LYS A 476 23.81 47.22 27.10
C LYS A 476 23.78 48.27 28.20
N ASN A 477 23.12 47.91 29.31
CA ASN A 477 23.03 48.79 30.46
C ASN A 477 23.19 48.03 31.78
N ALA B 2 -28.11 -10.73 44.51
CA ALA B 2 -28.45 -10.82 45.92
C ALA B 2 -27.54 -11.80 46.63
N LYS B 3 -27.80 -13.09 46.44
CA LYS B 3 -27.02 -14.14 47.11
C LYS B 3 -25.53 -14.00 46.79
N VAL B 4 -24.73 -13.81 47.83
CA VAL B 4 -23.27 -13.69 47.72
C VAL B 4 -22.65 -14.98 48.23
N TYR B 5 -21.63 -15.46 47.55
CA TYR B 5 -21.01 -16.74 47.87
C TYR B 5 -19.60 -16.54 48.42
N LYS B 6 -19.29 -17.28 49.49
CA LYS B 6 -17.96 -17.24 50.06
C LYS B 6 -17.07 -18.40 49.61
N ASP B 7 -17.66 -19.48 49.10
CA ASP B 7 -16.90 -20.63 48.63
C ASP B 7 -17.54 -21.15 47.35
N LEU B 8 -16.80 -22.01 46.65
CA LEU B 8 -17.36 -22.63 45.45
C LEU B 8 -18.55 -23.50 45.80
N ARG B 9 -18.56 -24.06 47.00
CA ARG B 9 -19.59 -25.01 47.38
C ARG B 9 -20.94 -24.33 47.54
N GLU B 10 -20.97 -23.11 48.07
CA GLU B 10 -22.24 -22.40 48.17
C GLU B 10 -22.83 -22.17 46.79
N PHE B 11 -21.99 -21.79 45.81
CA PHE B 11 -22.47 -21.57 44.45
C PHE B 11 -23.00 -22.85 43.85
N LEU B 12 -22.29 -23.97 44.03
CA LEU B 12 -22.77 -25.24 43.49
C LEU B 12 -24.13 -25.60 44.06
N GLU B 13 -24.35 -25.30 45.36
CA GLU B 13 -25.66 -25.57 45.95
C GLU B 13 -26.74 -24.77 45.26
N VAL B 14 -26.48 -23.49 44.95
CA VAL B 14 -27.45 -22.69 44.23
C VAL B 14 -27.68 -23.26 42.84
N LEU B 15 -26.61 -23.66 42.16
CA LEU B 15 -26.78 -24.22 40.81
C LEU B 15 -27.68 -25.43 40.84
N GLU B 16 -27.57 -26.26 41.86
CA GLU B 16 -28.42 -27.45 41.94
C GLU B 16 -29.85 -27.08 42.29
N GLN B 17 -30.04 -26.12 43.20
CA GLN B 17 -31.39 -25.68 43.54
C GLN B 17 -32.12 -25.09 42.35
N GLU B 18 -31.39 -24.51 41.41
CA GLU B 18 -31.97 -23.91 40.21
C GLU B 18 -31.99 -24.87 39.03
N GLY B 19 -31.66 -26.14 39.25
CA GLY B 19 -31.64 -27.10 38.16
C GLY B 19 -30.55 -26.84 37.14
N GLN B 20 -29.43 -26.26 37.56
CA GLN B 20 -28.30 -26.01 36.68
C GLN B 20 -27.07 -26.81 37.07
N LEU B 21 -27.28 -27.93 37.75
CA LEU B 21 -26.19 -28.83 38.10
C LEU B 21 -26.73 -30.24 38.17
N ILE B 22 -26.02 -31.19 37.56
CA ILE B 22 -26.39 -32.60 37.56
C ILE B 22 -25.23 -33.40 38.12
N ARG B 23 -25.56 -34.48 38.83
CA ARG B 23 -24.57 -35.31 39.50
C ARG B 23 -24.34 -36.58 38.72
N VAL B 24 -23.07 -36.88 38.44
CA VAL B 24 -22.69 -38.15 37.81
C VAL B 24 -22.29 -39.08 38.94
N LYS B 25 -23.27 -39.83 39.45
CA LYS B 25 -23.03 -40.68 40.61
C LYS B 25 -22.18 -41.90 40.28
N GLU B 26 -22.31 -42.43 39.06
CA GLU B 26 -21.54 -43.59 38.65
C GLU B 26 -20.05 -43.23 38.54
N GLU B 27 -19.20 -44.21 38.86
CA GLU B 27 -17.77 -44.03 38.67
C GLU B 27 -17.43 -44.00 37.18
N VAL B 28 -16.49 -43.15 36.81
CA VAL B 28 -16.15 -42.97 35.41
C VAL B 28 -14.66 -42.68 35.32
N ASN B 29 -13.96 -43.43 34.47
CA ASN B 29 -12.52 -43.20 34.34
C ASN B 29 -12.25 -41.86 33.66
N PRO B 30 -11.14 -41.20 34.03
CA PRO B 30 -11.01 -39.77 33.72
C PRO B 30 -10.64 -39.44 32.29
N GLU B 31 -10.08 -40.38 31.54
CA GLU B 31 -9.39 -39.97 30.33
C GLU B 31 -10.34 -39.42 29.27
N PRO B 32 -11.22 -40.24 28.69
CA PRO B 32 -12.06 -39.75 27.60
C PRO B 32 -13.36 -39.11 28.07
N ASP B 33 -13.70 -39.22 29.35
CA ASP B 33 -15.04 -38.94 29.85
C ASP B 33 -15.20 -37.53 30.41
N ILE B 34 -14.31 -37.12 31.33
CA ILE B 34 -14.42 -35.78 31.89
C ILE B 34 -14.38 -34.74 30.79
N ALA B 35 -13.55 -34.96 29.77
CA ALA B 35 -13.53 -34.06 28.63
C ALA B 35 -14.82 -34.15 27.82
N ALA B 36 -15.27 -35.37 27.54
CA ALA B 36 -16.46 -35.55 26.74
C ALA B 36 -17.68 -34.92 27.40
N ALA B 37 -17.85 -35.13 28.71
CA ALA B 37 -18.98 -34.53 29.40
C ALA B 37 -18.93 -33.01 29.33
N GLY B 38 -17.73 -32.44 29.43
CA GLY B 38 -17.59 -31.00 29.31
C GLY B 38 -17.98 -30.49 27.93
N ARG B 39 -17.54 -31.19 26.88
CA ARG B 39 -17.94 -30.80 25.53
C ARG B 39 -19.43 -30.98 25.32
N ALA B 40 -19.98 -32.11 25.78
CA ALA B 40 -21.41 -32.35 25.64
C ALA B 40 -22.23 -31.33 26.41
N ALA B 41 -21.78 -30.96 27.61
CA ALA B 41 -22.51 -29.97 28.39
C ALA B 41 -22.65 -28.66 27.63
N ALA B 42 -21.55 -28.14 27.09
CA ALA B 42 -21.62 -26.92 26.30
C ALA B 42 -22.39 -27.14 24.99
N ASN B 43 -22.29 -28.34 24.42
CA ASN B 43 -23.01 -28.63 23.19
C ASN B 43 -24.52 -28.62 23.38
N LEU B 44 -24.98 -28.64 24.63
CA LEU B 44 -26.41 -28.63 24.90
C LEU B 44 -27.07 -27.34 24.42
N GLY B 45 -26.29 -26.31 24.13
CA GLY B 45 -26.81 -25.10 23.53
C GLY B 45 -27.23 -24.02 24.50
N LYS B 46 -28.31 -24.25 25.26
CA LYS B 46 -28.83 -23.26 26.19
C LYS B 46 -29.10 -23.93 27.53
N ASN B 47 -29.15 -23.12 28.58
CA ASN B 47 -29.40 -23.61 29.93
C ASN B 47 -28.44 -24.74 30.28
N GLN B 48 -27.21 -24.65 29.78
CA GLN B 48 -26.24 -25.69 30.00
C GLN B 48 -25.90 -25.77 31.49
N PRO B 49 -25.96 -26.95 32.10
CA PRO B 49 -25.67 -27.07 33.52
C PRO B 49 -24.20 -27.38 33.79
N ALA B 50 -23.81 -27.21 35.04
CA ALA B 50 -22.52 -27.71 35.51
C ALA B 50 -22.65 -29.18 35.83
N VAL B 51 -21.64 -29.96 35.49
CA VAL B 51 -21.64 -31.40 35.70
C VAL B 51 -20.68 -31.72 36.84
N PHE B 52 -21.15 -32.51 37.80
CA PHE B 52 -20.39 -32.84 39.00
C PHE B 52 -20.12 -34.34 38.99
N PHE B 53 -18.84 -34.71 38.90
CA PHE B 53 -18.43 -36.10 38.92
C PHE B 53 -18.13 -36.50 40.36
N GLU B 54 -18.85 -37.50 40.87
CA GLU B 54 -18.65 -37.92 42.25
C GLU B 54 -17.53 -38.93 42.39
N LYS B 55 -17.29 -39.77 41.38
CA LYS B 55 -16.30 -40.82 41.49
C LYS B 55 -15.45 -40.88 40.22
N ILE B 56 -14.13 -40.90 40.40
CA ILE B 56 -13.16 -41.02 39.32
C ILE B 56 -12.32 -42.27 39.56
N LYS B 57 -11.98 -42.98 38.48
CA LYS B 57 -11.48 -44.35 38.61
C LYS B 57 -10.34 -44.47 39.61
N GLY B 58 -9.32 -43.62 39.48
CA GLY B 58 -8.13 -43.81 40.29
C GLY B 58 -8.03 -42.94 41.52
N TYR B 59 -8.76 -41.82 41.53
CA TYR B 59 -8.57 -40.79 42.53
C TYR B 59 -9.60 -40.91 43.66
N LYS B 60 -9.34 -40.16 44.74
CA LYS B 60 -10.16 -40.16 45.94
C LYS B 60 -11.29 -39.15 45.87
N TYR B 61 -11.04 -37.97 45.33
CA TYR B 61 -11.96 -36.84 45.40
C TYR B 61 -12.67 -36.66 44.05
N SER B 62 -13.39 -35.55 43.91
CA SER B 62 -14.31 -35.33 42.80
C SER B 62 -13.92 -34.11 41.98
N VAL B 63 -14.65 -33.89 40.88
CA VAL B 63 -14.43 -32.75 39.99
C VAL B 63 -15.78 -32.21 39.51
N VAL B 64 -15.78 -30.95 39.10
CA VAL B 64 -16.94 -30.29 38.51
C VAL B 64 -16.44 -29.51 37.30
N THR B 65 -17.18 -29.56 36.18
CA THR B 65 -16.65 -29.03 34.93
C THR B 65 -17.33 -27.78 34.42
N ASN B 66 -18.62 -27.82 34.12
CA ASN B 66 -19.24 -26.70 33.40
C ASN B 66 -19.83 -25.63 34.32
N VAL B 67 -19.03 -25.16 35.28
CA VAL B 67 -19.54 -24.19 36.26
C VAL B 67 -19.96 -22.88 35.59
N HIS B 68 -19.13 -22.37 34.68
CA HIS B 68 -19.43 -21.11 34.03
C HIS B 68 -20.05 -21.29 32.65
N GLY B 69 -20.37 -22.51 32.26
CA GLY B 69 -20.69 -22.80 30.88
C GLY B 69 -22.10 -22.53 30.41
N SER B 70 -22.70 -21.41 30.82
CA SER B 70 -24.03 -21.03 30.34
C SER B 70 -24.39 -19.66 30.86
N TRP B 71 -25.31 -18.99 30.15
CA TRP B 71 -25.81 -17.70 30.62
C TRP B 71 -26.59 -17.84 31.92
N GLN B 72 -27.26 -18.98 32.13
CA GLN B 72 -27.97 -19.20 33.38
C GLN B 72 -27.01 -19.21 34.56
N ASN B 73 -25.94 -20.01 34.46
CA ASN B 73 -24.94 -20.01 35.52
C ASN B 73 -24.27 -18.65 35.63
N HIS B 74 -24.03 -17.99 34.50
CA HIS B 74 -23.43 -16.66 34.54
C HIS B 74 -24.31 -15.68 35.30
N ALA B 75 -25.63 -15.79 35.14
CA ALA B 75 -26.54 -14.90 35.85
C ALA B 75 -26.58 -15.21 37.35
N LEU B 76 -26.66 -16.50 37.70
CA LEU B 76 -26.67 -16.89 39.11
C LEU B 76 -25.36 -16.50 39.79
N MET B 77 -24.26 -16.46 39.04
CA MET B 77 -22.99 -16.04 39.61
C MET B 77 -23.11 -14.63 40.17
N LEU B 78 -23.81 -13.74 39.47
CA LEU B 78 -24.00 -12.36 39.90
C LEU B 78 -25.13 -12.19 40.90
N GLY B 79 -25.75 -13.27 41.35
CA GLY B 79 -26.87 -13.15 42.26
C GLY B 79 -28.15 -12.69 41.61
N LEU B 80 -28.24 -12.76 40.29
CA LEU B 80 -29.41 -12.35 39.55
C LEU B 80 -30.30 -13.55 39.26
N ASP B 81 -31.47 -13.28 38.70
CA ASP B 81 -32.36 -14.37 38.31
C ASP B 81 -31.71 -15.25 37.26
N LYS B 82 -31.95 -16.56 37.36
CA LYS B 82 -31.26 -17.51 36.49
C LYS B 82 -31.50 -17.21 35.02
N ASN B 83 -32.63 -16.56 34.70
CA ASN B 83 -32.98 -16.25 33.32
C ASN B 83 -32.75 -14.78 32.97
N THR B 84 -32.01 -14.05 33.79
CA THR B 84 -31.71 -12.65 33.47
C THR B 84 -31.02 -12.57 32.11
N SER B 85 -31.42 -11.59 31.31
CA SER B 85 -30.95 -11.49 29.94
C SER B 85 -29.48 -11.08 29.88
N THR B 86 -28.90 -11.22 28.69
CA THR B 86 -27.52 -10.84 28.49
C THR B 86 -27.33 -9.34 28.72
N LYS B 87 -28.18 -8.53 28.09
CA LYS B 87 -28.04 -7.09 28.23
C LYS B 87 -28.31 -6.63 29.66
N ASP B 88 -29.17 -7.35 30.38
CA ASP B 88 -29.40 -7.03 31.78
C ASP B 88 -28.15 -7.27 32.62
N GLN B 89 -27.46 -8.38 32.40
CA GLN B 89 -26.23 -8.65 33.15
C GLN B 89 -25.15 -7.65 32.81
N PHE B 90 -25.02 -7.29 31.53
CA PHE B 90 -24.01 -6.31 31.14
C PHE B 90 -24.24 -4.99 31.88
N TYR B 91 -25.50 -4.59 32.05
CA TYR B 91 -25.77 -3.34 32.76
C TYR B 91 -25.54 -3.49 34.26
N GLU B 92 -25.78 -4.68 34.82
CA GLU B 92 -25.53 -4.89 36.24
C GLU B 92 -24.03 -4.83 36.53
N LEU B 93 -23.21 -5.44 35.66
CA LEU B 93 -21.77 -5.33 35.80
C LEU B 93 -21.31 -3.89 35.64
N ASN B 94 -21.92 -3.18 34.67
CA ASN B 94 -21.56 -1.79 34.43
C ASN B 94 -21.79 -0.92 35.65
N ARG B 95 -22.78 -1.29 36.48
CA ARG B 95 -23.10 -0.49 37.65
C ARG B 95 -22.17 -0.82 38.81
N ARG B 96 -22.14 -2.09 39.21
CA ARG B 96 -21.31 -2.50 40.35
C ARG B 96 -19.84 -2.16 40.14
N TRP B 97 -19.40 -2.12 38.87
CA TRP B 97 -17.99 -1.83 38.59
C TRP B 97 -17.55 -0.50 39.18
N ASP B 98 -18.46 0.46 39.24
CA ASP B 98 -18.12 1.81 39.68
C ASP B 98 -17.92 1.91 41.18
N LYS B 99 -18.13 0.83 41.93
CA LYS B 99 -17.78 0.81 43.35
C LYS B 99 -16.36 0.33 43.58
N PHE B 100 -15.45 0.55 42.61
CA PHE B 100 -14.27 -0.30 42.45
C PHE B 100 -13.54 -0.61 43.74
N PRO B 101 -12.94 0.36 44.43
CA PRO B 101 -12.14 0.00 45.59
C PRO B 101 -13.03 -0.45 46.74
N VAL B 102 -13.07 -1.76 46.96
CA VAL B 102 -13.83 -2.37 48.06
C VAL B 102 -12.86 -3.24 48.82
N PRO B 103 -12.14 -2.69 49.81
CA PRO B 103 -11.04 -3.43 50.43
C PRO B 103 -11.51 -4.79 50.90
N PRO B 104 -10.79 -5.84 50.56
CA PRO B 104 -11.18 -7.18 51.01
C PRO B 104 -11.00 -7.29 52.50
N ASN B 105 -11.59 -8.34 53.06
CA ASN B 105 -11.57 -8.60 54.49
C ASN B 105 -10.56 -9.70 54.78
N VAL B 106 -9.51 -9.36 55.53
CA VAL B 106 -8.51 -10.36 55.91
C VAL B 106 -9.01 -11.12 57.14
N VAL B 107 -8.91 -12.45 57.10
CA VAL B 107 -9.44 -13.28 58.16
C VAL B 107 -8.31 -14.07 58.80
N LYS B 108 -8.56 -14.55 60.02
CA LYS B 108 -7.58 -15.37 60.70
C LYS B 108 -7.41 -16.70 59.98
N ARG B 109 -6.23 -17.31 60.16
CA ARG B 109 -5.95 -18.54 59.45
C ARG B 109 -6.92 -19.64 59.84
N GLU B 110 -7.31 -19.66 61.12
CA GLU B 110 -8.24 -20.68 61.58
C GLU B 110 -9.59 -20.60 60.88
N ALA B 111 -9.94 -19.41 60.38
CA ALA B 111 -11.24 -19.20 59.74
C ALA B 111 -11.26 -19.54 58.25
N ALA B 112 -10.10 -19.84 57.65
CA ALA B 112 -10.05 -20.11 56.22
C ALA B 112 -10.18 -21.59 55.95
N PRO B 113 -11.24 -22.03 55.26
CA PRO B 113 -11.37 -23.48 54.97
C PRO B 113 -10.22 -24.03 54.13
N CYS B 114 -9.58 -23.20 53.31
CA CYS B 114 -8.49 -23.68 52.48
C CYS B 114 -7.26 -24.11 53.29
N LYS B 115 -7.20 -23.73 54.56
CA LYS B 115 -6.07 -24.08 55.42
C LYS B 115 -6.36 -25.31 56.27
N GLU B 116 -7.45 -26.02 55.99
CA GLU B 116 -7.83 -27.17 56.82
C GLU B 116 -6.75 -28.25 56.79
N ASN B 117 -6.18 -28.50 55.63
CA ASN B 117 -5.17 -29.53 55.45
C ASN B 117 -3.90 -28.94 54.85
N VAL B 118 -2.76 -29.47 55.28
CA VAL B 118 -1.46 -29.00 54.84
C VAL B 118 -0.64 -30.22 54.42
N ILE B 119 0.04 -30.10 53.28
CA ILE B 119 0.93 -31.15 52.79
C ILE B 119 2.33 -30.55 52.68
N ASP B 120 3.27 -31.09 53.46
CA ASP B 120 4.65 -30.63 53.46
C ASP B 120 5.65 -31.73 53.13
N LYS B 121 5.37 -32.98 53.50
CA LYS B 121 6.22 -34.12 53.17
C LYS B 121 5.96 -34.47 51.72
N ASP B 122 6.35 -35.67 51.27
CA ASP B 122 6.35 -35.99 49.85
C ASP B 122 5.12 -35.41 49.17
N ILE B 123 5.36 -34.49 48.24
CA ILE B 123 4.29 -33.68 47.65
C ILE B 123 3.74 -34.43 46.46
N ASN B 124 2.42 -34.51 46.36
CA ASN B 124 1.80 -35.26 45.26
C ASN B 124 0.50 -34.57 44.90
N LEU B 125 0.45 -33.98 43.70
CA LEU B 125 -0.79 -33.35 43.25
C LEU B 125 -1.88 -34.37 43.00
N PHE B 126 -1.50 -35.55 42.52
CA PHE B 126 -2.51 -36.55 42.18
C PHE B 126 -3.25 -37.06 43.41
N GLU B 127 -2.63 -36.96 44.59
CA GLU B 127 -3.32 -37.38 45.81
C GLU B 127 -4.58 -36.56 46.05
N ILE B 128 -4.54 -35.27 45.70
CA ILE B 128 -5.63 -34.36 46.05
C ILE B 128 -6.41 -33.87 44.83
N LEU B 129 -5.81 -33.85 43.63
CA LEU B 129 -6.49 -33.36 42.43
C LEU B 129 -6.70 -34.50 41.44
N PRO B 130 -7.95 -34.81 41.06
CA PRO B 130 -8.17 -35.86 40.05
C PRO B 130 -7.74 -35.40 38.66
N LEU B 131 -6.43 -35.38 38.42
CA LEU B 131 -5.91 -34.88 37.15
C LEU B 131 -6.35 -35.78 36.00
N TYR B 132 -6.73 -35.14 34.90
CA TYR B 132 -7.19 -35.82 33.70
C TYR B 132 -6.68 -35.04 32.50
N ARG B 133 -6.74 -35.69 31.33
CA ARG B 133 -6.35 -35.07 30.08
C ARG B 133 -7.57 -34.44 29.41
N ILE B 134 -7.40 -33.21 28.94
CA ILE B 134 -8.53 -32.44 28.44
C ILE B 134 -8.82 -32.73 26.97
N ASN B 135 -7.80 -32.68 26.12
CA ASN B 135 -7.95 -33.03 24.71
C ASN B 135 -6.89 -34.06 24.33
N GLU B 136 -7.21 -34.85 23.30
CA GLU B 136 -6.44 -36.06 23.01
C GLU B 136 -4.95 -35.77 22.89
N GLN B 137 -4.58 -34.81 22.04
CA GLN B 137 -3.19 -34.55 21.75
C GLN B 137 -2.55 -33.57 22.73
N ASP B 138 -3.23 -33.23 23.83
CA ASP B 138 -2.62 -32.38 24.84
C ASP B 138 -1.34 -33.03 25.33
N GLY B 139 -0.34 -32.19 25.65
CA GLY B 139 0.93 -32.70 26.14
C GLY B 139 0.88 -33.36 27.51
N GLY B 140 -0.23 -33.22 28.22
CA GLY B 140 -0.34 -33.82 29.54
C GLY B 140 -1.62 -33.38 30.22
N PHE B 141 -1.65 -33.59 31.53
CA PHE B 141 -2.82 -33.25 32.34
C PHE B 141 -2.75 -31.77 32.74
N TYR B 142 -3.85 -31.05 32.53
CA TYR B 142 -3.87 -29.60 32.59
C TYR B 142 -4.83 -29.09 33.65
N ILE B 143 -4.56 -27.89 34.14
CA ILE B 143 -5.43 -27.19 35.09
C ILE B 143 -5.84 -25.89 34.42
N SER B 144 -7.01 -25.90 33.78
CA SER B 144 -7.42 -24.74 32.98
C SER B 144 -7.94 -23.61 33.88
N LYS B 145 -9.02 -23.87 34.61
CA LYS B 145 -9.62 -22.85 35.47
C LYS B 145 -8.83 -22.81 36.78
N ALA B 146 -7.98 -21.79 36.92
CA ALA B 146 -7.13 -21.63 38.11
C ALA B 146 -6.80 -20.16 38.26
N SER B 147 -6.96 -19.65 39.48
CA SER B 147 -6.64 -18.26 39.78
C SER B 147 -5.26 -18.21 40.44
N VAL B 148 -4.34 -17.52 39.80
CA VAL B 148 -2.93 -17.53 40.19
C VAL B 148 -2.57 -16.18 40.80
N VAL B 149 -1.96 -16.20 41.99
CA VAL B 149 -1.66 -15.00 42.74
C VAL B 149 -0.14 -14.79 42.76
N THR B 150 0.31 -13.64 42.27
CA THR B 150 1.71 -13.24 42.29
C THR B 150 1.83 -11.78 42.70
N ALA B 151 2.99 -11.42 43.25
CA ALA B 151 3.23 -10.07 43.73
C ALA B 151 4.45 -9.47 43.04
N ASP B 152 4.45 -8.14 42.93
CA ASP B 152 5.55 -7.44 42.27
C ASP B 152 6.84 -7.54 43.07
N PRO B 153 7.92 -8.08 42.51
CA PRO B 153 9.18 -8.16 43.27
C PRO B 153 9.73 -6.81 43.68
N GLU B 154 9.55 -5.79 42.84
CA GLU B 154 10.08 -4.47 43.15
C GLU B 154 9.30 -3.80 44.27
N TYR B 155 7.99 -4.02 44.32
CA TYR B 155 7.11 -3.43 45.33
C TYR B 155 6.25 -4.52 45.96
N PRO B 156 6.86 -5.39 46.77
CA PRO B 156 6.10 -6.52 47.33
C PRO B 156 5.09 -6.11 48.38
N ASP B 157 5.18 -4.90 48.93
CA ASP B 157 4.23 -4.44 49.94
C ASP B 157 3.04 -3.71 49.35
N ASP B 158 3.12 -3.28 48.10
CA ASP B 158 2.01 -2.58 47.45
C ASP B 158 0.92 -3.57 47.11
N PHE B 159 -0.20 -3.52 47.85
CA PHE B 159 -1.29 -4.47 47.62
C PHE B 159 -1.90 -4.32 46.23
N ASN B 160 -1.82 -3.12 45.64
CA ASN B 160 -2.37 -2.92 44.31
C ASN B 160 -1.61 -3.72 43.27
N LYS B 161 -0.29 -3.80 43.40
CA LYS B 161 0.53 -4.53 42.44
C LYS B 161 0.48 -6.04 42.66
N LEU B 162 -0.22 -6.50 43.69
CA LEU B 162 -0.57 -7.91 43.78
C LEU B 162 -1.63 -8.25 42.76
N ASN B 163 -1.33 -9.16 41.84
CA ASN B 163 -2.24 -9.48 40.75
C ASN B 163 -2.61 -10.96 40.79
N VAL B 164 -3.89 -11.24 40.53
CA VAL B 164 -4.40 -12.59 40.38
C VAL B 164 -5.00 -12.71 38.98
N GLY B 165 -4.58 -13.74 38.24
CA GLY B 165 -5.06 -13.97 36.89
C GLY B 165 -5.09 -15.46 36.60
N THR B 166 -5.62 -15.81 35.44
CA THR B 166 -5.79 -17.19 35.02
C THR B 166 -4.75 -17.55 33.98
N TYR B 167 -4.08 -18.69 34.19
CA TYR B 167 -3.09 -19.19 33.26
C TYR B 167 -3.17 -20.71 33.21
N ARG B 168 -2.96 -21.28 32.04
CA ARG B 168 -3.06 -22.72 31.89
C ARG B 168 -1.81 -23.38 32.47
N ILE B 169 -2.01 -24.51 33.15
CA ILE B 169 -0.95 -25.15 33.93
C ILE B 169 -0.89 -26.62 33.54
N GLN B 170 0.25 -27.06 33.02
CA GLN B 170 0.47 -28.45 32.66
C GLN B 170 1.22 -29.11 33.81
N VAL B 171 0.66 -30.20 34.33
CA VAL B 171 1.30 -30.95 35.41
C VAL B 171 2.44 -31.75 34.79
N LYS B 172 3.66 -31.52 35.28
CA LYS B 172 4.85 -32.17 34.74
C LYS B 172 5.50 -33.16 35.70
N ASP B 173 5.08 -33.20 36.95
CA ASP B 173 5.60 -34.16 37.92
C ASP B 173 4.70 -34.10 39.15
N ARG B 174 4.99 -34.97 40.12
CA ARG B 174 4.20 -34.98 41.34
C ARG B 174 4.26 -33.64 42.05
N ASP B 175 5.35 -32.89 41.90
CA ASP B 175 5.56 -31.66 42.66
C ASP B 175 6.02 -30.50 41.78
N ARG B 176 5.94 -30.63 40.46
CA ARG B 176 6.34 -29.57 39.54
C ARG B 176 5.31 -29.43 38.42
N VAL B 177 5.02 -28.19 38.04
CA VAL B 177 4.07 -27.92 36.96
C VAL B 177 4.63 -26.81 36.08
N GLY B 178 4.02 -26.66 34.91
CA GLY B 178 4.43 -25.64 33.96
C GLY B 178 3.33 -24.63 33.72
N ILE B 179 3.67 -23.36 33.81
CA ILE B 179 2.71 -22.27 33.71
C ILE B 179 3.00 -21.48 32.43
N GLN B 180 1.93 -21.05 31.75
CA GLN B 180 2.06 -20.23 30.54
C GLN B 180 2.04 -18.77 30.95
N ALA B 181 3.23 -18.21 31.19
CA ALA B 181 3.37 -16.79 31.53
C ALA B 181 3.46 -15.98 30.24
N LEU B 182 2.29 -15.72 29.65
CA LEU B 182 2.24 -14.99 28.39
C LEU B 182 2.80 -13.58 28.55
N ALA B 183 3.48 -13.10 27.50
CA ALA B 183 4.28 -11.89 27.61
C ALA B 183 3.43 -10.65 27.88
N MET B 184 2.19 -10.63 27.38
CA MET B 184 1.35 -9.43 27.50
C MET B 184 0.54 -9.39 28.80
N HIS B 185 0.58 -10.44 29.62
CA HIS B 185 -0.20 -10.46 30.84
C HIS B 185 0.62 -9.94 32.02
N ASP B 186 -0.08 -9.61 33.11
CA ASP B 186 0.57 -8.95 34.23
C ASP B 186 1.69 -9.81 34.81
N ILE B 187 1.49 -11.13 34.85
CA ILE B 187 2.45 -12.00 35.52
C ILE B 187 3.82 -11.92 34.87
N ALA B 188 3.86 -11.68 33.55
CA ALA B 188 5.15 -11.61 32.86
C ALA B 188 5.92 -10.37 33.26
N VAL B 189 5.22 -9.30 33.63
CA VAL B 189 5.90 -8.10 34.12
C VAL B 189 6.65 -8.40 35.40
N GLN B 190 6.02 -9.12 36.32
CA GLN B 190 6.68 -9.47 37.57
C GLN B 190 7.74 -10.53 37.35
N LEU B 191 7.51 -11.45 36.41
CA LEU B 191 8.49 -12.50 36.15
C LEU B 191 9.77 -11.92 35.58
N GLU B 192 9.65 -10.91 34.69
CA GLU B 192 10.84 -10.28 34.14
C GLU B 192 11.67 -9.62 35.23
N LYS B 193 11.00 -8.94 36.16
CA LYS B 193 11.74 -8.31 37.26
C LYS B 193 12.51 -9.35 38.05
N ALA B 194 11.91 -10.53 38.25
CA ALA B 194 12.59 -11.57 39.00
C ALA B 194 13.72 -12.19 38.20
N GLU B 195 13.46 -12.51 36.93
CA GLU B 195 14.47 -13.13 36.08
C GLU B 195 15.60 -12.19 35.73
N ALA B 196 15.37 -10.88 35.75
CA ALA B 196 16.45 -9.92 35.54
C ALA B 196 17.48 -9.97 36.67
N GLU B 197 17.16 -10.61 37.79
CA GLU B 197 18.09 -10.80 38.89
C GLU B 197 18.34 -12.28 39.16
N ASN B 198 17.84 -13.16 38.31
CA ASN B 198 17.98 -14.60 38.49
C ASN B 198 17.43 -15.05 39.83
N LYS B 199 16.33 -14.41 40.28
CA LYS B 199 15.63 -14.77 41.50
C LYS B 199 14.31 -15.44 41.16
N PRO B 200 13.88 -16.44 41.93
CA PRO B 200 12.58 -17.06 41.67
C PRO B 200 11.46 -16.09 42.03
N LEU B 201 10.28 -16.36 41.46
CA LEU B 201 9.10 -15.54 41.73
C LEU B 201 8.09 -16.33 42.56
N PRO B 202 7.83 -15.95 43.81
CA PRO B 202 6.83 -16.67 44.61
C PRO B 202 5.46 -16.59 43.97
N ILE B 203 4.69 -17.68 44.06
CA ILE B 203 3.43 -17.82 43.37
C ILE B 203 2.50 -18.71 44.18
N ALA B 204 1.19 -18.45 44.08
CA ALA B 204 0.17 -19.25 44.74
C ALA B 204 -0.92 -19.58 43.71
N ILE B 205 -1.14 -20.87 43.48
CA ILE B 205 -2.10 -21.36 42.50
C ILE B 205 -3.33 -21.84 43.26
N THR B 206 -4.45 -21.15 43.10
CA THR B 206 -5.71 -21.49 43.76
C THR B 206 -6.67 -22.18 42.79
N ILE B 207 -7.46 -23.10 43.33
CA ILE B 207 -8.38 -23.93 42.54
C ILE B 207 -9.70 -24.08 43.29
N GLY B 208 -10.81 -23.95 42.58
CA GLY B 208 -12.12 -24.09 43.19
C GLY B 208 -12.51 -22.89 44.04
N ASN B 209 -12.71 -21.74 43.42
CA ASN B 209 -13.00 -20.50 44.13
C ASN B 209 -14.41 -20.01 43.83
N ASN B 210 -14.81 -19.00 44.60
CA ASN B 210 -15.97 -18.17 44.34
C ASN B 210 -16.02 -17.86 42.86
N PRO B 211 -17.15 -18.06 42.19
CA PRO B 211 -17.18 -17.81 40.73
C PRO B 211 -16.80 -16.39 40.37
N LEU B 212 -17.01 -15.41 41.26
CA LEU B 212 -16.58 -14.05 40.97
C LEU B 212 -15.05 -13.94 40.98
N VAL B 213 -14.37 -14.70 41.83
CA VAL B 213 -12.92 -14.67 41.85
C VAL B 213 -12.37 -15.19 40.52
N THR B 214 -12.84 -16.36 40.08
CA THR B 214 -12.46 -16.86 38.77
C THR B 214 -12.78 -15.84 37.68
N PHE B 215 -13.90 -15.11 37.85
CA PHE B 215 -14.29 -14.11 36.88
C PHE B 215 -13.26 -12.98 36.80
N MET B 216 -12.88 -12.44 37.95
CA MET B 216 -11.94 -11.33 37.97
C MET B 216 -10.54 -11.77 37.55
N ALA B 217 -10.19 -13.03 37.82
CA ALA B 217 -8.90 -13.54 37.39
C ALA B 217 -8.70 -13.34 35.89
N SER B 218 -9.71 -13.69 35.09
CA SER B 218 -9.66 -13.57 33.63
C SER B 218 -9.96 -12.16 33.14
N THR B 219 -10.18 -11.20 34.02
CA THR B 219 -10.53 -9.87 33.54
C THR B 219 -9.27 -9.02 33.34
N PRO B 220 -9.13 -8.38 32.18
CA PRO B 220 -7.92 -7.58 31.87
C PRO B 220 -7.99 -6.16 32.41
N VAL B 221 -7.94 -6.05 33.75
CA VAL B 221 -7.89 -4.77 34.44
C VAL B 221 -6.45 -4.27 34.46
N GLY B 222 -6.24 -3.03 34.87
CA GLY B 222 -4.89 -2.48 34.91
C GLY B 222 -4.00 -3.18 35.93
N TYR B 223 -2.69 -2.96 35.76
CA TYR B 223 -1.71 -3.60 36.63
C TYR B 223 -1.84 -3.14 38.08
N ASN B 224 -2.05 -1.85 38.29
CA ASN B 224 -2.14 -1.27 39.63
C ASN B 224 -3.52 -1.43 40.25
N GLN B 225 -4.34 -2.33 39.73
CA GLN B 225 -5.67 -2.58 40.26
C GLN B 225 -5.74 -4.00 40.81
N ASN B 226 -6.13 -4.12 42.08
CA ASN B 226 -6.23 -5.43 42.73
C ASN B 226 -7.56 -6.08 42.41
N GLU B 227 -7.52 -7.35 41.97
CA GLU B 227 -8.75 -8.01 41.55
C GLU B 227 -9.65 -8.34 42.74
N TYR B 228 -9.07 -8.59 43.92
CA TYR B 228 -9.90 -8.83 45.09
C TYR B 228 -10.78 -7.64 45.40
N GLU B 229 -10.28 -6.43 45.17
CA GLU B 229 -11.08 -5.23 45.41
C GLU B 229 -12.22 -5.12 44.41
N PHE B 230 -12.04 -5.68 43.21
CA PHE B 230 -13.15 -5.72 42.25
C PHE B 230 -14.22 -6.72 42.66
N VAL B 231 -13.81 -7.84 43.28
CA VAL B 231 -14.79 -8.82 43.72
C VAL B 231 -15.75 -8.18 44.72
N GLY B 232 -15.23 -7.38 45.63
CA GLY B 232 -16.11 -6.67 46.56
C GLY B 232 -17.08 -5.75 45.86
N ALA B 233 -16.66 -5.15 44.74
CA ALA B 233 -17.57 -4.30 43.98
C ALA B 233 -18.67 -5.11 43.31
N LEU B 234 -18.28 -6.20 42.63
CA LEU B 234 -19.28 -7.03 41.97
C LEU B 234 -20.20 -7.73 42.97
N GLN B 235 -19.77 -7.87 44.23
CA GLN B 235 -20.67 -8.31 45.28
C GLN B 235 -21.49 -7.18 45.88
N ASP B 236 -21.52 -6.04 45.18
CA ASP B 236 -22.37 -4.90 45.53
C ASP B 236 -21.96 -4.30 46.88
N GLY B 237 -20.66 -4.28 47.15
CA GLY B 237 -20.12 -3.68 48.35
C GLY B 237 -19.74 -4.64 49.46
N VAL B 238 -20.11 -5.91 49.34
CA VAL B 238 -19.77 -6.91 50.35
C VAL B 238 -18.34 -7.36 50.12
N PRO B 239 -17.40 -7.02 51.00
CA PRO B 239 -16.00 -7.41 50.76
C PRO B 239 -15.86 -8.92 50.78
N MET B 240 -14.90 -9.41 49.99
CA MET B 240 -14.61 -10.83 49.97
C MET B 240 -13.55 -11.17 51.02
N ASP B 241 -13.47 -12.44 51.36
CA ASP B 241 -12.59 -12.90 52.43
C ASP B 241 -11.32 -13.49 51.86
N ILE B 242 -10.18 -12.98 52.31
CA ILE B 242 -8.87 -13.45 51.89
C ILE B 242 -8.04 -13.76 53.14
N VAL B 243 -7.04 -14.61 52.96
CA VAL B 243 -6.13 -14.99 54.04
C VAL B 243 -4.72 -14.97 53.49
N LYS B 244 -3.75 -14.73 54.38
CA LYS B 244 -2.37 -14.66 53.95
C LYS B 244 -1.83 -16.05 53.61
N SER B 245 -1.02 -16.12 52.56
CA SER B 245 -0.39 -17.39 52.21
C SER B 245 0.55 -17.86 53.32
N ASP B 246 0.70 -19.19 53.43
CA ASP B 246 1.53 -19.75 54.50
C ASP B 246 3.01 -19.42 54.31
N LEU B 247 3.57 -19.75 53.14
CA LEU B 247 5.01 -19.59 52.94
C LEU B 247 5.41 -18.17 52.57
N TYR B 248 4.54 -17.44 51.88
CA TYR B 248 4.89 -16.12 51.38
C TYR B 248 3.85 -15.09 51.84
N ASP B 249 4.29 -14.14 52.67
CA ASP B 249 3.50 -12.93 52.86
C ASP B 249 3.53 -12.12 51.57
N HIS B 250 2.76 -11.04 51.54
CA HIS B 250 2.59 -10.28 50.31
C HIS B 250 1.68 -11.05 49.36
N LEU B 251 1.38 -12.29 49.69
CA LEU B 251 0.55 -13.18 48.88
C LEU B 251 -0.71 -13.54 49.64
N TYR B 252 -1.86 -13.18 49.09
CA TYR B 252 -3.16 -13.40 49.71
C TYR B 252 -4.02 -14.25 48.79
N VAL B 253 -4.67 -15.26 49.33
CA VAL B 253 -5.50 -16.17 48.55
C VAL B 253 -6.91 -16.11 49.11
N PRO B 254 -7.91 -16.48 48.30
CA PRO B 254 -9.28 -16.55 48.82
C PRO B 254 -9.35 -17.54 49.96
N ALA B 255 -10.16 -17.21 50.96
CA ALA B 255 -10.24 -18.06 52.14
C ALA B 255 -10.97 -19.37 51.86
N GLY B 256 -11.90 -19.38 50.90
CA GLY B 256 -12.69 -20.57 50.66
C GLY B 256 -12.22 -21.42 49.49
N SER B 257 -10.95 -21.31 49.11
CA SER B 257 -10.45 -22.07 47.98
C SER B 257 -10.45 -23.55 48.29
N GLU B 258 -10.69 -24.36 47.25
CA GLU B 258 -10.66 -25.80 47.43
C GLU B 258 -9.22 -26.31 47.57
N VAL B 259 -8.31 -25.79 46.76
CA VAL B 259 -6.90 -26.18 46.81
C VAL B 259 -6.04 -24.94 46.59
N VAL B 260 -4.96 -24.84 47.35
CA VAL B 260 -3.97 -23.77 47.18
C VAL B 260 -2.60 -24.41 47.04
N LEU B 261 -1.90 -24.07 45.97
CA LEU B 261 -0.54 -24.55 45.71
C LEU B 261 0.43 -23.38 45.89
N GLU B 262 1.22 -23.42 46.96
CA GLU B 262 2.24 -22.41 47.21
C GLU B 262 3.59 -22.89 46.70
N GLY B 263 4.24 -22.06 45.89
CA GLY B 263 5.51 -22.43 45.31
C GLY B 263 6.23 -21.24 44.71
N HIS B 264 7.13 -21.53 43.77
CA HIS B 264 7.89 -20.48 43.12
C HIS B 264 8.19 -20.86 41.66
N ILE B 265 8.28 -19.84 40.81
CA ILE B 265 8.67 -20.03 39.42
C ILE B 265 10.18 -20.13 39.34
N ILE B 266 10.68 -21.22 38.79
CA ILE B 266 12.12 -21.39 38.62
C ILE B 266 12.62 -20.36 37.60
N PRO B 267 13.58 -19.52 37.95
CA PRO B 267 13.97 -18.42 37.06
C PRO B 267 14.87 -18.88 35.92
N ARG B 268 14.72 -18.19 34.78
CA ARG B 268 15.58 -18.37 33.60
C ARG B 268 15.59 -19.81 33.12
N VAL B 269 14.45 -20.48 33.22
CA VAL B 269 14.33 -21.87 32.81
C VAL B 269 13.02 -22.05 32.05
N ARG B 270 13.08 -22.73 30.90
CA ARG B 270 11.90 -23.07 30.13
C ARG B 270 11.99 -24.52 29.69
N THR B 271 10.85 -25.21 29.70
CA THR B 271 10.76 -26.61 29.29
C THR B 271 9.62 -26.76 28.29
N VAL B 272 9.46 -27.97 27.77
CA VAL B 272 8.50 -28.22 26.69
C VAL B 272 7.10 -28.27 27.28
N GLU B 273 6.34 -27.20 27.08
CA GLU B 273 4.97 -27.09 27.53
C GLU B 273 4.04 -27.20 26.33
N GLY B 274 2.97 -27.96 26.47
CA GLY B 274 2.04 -28.19 25.38
C GLY B 274 2.38 -29.48 24.65
N PRO B 275 1.70 -29.73 23.52
CA PRO B 275 0.67 -28.85 22.97
C PRO B 275 -0.62 -28.90 23.78
N PHE B 276 -1.55 -27.99 23.50
CA PHE B 276 -2.76 -27.87 24.31
C PHE B 276 -3.85 -27.26 23.44
N GLY B 277 -5.02 -27.91 23.44
CA GLY B 277 -6.16 -27.36 22.71
C GLY B 277 -6.64 -26.09 23.39
N GLU B 278 -6.74 -25.02 22.63
CA GLU B 278 -7.10 -23.71 23.17
C GLU B 278 -8.45 -23.26 22.59
N PHE B 279 -8.88 -22.04 23.01
CA PHE B 279 -10.23 -21.53 22.73
C PHE B 279 -10.51 -21.27 21.25
N PRO B 280 -9.50 -21.01 20.41
CA PRO B 280 -9.78 -20.88 18.97
C PRO B 280 -10.19 -22.18 18.30
N GLY B 281 -10.32 -23.28 19.05
CA GLY B 281 -10.72 -24.56 18.49
C GLY B 281 -9.61 -25.37 17.88
N SER B 282 -8.35 -24.93 18.01
CA SER B 282 -7.21 -25.64 17.44
C SER B 282 -6.18 -25.88 18.55
N TYR B 283 -5.32 -26.86 18.31
CA TYR B 283 -4.20 -27.11 19.22
C TYR B 283 -3.19 -25.99 19.11
N SER B 284 -2.72 -25.51 20.25
CA SER B 284 -1.63 -24.54 20.25
C SER B 284 -0.31 -25.29 20.38
N GLY B 285 0.65 -24.97 19.51
CA GLY B 285 1.86 -25.75 19.43
C GLY B 285 2.67 -25.70 20.71
N ALA B 286 3.51 -26.72 20.88
CA ALA B 286 4.37 -26.79 22.05
C ALA B 286 5.46 -25.73 21.97
N ARG B 287 5.71 -25.06 23.09
CA ARG B 287 6.76 -24.07 23.19
C ARG B 287 7.51 -24.28 24.50
N LEU B 288 8.61 -23.57 24.65
CA LEU B 288 9.40 -23.61 25.89
C LEU B 288 8.82 -22.58 26.85
N GLN B 289 8.23 -23.06 27.95
CA GLN B 289 7.57 -22.19 28.91
C GLN B 289 8.05 -22.51 30.33
N CYS B 290 7.69 -21.63 31.25
CA CYS B 290 8.21 -21.66 32.61
C CYS B 290 7.74 -22.89 33.38
N GLU B 291 8.52 -23.26 34.40
CA GLU B 291 8.13 -24.28 35.37
C GLU B 291 8.11 -23.67 36.76
N VAL B 292 7.18 -24.15 37.60
CA VAL B 292 7.07 -23.73 38.99
C VAL B 292 7.16 -24.97 39.87
N LYS B 293 7.89 -24.85 40.98
CA LYS B 293 8.03 -25.93 41.94
C LYS B 293 7.07 -25.72 43.11
N ILE B 294 6.27 -26.75 43.39
CA ILE B 294 5.28 -26.69 44.46
C ILE B 294 6.00 -26.96 45.78
N ASP B 295 5.96 -25.98 46.69
CA ASP B 295 6.64 -26.11 47.97
C ASP B 295 5.74 -26.61 49.08
N ARG B 296 4.43 -26.41 48.98
CA ARG B 296 3.48 -26.79 50.02
C ARG B 296 2.07 -26.71 49.45
N ILE B 297 1.19 -27.57 49.97
CA ILE B 297 -0.20 -27.64 49.52
C ILE B 297 -1.12 -27.47 50.71
N THR B 298 -2.10 -26.57 50.58
CA THR B 298 -3.19 -26.43 51.53
C THR B 298 -4.52 -26.66 50.81
N HIS B 299 -5.46 -27.35 51.47
CA HIS B 299 -6.72 -27.70 50.82
C HIS B 299 -7.78 -28.01 51.86
N ARG B 300 -9.04 -27.86 51.43
CA ARG B 300 -10.19 -28.21 52.25
C ARG B 300 -10.43 -29.71 52.27
N THR B 301 -11.08 -30.17 53.34
CA THR B 301 -11.44 -31.59 53.44
C THR B 301 -12.43 -31.95 52.34
N ASN B 302 -12.17 -33.07 51.66
CA ASN B 302 -12.94 -33.45 50.48
C ASN B 302 -12.89 -32.34 49.44
N PRO B 303 -11.72 -32.03 48.89
CA PRO B 303 -11.61 -30.92 47.94
C PRO B 303 -12.31 -31.23 46.63
N ILE B 304 -12.73 -30.16 45.94
CA ILE B 304 -13.42 -30.28 44.66
C ILE B 304 -12.57 -29.61 43.59
N PHE B 305 -12.37 -30.31 42.48
CA PHE B 305 -11.51 -29.85 41.40
C PHE B 305 -12.37 -29.10 40.38
N GLU B 306 -12.25 -27.77 40.38
CA GLU B 306 -12.96 -26.92 39.44
C GLU B 306 -12.07 -26.76 38.22
N ASN B 307 -12.30 -27.61 37.22
CA ASN B 307 -11.63 -27.53 35.94
C ASN B 307 -12.67 -27.30 34.85
N LEU B 308 -12.22 -26.92 33.66
CA LEU B 308 -13.12 -26.64 32.57
C LEU B 308 -12.61 -27.31 31.30
N TYR B 309 -13.53 -27.51 30.36
CA TYR B 309 -13.18 -27.95 29.02
C TYR B 309 -13.19 -26.76 28.08
N LEU B 310 -12.25 -26.76 27.15
CA LEU B 310 -12.21 -25.74 26.12
C LEU B 310 -11.87 -26.40 24.79
N GLY B 311 -12.26 -25.74 23.71
CA GLY B 311 -12.05 -26.27 22.38
C GLY B 311 -12.80 -25.46 21.33
N ILE B 312 -13.44 -26.15 20.39
CA ILE B 312 -14.15 -25.42 19.32
C ILE B 312 -15.15 -24.47 19.95
N PRO B 313 -15.17 -23.20 19.54
CA PRO B 313 -15.62 -22.12 20.42
C PRO B 313 -17.05 -22.24 20.89
N TRP B 314 -17.32 -21.40 21.90
CA TRP B 314 -18.47 -21.50 22.79
C TRP B 314 -18.47 -22.83 23.53
N THR B 315 -17.34 -23.10 24.17
CA THR B 315 -17.23 -23.97 25.32
C THR B 315 -17.43 -23.14 26.59
N GLU B 316 -17.15 -23.74 27.75
CA GLU B 316 -17.32 -23.01 29.01
C GLU B 316 -16.50 -21.72 29.01
N ILE B 317 -15.28 -21.77 28.46
CA ILE B 317 -14.39 -20.62 28.57
C ILE B 317 -14.96 -19.41 27.84
N ASP B 318 -15.64 -19.64 26.71
CA ASP B 318 -16.16 -18.53 25.94
C ASP B 318 -17.26 -17.77 26.67
N TYR B 319 -18.07 -18.47 27.47
CA TYR B 319 -19.04 -17.78 28.31
C TYR B 319 -18.36 -16.97 29.40
N LEU B 320 -17.31 -17.54 30.01
CA LEU B 320 -16.59 -16.82 31.06
C LEU B 320 -16.02 -15.52 30.52
N MET B 321 -15.41 -15.55 29.34
CA MET B 321 -14.72 -14.39 28.79
C MET B 321 -15.66 -13.43 28.06
N ALA B 322 -16.95 -13.77 27.94
CA ALA B 322 -17.84 -12.95 27.12
C ALA B 322 -17.97 -11.54 27.69
N LEU B 323 -18.30 -11.42 28.97
CA LEU B 323 -18.58 -10.11 29.55
C LEU B 323 -17.40 -9.53 30.32
N ASN B 324 -16.57 -10.35 30.94
CA ASN B 324 -15.42 -9.81 31.67
C ASN B 324 -14.38 -9.19 30.74
N THR B 325 -14.48 -9.40 29.42
CA THR B 325 -13.57 -8.72 28.50
C THR B 325 -14.17 -7.42 27.98
N SER B 326 -15.49 -7.37 27.78
CA SER B 326 -16.10 -6.18 27.21
C SER B 326 -16.24 -5.06 28.25
N VAL B 327 -16.55 -5.41 29.49
CA VAL B 327 -16.81 -4.38 30.50
C VAL B 327 -15.58 -3.54 30.79
N PRO B 328 -14.43 -4.10 31.13
CA PRO B 328 -13.25 -3.27 31.37
C PRO B 328 -12.78 -2.51 30.13
N LEU B 329 -12.90 -3.09 28.94
CA LEU B 329 -12.59 -2.36 27.72
C LEU B 329 -13.51 -1.17 27.54
N TYR B 330 -14.80 -1.33 27.82
CA TYR B 330 -15.72 -0.20 27.74
C TYR B 330 -15.37 0.87 28.76
N LYS B 331 -15.10 0.43 30.00
CA LYS B 331 -14.76 1.38 31.05
C LYS B 331 -13.43 2.07 30.76
N GLN B 332 -12.46 1.32 30.26
CA GLN B 332 -11.15 1.91 29.95
C GLN B 332 -11.27 2.97 28.86
N LEU B 333 -12.05 2.69 27.80
CA LEU B 333 -12.25 3.71 26.77
C LEU B 333 -13.04 4.89 27.29
N LYS B 334 -14.14 4.62 27.99
CA LYS B 334 -15.03 5.69 28.42
C LYS B 334 -14.31 6.70 29.31
N GLU B 335 -13.26 6.27 30.02
CA GLU B 335 -12.54 7.17 30.90
C GLU B 335 -11.95 8.35 30.13
N THR B 336 -11.34 8.07 28.98
CA THR B 336 -10.73 9.12 28.14
C THR B 336 -11.75 9.73 27.18
N MET B 337 -12.64 8.91 26.64
CA MET B 337 -13.52 9.33 25.54
C MET B 337 -14.97 9.04 25.93
N PRO B 338 -15.67 10.03 26.50
CA PRO B 338 -17.05 9.78 26.95
C PRO B 338 -18.03 9.51 25.83
N GLU B 339 -17.66 9.78 24.57
CA GLU B 339 -18.56 9.55 23.45
C GLU B 339 -18.81 8.06 23.18
N VAL B 340 -18.04 7.16 23.79
CA VAL B 340 -18.19 5.74 23.55
C VAL B 340 -19.48 5.26 24.20
N VAL B 341 -20.24 4.46 23.46
CA VAL B 341 -21.52 3.96 23.95
C VAL B 341 -21.40 2.57 24.54
N ALA B 342 -20.83 1.62 23.77
CA ALA B 342 -20.71 0.25 24.23
C ALA B 342 -19.58 -0.44 23.47
N VAL B 343 -19.09 -1.53 24.04
CA VAL B 343 -17.99 -2.30 23.48
C VAL B 343 -18.36 -3.77 23.51
N ASN B 344 -18.20 -4.44 22.38
CA ASN B 344 -18.48 -5.87 22.24
C ASN B 344 -17.18 -6.61 21.97
N ALA B 345 -16.77 -7.44 22.94
CA ALA B 345 -15.54 -8.20 22.81
C ALA B 345 -15.78 -9.66 23.18
N MET B 346 -16.95 -10.18 22.84
CA MET B 346 -17.30 -11.55 23.21
C MET B 346 -16.68 -12.60 22.31
N TYR B 347 -16.14 -12.21 21.16
CA TYR B 347 -15.78 -13.15 20.11
C TYR B 347 -14.29 -13.44 20.16
N THR B 348 -13.95 -14.71 20.36
CA THR B 348 -12.56 -15.17 20.40
C THR B 348 -11.72 -14.34 21.36
N HIS B 349 -12.26 -14.14 22.57
CA HIS B 349 -11.48 -13.58 23.66
C HIS B 349 -10.99 -12.17 23.33
N GLY B 350 -11.79 -11.43 22.55
CA GLY B 350 -11.46 -10.05 22.24
C GLY B 350 -10.58 -9.85 21.04
N ILE B 351 -10.18 -10.92 20.35
CA ILE B 351 -9.42 -10.75 19.11
C ILE B 351 -10.22 -9.98 18.09
N GLY B 352 -11.55 -10.02 18.20
CA GLY B 352 -12.40 -9.16 17.41
C GLY B 352 -13.23 -8.27 18.31
N VAL B 353 -13.17 -6.96 18.09
CA VAL B 353 -13.86 -6.00 18.94
C VAL B 353 -14.71 -5.09 18.06
N ILE B 354 -15.93 -4.83 18.50
CA ILE B 354 -16.84 -3.91 17.82
C ILE B 354 -17.18 -2.83 18.82
N ILE B 355 -16.96 -1.57 18.43
CA ILE B 355 -17.16 -0.44 19.33
C ILE B 355 -18.25 0.45 18.74
N SER B 356 -19.17 0.87 19.59
CA SER B 356 -20.22 1.81 19.24
C SER B 356 -19.88 3.16 19.88
N THR B 357 -19.93 4.23 19.10
CA THR B 357 -19.53 5.52 19.65
C THR B 357 -20.16 6.65 18.86
N LYS B 358 -20.38 7.76 19.55
CA LYS B 358 -20.63 9.03 18.89
C LYS B 358 -19.31 9.55 18.32
N VAL B 359 -19.37 10.18 17.16
CA VAL B 359 -18.19 10.72 16.49
C VAL B 359 -18.14 12.21 16.81
N ARG B 360 -17.28 12.59 17.75
CA ARG B 360 -17.22 13.98 18.19
C ARG B 360 -16.85 14.91 17.03
N TYR B 361 -15.75 14.60 16.35
CA TYR B 361 -15.34 15.34 15.15
C TYR B 361 -14.78 14.34 14.15
N GLY B 362 -14.72 14.76 12.89
CA GLY B 362 -14.16 13.95 11.83
C GLY B 362 -13.00 13.04 12.20
N GLY B 363 -13.07 11.78 11.80
CA GLY B 363 -12.06 10.79 12.10
C GLY B 363 -12.02 10.30 13.53
N TYR B 364 -12.93 10.76 14.39
CA TYR B 364 -12.87 10.36 15.79
C TYR B 364 -12.95 8.83 15.94
N ALA B 365 -13.59 8.15 14.99
CA ALA B 365 -13.68 6.69 15.07
C ALA B 365 -12.31 6.05 15.07
N LYS B 366 -11.39 6.57 14.25
CA LYS B 366 -10.04 6.03 14.23
C LYS B 366 -9.34 6.29 15.56
N GLY B 367 -9.60 7.44 16.19
CA GLY B 367 -9.01 7.70 17.49
C GLY B 367 -9.49 6.73 18.56
N VAL B 368 -10.80 6.41 18.54
CA VAL B 368 -11.32 5.40 19.46
C VAL B 368 -10.62 4.08 19.24
N ALA B 369 -10.44 3.68 17.98
CA ALA B 369 -9.72 2.46 17.68
C ALA B 369 -8.29 2.52 18.21
N PHE B 370 -7.65 3.70 18.13
CA PHE B 370 -6.32 3.84 18.69
C PHE B 370 -6.34 3.60 20.20
N ARG B 371 -7.34 4.13 20.90
CA ARG B 371 -7.42 3.90 22.34
C ARG B 371 -7.63 2.43 22.66
N LEU B 372 -8.49 1.75 21.90
CA LEU B 372 -8.69 0.33 22.09
C LEU B 372 -7.40 -0.45 21.85
N LEU B 373 -6.59 0.01 20.90
CA LEU B 373 -5.33 -0.67 20.58
C LEU B 373 -4.19 -0.24 21.49
N SER B 374 -4.46 0.61 22.48
CA SER B 374 -3.46 0.99 23.47
C SER B 374 -3.94 0.66 24.88
N THR B 375 -4.83 -0.24 25.00
CA THR B 375 -5.36 -0.72 26.25
C THR B 375 -4.69 -2.03 26.63
N PRO B 376 -4.57 -2.32 27.94
CA PRO B 376 -3.89 -3.55 28.37
C PRO B 376 -4.27 -4.77 27.58
N HIS B 377 -5.58 -5.06 27.48
CA HIS B 377 -6.02 -6.24 26.73
C HIS B 377 -5.96 -6.02 25.22
N GLY B 378 -6.51 -4.91 24.74
CA GLY B 378 -6.71 -4.74 23.30
C GLY B 378 -5.43 -4.54 22.51
N MET B 379 -4.39 -4.01 23.14
CA MET B 379 -3.14 -3.82 22.42
C MET B 379 -2.56 -5.11 21.88
N PRO B 380 -2.43 -6.19 22.66
CA PRO B 380 -1.88 -7.43 22.10
C PRO B 380 -2.94 -8.37 21.54
N TYR B 381 -4.19 -8.18 21.93
CA TYR B 381 -5.24 -9.14 21.60
C TYR B 381 -6.05 -8.74 20.37
N SER B 382 -6.55 -7.51 20.35
CA SER B 382 -7.51 -7.11 19.32
C SER B 382 -6.83 -6.99 17.97
N LYS B 383 -7.23 -7.84 17.02
CA LYS B 383 -6.70 -7.83 15.66
C LYS B 383 -7.62 -7.10 14.68
N ILE B 384 -8.93 -7.22 14.85
CA ILE B 384 -9.91 -6.57 13.98
C ILE B 384 -10.78 -5.68 14.86
N VAL B 385 -10.73 -4.38 14.62
CA VAL B 385 -11.46 -3.39 15.41
C VAL B 385 -12.45 -2.69 14.47
N ILE B 386 -13.74 -2.90 14.71
CA ILE B 386 -14.81 -2.24 13.95
C ILE B 386 -15.46 -1.20 14.84
N VAL B 387 -15.63 0.01 14.30
CA VAL B 387 -16.27 1.10 15.02
C VAL B 387 -17.55 1.46 14.28
N VAL B 388 -18.65 1.54 15.01
CA VAL B 388 -19.95 1.88 14.44
C VAL B 388 -20.49 3.09 15.17
N ASP B 389 -21.61 3.61 14.67
CA ASP B 389 -22.15 4.84 15.21
C ASP B 389 -22.82 4.59 16.56
N GLU B 390 -23.24 5.69 17.19
CA GLU B 390 -23.87 5.62 18.52
C GLU B 390 -25.13 4.76 18.48
N PHE B 391 -25.89 4.82 17.38
CA PHE B 391 -27.19 4.18 17.30
C PHE B 391 -27.13 2.73 16.84
N VAL B 392 -25.95 2.18 16.55
CA VAL B 392 -25.81 0.78 16.16
C VAL B 392 -25.49 -0.04 17.40
N ASP B 393 -26.22 -1.14 17.58
CA ASP B 393 -25.91 -2.06 18.69
C ASP B 393 -24.74 -2.95 18.32
N PRO B 394 -23.57 -2.75 18.93
CA PRO B 394 -22.40 -3.56 18.56
C PRO B 394 -22.58 -5.04 18.88
N PHE B 395 -23.55 -5.40 19.71
CA PHE B 395 -23.84 -6.80 19.98
C PHE B 395 -24.81 -7.41 18.98
N ASN B 396 -25.38 -6.59 18.09
CA ASN B 396 -26.31 -7.06 17.07
C ASN B 396 -25.53 -7.16 15.76
N LEU B 397 -24.98 -8.34 15.48
CA LEU B 397 -24.19 -8.49 14.27
C LEU B 397 -24.98 -8.14 13.01
N GLU B 398 -26.31 -8.27 13.05
CA GLU B 398 -27.11 -7.85 11.92
C GLU B 398 -26.89 -6.38 11.60
N GLN B 399 -26.96 -5.53 12.63
CA GLN B 399 -26.73 -4.10 12.43
C GLN B 399 -25.29 -3.81 12.05
N VAL B 400 -24.34 -4.49 12.69
CA VAL B 400 -22.93 -4.29 12.33
C VAL B 400 -22.74 -4.62 10.87
N MET B 401 -23.40 -5.68 10.39
CA MET B 401 -23.34 -6.00 8.97
C MET B 401 -23.92 -4.86 8.12
N TRP B 402 -24.94 -4.18 8.63
CA TRP B 402 -25.47 -3.03 7.91
C TRP B 402 -24.46 -1.88 7.89
N ALA B 403 -23.83 -1.59 9.02
CA ALA B 403 -22.86 -0.50 9.06
C ALA B 403 -21.71 -0.78 8.11
N LEU B 404 -21.27 -2.04 8.02
CA LEU B 404 -20.17 -2.37 7.13
C LEU B 404 -20.53 -2.10 5.67
N THR B 405 -21.77 -2.43 5.28
CA THR B 405 -22.16 -2.32 3.88
C THR B 405 -22.52 -0.91 3.44
N THR B 406 -22.90 -0.02 4.37
CA THR B 406 -23.36 1.30 3.98
C THR B 406 -22.48 2.45 4.47
N ARG B 407 -21.52 2.19 5.36
CA ARG B 407 -20.72 3.27 5.92
C ARG B 407 -19.22 3.08 5.72
N VAL B 408 -18.79 1.99 5.08
CA VAL B 408 -17.37 1.67 4.95
C VAL B 408 -16.96 1.89 3.51
N HIS B 409 -16.05 2.83 3.30
CA HIS B 409 -15.41 3.05 2.00
C HIS B 409 -13.99 2.52 2.11
N PRO B 410 -13.71 1.31 1.62
CA PRO B 410 -12.40 0.68 1.88
C PRO B 410 -11.21 1.52 1.44
N GLY B 411 -11.44 2.56 0.63
CA GLY B 411 -10.35 3.46 0.30
C GLY B 411 -9.83 4.20 1.51
N LYS B 412 -10.71 4.65 2.38
CA LYS B 412 -10.33 5.45 3.53
C LYS B 412 -10.70 4.83 4.87
N ASP B 413 -11.81 4.11 4.95
CA ASP B 413 -12.31 3.64 6.23
C ASP B 413 -11.60 2.38 6.73
N VAL B 414 -10.85 1.68 5.88
CA VAL B 414 -10.13 0.47 6.27
C VAL B 414 -8.65 0.80 6.35
N SER B 415 -8.04 0.54 7.50
CA SER B 415 -6.64 0.84 7.75
C SER B 415 -5.94 -0.40 8.29
N ILE B 416 -4.81 -0.74 7.69
CA ILE B 416 -4.07 -1.96 8.01
C ILE B 416 -2.67 -1.58 8.45
N ILE B 417 -2.29 -1.98 9.66
CA ILE B 417 -1.04 -1.55 10.29
C ILE B 417 -0.19 -2.78 10.57
N GLU B 418 1.05 -2.76 10.07
CA GLU B 418 1.96 -3.88 10.16
C GLU B 418 2.80 -3.82 11.43
N ASN B 419 3.23 -5.00 11.89
CA ASN B 419 4.24 -5.11 12.94
C ASN B 419 3.76 -4.53 14.27
N CYS B 420 2.54 -4.88 14.64
CA CYS B 420 1.96 -4.44 15.89
C CYS B 420 1.87 -5.59 16.88
N PRO B 421 1.76 -5.30 18.18
CA PRO B 421 1.74 -6.36 19.20
C PRO B 421 0.63 -7.38 18.92
N GLY B 422 0.95 -8.65 19.16
CA GLY B 422 0.03 -9.73 18.87
C GLY B 422 -0.05 -10.75 19.99
N MET B 423 -0.93 -11.71 19.78
CA MET B 423 -1.17 -12.78 20.73
C MET B 423 -0.83 -14.12 20.07
N PRO B 424 0.11 -14.89 20.62
CA PRO B 424 0.54 -16.11 19.92
C PRO B 424 -0.55 -17.16 19.78
N LEU B 425 -1.55 -17.20 20.68
CA LEU B 425 -2.57 -18.23 20.59
C LEU B 425 -3.44 -18.07 19.34
N ASP B 426 -3.41 -16.90 18.72
CA ASP B 426 -4.07 -16.65 17.44
C ASP B 426 -3.37 -17.46 16.36
N PRO B 427 -3.99 -18.51 15.81
CA PRO B 427 -3.27 -19.37 14.86
C PRO B 427 -3.07 -18.75 13.49
N SER B 428 -3.48 -17.49 13.29
CA SER B 428 -3.31 -16.81 12.02
C SER B 428 -2.03 -15.98 11.95
N THR B 429 -1.49 -15.56 13.09
CA THR B 429 -0.32 -14.69 13.09
C THR B 429 0.87 -15.43 12.49
N ASN B 430 1.38 -14.97 11.34
CA ASN B 430 2.51 -15.69 10.75
C ASN B 430 3.80 -15.41 11.50
N PRO B 431 4.19 -14.17 11.75
CA PRO B 431 5.15 -13.94 12.82
C PRO B 431 4.43 -14.14 14.14
N PRO B 432 4.60 -15.30 14.77
CA PRO B 432 3.68 -15.68 15.83
C PRO B 432 3.80 -14.73 17.01
N GLY B 433 2.65 -14.41 17.61
CA GLY B 433 2.62 -13.43 18.68
C GLY B 433 2.71 -12.00 18.22
N MET B 434 2.46 -11.76 16.93
CA MET B 434 2.56 -10.42 16.35
C MET B 434 1.62 -10.42 15.16
N HIS B 435 0.58 -9.60 15.17
CA HIS B 435 -0.31 -9.60 14.02
C HIS B 435 -0.51 -8.19 13.48
N THR B 436 -0.81 -8.13 12.18
CA THR B 436 -1.10 -6.88 11.48
C THR B 436 -2.53 -6.49 11.83
N LYS B 437 -2.71 -5.29 12.36
CA LYS B 437 -4.02 -4.84 12.82
C LYS B 437 -4.84 -4.35 11.64
N MET B 438 -6.17 -4.45 11.78
CA MET B 438 -7.10 -3.94 10.79
C MET B 438 -8.18 -3.14 11.50
N ILE B 439 -8.31 -1.87 11.14
CA ILE B 439 -9.30 -0.96 11.70
C ILE B 439 -10.33 -0.65 10.63
N ILE B 440 -11.60 -0.80 10.97
CA ILE B 440 -12.70 -0.55 10.04
C ILE B 440 -13.59 0.54 10.65
N ASP B 441 -13.68 1.66 9.95
CA ASP B 441 -14.44 2.82 10.45
C ASP B 441 -15.80 2.78 9.77
N ALA B 442 -16.76 2.09 10.40
CA ALA B 442 -18.12 2.01 9.89
C ALA B 442 -19.03 3.09 10.45
N THR B 443 -18.48 4.26 10.76
CA THR B 443 -19.27 5.38 11.24
C THR B 443 -19.58 6.34 10.10
N THR B 444 -20.63 7.12 10.28
CA THR B 444 -21.02 8.11 9.30
C THR B 444 -20.08 9.31 9.37
N PRO B 445 -19.59 9.82 8.24
CA PRO B 445 -18.60 10.90 8.29
C PRO B 445 -19.14 12.12 9.00
N VAL B 446 -18.26 12.78 9.74
CA VAL B 446 -18.59 13.99 10.50
C VAL B 446 -17.56 15.07 10.13
N PRO B 447 -17.95 16.35 10.08
CA PRO B 447 -16.97 17.38 9.73
C PRO B 447 -15.79 17.33 10.66
N PRO B 448 -14.60 17.72 10.18
CA PRO B 448 -14.35 18.25 8.84
C PRO B 448 -14.03 17.20 7.77
N GLU B 449 -14.43 15.95 7.99
CA GLU B 449 -14.27 14.94 6.96
C GLU B 449 -15.25 15.23 5.84
N PRO B 450 -14.79 15.45 4.61
CA PRO B 450 -15.73 15.75 3.52
C PRO B 450 -16.64 14.57 3.21
N ASN B 451 -17.88 14.90 2.85
CA ASN B 451 -18.89 13.90 2.50
C ASN B 451 -19.77 14.48 1.41
N PRO B 452 -19.50 14.16 0.14
CA PRO B 452 -20.37 14.64 -0.94
C PRO B 452 -21.70 13.91 -0.99
N ARG B 453 -21.81 12.75 -0.36
CA ARG B 453 -23.02 11.96 -0.44
C ARG B 453 -23.96 12.30 0.70
N GLU B 454 -25.20 11.83 0.59
CA GLU B 454 -26.20 12.00 1.64
C GLU B 454 -26.25 10.69 2.43
N THR B 455 -25.97 10.78 3.73
CA THR B 455 -25.91 9.60 4.59
C THR B 455 -26.81 9.66 5.81
N GLN B 456 -27.60 10.72 5.98
CA GLN B 456 -28.48 10.82 7.13
C GLN B 456 -29.58 9.78 7.05
N LEU B 457 -29.98 9.27 8.22
CA LEU B 457 -30.97 8.22 8.32
C LEU B 457 -32.39 8.77 8.20
N LEU B 458 -33.29 7.93 7.72
CA LEU B 458 -34.68 8.34 7.48
C LEU B 458 -35.48 8.39 8.77
N ASP B 459 -36.16 9.50 8.99
CA ASP B 459 -37.14 9.57 10.06
C ASP B 459 -38.38 8.76 9.68
N PRO B 460 -38.87 7.88 10.55
CA PRO B 460 -40.03 7.09 10.18
C PRO B 460 -41.22 7.99 9.90
N PRO B 461 -42.12 7.56 9.01
CA PRO B 461 -43.31 8.37 8.70
C PRO B 461 -44.11 8.77 9.94
N ASP B 462 -45.06 9.68 9.76
CA ASP B 462 -45.66 10.39 10.89
C ASP B 462 -46.29 9.41 11.89
N GLY B 463 -47.28 8.64 11.45
CA GLY B 463 -48.05 7.84 12.37
C GLY B 463 -47.46 6.51 12.78
N THR B 464 -46.18 6.25 12.47
CA THR B 464 -45.61 4.92 12.69
C THR B 464 -45.83 4.45 14.13
N GLU B 465 -45.67 5.34 15.11
CA GLU B 465 -45.84 4.95 16.50
C GLU B 465 -47.26 4.42 16.75
N GLU B 466 -48.27 5.21 16.36
CA GLU B 466 -49.65 4.78 16.60
C GLU B 466 -50.03 3.59 15.74
N TRP B 467 -49.53 3.53 14.51
CA TRP B 467 -49.92 2.44 13.62
C TRP B 467 -49.44 1.09 14.14
N GLU B 468 -48.34 1.06 14.88
CA GLU B 468 -47.90 -0.20 15.48
C GLU B 468 -48.93 -0.74 16.45
N GLU B 469 -49.55 0.12 17.24
CA GLU B 469 -50.58 -0.33 18.18
C GLU B 469 -51.86 -0.72 17.45
N LYS B 470 -52.29 0.10 16.48
CA LYS B 470 -53.52 -0.21 15.74
C LYS B 470 -53.40 -1.53 14.98
N LEU B 471 -52.20 -1.86 14.48
CA LEU B 471 -52.01 -3.14 13.82
C LEU B 471 -52.02 -4.28 14.83
N LYS B 472 -51.32 -4.11 15.95
CA LYS B 472 -51.33 -5.12 17.00
C LYS B 472 -52.73 -5.37 17.52
N GLU B 473 -53.53 -4.31 17.65
CA GLU B 473 -54.91 -4.45 18.10
C GLU B 473 -55.75 -5.20 17.07
N LEU B 474 -55.61 -4.85 15.79
CA LEU B 474 -56.36 -5.53 14.74
C LEU B 474 -56.00 -7.01 14.67
N LEU B 475 -54.76 -7.36 15.02
CA LEU B 475 -54.33 -8.75 14.97
C LEU B 475 -54.96 -9.61 16.06
N LYS B 476 -55.48 -8.99 17.12
CA LYS B 476 -56.08 -9.72 18.22
C LYS B 476 -57.53 -10.10 17.88
N ASN B 477 -57.66 -10.87 16.80
CA ASN B 477 -58.96 -11.34 16.34
C ASN B 477 -58.90 -12.81 15.93
N ALA C 2 -47.54 -27.87 -3.90
CA ALA C 2 -47.28 -26.51 -3.48
C ALA C 2 -48.25 -25.55 -4.18
N LYS C 3 -49.12 -24.92 -3.38
CA LYS C 3 -50.16 -24.04 -3.92
C LYS C 3 -49.56 -23.00 -4.86
N VAL C 4 -49.97 -23.05 -6.12
CA VAL C 4 -49.48 -22.15 -7.16
C VAL C 4 -50.60 -21.18 -7.55
N TYR C 5 -50.22 -19.91 -7.73
CA TYR C 5 -51.17 -18.85 -8.05
C TYR C 5 -50.94 -18.34 -9.47
N LYS C 6 -52.03 -18.12 -10.20
CA LYS C 6 -51.97 -17.51 -11.52
C LYS C 6 -52.22 -16.01 -11.50
N ASP C 7 -52.77 -15.49 -10.42
CA ASP C 7 -52.99 -14.06 -10.27
C ASP C 7 -52.60 -13.67 -8.86
N LEU C 8 -52.32 -12.38 -8.67
CA LEU C 8 -51.94 -11.88 -7.35
C LEU C 8 -53.07 -11.98 -6.35
N ARG C 9 -54.32 -11.93 -6.82
CA ARG C 9 -55.45 -11.91 -5.89
C ARG C 9 -55.54 -13.21 -5.09
N GLU C 10 -55.18 -14.34 -5.70
CA GLU C 10 -55.20 -15.61 -4.98
C GLU C 10 -54.28 -15.58 -3.76
N PHE C 11 -53.11 -14.95 -3.89
CA PHE C 11 -52.18 -14.90 -2.77
C PHE C 11 -52.77 -14.17 -1.57
N LEU C 12 -53.39 -13.01 -1.81
CA LEU C 12 -53.95 -12.26 -0.68
C LEU C 12 -54.99 -13.08 0.07
N GLU C 13 -55.80 -13.84 -0.66
CA GLU C 13 -56.76 -14.72 -0.01
C GLU C 13 -56.07 -15.76 0.86
N VAL C 14 -54.98 -16.35 0.34
CA VAL C 14 -54.23 -17.34 1.12
C VAL C 14 -53.58 -16.68 2.34
N LEU C 15 -53.00 -15.49 2.16
CA LEU C 15 -52.42 -14.79 3.30
C LEU C 15 -53.46 -14.54 4.38
N GLU C 16 -54.69 -14.23 3.97
CA GLU C 16 -55.75 -13.96 4.94
C GLU C 16 -56.18 -15.25 5.63
N GLN C 17 -56.28 -16.34 4.88
CA GLN C 17 -56.62 -17.62 5.49
C GLN C 17 -55.57 -18.06 6.49
N GLU C 18 -54.32 -17.63 6.31
CA GLU C 18 -53.23 -17.97 7.22
C GLU C 18 -53.03 -16.92 8.29
N GLY C 19 -53.91 -15.93 8.39
CA GLY C 19 -53.75 -14.88 9.39
C GLY C 19 -52.54 -14.02 9.15
N GLN C 20 -52.13 -13.86 7.89
CA GLN C 20 -50.99 -13.02 7.53
C GLN C 20 -51.42 -11.83 6.69
N LEU C 21 -52.68 -11.41 6.83
CA LEU C 21 -53.20 -10.24 6.13
C LEU C 21 -54.27 -9.60 6.99
N ILE C 22 -54.20 -8.28 7.12
CA ILE C 22 -55.17 -7.50 7.89
C ILE C 22 -55.83 -6.50 6.96
N ARG C 23 -57.11 -6.24 7.20
CA ARG C 23 -57.89 -5.34 6.37
C ARG C 23 -58.08 -4.03 7.12
N VAL C 24 -57.78 -2.92 6.45
CA VAL C 24 -58.01 -1.59 7.00
C VAL C 24 -59.35 -1.11 6.45
N LYS C 25 -60.43 -1.37 7.19
CA LYS C 25 -61.76 -1.03 6.72
C LYS C 25 -62.01 0.47 6.76
N GLU C 26 -61.41 1.17 7.72
CA GLU C 26 -61.59 2.60 7.85
C GLU C 26 -60.97 3.34 6.67
N GLU C 27 -61.61 4.45 6.27
CA GLU C 27 -61.01 5.32 5.28
C GLU C 27 -59.81 6.03 5.87
N VAL C 28 -58.75 6.19 5.07
CA VAL C 28 -57.51 6.78 5.56
C VAL C 28 -56.86 7.57 4.42
N ASN C 29 -56.52 8.82 4.68
CA ASN C 29 -55.88 9.64 3.66
C ASN C 29 -54.46 9.14 3.38
N PRO C 30 -53.99 9.29 2.15
CA PRO C 30 -52.83 8.50 1.71
C PRO C 30 -51.48 9.00 2.18
N GLU C 31 -51.35 10.27 2.55
CA GLU C 31 -50.01 10.83 2.64
C GLU C 31 -49.19 10.21 3.76
N PRO C 32 -49.55 10.44 5.03
CA PRO C 32 -48.71 9.94 6.12
C PRO C 32 -49.01 8.52 6.55
N ASP C 33 -50.08 7.91 6.04
CA ASP C 33 -50.64 6.69 6.60
C ASP C 33 -50.18 5.42 5.88
N ILE C 34 -50.33 5.37 4.55
CA ILE C 34 -49.94 4.17 3.82
C ILE C 34 -48.47 3.86 4.05
N ALA C 35 -47.64 4.91 4.13
CA ALA C 35 -46.23 4.71 4.45
C ALA C 35 -46.06 4.24 5.88
N ALA C 36 -46.74 4.88 6.83
CA ALA C 36 -46.57 4.53 8.23
C ALA C 36 -46.98 3.08 8.49
N ALA C 37 -48.10 2.66 7.90
CA ALA C 37 -48.55 1.28 8.10
C ALA C 37 -47.52 0.29 7.57
N GLY C 38 -46.91 0.60 6.41
CA GLY C 38 -45.90 -0.30 5.87
C GLY C 38 -44.69 -0.43 6.75
N ARG C 39 -44.20 0.70 7.29
CA ARG C 39 -43.07 0.65 8.22
C ARG C 39 -43.47 -0.03 9.53
N ALA C 40 -44.66 0.29 10.05
CA ALA C 40 -45.12 -0.34 11.28
C ALA C 40 -45.27 -1.85 11.11
N ALA C 41 -45.79 -2.29 9.97
CA ALA C 41 -45.96 -3.71 9.73
C ALA C 41 -44.62 -4.44 9.81
N ALA C 42 -43.60 -3.92 9.10
CA ALA C 42 -42.28 -4.52 9.17
C ALA C 42 -41.68 -4.40 10.56
N ASN C 43 -42.00 -3.32 11.28
CA ASN C 43 -41.49 -3.14 12.63
C ASN C 43 -42.00 -4.21 13.59
N LEU C 44 -43.04 -4.95 13.21
CA LEU C 44 -43.59 -5.97 14.11
C LEU C 44 -42.59 -7.06 14.43
N GLY C 45 -41.50 -7.16 13.67
CA GLY C 45 -40.43 -8.09 13.98
C GLY C 45 -40.56 -9.45 13.30
N LYS C 46 -41.57 -10.22 13.70
CA LYS C 46 -41.79 -11.57 13.17
C LYS C 46 -43.24 -11.74 12.79
N ASN C 47 -43.48 -12.68 11.89
CA ASN C 47 -44.84 -13.00 11.44
C ASN C 47 -45.55 -11.75 10.94
N GLN C 48 -44.80 -10.86 10.30
CA GLN C 48 -45.36 -9.61 9.83
C GLN C 48 -46.41 -9.88 8.75
N PRO C 49 -47.60 -9.31 8.87
CA PRO C 49 -48.64 -9.55 7.87
C PRO C 49 -48.65 -8.48 6.79
N ALA C 50 -49.37 -8.80 5.71
CA ALA C 50 -49.70 -7.81 4.70
C ALA C 50 -50.93 -7.02 5.13
N VAL C 51 -50.91 -5.71 4.86
CA VAL C 51 -52.02 -4.83 5.20
C VAL C 51 -52.72 -4.39 3.93
N PHE C 52 -54.05 -4.48 3.93
CA PHE C 52 -54.88 -4.16 2.78
C PHE C 52 -55.74 -2.95 3.11
N PHE C 53 -55.54 -1.85 2.39
CA PHE C 53 -56.33 -0.65 2.58
C PHE C 53 -57.53 -0.68 1.66
N GLU C 54 -58.73 -0.63 2.25
CA GLU C 54 -59.95 -0.73 1.46
C GLU C 54 -60.41 0.62 0.91
N LYS C 55 -60.15 1.71 1.62
CA LYS C 55 -60.63 3.02 1.19
C LYS C 55 -59.53 4.06 1.39
N ILE C 56 -59.29 4.86 0.36
CA ILE C 56 -58.32 5.94 0.38
C ILE C 56 -59.03 7.25 0.09
N LYS C 57 -58.59 8.34 0.73
CA LYS C 57 -59.38 9.56 0.80
C LYS C 57 -59.86 10.01 -0.58
N GLY C 58 -58.94 10.10 -1.54
CA GLY C 58 -59.31 10.69 -2.82
C GLY C 58 -59.63 9.71 -3.93
N TYR C 59 -59.15 8.48 -3.81
CA TYR C 59 -59.19 7.52 -4.90
C TYR C 59 -60.36 6.55 -4.73
N LYS C 60 -60.64 5.80 -5.80
CA LYS C 60 -61.73 4.84 -5.84
C LYS C 60 -61.31 3.45 -5.37
N TYR C 61 -60.09 3.01 -5.71
CA TYR C 61 -59.67 1.62 -5.50
C TYR C 61 -58.77 1.51 -4.28
N SER C 62 -58.18 0.33 -4.08
CA SER C 62 -57.48 -0.05 -2.86
C SER C 62 -56.00 -0.35 -3.11
N VAL C 63 -55.26 -0.59 -2.02
CA VAL C 63 -53.83 -0.87 -2.07
C VAL C 63 -53.45 -1.95 -1.06
N VAL C 64 -52.30 -2.58 -1.29
CA VAL C 64 -51.69 -3.57 -0.42
C VAL C 64 -50.21 -3.22 -0.30
N THR C 65 -49.66 -3.30 0.92
CA THR C 65 -48.28 -2.87 1.13
C THR C 65 -47.31 -3.98 1.49
N ASN C 66 -47.53 -4.68 2.60
CA ASN C 66 -46.50 -5.61 3.10
C ASN C 66 -46.72 -7.05 2.60
N VAL C 67 -46.86 -7.22 1.29
CA VAL C 67 -47.16 -8.54 0.74
C VAL C 67 -45.99 -9.50 0.98
N HIS C 68 -44.76 -9.07 0.71
CA HIS C 68 -43.60 -9.94 0.86
C HIS C 68 -42.85 -9.72 2.17
N GLY C 69 -43.38 -8.91 3.08
CA GLY C 69 -42.58 -8.42 4.19
C GLY C 69 -42.45 -9.30 5.42
N SER C 70 -42.24 -10.60 5.24
CA SER C 70 -42.00 -11.48 6.38
C SER C 70 -41.67 -12.86 5.86
N TRP C 71 -40.98 -13.64 6.70
CA TRP C 71 -40.66 -15.01 6.32
C TRP C 71 -41.91 -15.86 6.15
N GLN C 72 -42.96 -15.57 6.92
CA GLN C 72 -44.22 -16.30 6.79
C GLN C 72 -44.80 -16.11 5.40
N ASN C 73 -44.93 -14.86 4.96
CA ASN C 73 -45.41 -14.60 3.61
C ASN C 73 -44.47 -15.18 2.57
N HIS C 74 -43.16 -15.07 2.82
CA HIS C 74 -42.19 -15.60 1.86
C HIS C 74 -42.36 -17.10 1.67
N ALA C 75 -42.64 -17.83 2.76
CA ALA C 75 -42.84 -19.27 2.65
C ALA C 75 -44.14 -19.58 1.92
N LEU C 76 -45.22 -18.86 2.26
CA LEU C 76 -46.49 -19.06 1.56
C LEU C 76 -46.37 -18.75 0.08
N MET C 77 -45.48 -17.82 -0.30
CA MET C 77 -45.27 -17.55 -1.72
C MET C 77 -44.80 -18.80 -2.45
N LEU C 78 -43.93 -19.59 -1.83
CA LEU C 78 -43.43 -20.81 -2.44
C LEU C 78 -44.39 -21.98 -2.30
N GLY C 79 -45.59 -21.77 -1.76
CA GLY C 79 -46.53 -22.86 -1.55
C GLY C 79 -46.16 -23.76 -0.40
N LEU C 80 -45.26 -23.32 0.47
CA LEU C 80 -44.80 -24.10 1.61
C LEU C 80 -45.56 -23.71 2.88
N ASP C 81 -45.30 -24.46 3.94
CA ASP C 81 -45.92 -24.18 5.23
C ASP C 81 -45.53 -22.80 5.73
N LYS C 82 -46.48 -22.13 6.39
CA LYS C 82 -46.25 -20.75 6.81
C LYS C 82 -45.03 -20.60 7.71
N ASN C 83 -44.69 -21.64 8.47
CA ASN C 83 -43.58 -21.58 9.40
C ASN C 83 -42.34 -22.30 8.89
N THR C 84 -42.28 -22.61 7.60
CA THR C 84 -41.11 -23.25 7.04
C THR C 84 -39.88 -22.38 7.30
N SER C 85 -38.79 -23.03 7.72
CA SER C 85 -37.61 -22.31 8.17
C SER C 85 -36.89 -21.62 7.00
N THR C 86 -35.93 -20.77 7.36
CA THR C 86 -35.13 -20.06 6.36
C THR C 86 -34.32 -21.06 5.52
N LYS C 87 -33.59 -21.95 6.19
CA LYS C 87 -32.76 -22.92 5.46
C LYS C 87 -33.61 -23.91 4.67
N ASP C 88 -34.83 -24.18 5.14
CA ASP C 88 -35.74 -25.05 4.37
C ASP C 88 -36.15 -24.39 3.06
N GLN C 89 -36.50 -23.11 3.08
CA GLN C 89 -36.89 -22.42 1.86
C GLN C 89 -35.71 -22.30 0.90
N PHE C 90 -34.52 -21.98 1.44
CA PHE C 90 -33.33 -21.88 0.60
C PHE C 90 -33.05 -23.20 -0.12
N TYR C 91 -33.26 -24.33 0.57
CA TYR C 91 -33.04 -25.61 -0.08
C TYR C 91 -34.12 -25.90 -1.11
N GLU C 92 -35.34 -25.41 -0.87
CA GLU C 92 -36.41 -25.62 -1.85
C GLU C 92 -36.18 -24.82 -3.13
N LEU C 93 -35.70 -23.58 -3.00
CA LEU C 93 -35.36 -22.81 -4.19
C LEU C 93 -34.19 -23.44 -4.95
N ASN C 94 -33.21 -23.96 -4.22
CA ASN C 94 -32.06 -24.59 -4.86
C ASN C 94 -32.49 -25.77 -5.73
N ARG C 95 -33.60 -26.42 -5.37
CA ARG C 95 -34.07 -27.57 -6.15
C ARG C 95 -34.88 -27.11 -7.35
N ARG C 96 -35.94 -26.32 -7.12
CA ARG C 96 -36.78 -25.88 -8.23
C ARG C 96 -35.99 -25.11 -9.28
N TRP C 97 -34.90 -24.47 -8.87
CA TRP C 97 -34.08 -23.69 -9.79
C TRP C 97 -33.56 -24.53 -10.94
N ASP C 98 -33.25 -25.80 -10.68
CA ASP C 98 -32.63 -26.66 -11.68
C ASP C 98 -33.61 -27.12 -12.74
N LYS C 99 -34.90 -26.76 -12.62
CA LYS C 99 -35.89 -27.02 -13.66
C LYS C 99 -35.98 -25.87 -14.66
N PHE C 100 -34.90 -25.12 -14.87
CA PHE C 100 -34.97 -23.75 -15.37
C PHE C 100 -35.91 -23.58 -16.55
N PRO C 101 -35.62 -24.17 -17.71
CA PRO C 101 -36.46 -23.85 -18.87
C PRO C 101 -37.84 -24.46 -18.76
N VAL C 102 -38.82 -23.62 -18.42
CA VAL C 102 -40.22 -24.02 -18.33
C VAL C 102 -41.01 -23.04 -19.19
N PRO C 103 -41.14 -23.29 -20.49
CA PRO C 103 -41.73 -22.28 -21.38
C PRO C 103 -43.09 -21.84 -20.88
N PRO C 104 -43.33 -20.53 -20.80
CA PRO C 104 -44.63 -20.04 -20.34
C PRO C 104 -45.74 -20.36 -21.33
N ASN C 105 -46.96 -20.22 -20.84
CA ASN C 105 -48.16 -20.54 -21.62
C ASN C 105 -48.78 -19.25 -22.12
N VAL C 106 -48.83 -19.10 -23.44
CA VAL C 106 -49.44 -17.94 -24.08
C VAL C 106 -50.94 -18.17 -24.19
N VAL C 107 -51.73 -17.17 -23.80
CA VAL C 107 -53.18 -17.26 -23.81
C VAL C 107 -53.75 -16.18 -24.72
N LYS C 108 -54.98 -16.40 -25.16
CA LYS C 108 -55.66 -15.40 -25.97
C LYS C 108 -55.98 -14.16 -25.15
N ARG C 109 -56.18 -13.04 -25.85
CA ARG C 109 -56.40 -11.78 -25.15
C ARG C 109 -57.68 -11.82 -24.31
N GLU C 110 -58.72 -12.50 -24.81
CA GLU C 110 -59.98 -12.54 -24.07
C GLU C 110 -59.82 -13.23 -22.72
N ALA C 111 -58.85 -14.14 -22.60
CA ALA C 111 -58.67 -14.93 -21.38
C ALA C 111 -57.84 -14.23 -20.31
N ALA C 112 -57.24 -13.09 -20.61
CA ALA C 112 -56.36 -12.41 -19.66
C ALA C 112 -57.16 -11.39 -18.86
N PRO C 113 -57.28 -11.53 -17.54
CA PRO C 113 -58.04 -10.53 -16.76
C PRO C 113 -57.46 -9.13 -16.85
N CYS C 114 -56.16 -9.01 -17.10
CA CYS C 114 -55.52 -7.69 -17.19
C CYS C 114 -56.00 -6.91 -18.41
N LYS C 115 -56.66 -7.56 -19.36
CA LYS C 115 -57.18 -6.90 -20.55
C LYS C 115 -58.67 -6.55 -20.41
N GLU C 116 -59.22 -6.66 -19.20
CA GLU C 116 -60.65 -6.41 -19.01
C GLU C 116 -61.02 -4.97 -19.36
N ASN C 117 -60.19 -4.01 -18.95
CA ASN C 117 -60.45 -2.59 -19.19
C ASN C 117 -59.27 -1.96 -19.92
N VAL C 118 -59.58 -1.06 -20.85
CA VAL C 118 -58.57 -0.37 -21.65
C VAL C 118 -58.83 1.13 -21.60
N ILE C 119 -57.77 1.89 -21.41
CA ILE C 119 -57.81 3.35 -21.41
C ILE C 119 -56.93 3.83 -22.55
N ASP C 120 -57.53 4.48 -23.54
CA ASP C 120 -56.80 4.95 -24.70
C ASP C 120 -56.89 6.45 -24.91
N LYS C 121 -58.00 7.09 -24.52
CA LYS C 121 -58.13 8.55 -24.61
C LYS C 121 -57.35 9.18 -23.47
N ASP C 122 -57.59 10.46 -23.19
CA ASP C 122 -56.78 11.20 -22.24
C ASP C 122 -56.42 10.36 -21.02
N ILE C 123 -55.13 10.12 -20.84
CA ILE C 123 -54.61 9.13 -19.89
C ILE C 123 -54.41 9.77 -18.52
N ASN C 124 -54.80 9.06 -17.46
CA ASN C 124 -54.65 9.56 -16.09
C ASN C 124 -54.36 8.38 -15.17
N LEU C 125 -53.15 8.35 -14.59
CA LEU C 125 -52.78 7.29 -13.67
C LEU C 125 -53.56 7.36 -12.37
N PHE C 126 -53.88 8.57 -11.91
CA PHE C 126 -54.57 8.75 -10.63
C PHE C 126 -55.98 8.18 -10.65
N GLU C 127 -56.59 8.04 -11.82
CA GLU C 127 -57.94 7.48 -11.90
C GLU C 127 -57.98 6.06 -11.35
N ILE C 128 -56.94 5.27 -11.61
CA ILE C 128 -56.98 3.85 -11.29
C ILE C 128 -55.99 3.46 -10.19
N LEU C 129 -54.91 4.21 -10.00
CA LEU C 129 -53.90 3.86 -9.01
C LEU C 129 -53.89 4.87 -7.87
N PRO C 130 -54.15 4.44 -6.63
CA PRO C 130 -54.11 5.38 -5.50
C PRO C 130 -52.69 5.83 -5.19
N LEU C 131 -52.16 6.74 -5.99
CA LEU C 131 -50.78 7.18 -5.80
C LEU C 131 -50.61 7.90 -4.47
N TYR C 132 -49.52 7.57 -3.77
CA TYR C 132 -49.22 8.17 -2.48
C TYR C 132 -47.72 8.37 -2.36
N ARG C 133 -47.32 9.18 -1.38
CA ARG C 133 -45.91 9.43 -1.14
C ARG C 133 -45.39 8.45 -0.08
N ILE C 134 -44.25 7.85 -0.35
CA ILE C 134 -43.72 6.78 0.50
C ILE C 134 -42.92 7.35 1.66
N ASN C 135 -42.01 8.28 1.40
CA ASN C 135 -41.23 8.92 2.44
C ASN C 135 -41.35 10.43 2.32
N GLU C 136 -41.11 11.12 3.43
CA GLU C 136 -41.44 12.54 3.52
C GLU C 136 -40.78 13.34 2.40
N GLN C 137 -39.46 13.21 2.26
CA GLN C 137 -38.69 14.03 1.33
C GLN C 137 -38.61 13.45 -0.08
N ASP C 138 -39.38 12.42 -0.39
CA ASP C 138 -39.41 11.88 -1.75
C ASP C 138 -39.79 12.97 -2.73
N GLY C 139 -39.21 12.90 -3.93
CA GLY C 139 -39.49 13.88 -4.96
C GLY C 139 -40.91 13.82 -5.53
N GLY C 140 -41.68 12.79 -5.19
CA GLY C 140 -43.03 12.67 -5.68
C GLY C 140 -43.63 11.33 -5.30
N PHE C 141 -44.70 10.97 -5.99
CA PHE C 141 -45.37 9.70 -5.76
C PHE C 141 -44.70 8.60 -6.56
N TYR C 142 -44.41 7.48 -5.89
CA TYR C 142 -43.54 6.46 -6.46
C TYR C 142 -44.28 5.13 -6.56
N ILE C 143 -43.79 4.30 -7.49
CA ILE C 143 -44.30 2.94 -7.71
C ILE C 143 -43.12 2.00 -7.48
N SER C 144 -42.99 1.49 -6.25
CA SER C 144 -41.81 0.72 -5.87
C SER C 144 -41.86 -0.70 -6.41
N LYS C 145 -42.85 -1.48 -5.96
CA LYS C 145 -42.97 -2.87 -6.38
C LYS C 145 -43.65 -2.90 -7.76
N ALA C 146 -42.84 -3.11 -8.80
CA ALA C 146 -43.34 -3.11 -10.17
C ALA C 146 -42.44 -3.97 -11.03
N SER C 147 -43.05 -4.83 -11.84
CA SER C 147 -42.32 -5.70 -12.77
C SER C 147 -42.35 -5.05 -14.15
N VAL C 148 -41.18 -4.74 -14.67
CA VAL C 148 -41.04 -3.96 -15.91
C VAL C 148 -40.55 -4.88 -17.02
N VAL C 149 -41.24 -4.85 -18.15
CA VAL C 149 -40.96 -5.74 -19.27
C VAL C 149 -40.41 -4.92 -20.43
N THR C 150 -39.20 -5.27 -20.88
CA THR C 150 -38.59 -4.66 -22.05
C THR C 150 -37.93 -5.74 -22.90
N ALA C 151 -37.79 -5.45 -24.19
CA ALA C 151 -37.23 -6.39 -25.15
C ALA C 151 -36.05 -5.75 -25.87
N ASP C 152 -35.11 -6.59 -26.31
CA ASP C 152 -33.91 -6.11 -26.97
C ASP C 152 -34.25 -5.53 -28.33
N PRO C 153 -33.92 -4.26 -28.60
CA PRO C 153 -34.21 -3.70 -29.93
C PRO C 153 -33.48 -4.41 -31.04
N GLU C 154 -32.26 -4.88 -30.79
CA GLU C 154 -31.49 -5.55 -31.83
C GLU C 154 -32.05 -6.93 -32.15
N TYR C 155 -32.56 -7.63 -31.15
CA TYR C 155 -33.13 -8.97 -31.31
C TYR C 155 -34.51 -9.01 -30.67
N PRO C 156 -35.48 -8.33 -31.27
CA PRO C 156 -36.82 -8.28 -30.68
C PRO C 156 -37.58 -9.59 -30.75
N ASP C 157 -37.14 -10.54 -31.58
CA ASP C 157 -37.82 -11.82 -31.69
C ASP C 157 -37.29 -12.87 -30.73
N ASP C 158 -36.10 -12.66 -30.18
CA ASP C 158 -35.50 -13.60 -29.23
C ASP C 158 -36.21 -13.49 -27.89
N PHE C 159 -37.02 -14.49 -27.53
CA PHE C 159 -37.73 -14.45 -26.27
C PHE C 159 -36.80 -14.47 -25.07
N ASN C 160 -35.59 -15.04 -25.23
CA ASN C 160 -34.65 -15.07 -24.11
C ASN C 160 -34.19 -13.68 -23.72
N LYS C 161 -33.98 -12.80 -24.70
CA LYS C 161 -33.53 -11.46 -24.42
C LYS C 161 -34.66 -10.54 -23.97
N LEU C 162 -35.89 -11.02 -23.93
CA LEU C 162 -36.96 -10.33 -23.23
C LEU C 162 -36.71 -10.46 -21.73
N ASN C 163 -36.52 -9.33 -21.05
CA ASN C 163 -36.20 -9.34 -19.63
C ASN C 163 -37.25 -8.54 -18.88
N VAL C 164 -37.63 -9.05 -17.72
CA VAL C 164 -38.51 -8.38 -16.79
C VAL C 164 -37.76 -8.16 -15.48
N GLY C 165 -37.77 -6.92 -15.00
CA GLY C 165 -37.09 -6.59 -13.76
C GLY C 165 -37.86 -5.52 -13.04
N THR C 166 -37.40 -5.20 -11.82
CA THR C 166 -38.06 -4.23 -10.98
C THR C 166 -37.23 -2.95 -10.94
N TYR C 167 -37.90 -1.81 -11.16
CA TYR C 167 -37.26 -0.50 -11.15
C TYR C 167 -38.20 0.51 -10.52
N ARG C 168 -37.64 1.46 -9.78
CA ARG C 168 -38.46 2.46 -9.11
C ARG C 168 -38.94 3.50 -10.11
N ILE C 169 -40.19 3.92 -9.97
CA ILE C 169 -40.87 4.75 -10.96
C ILE C 169 -41.51 5.93 -10.25
N GLN C 170 -41.08 7.14 -10.60
CA GLN C 170 -41.64 8.37 -10.05
C GLN C 170 -42.71 8.92 -11.00
N VAL C 171 -43.91 9.14 -10.47
CA VAL C 171 -45.01 9.70 -11.27
C VAL C 171 -44.76 11.19 -11.43
N LYS C 172 -44.69 11.65 -12.68
CA LYS C 172 -44.42 13.06 -12.98
C LYS C 172 -45.57 13.79 -13.65
N ASP C 173 -46.61 13.09 -14.08
CA ASP C 173 -47.77 13.72 -14.69
C ASP C 173 -48.87 12.67 -14.81
N ARG C 174 -50.01 13.08 -15.36
CA ARG C 174 -51.11 12.14 -15.53
C ARG C 174 -50.69 10.94 -16.37
N ASP C 175 -49.77 11.14 -17.33
CA ASP C 175 -49.43 10.13 -18.30
C ASP C 175 -47.93 9.96 -18.50
N ARG C 176 -47.10 10.55 -17.63
CA ARG C 176 -45.66 10.44 -17.76
C ARG C 176 -45.05 10.10 -16.41
N VAL C 177 -44.06 9.21 -16.42
CA VAL C 177 -43.37 8.76 -15.22
C VAL C 177 -41.88 8.71 -15.49
N GLY C 178 -41.10 8.58 -14.43
CA GLY C 178 -39.66 8.47 -14.55
C GLY C 178 -39.15 7.16 -14.01
N ILE C 179 -38.30 6.48 -14.78
CA ILE C 179 -37.81 5.16 -14.39
C ILE C 179 -36.31 5.25 -14.14
N GLN C 180 -35.85 4.52 -13.11
CA GLN C 180 -34.42 4.47 -12.80
C GLN C 180 -33.81 3.31 -13.57
N ALA C 181 -33.32 3.61 -14.78
CA ALA C 181 -32.64 2.62 -15.61
C ALA C 181 -31.17 2.60 -15.17
N LEU C 182 -30.92 1.88 -14.09
CA LEU C 182 -29.57 1.82 -13.55
C LEU C 182 -28.62 1.18 -14.56
N ALA C 183 -27.37 1.66 -14.57
CA ALA C 183 -26.44 1.30 -15.64
C ALA C 183 -26.09 -0.18 -15.62
N MET C 184 -26.06 -0.80 -14.44
CA MET C 184 -25.60 -2.18 -14.34
C MET C 184 -26.71 -3.20 -14.58
N HIS C 185 -27.95 -2.77 -14.72
CA HIS C 185 -29.07 -3.69 -14.89
C HIS C 185 -29.34 -3.95 -16.37
N ASP C 186 -30.14 -4.99 -16.62
CA ASP C 186 -30.36 -5.43 -18.00
C ASP C 186 -31.01 -4.33 -18.83
N ILE C 187 -31.92 -3.56 -18.24
CA ILE C 187 -32.70 -2.60 -19.03
C ILE C 187 -31.77 -1.56 -19.65
N ALA C 188 -30.66 -1.24 -19.00
CA ALA C 188 -29.75 -0.24 -19.54
C ALA C 188 -29.05 -0.73 -20.79
N VAL C 189 -28.84 -2.04 -20.90
CA VAL C 189 -28.24 -2.58 -22.13
C VAL C 189 -29.17 -2.36 -23.31
N GLN C 190 -30.47 -2.59 -23.11
CA GLN C 190 -31.43 -2.38 -24.20
C GLN C 190 -31.65 -0.91 -24.50
N LEU C 191 -31.60 -0.06 -23.46
CA LEU C 191 -31.79 1.37 -23.67
C LEU C 191 -30.65 1.97 -24.49
N GLU C 192 -29.42 1.51 -24.25
CA GLU C 192 -28.28 2.02 -25.02
C GLU C 192 -28.45 1.70 -26.50
N LYS C 193 -28.89 0.49 -26.82
CA LYS C 193 -29.10 0.15 -28.22
C LYS C 193 -30.14 1.04 -28.87
N ALA C 194 -31.20 1.38 -28.13
CA ALA C 194 -32.25 2.23 -28.68
C ALA C 194 -31.80 3.68 -28.81
N GLU C 195 -31.16 4.21 -27.77
CA GLU C 195 -30.72 5.60 -27.80
C GLU C 195 -29.57 5.80 -28.79
N ALA C 196 -28.80 4.77 -29.07
CA ALA C 196 -27.75 4.90 -30.07
C ALA C 196 -28.31 5.15 -31.46
N GLU C 197 -29.60 4.94 -31.66
CA GLU C 197 -30.29 5.22 -32.91
C GLU C 197 -31.37 6.28 -32.74
N ASN C 198 -31.44 6.92 -31.57
CA ASN C 198 -32.48 7.90 -31.28
C ASN C 198 -33.88 7.33 -31.47
N LYS C 199 -34.03 6.04 -31.18
CA LYS C 199 -35.32 5.38 -31.28
C LYS C 199 -35.88 5.09 -29.90
N PRO C 200 -37.19 5.18 -29.72
CA PRO C 200 -37.79 4.89 -28.41
C PRO C 200 -37.68 3.41 -28.08
N LEU C 201 -37.73 3.13 -26.77
CA LEU C 201 -37.67 1.77 -26.29
C LEU C 201 -39.02 1.34 -25.74
N PRO C 202 -39.71 0.39 -26.39
CA PRO C 202 -41.01 -0.05 -25.87
C PRO C 202 -40.85 -0.68 -24.49
N ILE C 203 -41.85 -0.44 -23.64
CA ILE C 203 -41.80 -0.84 -22.25
C ILE C 203 -43.22 -1.15 -21.78
N ALA C 204 -43.33 -2.10 -20.85
CA ALA C 204 -44.61 -2.49 -20.25
C ALA C 204 -44.41 -2.57 -18.75
N ILE C 205 -45.14 -1.74 -18.01
CA ILE C 205 -45.04 -1.68 -16.56
C ILE C 205 -46.23 -2.41 -15.96
N THR C 206 -45.98 -3.53 -15.30
CA THR C 206 -47.02 -4.32 -14.67
C THR C 206 -47.05 -4.09 -13.16
N ILE C 207 -48.25 -4.13 -12.59
CA ILE C 207 -48.47 -3.88 -11.17
C ILE C 207 -49.50 -4.87 -10.65
N GLY C 208 -49.24 -5.42 -9.47
CA GLY C 208 -50.14 -6.39 -8.86
C GLY C 208 -50.09 -7.73 -9.54
N ASN C 209 -48.95 -8.40 -9.47
CA ASN C 209 -48.71 -9.66 -10.16
C ASN C 209 -48.51 -10.79 -9.16
N ASN C 210 -48.49 -12.01 -9.69
CA ASN C 210 -48.03 -13.19 -8.98
C ASN C 210 -46.77 -12.85 -8.19
N PRO C 211 -46.72 -13.19 -6.91
CA PRO C 211 -45.53 -12.85 -6.13
C PRO C 211 -44.26 -13.46 -6.70
N LEU C 212 -44.40 -14.59 -7.40
CA LEU C 212 -43.24 -15.24 -7.98
C LEU C 212 -42.65 -14.44 -9.13
N VAL C 213 -43.50 -13.79 -9.95
CA VAL C 213 -42.97 -12.92 -10.98
C VAL C 213 -42.30 -11.71 -10.34
N THR C 214 -42.97 -11.07 -9.38
CA THR C 214 -42.33 -10.03 -8.59
C THR C 214 -41.04 -10.54 -7.98
N PHE C 215 -41.02 -11.82 -7.59
CA PHE C 215 -39.81 -12.43 -7.06
C PHE C 215 -38.73 -12.48 -8.12
N MET C 216 -39.06 -13.00 -9.30
CA MET C 216 -38.07 -13.12 -10.38
C MET C 216 -37.69 -11.77 -10.94
N ALA C 217 -38.59 -10.79 -10.90
CA ALA C 217 -38.26 -9.44 -11.36
C ALA C 217 -37.01 -8.92 -10.66
N SER C 218 -36.96 -9.08 -9.33
CA SER C 218 -35.84 -8.60 -8.53
C SER C 218 -34.66 -9.57 -8.51
N THR C 219 -34.74 -10.69 -9.25
CA THR C 219 -33.69 -11.69 -9.22
C THR C 219 -32.64 -11.41 -10.30
N PRO C 220 -31.36 -11.41 -9.95
CA PRO C 220 -30.28 -11.06 -10.90
C PRO C 220 -29.83 -12.24 -11.76
N VAL C 221 -30.71 -12.69 -12.65
CA VAL C 221 -30.39 -13.73 -13.62
C VAL C 221 -29.70 -13.10 -14.83
N GLY C 222 -29.13 -13.95 -15.69
CA GLY C 222 -28.43 -13.47 -16.86
C GLY C 222 -29.34 -12.79 -17.88
N TYR C 223 -28.69 -12.04 -18.78
CA TYR C 223 -29.44 -11.29 -19.79
C TYR C 223 -30.20 -12.24 -20.71
N ASN C 224 -29.57 -13.34 -21.12
CA ASN C 224 -30.17 -14.27 -22.06
C ASN C 224 -31.14 -15.23 -21.41
N GLN C 225 -31.57 -14.95 -20.18
CA GLN C 225 -32.49 -15.81 -19.46
C GLN C 225 -33.80 -15.06 -19.25
N ASN C 226 -34.90 -15.68 -19.68
CA ASN C 226 -36.22 -15.10 -19.54
C ASN C 226 -36.78 -15.41 -18.16
N GLU C 227 -37.25 -14.37 -17.46
CA GLU C 227 -37.70 -14.55 -16.09
C GLU C 227 -39.03 -15.32 -16.03
N TYR C 228 -39.87 -15.21 -17.06
CA TYR C 228 -41.10 -15.99 -17.07
C TYR C 228 -40.80 -17.48 -17.03
N GLU C 229 -39.72 -17.91 -17.68
CA GLU C 229 -39.36 -19.32 -17.67
C GLU C 229 -38.87 -19.78 -16.29
N PHE C 230 -38.30 -18.85 -15.51
CA PHE C 230 -37.93 -19.18 -14.13
C PHE C 230 -39.15 -19.32 -13.23
N VAL C 231 -40.20 -18.53 -13.49
CA VAL C 231 -41.42 -18.62 -12.69
C VAL C 231 -42.00 -20.03 -12.76
N GLY C 232 -42.05 -20.60 -13.97
CA GLY C 232 -42.53 -21.97 -14.12
C GLY C 232 -41.71 -22.97 -13.33
N ALA C 233 -40.40 -22.73 -13.22
CA ALA C 233 -39.56 -23.63 -12.44
C ALA C 233 -39.86 -23.51 -10.95
N LEU C 234 -39.97 -22.28 -10.44
CA LEU C 234 -40.29 -22.09 -9.04
C LEU C 234 -41.69 -22.55 -8.68
N GLN C 235 -42.60 -22.62 -9.67
CA GLN C 235 -43.89 -23.25 -9.49
C GLN C 235 -43.83 -24.76 -9.68
N ASP C 236 -42.63 -25.33 -9.64
CA ASP C 236 -42.42 -26.78 -9.65
C ASP C 236 -42.88 -27.42 -10.96
N GLY C 237 -42.67 -26.71 -12.08
CA GLY C 237 -43.00 -27.22 -13.39
C GLY C 237 -44.29 -26.69 -13.97
N VAL C 238 -45.09 -25.97 -13.19
CA VAL C 238 -46.36 -25.43 -13.65
C VAL C 238 -46.10 -24.14 -14.42
N PRO C 239 -46.29 -24.11 -15.74
CA PRO C 239 -46.03 -22.89 -16.50
C PRO C 239 -46.99 -21.77 -16.11
N MET C 240 -46.49 -20.54 -16.16
CA MET C 240 -47.31 -19.37 -15.89
C MET C 240 -47.95 -18.85 -17.16
N ASP C 241 -48.96 -18.01 -16.99
CA ASP C 241 -49.77 -17.52 -18.10
C ASP C 241 -49.35 -16.09 -18.45
N ILE C 242 -49.05 -15.86 -19.74
CA ILE C 242 -48.69 -14.55 -20.23
C ILE C 242 -49.55 -14.24 -21.45
N VAL C 243 -49.68 -12.95 -21.75
CA VAL C 243 -50.43 -12.49 -22.91
C VAL C 243 -49.62 -11.39 -23.59
N LYS C 244 -49.85 -11.24 -24.89
CA LYS C 244 -49.12 -10.24 -25.66
C LYS C 244 -49.61 -8.83 -25.33
N SER C 245 -48.69 -7.88 -25.34
CA SER C 245 -49.04 -6.48 -25.13
C SER C 245 -49.94 -5.99 -26.26
N ASP C 246 -50.78 -5.01 -25.94
CA ASP C 246 -51.68 -4.47 -26.95
C ASP C 246 -50.92 -3.72 -28.03
N LEU C 247 -50.10 -2.75 -27.63
CA LEU C 247 -49.45 -1.87 -28.61
C LEU C 247 -48.18 -2.48 -29.21
N TYR C 248 -47.48 -3.34 -28.47
CA TYR C 248 -46.20 -3.86 -28.91
C TYR C 248 -46.22 -5.39 -28.90
N ASP C 249 -45.94 -5.99 -30.06
CA ASP C 249 -45.54 -7.38 -30.08
C ASP C 249 -44.15 -7.53 -29.47
N HIS C 250 -43.74 -8.77 -29.26
CA HIS C 250 -42.46 -9.03 -28.61
C HIS C 250 -42.51 -8.69 -27.13
N LEU C 251 -43.61 -8.10 -26.67
CA LEU C 251 -43.79 -7.73 -25.27
C LEU C 251 -44.93 -8.54 -24.68
N TYR C 252 -44.62 -9.34 -23.67
CA TYR C 252 -45.58 -10.24 -23.04
C TYR C 252 -45.65 -9.92 -21.55
N VAL C 253 -46.86 -9.82 -21.03
CA VAL C 253 -47.10 -9.47 -19.63
C VAL C 253 -47.88 -10.60 -18.99
N PRO C 254 -47.81 -10.73 -17.67
CA PRO C 254 -48.61 -11.75 -16.97
C PRO C 254 -50.10 -11.53 -17.24
N ALA C 255 -50.84 -12.64 -17.38
CA ALA C 255 -52.26 -12.54 -17.68
C ALA C 255 -53.07 -12.03 -16.49
N GLY C 256 -52.61 -12.29 -15.27
CA GLY C 256 -53.37 -11.94 -14.09
C GLY C 256 -52.91 -10.65 -13.41
N SER C 257 -52.23 -9.78 -14.15
CA SER C 257 -51.78 -8.53 -13.58
C SER C 257 -52.97 -7.62 -13.27
N GLU C 258 -52.84 -6.84 -12.20
CA GLU C 258 -53.88 -5.88 -11.84
C GLU C 258 -53.88 -4.67 -12.76
N VAL C 259 -52.69 -4.16 -13.10
CA VAL C 259 -52.55 -2.99 -13.95
C VAL C 259 -51.37 -3.22 -14.89
N VAL C 260 -51.52 -2.84 -16.15
CA VAL C 260 -50.45 -2.88 -17.13
C VAL C 260 -50.31 -1.51 -17.76
N LEU C 261 -49.11 -0.94 -17.72
CA LEU C 261 -48.82 0.35 -18.32
C LEU C 261 -47.95 0.11 -19.55
N GLU C 262 -48.55 0.29 -20.73
CA GLU C 262 -47.82 0.14 -21.98
C GLU C 262 -47.35 1.51 -22.44
N GLY C 263 -46.06 1.62 -22.72
CA GLY C 263 -45.49 2.90 -23.13
C GLY C 263 -44.13 2.71 -23.75
N HIS C 264 -43.36 3.80 -23.75
CA HIS C 264 -42.02 3.78 -24.32
C HIS C 264 -41.14 4.77 -23.56
N ILE C 265 -39.85 4.45 -23.50
CA ILE C 265 -38.88 5.36 -22.91
C ILE C 265 -38.50 6.41 -23.94
N ILE C 266 -38.66 7.68 -23.58
CA ILE C 266 -38.29 8.78 -24.46
C ILE C 266 -36.77 8.76 -24.65
N PRO C 267 -36.29 8.67 -25.88
CA PRO C 267 -34.84 8.51 -26.09
C PRO C 267 -34.07 9.81 -25.91
N ARG C 268 -32.86 9.67 -25.39
CA ARG C 268 -31.91 10.77 -25.28
C ARG C 268 -32.47 11.95 -24.48
N VAL C 269 -33.25 11.64 -23.45
CA VAL C 269 -33.87 12.65 -22.60
C VAL C 269 -33.71 12.22 -21.15
N ARG C 270 -33.29 13.17 -20.30
CA ARG C 270 -33.17 12.93 -18.86
C ARG C 270 -33.80 14.10 -18.11
N THR C 271 -34.52 13.80 -17.03
CA THR C 271 -35.17 14.80 -16.20
C THR C 271 -34.85 14.53 -14.73
N VAL C 272 -35.31 15.42 -13.87
CA VAL C 272 -34.97 15.41 -12.44
C VAL C 272 -35.81 14.32 -11.75
N GLU C 273 -35.18 13.20 -11.44
CA GLU C 273 -35.81 12.10 -10.73
C GLU C 273 -35.26 12.03 -9.30
N GLY C 274 -36.15 11.81 -8.34
CA GLY C 274 -35.77 11.76 -6.94
C GLY C 274 -35.94 13.10 -6.26
N PRO C 275 -35.47 13.21 -5.01
CA PRO C 275 -34.82 12.13 -4.25
C PRO C 275 -35.80 11.07 -3.77
N PHE C 276 -35.27 9.95 -3.26
CA PHE C 276 -36.11 8.81 -2.93
C PHE C 276 -35.43 7.99 -1.85
N GLY C 277 -36.19 7.67 -0.80
CA GLY C 277 -35.68 6.81 0.26
C GLY C 277 -35.50 5.39 -0.24
N GLU C 278 -34.28 4.85 -0.14
CA GLU C 278 -33.94 3.54 -0.66
C GLU C 278 -33.57 2.59 0.48
N PHE C 279 -33.22 1.36 0.10
CA PHE C 279 -33.06 0.30 1.09
C PHE C 279 -31.92 0.51 2.08
N PRO C 280 -30.85 1.27 1.78
CA PRO C 280 -29.83 1.52 2.79
C PRO C 280 -30.28 2.39 3.96
N GLY C 281 -31.56 2.76 4.02
CA GLY C 281 -32.09 3.57 5.10
C GLY C 281 -31.90 5.07 4.93
N SER C 282 -31.39 5.52 3.79
CA SER C 282 -31.13 6.93 3.55
C SER C 282 -31.80 7.34 2.25
N TYR C 283 -32.01 8.66 2.11
CA TYR C 283 -32.49 9.21 0.85
C TYR C 283 -31.38 9.14 -0.19
N SER C 284 -31.73 8.70 -1.40
CA SER C 284 -30.80 8.73 -2.52
C SER C 284 -31.01 10.04 -3.28
N GLY C 285 -29.91 10.75 -3.57
CA GLY C 285 -30.02 12.08 -4.11
C GLY C 285 -30.72 12.10 -5.46
N ALA C 286 -31.27 13.27 -5.79
CA ALA C 286 -31.95 13.44 -7.06
C ALA C 286 -30.94 13.43 -8.19
N ARG C 287 -31.27 12.74 -9.27
CA ARG C 287 -30.39 12.64 -10.43
C ARG C 287 -31.20 12.85 -11.70
N LEU C 288 -30.51 12.99 -12.82
CA LEU C 288 -31.15 13.11 -14.13
C LEU C 288 -31.35 11.72 -14.69
N GLN C 289 -32.60 11.28 -14.77
CA GLN C 289 -32.92 9.92 -15.18
C GLN C 289 -33.97 9.93 -16.28
N CYS C 290 -34.20 8.75 -16.86
CA CYS C 290 -35.04 8.62 -18.03
C CYS C 290 -36.50 8.95 -17.71
N GLU C 291 -37.23 9.31 -18.77
CA GLU C 291 -38.66 9.55 -18.71
C GLU C 291 -39.38 8.52 -19.56
N VAL C 292 -40.56 8.12 -19.12
CA VAL C 292 -41.40 7.17 -19.85
C VAL C 292 -42.75 7.82 -20.11
N LYS C 293 -43.26 7.68 -21.33
CA LYS C 293 -44.56 8.18 -21.71
C LYS C 293 -45.55 7.01 -21.75
N ILE C 294 -46.64 7.12 -20.99
CA ILE C 294 -47.65 6.06 -20.96
C ILE C 294 -48.62 6.26 -22.13
N ASP C 295 -48.69 5.27 -23.01
CA ASP C 295 -49.51 5.34 -24.20
C ASP C 295 -50.89 4.69 -24.02
N ARG C 296 -51.02 3.75 -23.10
CA ARG C 296 -52.27 3.02 -22.94
C ARG C 296 -52.23 2.24 -21.65
N ILE C 297 -53.40 2.04 -21.04
CA ILE C 297 -53.54 1.32 -19.78
C ILE C 297 -54.56 0.21 -19.93
N THR C 298 -54.17 -1.00 -19.52
CA THR C 298 -55.08 -2.12 -19.38
C THR C 298 -55.06 -2.57 -17.92
N HIS C 299 -56.24 -2.88 -17.37
CA HIS C 299 -56.33 -3.20 -15.96
C HIS C 299 -57.59 -4.01 -15.70
N ARG C 300 -57.56 -4.77 -14.61
CA ARG C 300 -58.72 -5.53 -14.17
C ARG C 300 -59.69 -4.61 -13.44
N THR C 301 -60.98 -4.98 -13.47
CA THR C 301 -61.99 -4.22 -12.75
C THR C 301 -61.73 -4.30 -11.24
N ASN C 302 -61.83 -3.14 -10.58
CA ASN C 302 -61.46 -3.02 -9.17
C ASN C 302 -60.00 -3.44 -8.98
N PRO C 303 -59.06 -2.73 -9.58
CA PRO C 303 -57.65 -3.10 -9.46
C PRO C 303 -57.11 -2.86 -8.06
N ILE C 304 -56.06 -3.62 -7.72
CA ILE C 304 -55.40 -3.52 -6.42
C ILE C 304 -53.98 -3.04 -6.66
N PHE C 305 -53.55 -2.05 -5.88
CA PHE C 305 -52.24 -1.43 -6.03
C PHE C 305 -51.25 -2.12 -5.10
N GLU C 306 -50.36 -2.94 -5.67
CA GLU C 306 -49.33 -3.65 -4.91
C GLU C 306 -48.08 -2.78 -4.87
N ASN C 307 -47.95 -2.01 -3.79
CA ASN C 307 -46.78 -1.19 -3.53
C ASN C 307 -46.13 -1.65 -2.22
N LEU C 308 -44.92 -1.15 -1.97
CA LEU C 308 -44.18 -1.52 -0.77
C LEU C 308 -43.58 -0.27 -0.13
N TYR C 309 -43.20 -0.41 1.13
CA TYR C 309 -42.48 0.64 1.84
C TYR C 309 -40.98 0.34 1.84
N LEU C 310 -40.18 1.41 1.81
CA LEU C 310 -38.73 1.31 1.83
C LEU C 310 -38.16 2.25 2.87
N GLY C 311 -37.01 1.87 3.42
CA GLY C 311 -36.37 2.70 4.42
C GLY C 311 -35.29 1.98 5.21
N ILE C 312 -35.23 2.28 6.50
CA ILE C 312 -34.20 1.69 7.37
C ILE C 312 -34.30 0.17 7.33
N PRO C 313 -33.19 -0.54 7.14
CA PRO C 313 -33.26 -1.88 6.54
C PRO C 313 -34.14 -2.86 7.30
N TRP C 314 -34.40 -3.96 6.60
CA TRP C 314 -35.43 -4.93 6.95
C TRP C 314 -36.80 -4.26 6.99
N THR C 315 -37.10 -3.56 5.90
CA THR C 315 -38.45 -3.27 5.45
C THR C 315 -38.91 -4.43 4.58
N GLU C 316 -40.04 -4.27 3.90
CA GLU C 316 -40.54 -5.35 3.05
C GLU C 316 -39.50 -5.75 2.02
N ILE C 317 -38.78 -4.78 1.46
CA ILE C 317 -37.89 -5.04 0.33
C ILE C 317 -36.75 -5.97 0.75
N ASP C 318 -36.25 -5.82 1.98
CA ASP C 318 -35.13 -6.65 2.42
C ASP C 318 -35.53 -8.11 2.52
N TYR C 319 -36.78 -8.39 2.88
CA TYR C 319 -37.26 -9.77 2.85
C TYR C 319 -37.37 -10.29 1.42
N LEU C 320 -37.90 -9.46 0.51
CA LEU C 320 -38.09 -9.91 -0.87
C LEU C 320 -36.77 -10.33 -1.50
N MET C 321 -35.73 -9.50 -1.34
CA MET C 321 -34.44 -9.72 -1.98
C MET C 321 -33.49 -10.59 -1.16
N ALA C 322 -33.91 -11.04 0.03
CA ALA C 322 -32.99 -11.80 0.88
C ALA C 322 -32.51 -13.07 0.18
N LEU C 323 -33.45 -13.85 -0.36
CA LEU C 323 -33.08 -15.13 -0.96
C LEU C 323 -32.97 -15.08 -2.47
N ASN C 324 -33.74 -14.23 -3.14
CA ASN C 324 -33.64 -14.16 -4.59
C ASN C 324 -32.31 -13.59 -5.06
N THR C 325 -31.51 -13.03 -4.15
CA THR C 325 -30.17 -12.58 -4.51
C THR C 325 -29.12 -13.64 -4.21
N SER C 326 -29.31 -14.40 -3.13
CA SER C 326 -28.31 -15.39 -2.75
C SER C 326 -28.37 -16.64 -3.64
N VAL C 327 -29.57 -17.06 -4.05
CA VAL C 327 -29.69 -18.30 -4.81
C VAL C 327 -29.00 -18.20 -6.17
N PRO C 328 -29.27 -17.21 -7.01
CA PRO C 328 -28.60 -17.13 -8.31
C PRO C 328 -27.10 -16.91 -8.19
N LEU C 329 -26.65 -16.16 -7.18
CA LEU C 329 -25.21 -16.02 -6.98
C LEU C 329 -24.57 -17.37 -6.66
N TYR C 330 -25.24 -18.18 -5.83
CA TYR C 330 -24.72 -19.50 -5.52
C TYR C 330 -24.67 -20.36 -6.78
N LYS C 331 -25.75 -20.36 -7.56
CA LYS C 331 -25.77 -21.16 -8.77
C LYS C 331 -24.73 -20.69 -9.78
N GLN C 332 -24.59 -19.37 -9.94
CA GLN C 332 -23.62 -18.85 -10.90
C GLN C 332 -22.21 -19.25 -10.52
N LEU C 333 -21.88 -19.18 -9.22
CA LEU C 333 -20.57 -19.62 -8.76
C LEU C 333 -20.39 -21.12 -8.92
N LYS C 334 -21.41 -21.89 -8.52
CA LYS C 334 -21.27 -23.35 -8.51
C LYS C 334 -21.00 -23.91 -9.91
N GLU C 335 -21.49 -23.24 -10.95
CA GLU C 335 -21.33 -23.77 -12.30
C GLU C 335 -19.86 -23.89 -12.67
N THR C 336 -19.05 -22.89 -12.32
CA THR C 336 -17.63 -22.94 -12.61
C THR C 336 -16.84 -23.66 -11.51
N MET C 337 -17.22 -23.45 -10.25
CA MET C 337 -16.43 -23.90 -9.10
C MET C 337 -17.32 -24.74 -8.19
N PRO C 338 -17.32 -26.06 -8.37
CA PRO C 338 -18.20 -26.92 -7.56
C PRO C 338 -17.86 -26.94 -6.09
N GLU C 339 -16.70 -26.42 -5.70
CA GLU C 339 -16.30 -26.43 -4.30
C GLU C 339 -17.15 -25.52 -3.43
N VAL C 340 -17.95 -24.64 -4.03
CA VAL C 340 -18.74 -23.69 -3.25
C VAL C 340 -19.87 -24.41 -2.52
N VAL C 341 -20.08 -24.05 -1.26
CA VAL C 341 -21.08 -24.70 -0.42
C VAL C 341 -22.38 -23.91 -0.40
N ALA C 342 -22.30 -22.63 -0.04
CA ALA C 342 -23.48 -21.75 0.00
C ALA C 342 -23.01 -20.31 -0.06
N VAL C 343 -23.94 -19.42 -0.40
CA VAL C 343 -23.65 -17.99 -0.55
C VAL C 343 -24.71 -17.19 0.21
N ASN C 344 -24.25 -16.26 1.05
CA ASN C 344 -25.13 -15.40 1.82
C ASN C 344 -24.98 -13.97 1.31
N ALA C 345 -26.02 -13.47 0.64
CA ALA C 345 -26.02 -12.11 0.09
C ALA C 345 -27.31 -11.38 0.41
N MET C 346 -27.89 -11.67 1.57
CA MET C 346 -29.15 -11.04 1.97
C MET C 346 -28.96 -9.69 2.63
N TYR C 347 -27.73 -9.27 2.92
CA TYR C 347 -27.51 -8.08 3.74
C TYR C 347 -27.36 -6.88 2.82
N THR C 348 -28.28 -5.92 2.95
CA THR C 348 -28.31 -4.70 2.14
C THR C 348 -28.16 -5.01 0.65
N HIS C 349 -28.96 -5.98 0.21
CA HIS C 349 -29.13 -6.28 -1.22
C HIS C 349 -27.81 -6.72 -1.87
N GLY C 350 -26.99 -7.43 -1.11
CA GLY C 350 -25.79 -8.02 -1.65
C GLY C 350 -24.56 -7.15 -1.66
N ILE C 351 -24.63 -5.94 -1.12
CA ILE C 351 -23.41 -5.14 -1.01
C ILE C 351 -22.41 -5.86 -0.12
N GLY C 352 -22.88 -6.74 0.76
CA GLY C 352 -22.02 -7.63 1.50
C GLY C 352 -22.35 -9.09 1.23
N VAL C 353 -21.35 -9.87 0.85
CA VAL C 353 -21.54 -11.28 0.50
C VAL C 353 -20.56 -12.13 1.30
N ILE C 354 -21.05 -13.23 1.85
CA ILE C 354 -20.23 -14.20 2.56
C ILE C 354 -20.37 -15.54 1.85
N ILE C 355 -19.23 -16.13 1.48
CA ILE C 355 -19.21 -17.35 0.70
C ILE C 355 -18.53 -18.44 1.52
N SER C 356 -19.16 -19.61 1.58
CA SER C 356 -18.61 -20.80 2.20
C SER C 356 -18.17 -21.77 1.11
N THR C 357 -16.93 -22.23 1.19
CA THR C 357 -16.41 -23.03 0.09
C THR C 357 -15.28 -23.94 0.57
N LYS C 358 -15.13 -25.06 -0.14
CA LYS C 358 -13.92 -25.86 -0.05
C LYS C 358 -12.79 -25.15 -0.79
N VAL C 359 -11.60 -25.22 -0.23
CA VAL C 359 -10.41 -24.61 -0.83
C VAL C 359 -9.66 -25.71 -1.57
N ARG C 360 -9.84 -25.76 -2.88
CA ARG C 360 -9.24 -26.83 -3.66
C ARG C 360 -7.72 -26.80 -3.54
N TYR C 361 -7.12 -25.65 -3.81
CA TYR C 361 -5.69 -25.45 -3.66
C TYR C 361 -5.46 -24.05 -3.09
N GLY C 362 -4.33 -23.88 -2.41
CA GLY C 362 -3.95 -22.60 -1.87
C GLY C 362 -4.42 -21.38 -2.66
N GLY C 363 -4.98 -20.41 -1.94
CA GLY C 363 -5.52 -19.21 -2.54
C GLY C 363 -6.84 -19.36 -3.28
N TYR C 364 -7.42 -20.56 -3.30
CA TYR C 364 -8.68 -20.76 -4.02
C TYR C 364 -9.77 -19.83 -3.51
N ALA C 365 -9.68 -19.41 -2.24
CA ALA C 365 -10.70 -18.50 -1.71
C ALA C 365 -10.73 -17.19 -2.48
N LYS C 366 -9.56 -16.65 -2.82
CA LYS C 366 -9.51 -15.42 -3.60
C LYS C 366 -10.09 -15.64 -5.00
N GLY C 367 -9.88 -16.83 -5.56
CA GLY C 367 -10.46 -17.13 -6.86
C GLY C 367 -11.97 -17.15 -6.83
N VAL C 368 -12.54 -17.69 -5.75
CA VAL C 368 -14.00 -17.65 -5.60
C VAL C 368 -14.47 -16.20 -5.54
N ALA C 369 -13.77 -15.36 -4.76
CA ALA C 369 -14.13 -13.95 -4.69
C ALA C 369 -14.05 -13.30 -6.07
N PHE C 370 -13.06 -13.68 -6.87
CA PHE C 370 -12.97 -13.12 -8.22
C PHE C 370 -14.20 -13.46 -9.04
N ARG C 371 -14.65 -14.72 -8.97
CA ARG C 371 -15.86 -15.11 -9.71
C ARG C 371 -17.08 -14.35 -9.22
N LEU C 372 -17.20 -14.19 -7.89
CA LEU C 372 -18.31 -13.42 -7.36
C LEU C 372 -18.28 -11.98 -7.86
N LEU C 373 -17.08 -11.40 -7.99
CA LEU C 373 -16.95 -10.02 -8.42
C LEU C 373 -16.98 -9.85 -9.93
N SER C 374 -17.14 -10.93 -10.68
CA SER C 374 -17.29 -10.87 -12.13
C SER C 374 -18.62 -11.45 -12.57
N THR C 375 -19.55 -11.50 -11.69
CA THR C 375 -20.89 -11.96 -12.03
C THR C 375 -21.84 -10.77 -12.16
N PRO C 376 -22.83 -10.85 -13.05
CA PRO C 376 -23.85 -9.80 -13.08
C PRO C 376 -24.44 -9.63 -11.69
N HIS C 377 -24.60 -8.39 -11.24
CA HIS C 377 -25.07 -8.16 -9.88
C HIS C 377 -24.14 -8.74 -8.83
N GLY C 378 -23.02 -8.07 -8.60
CA GLY C 378 -21.99 -8.54 -7.71
C GLY C 378 -20.65 -8.08 -8.24
N MET C 379 -20.56 -7.92 -9.55
CA MET C 379 -19.47 -7.09 -10.08
C MET C 379 -19.70 -5.63 -9.71
N PRO C 380 -20.89 -5.06 -9.93
CA PRO C 380 -21.14 -3.65 -9.58
C PRO C 380 -21.67 -3.46 -8.17
N TYR C 381 -22.19 -4.53 -7.57
CA TYR C 381 -22.93 -4.49 -6.31
C TYR C 381 -22.07 -4.81 -5.10
N SER C 382 -21.36 -5.93 -5.13
CA SER C 382 -20.68 -6.47 -3.97
C SER C 382 -19.44 -5.65 -3.61
N LYS C 383 -19.45 -5.06 -2.41
CA LYS C 383 -18.32 -4.28 -1.91
C LYS C 383 -17.43 -5.06 -0.96
N ILE C 384 -18.03 -5.89 -0.10
CA ILE C 384 -17.31 -6.65 0.90
C ILE C 384 -17.62 -8.13 0.67
N VAL C 385 -16.60 -8.90 0.33
CA VAL C 385 -16.74 -10.32 0.05
C VAL C 385 -15.90 -11.08 1.07
N ILE C 386 -16.57 -11.84 1.93
CA ILE C 386 -15.92 -12.67 2.93
C ILE C 386 -16.04 -14.12 2.49
N VAL C 387 -14.93 -14.85 2.49
CA VAL C 387 -14.92 -16.25 2.09
C VAL C 387 -14.50 -17.08 3.29
N VAL C 388 -15.30 -18.09 3.63
CA VAL C 388 -15.07 -18.97 4.76
C VAL C 388 -15.03 -20.42 4.28
N ASP C 389 -14.67 -21.32 5.18
CA ASP C 389 -14.46 -22.72 4.86
C ASP C 389 -15.80 -23.44 4.67
N GLU C 390 -15.71 -24.72 4.27
CA GLU C 390 -16.92 -25.50 4.01
C GLU C 390 -17.79 -25.63 5.26
N PHE C 391 -17.16 -25.77 6.43
CA PHE C 391 -17.88 -26.09 7.66
C PHE C 391 -18.42 -24.86 8.38
N VAL C 392 -18.18 -23.66 7.84
CA VAL C 392 -18.72 -22.44 8.43
C VAL C 392 -20.04 -22.14 7.76
N ASP C 393 -21.06 -21.90 8.57
CA ASP C 393 -22.36 -21.51 8.01
C ASP C 393 -22.33 -20.03 7.67
N PRO C 394 -22.32 -19.67 6.39
CA PRO C 394 -22.25 -18.25 6.04
C PRO C 394 -23.46 -17.45 6.50
N PHE C 395 -24.56 -18.11 6.84
CA PHE C 395 -25.73 -17.42 7.37
C PHE C 395 -25.68 -17.23 8.88
N ASN C 396 -24.69 -17.82 9.55
CA ASN C 396 -24.50 -17.71 10.99
C ASN C 396 -23.40 -16.69 11.26
N LEU C 397 -23.81 -15.43 11.46
CA LEU C 397 -22.82 -14.38 11.67
C LEU C 397 -21.92 -14.67 12.85
N GLU C 398 -22.40 -15.47 13.82
CA GLU C 398 -21.54 -15.88 14.93
C GLU C 398 -20.34 -16.68 14.42
N GLN C 399 -20.58 -17.66 13.55
CA GLN C 399 -19.47 -18.45 13.03
C GLN C 399 -18.56 -17.62 12.14
N VAL C 400 -19.13 -16.77 11.29
CA VAL C 400 -18.32 -15.92 10.43
C VAL C 400 -17.44 -15.02 11.28
N MET C 401 -17.99 -14.52 12.40
CA MET C 401 -17.18 -13.75 13.33
C MET C 401 -16.04 -14.58 13.89
N TRP C 402 -16.26 -15.89 14.06
CA TRP C 402 -15.18 -16.77 14.47
C TRP C 402 -14.14 -16.91 13.36
N ALA C 403 -14.59 -17.08 12.11
CA ALA C 403 -13.67 -17.25 11.00
C ALA C 403 -12.81 -16.02 10.78
N LEU C 404 -13.38 -14.82 10.94
CA LEU C 404 -12.59 -13.61 10.76
C LEU C 404 -11.49 -13.49 11.80
N THR C 405 -11.78 -13.83 13.05
CA THR C 405 -10.85 -13.63 14.14
C THR C 405 -9.76 -14.69 14.21
N THR C 406 -10.00 -15.87 13.67
CA THR C 406 -9.07 -16.98 13.82
C THR C 406 -8.43 -17.43 12.52
N ARG C 407 -8.90 -16.95 11.36
CA ARG C 407 -8.38 -17.39 10.08
C ARG C 407 -7.91 -16.25 9.18
N VAL C 408 -7.98 -15.00 9.63
CA VAL C 408 -7.69 -13.83 8.81
C VAL C 408 -6.39 -13.22 9.28
N HIS C 409 -5.38 -13.21 8.40
CA HIS C 409 -4.14 -12.47 8.64
C HIS C 409 -4.16 -11.25 7.74
N PRO C 410 -4.50 -10.06 8.25
CA PRO C 410 -4.68 -8.90 7.36
C PRO C 410 -3.49 -8.58 6.47
N GLY C 411 -2.31 -9.16 6.74
CA GLY C 411 -1.19 -8.95 5.83
C GLY C 411 -1.41 -9.56 4.46
N LYS C 412 -2.05 -10.73 4.42
CA LYS C 412 -2.26 -11.44 3.16
C LYS C 412 -3.72 -11.69 2.85
N ASP C 413 -4.55 -11.94 3.85
CA ASP C 413 -5.91 -12.40 3.59
C ASP C 413 -6.85 -11.27 3.19
N VAL C 414 -6.47 -10.02 3.42
CA VAL C 414 -7.27 -8.87 3.05
C VAL C 414 -6.63 -8.18 1.85
N SER C 415 -7.42 -8.00 0.79
CA SER C 415 -6.98 -7.39 -0.47
C SER C 415 -7.98 -6.30 -0.84
N ILE C 416 -7.46 -5.11 -1.16
CA ILE C 416 -8.30 -3.94 -1.43
C ILE C 416 -7.98 -3.44 -2.84
N ILE C 417 -9.00 -3.37 -3.68
CA ILE C 417 -8.84 -3.09 -5.11
C ILE C 417 -9.56 -1.80 -5.45
N GLU C 418 -8.84 -0.86 -6.04
CA GLU C 418 -9.37 0.46 -6.34
C GLU C 418 -10.05 0.47 -7.69
N ASN C 419 -11.03 1.37 -7.85
CA ASN C 419 -11.57 1.71 -9.17
C ASN C 419 -12.25 0.52 -9.83
N CYS C 420 -13.09 -0.16 -9.07
CA CYS C 420 -13.85 -1.29 -9.55
C CYS C 420 -15.31 -0.91 -9.71
N PRO C 421 -16.06 -1.65 -10.52
CA PRO C 421 -17.46 -1.29 -10.74
C PRO C 421 -18.20 -1.16 -9.42
N GLY C 422 -19.07 -0.15 -9.34
CA GLY C 422 -19.77 0.15 -8.10
C GLY C 422 -21.26 0.40 -8.32
N MET C 423 -21.94 0.67 -7.21
CA MET C 423 -23.36 0.96 -7.16
C MET C 423 -23.65 2.36 -6.64
N PRO C 424 -24.37 3.18 -7.41
CA PRO C 424 -24.63 4.55 -6.94
C PRO C 424 -25.48 4.60 -5.68
N LEU C 425 -26.33 3.60 -5.44
CA LEU C 425 -27.17 3.63 -4.24
C LEU C 425 -26.39 3.41 -2.96
N ASP C 426 -25.20 2.86 -3.03
CA ASP C 426 -24.33 2.75 -1.86
C ASP C 426 -23.86 4.12 -1.44
N PRO C 427 -24.29 4.65 -0.30
CA PRO C 427 -23.95 6.02 0.08
C PRO C 427 -22.50 6.19 0.53
N SER C 428 -21.70 5.14 0.43
CA SER C 428 -20.29 5.23 0.80
C SER C 428 -19.38 5.54 -0.38
N THR C 429 -19.83 5.27 -1.61
CA THR C 429 -19.00 5.46 -2.80
C THR C 429 -18.62 6.92 -2.99
N ASN C 430 -17.31 7.22 -2.94
CA ASN C 430 -16.91 8.61 -3.09
C ASN C 430 -17.01 9.04 -4.54
N PRO C 431 -16.37 8.37 -5.48
CA PRO C 431 -16.80 8.48 -6.87
C PRO C 431 -18.08 7.68 -7.03
N PRO C 432 -19.23 8.34 -7.01
CA PRO C 432 -20.49 7.61 -6.82
C PRO C 432 -20.73 6.64 -7.97
N GLY C 433 -21.25 5.46 -7.63
CA GLY C 433 -21.42 4.40 -8.60
C GLY C 433 -20.16 3.64 -8.91
N MET C 434 -19.15 3.78 -8.05
CA MET C 434 -17.85 3.12 -8.23
C MET C 434 -17.25 2.95 -6.85
N HIS C 435 -17.05 1.71 -6.39
CA HIS C 435 -16.50 1.58 -5.06
C HIS C 435 -15.24 0.74 -5.06
N THR C 436 -14.39 1.00 -4.06
CA THR C 436 -13.16 0.25 -3.85
C THR C 436 -13.53 -1.05 -3.14
N LYS C 437 -13.17 -2.18 -3.75
CA LYS C 437 -13.57 -3.48 -3.25
C LYS C 437 -12.63 -3.97 -2.15
N MET C 438 -13.17 -4.82 -1.27
CA MET C 438 -12.40 -5.44 -0.20
C MET C 438 -12.72 -6.93 -0.17
N ILE C 439 -11.69 -7.75 -0.29
CA ILE C 439 -11.82 -9.21 -0.23
C ILE C 439 -11.16 -9.69 1.05
N ILE C 440 -11.88 -10.50 1.82
CA ILE C 440 -11.39 -11.04 3.09
C ILE C 440 -11.41 -12.57 2.98
N ASP C 441 -10.23 -13.17 3.09
CA ASP C 441 -10.07 -14.62 2.93
C ASP C 441 -10.03 -15.23 4.32
N ALA C 442 -11.20 -15.62 4.84
CA ALA C 442 -11.33 -16.23 6.15
C ALA C 442 -11.27 -17.75 6.12
N THR C 443 -10.57 -18.33 5.14
CA THR C 443 -10.43 -19.78 5.04
C THR C 443 -9.10 -20.24 5.62
N THR C 444 -9.06 -21.52 6.00
CA THR C 444 -7.83 -22.11 6.53
C THR C 444 -6.85 -22.38 5.39
N PRO C 445 -5.59 -22.00 5.54
CA PRO C 445 -4.63 -22.14 4.43
C PRO C 445 -4.48 -23.58 3.96
N VAL C 446 -4.32 -23.74 2.66
CA VAL C 446 -4.16 -25.03 2.01
C VAL C 446 -2.93 -24.98 1.11
N PRO C 447 -2.18 -26.07 0.99
CA PRO C 447 -1.01 -26.05 0.11
C PRO C 447 -1.41 -25.66 -1.30
N PRO C 448 -0.50 -25.03 -2.05
CA PRO C 448 0.89 -24.79 -1.65
C PRO C 448 1.09 -23.49 -0.88
N GLU C 449 0.05 -22.97 -0.27
CA GLU C 449 0.20 -21.79 0.59
C GLU C 449 0.92 -22.21 1.87
N PRO C 450 2.08 -21.63 2.18
CA PRO C 450 2.79 -22.04 3.39
C PRO C 450 2.00 -21.66 4.62
N ASN C 451 2.08 -22.52 5.64
CA ASN C 451 1.40 -22.30 6.91
C ASN C 451 2.29 -22.89 7.99
N PRO C 452 3.11 -22.07 8.65
CA PRO C 452 3.96 -22.61 9.71
C PRO C 452 3.21 -22.96 10.98
N ARG C 453 2.00 -22.43 11.17
CA ARG C 453 1.26 -22.67 12.40
C ARG C 453 0.23 -23.79 12.19
N GLU C 454 -0.34 -24.24 13.31
CA GLU C 454 -1.33 -25.32 13.30
C GLU C 454 -2.72 -24.71 13.33
N THR C 455 -3.56 -25.09 12.38
CA THR C 455 -4.89 -24.52 12.25
C THR C 455 -6.01 -25.54 12.13
N GLN C 456 -5.70 -26.83 12.21
CA GLN C 456 -6.73 -27.85 12.13
C GLN C 456 -7.63 -27.81 13.37
N LEU C 457 -8.91 -28.14 13.16
CA LEU C 457 -9.91 -28.10 14.21
C LEU C 457 -9.83 -29.33 15.11
N LEU C 458 -10.28 -29.16 16.35
CA LEU C 458 -10.21 -30.23 17.34
C LEU C 458 -11.33 -31.24 17.10
N ASP C 459 -10.96 -32.51 17.03
CA ASP C 459 -11.98 -33.55 17.02
C ASP C 459 -12.58 -33.66 18.42
N PRO C 460 -13.90 -33.66 18.55
CA PRO C 460 -14.48 -33.69 19.89
C PRO C 460 -14.03 -34.95 20.62
N PRO C 461 -13.93 -34.89 21.96
CA PRO C 461 -13.53 -36.08 22.72
C PRO C 461 -14.39 -37.29 22.41
N ASP C 462 -13.94 -38.47 22.83
CA ASP C 462 -14.48 -39.71 22.31
C ASP C 462 -15.99 -39.81 22.55
N GLY C 463 -16.41 -39.83 23.81
CA GLY C 463 -17.80 -40.13 24.08
C GLY C 463 -18.77 -38.98 23.96
N THR C 464 -18.35 -37.85 23.40
CA THR C 464 -19.22 -36.66 23.42
C THR C 464 -20.60 -36.99 22.89
N GLU C 465 -20.67 -37.83 21.86
CA GLU C 465 -21.98 -38.18 21.30
C GLU C 465 -22.86 -38.83 22.36
N GLU C 466 -22.32 -39.86 23.04
CA GLU C 466 -23.10 -40.55 24.05
C GLU C 466 -23.37 -39.66 25.26
N TRP C 467 -22.38 -38.84 25.64
CA TRP C 467 -22.56 -38.01 26.82
C TRP C 467 -23.67 -36.97 26.64
N GLU C 468 -23.92 -36.53 25.40
CA GLU C 468 -25.02 -35.61 25.16
C GLU C 468 -26.34 -36.21 25.58
N GLU C 469 -26.55 -37.50 25.27
CA GLU C 469 -27.79 -38.16 25.66
C GLU C 469 -27.84 -38.40 27.17
N LYS C 470 -26.74 -38.87 27.76
CA LYS C 470 -26.74 -39.14 29.18
C LYS C 470 -27.01 -37.89 30.00
N LEU C 471 -26.52 -36.73 29.54
CA LEU C 471 -26.80 -35.49 30.25
C LEU C 471 -28.26 -35.09 30.10
N LYS C 472 -28.81 -35.20 28.89
CA LYS C 472 -30.22 -34.87 28.68
C LYS C 472 -31.10 -35.73 29.56
N GLU C 473 -30.76 -37.02 29.69
CA GLU C 473 -31.56 -37.94 30.51
C GLU C 473 -31.46 -37.60 31.99
N LEU C 474 -30.25 -37.32 32.47
CA LEU C 474 -30.10 -36.97 33.88
C LEU C 474 -30.85 -35.68 34.21
N LEU C 475 -30.98 -34.78 33.24
CA LEU C 475 -31.67 -33.51 33.48
C LEU C 475 -33.18 -33.69 33.62
N LYS C 476 -33.72 -34.82 33.16
CA LYS C 476 -35.17 -35.07 33.23
C LYS C 476 -35.55 -35.61 34.61
N ASN C 477 -35.21 -34.83 35.63
CA ASN C 477 -35.53 -35.17 37.01
C ASN C 477 -35.94 -33.93 37.82
N ALA D 2 29.70 9.72 -45.23
CA ALA D 2 28.29 9.93 -44.90
C ALA D 2 27.84 11.28 -45.44
N LYS D 3 26.99 11.25 -46.47
CA LYS D 3 26.46 12.47 -47.08
C LYS D 3 25.96 13.44 -46.00
N VAL D 4 26.56 14.63 -45.97
CA VAL D 4 26.19 15.67 -45.02
C VAL D 4 25.44 16.75 -45.77
N TYR D 5 24.39 17.27 -45.15
CA TYR D 5 23.50 18.24 -45.79
C TYR D 5 23.68 19.62 -45.16
N LYS D 6 23.68 20.64 -46.03
CA LYS D 6 23.79 22.02 -45.58
C LYS D 6 22.44 22.71 -45.43
N ASP D 7 21.42 22.22 -46.11
CA ASP D 7 20.09 22.79 -46.03
C ASP D 7 19.07 21.66 -46.19
N LEU D 8 17.79 22.00 -45.99
CA LEU D 8 16.73 21.03 -46.21
C LEU D 8 16.65 20.61 -47.67
N ARG D 9 17.04 21.49 -48.60
CA ARG D 9 16.90 21.18 -50.02
C ARG D 9 17.83 20.06 -50.45
N GLU D 10 19.06 20.04 -49.92
CA GLU D 10 19.97 18.95 -50.28
C GLU D 10 19.39 17.61 -49.85
N PHE D 11 18.82 17.55 -48.64
CA PHE D 11 18.23 16.31 -48.15
C PHE D 11 17.04 15.90 -49.01
N LEU D 12 16.17 16.84 -49.36
CA LEU D 12 15.02 16.51 -50.19
C LEU D 12 15.44 15.94 -51.54
N GLU D 13 16.53 16.47 -52.12
CA GLU D 13 17.02 15.93 -53.38
C GLU D 13 17.46 14.48 -53.21
N VAL D 14 18.13 14.17 -52.10
CA VAL D 14 18.53 12.80 -51.82
C VAL D 14 17.31 11.90 -51.66
N LEU D 15 16.30 12.38 -50.94
CA LEU D 15 15.08 11.59 -50.73
C LEU D 15 14.45 11.22 -52.07
N GLU D 16 14.44 12.15 -53.02
CA GLU D 16 13.83 11.85 -54.30
C GLU D 16 14.69 10.89 -55.12
N GLN D 17 16.01 11.07 -55.08
CA GLN D 17 16.89 10.15 -55.80
C GLN D 17 16.75 8.72 -55.29
N GLU D 18 16.39 8.56 -54.02
CA GLU D 18 16.21 7.25 -53.42
C GLU D 18 14.77 6.77 -53.47
N GLY D 19 13.90 7.47 -54.18
CA GLY D 19 12.50 7.07 -54.23
C GLY D 19 11.77 7.22 -52.93
N GLN D 20 12.16 8.18 -52.10
CA GLN D 20 11.52 8.45 -50.81
C GLN D 20 10.89 9.83 -50.78
N LEU D 21 10.52 10.36 -51.95
CA LEU D 21 9.83 11.64 -52.04
C LEU D 21 8.94 11.63 -53.27
N ILE D 22 7.68 12.04 -53.09
CA ILE D 22 6.73 12.12 -54.19
C ILE D 22 6.19 13.54 -54.26
N ARG D 23 5.94 14.02 -55.47
CA ARG D 23 5.49 15.39 -55.71
C ARG D 23 4.00 15.40 -56.05
N VAL D 24 3.26 16.25 -55.38
CA VAL D 24 1.84 16.48 -55.69
C VAL D 24 1.80 17.71 -56.60
N LYS D 25 1.83 17.48 -57.91
CA LYS D 25 1.89 18.59 -58.86
C LYS D 25 0.56 19.33 -58.98
N GLU D 26 -0.57 18.63 -58.79
CA GLU D 26 -1.86 19.29 -58.86
C GLU D 26 -2.05 20.27 -57.71
N GLU D 27 -2.78 21.35 -57.98
CA GLU D 27 -3.13 22.28 -56.90
C GLU D 27 -4.09 21.60 -55.94
N VAL D 28 -3.93 21.89 -54.65
CA VAL D 28 -4.75 21.28 -53.62
C VAL D 28 -4.96 22.28 -52.50
N ASN D 29 -6.22 22.50 -52.13
CA ASN D 29 -6.51 23.45 -51.06
C ASN D 29 -6.03 22.92 -49.72
N PRO D 30 -5.60 23.81 -48.82
CA PRO D 30 -4.79 23.37 -47.68
C PRO D 30 -5.56 22.71 -46.56
N GLU D 31 -6.86 22.93 -46.44
CA GLU D 31 -7.48 22.61 -45.17
C GLU D 31 -7.52 21.12 -44.86
N PRO D 32 -8.28 20.32 -45.62
CA PRO D 32 -8.40 18.90 -45.28
C PRO D 32 -7.32 18.03 -45.90
N ASP D 33 -6.50 18.56 -46.80
CA ASP D 33 -5.66 17.75 -47.67
C ASP D 33 -4.23 17.60 -47.17
N ILE D 34 -3.55 18.71 -46.88
CA ILE D 34 -2.17 18.61 -46.41
C ILE D 34 -2.11 17.75 -45.15
N ALA D 35 -3.13 17.86 -44.29
CA ALA D 35 -3.18 16.99 -43.12
C ALA D 35 -3.42 15.55 -43.54
N ALA D 36 -4.39 15.33 -44.44
CA ALA D 36 -4.73 13.98 -44.84
C ALA D 36 -3.54 13.30 -45.51
N ALA D 37 -2.82 14.02 -46.36
CA ALA D 37 -1.66 13.44 -47.02
C ALA D 37 -0.62 13.00 -46.00
N GLY D 38 -0.41 13.81 -44.96
CA GLY D 38 0.53 13.42 -43.92
C GLY D 38 0.07 12.18 -43.18
N ARG D 39 -1.23 12.10 -42.87
CA ARG D 39 -1.76 10.91 -42.20
C ARG D 39 -1.66 9.69 -43.10
N ALA D 40 -2.02 9.82 -44.37
CA ALA D 40 -1.93 8.70 -45.30
C ALA D 40 -0.48 8.26 -45.49
N ALA D 41 0.45 9.21 -45.59
CA ALA D 41 1.85 8.85 -45.78
C ALA D 41 2.35 7.97 -44.65
N ALA D 42 2.09 8.39 -43.40
CA ALA D 42 2.50 7.55 -42.27
C ALA D 42 1.72 6.24 -42.25
N ASN D 43 0.47 6.26 -42.70
CA ASN D 43 -0.33 5.04 -42.74
C ASN D 43 0.24 4.01 -43.70
N LEU D 44 1.13 4.43 -44.60
CA LEU D 44 1.69 3.50 -45.58
C LEU D 44 2.50 2.38 -44.91
N GLY D 45 2.86 2.54 -43.64
CA GLY D 45 3.48 1.46 -42.91
C GLY D 45 4.99 1.42 -42.96
N LYS D 46 5.54 1.10 -44.13
CA LYS D 46 6.98 1.00 -44.27
C LYS D 46 7.39 1.76 -45.53
N ASN D 47 8.66 2.16 -45.55
CA ASN D 47 9.20 2.92 -46.68
C ASN D 47 8.37 4.17 -46.97
N GLN D 48 7.83 4.77 -45.91
CA GLN D 48 6.96 5.93 -46.08
C GLN D 48 7.77 7.10 -46.65
N PRO D 49 7.29 7.73 -47.72
CA PRO D 49 8.03 8.83 -48.33
C PRO D 49 7.60 10.18 -47.79
N ALA D 50 8.42 11.20 -48.09
CA ALA D 50 8.00 12.57 -47.89
C ALA D 50 7.18 13.03 -49.08
N VAL D 51 6.11 13.77 -48.81
CA VAL D 51 5.23 14.28 -49.87
C VAL D 51 5.46 15.77 -50.01
N PHE D 52 5.64 16.21 -51.25
CA PHE D 52 5.96 17.61 -51.55
C PHE D 52 4.81 18.22 -52.32
N PHE D 53 4.15 19.22 -51.73
CA PHE D 53 3.05 19.91 -52.37
C PHE D 53 3.59 21.09 -53.16
N GLU D 54 3.35 21.09 -54.47
CA GLU D 54 3.90 22.15 -55.30
C GLU D 54 3.01 23.38 -55.31
N LYS D 55 1.69 23.22 -55.23
CA LYS D 55 0.77 24.34 -55.33
C LYS D 55 -0.31 24.20 -54.27
N ILE D 56 -0.53 25.28 -53.53
CA ILE D 56 -1.57 25.34 -52.49
C ILE D 56 -2.53 26.46 -52.85
N LYS D 57 -3.81 26.25 -52.57
CA LYS D 57 -4.87 27.06 -53.17
C LYS D 57 -4.60 28.56 -53.03
N GLY D 58 -4.31 29.02 -51.82
CA GLY D 58 -4.24 30.45 -51.65
C GLY D 58 -2.85 31.06 -51.65
N TYR D 59 -1.83 30.25 -51.38
CA TYR D 59 -0.49 30.76 -51.13
C TYR D 59 0.38 30.64 -52.38
N LYS D 60 1.54 31.30 -52.32
CA LYS D 60 2.49 31.34 -53.42
C LYS D 60 3.49 30.18 -53.38
N TYR D 61 3.93 29.78 -52.19
CA TYR D 61 5.03 28.84 -52.04
C TYR D 61 4.49 27.44 -51.70
N SER D 62 5.40 26.53 -51.35
CA SER D 62 5.10 25.11 -51.20
C SER D 62 5.40 24.62 -49.78
N VAL D 63 5.05 23.36 -49.50
CA VAL D 63 5.25 22.73 -48.20
C VAL D 63 5.71 21.29 -48.39
N VAL D 64 6.31 20.74 -47.33
CA VAL D 64 6.74 19.34 -47.29
C VAL D 64 6.30 18.73 -45.98
N THR D 65 5.67 17.55 -46.06
CA THR D 65 5.23 16.82 -44.87
C THR D 65 5.85 15.43 -44.89
N ASN D 66 6.01 14.85 -43.70
CA ASN D 66 6.59 13.51 -43.55
C ASN D 66 8.03 13.45 -44.04
N VAL D 67 8.84 14.46 -43.72
CA VAL D 67 10.24 14.40 -44.10
C VAL D 67 10.96 13.32 -43.30
N HIS D 68 10.68 13.23 -42.00
CA HIS D 68 11.27 12.25 -41.10
C HIS D 68 10.41 11.02 -40.90
N GLY D 69 9.32 10.88 -41.64
CA GLY D 69 8.30 9.90 -41.30
C GLY D 69 8.48 8.46 -41.73
N SER D 70 9.70 7.93 -41.62
CA SER D 70 9.96 6.53 -41.93
C SER D 70 11.41 6.21 -41.58
N TRP D 71 11.67 4.92 -41.37
CA TRP D 71 13.04 4.49 -41.09
C TRP D 71 13.95 4.75 -42.28
N GLN D 72 13.42 4.66 -43.50
CA GLN D 72 14.23 4.94 -44.68
C GLN D 72 14.73 6.37 -44.68
N ASN D 73 13.82 7.34 -44.49
CA ASN D 73 14.25 8.73 -44.42
C ASN D 73 15.19 8.94 -43.23
N HIS D 74 14.90 8.29 -42.11
CA HIS D 74 15.75 8.43 -40.93
C HIS D 74 17.18 7.96 -41.22
N ALA D 75 17.32 6.89 -42.00
CA ALA D 75 18.65 6.40 -42.34
C ALA D 75 19.35 7.35 -43.31
N LEU D 76 18.64 7.81 -44.34
CA LEU D 76 19.24 8.79 -45.24
C LEU D 76 19.61 10.06 -44.50
N MET D 77 18.89 10.38 -43.42
CA MET D 77 19.24 11.54 -42.62
C MET D 77 20.68 11.44 -42.10
N LEU D 78 21.07 10.25 -41.65
CA LEU D 78 22.40 10.00 -41.12
C LEU D 78 23.43 9.74 -42.21
N GLY D 79 23.04 9.86 -43.48
CA GLY D 79 23.96 9.57 -44.56
C GLY D 79 24.22 8.10 -44.78
N LEU D 80 23.39 7.22 -44.23
CA LEU D 80 23.57 5.79 -44.35
C LEU D 80 22.71 5.24 -45.50
N ASP D 81 22.87 3.94 -45.76
CA ASP D 81 22.06 3.29 -46.78
C ASP D 81 20.59 3.33 -46.39
N LYS D 82 19.72 3.53 -47.38
CA LYS D 82 18.31 3.77 -47.11
C LYS D 82 17.67 2.61 -46.36
N ASN D 83 18.20 1.40 -46.49
CA ASN D 83 17.65 0.22 -45.85
C ASN D 83 18.42 -0.22 -44.61
N THR D 84 19.29 0.63 -44.09
CA THR D 84 19.99 0.30 -42.85
C THR D 84 19.00 0.01 -41.73
N SER D 85 19.29 -1.02 -40.94
CA SER D 85 18.36 -1.50 -39.94
C SER D 85 18.19 -0.49 -38.80
N THR D 86 17.20 -0.74 -37.95
CA THR D 86 16.94 0.15 -36.82
C THR D 86 18.12 0.17 -35.87
N LYS D 87 18.55 -1.00 -35.41
CA LYS D 87 19.65 -1.06 -34.44
C LYS D 87 20.99 -0.70 -35.08
N ASP D 88 21.14 -0.89 -36.40
CA ASP D 88 22.36 -0.42 -37.05
C ASP D 88 22.46 1.10 -36.94
N GLN D 89 21.35 1.81 -37.14
CA GLN D 89 21.36 3.26 -36.97
C GLN D 89 21.59 3.63 -35.51
N PHE D 90 20.95 2.89 -34.59
CA PHE D 90 21.15 3.15 -33.17
C PHE D 90 22.63 3.04 -32.81
N TYR D 91 23.33 2.05 -33.38
CA TYR D 91 24.74 1.90 -33.08
C TYR D 91 25.58 2.98 -33.74
N GLU D 92 25.16 3.45 -34.92
CA GLU D 92 25.90 4.53 -35.57
C GLU D 92 25.75 5.84 -34.80
N LEU D 93 24.56 6.12 -34.27
CA LEU D 93 24.38 7.31 -33.43
C LEU D 93 25.20 7.21 -32.15
N ASN D 94 25.24 6.01 -31.55
CA ASN D 94 26.02 5.83 -30.33
C ASN D 94 27.49 6.16 -30.54
N ARG D 95 27.98 6.01 -31.79
CA ARG D 95 29.39 6.28 -32.05
C ARG D 95 29.63 7.77 -32.27
N ARG D 96 28.94 8.36 -33.26
CA ARG D 96 29.14 9.78 -33.56
C ARG D 96 28.86 10.65 -32.35
N TRP D 97 28.00 10.18 -31.44
CA TRP D 97 27.67 10.96 -30.26
C TRP D 97 28.91 11.30 -29.45
N ASP D 98 29.89 10.39 -29.44
CA ASP D 98 31.07 10.53 -28.60
C ASP D 98 32.05 11.57 -29.12
N LYS D 99 31.78 12.17 -30.27
CA LYS D 99 32.56 13.31 -30.77
C LYS D 99 32.01 14.63 -30.29
N PHE D 100 31.35 14.66 -29.13
CA PHE D 100 30.33 15.67 -28.84
C PHE D 100 30.74 17.09 -29.22
N PRO D 101 31.74 17.67 -28.59
CA PRO D 101 32.04 19.08 -28.88
C PRO D 101 32.65 19.24 -30.26
N VAL D 102 31.85 19.71 -31.22
CA VAL D 102 32.29 20.00 -32.57
C VAL D 102 31.89 21.43 -32.89
N PRO D 103 32.72 22.42 -32.56
CA PRO D 103 32.29 23.81 -32.65
C PRO D 103 31.72 24.11 -34.02
N PRO D 104 30.55 24.73 -34.08
CA PRO D 104 29.95 25.08 -35.37
C PRO D 104 30.77 26.15 -36.06
N ASN D 105 30.48 26.32 -37.35
CA ASN D 105 31.20 27.26 -38.19
C ASN D 105 30.32 28.49 -38.37
N VAL D 106 30.78 29.63 -37.86
CA VAL D 106 30.07 30.89 -38.02
C VAL D 106 30.45 31.51 -39.34
N VAL D 107 29.47 31.92 -40.13
CA VAL D 107 29.73 32.49 -41.44
C VAL D 107 29.18 33.92 -41.47
N LYS D 108 29.69 34.70 -42.41
CA LYS D 108 29.21 36.06 -42.59
C LYS D 108 27.78 36.04 -43.13
N ARG D 109 27.08 37.16 -42.93
CA ARG D 109 25.66 37.23 -43.28
C ARG D 109 25.45 37.02 -44.78
N GLU D 110 26.35 37.54 -45.62
CA GLU D 110 26.17 37.42 -47.05
C GLU D 110 26.18 35.97 -47.51
N ALA D 111 26.82 35.09 -46.75
CA ALA D 111 26.94 33.68 -47.12
C ALA D 111 25.76 32.83 -46.67
N ALA D 112 24.84 33.39 -45.89
CA ALA D 112 23.72 32.61 -45.35
C ALA D 112 22.52 32.73 -46.28
N PRO D 113 22.06 31.63 -46.88
CA PRO D 113 20.87 31.72 -47.75
C PRO D 113 19.63 32.20 -47.02
N CYS D 114 19.55 31.98 -45.71
CA CYS D 114 18.38 32.42 -44.94
C CYS D 114 18.26 33.94 -44.87
N LYS D 115 19.31 34.67 -45.24
CA LYS D 115 19.31 36.12 -45.23
C LYS D 115 19.04 36.72 -46.62
N GLU D 116 18.61 35.90 -47.58
CA GLU D 116 18.41 36.40 -48.93
C GLU D 116 17.33 37.47 -48.98
N ASN D 117 16.24 37.28 -48.23
CA ASN D 117 15.12 38.23 -48.22
C ASN D 117 14.82 38.65 -46.80
N VAL D 118 14.44 39.92 -46.62
CA VAL D 118 14.15 40.47 -45.30
C VAL D 118 12.79 41.17 -45.33
N ILE D 119 11.98 40.92 -44.31
CA ILE D 119 10.70 41.59 -44.13
C ILE D 119 10.72 42.30 -42.79
N ASP D 120 10.66 43.63 -42.81
CA ASP D 120 10.64 44.44 -41.60
C ASP D 120 9.43 45.35 -41.51
N LYS D 121 8.83 45.73 -42.64
CA LYS D 121 7.61 46.52 -42.64
C LYS D 121 6.45 45.61 -42.28
N ASP D 122 5.22 46.05 -42.53
CA ASP D 122 4.04 45.34 -42.06
C ASP D 122 4.20 43.84 -42.26
N ILE D 123 4.23 43.11 -41.14
CA ILE D 123 4.63 41.70 -41.13
C ILE D 123 3.42 40.82 -41.37
N ASN D 124 3.58 39.82 -42.22
CA ASN D 124 2.49 38.91 -42.55
C ASN D 124 3.09 37.53 -42.77
N LEU D 125 2.80 36.61 -41.84
CA LEU D 125 3.31 35.24 -41.98
C LEU D 125 2.69 34.53 -43.18
N PHE D 126 1.42 34.82 -43.48
CA PHE D 126 0.76 34.11 -44.56
C PHE D 126 1.38 34.42 -45.92
N GLU D 127 2.07 35.56 -46.06
CA GLU D 127 2.71 35.88 -47.32
C GLU D 127 3.77 34.85 -47.69
N ILE D 128 4.50 34.33 -46.69
CA ILE D 128 5.65 33.48 -46.94
C ILE D 128 5.43 32.03 -46.51
N LEU D 129 4.53 31.76 -45.55
CA LEU D 129 4.31 30.41 -45.05
C LEU D 129 2.90 29.94 -45.42
N PRO D 130 2.75 28.84 -46.19
CA PRO D 130 1.40 28.35 -46.48
C PRO D 130 0.74 27.72 -45.26
N LEU D 131 0.24 28.54 -44.35
CA LEU D 131 -0.33 28.04 -43.12
C LEU D 131 -1.60 27.22 -43.39
N TYR D 132 -1.72 26.11 -42.68
CA TYR D 132 -2.86 25.21 -42.81
C TYR D 132 -3.19 24.64 -41.44
N ARG D 133 -4.38 24.06 -41.33
CA ARG D 133 -4.85 23.44 -40.10
C ARG D 133 -4.49 21.96 -40.10
N ILE D 134 -3.92 21.48 -39.00
CA ILE D 134 -3.41 20.13 -38.97
C ILE D 134 -4.50 19.12 -38.63
N ASN D 135 -5.26 19.37 -37.57
CA ASN D 135 -6.38 18.50 -37.21
C ASN D 135 -7.65 19.31 -37.02
N GLU D 136 -8.79 18.64 -37.18
CA GLU D 136 -10.08 19.32 -37.33
C GLU D 136 -10.34 20.31 -36.21
N GLN D 137 -10.25 19.86 -34.95
CA GLN D 137 -10.58 20.67 -33.81
C GLN D 137 -9.41 21.51 -33.29
N ASP D 138 -8.31 21.56 -34.03
CA ASP D 138 -7.21 22.43 -33.64
C ASP D 138 -7.70 23.87 -33.51
N GLY D 139 -7.13 24.60 -32.55
CA GLY D 139 -7.52 25.98 -32.35
C GLY D 139 -7.14 26.91 -33.47
N GLY D 140 -6.31 26.47 -34.41
CA GLY D 140 -5.91 27.32 -35.51
C GLY D 140 -4.82 26.66 -36.33
N PHE D 141 -4.12 27.50 -37.09
CA PHE D 141 -3.02 27.02 -37.94
C PHE D 141 -1.74 26.93 -37.13
N TYR D 142 -1.05 25.79 -37.24
CA TYR D 142 0.05 25.44 -36.36
C TYR D 142 1.35 25.23 -37.12
N ILE D 143 2.46 25.41 -36.42
CA ILE D 143 3.80 25.15 -36.95
C ILE D 143 4.43 24.07 -36.08
N SER D 144 4.30 22.81 -36.50
CA SER D 144 4.71 21.70 -35.64
C SER D 144 6.23 21.51 -35.66
N LYS D 145 6.79 21.19 -36.82
CA LYS D 145 8.23 20.98 -36.93
C LYS D 145 8.89 22.34 -37.04
N ALA D 146 9.51 22.79 -35.95
CA ALA D 146 10.16 24.10 -35.93
C ALA D 146 11.25 24.06 -34.86
N SER D 147 12.44 24.52 -35.23
CA SER D 147 13.57 24.57 -34.31
C SER D 147 13.66 25.98 -33.75
N VAL D 148 13.52 26.12 -32.43
CA VAL D 148 13.40 27.41 -31.77
C VAL D 148 14.69 27.70 -31.00
N VAL D 149 15.24 28.89 -31.23
CA VAL D 149 16.53 29.28 -30.66
C VAL D 149 16.30 30.35 -29.59
N THR D 150 16.75 30.06 -28.37
CA THR D 150 16.71 31.03 -27.27
C THR D 150 18.01 30.95 -26.48
N ALA D 151 18.34 32.06 -25.80
CA ALA D 151 19.57 32.16 -25.03
C ALA D 151 19.24 32.52 -23.59
N ASP D 152 20.12 32.11 -22.68
CA ASP D 152 19.92 32.36 -21.25
C ASP D 152 20.07 33.85 -20.95
N PRO D 153 19.05 34.52 -20.39
CA PRO D 153 19.22 35.95 -20.08
C PRO D 153 20.32 36.22 -19.08
N GLU D 154 20.55 35.32 -18.12
CA GLU D 154 21.55 35.57 -17.09
C GLU D 154 22.96 35.48 -17.65
N TYR D 155 23.19 34.56 -18.59
CA TYR D 155 24.50 34.38 -19.21
C TYR D 155 24.33 34.38 -20.72
N PRO D 156 24.04 35.54 -21.30
CA PRO D 156 23.77 35.60 -22.75
C PRO D 156 25.01 35.36 -23.60
N ASP D 157 26.21 35.40 -23.02
CA ASP D 157 27.42 35.15 -23.79
C ASP D 157 27.84 33.68 -23.79
N ASP D 158 27.31 32.88 -22.87
CA ASP D 158 27.67 31.47 -22.80
C ASP D 158 26.98 30.73 -23.95
N PHE D 159 27.77 30.32 -24.95
CA PHE D 159 27.19 29.63 -26.10
C PHE D 159 26.58 28.29 -25.72
N ASN D 160 27.06 27.68 -24.63
CA ASN D 160 26.51 26.40 -24.19
C ASN D 160 25.06 26.55 -23.72
N LYS D 161 24.74 27.65 -23.05
CA LYS D 161 23.40 27.88 -22.56
C LYS D 161 22.45 28.39 -23.64
N LEU D 162 22.94 28.63 -24.86
CA LEU D 162 22.05 28.80 -26.00
C LEU D 162 21.46 27.45 -26.38
N ASN D 163 20.14 27.30 -26.26
CA ASN D 163 19.50 26.02 -26.51
C ASN D 163 18.48 26.15 -27.63
N VAL D 164 18.46 25.14 -28.51
CA VAL D 164 17.51 25.05 -29.60
C VAL D 164 16.67 23.81 -29.41
N GLY D 165 15.35 23.97 -29.44
CA GLY D 165 14.44 22.86 -29.27
C GLY D 165 13.18 23.10 -30.08
N THR D 166 12.30 22.11 -30.07
CA THR D 166 11.06 22.14 -30.83
C THR D 166 9.88 22.37 -29.89
N TYR D 167 9.04 23.34 -30.25
CA TYR D 167 7.83 23.65 -29.48
C TYR D 167 6.72 24.01 -30.46
N ARG D 168 5.50 23.60 -30.14
CA ARG D 168 4.39 23.84 -31.05
C ARG D 168 3.97 25.30 -31.00
N ILE D 169 3.65 25.86 -32.17
CA ILE D 169 3.42 27.28 -32.34
C ILE D 169 2.09 27.49 -33.06
N GLN D 170 1.15 28.15 -32.39
CA GLN D 170 -0.16 28.46 -32.95
C GLN D 170 -0.14 29.88 -33.50
N VAL D 171 -0.50 30.03 -34.77
CA VAL D 171 -0.57 31.34 -35.41
C VAL D 171 -1.85 32.03 -34.95
N LYS D 172 -1.72 33.22 -34.36
CA LYS D 172 -2.86 33.96 -33.85
C LYS D 172 -3.12 35.26 -34.58
N ASP D 173 -2.22 35.71 -35.44
CA ASP D 173 -2.42 36.94 -36.21
C ASP D 173 -1.33 37.01 -37.27
N ARG D 174 -1.35 38.08 -38.06
CA ARG D 174 -0.34 38.23 -39.10
C ARG D 174 1.06 38.25 -38.51
N ASP D 175 1.23 38.75 -37.30
CA ASP D 175 2.57 38.94 -36.74
C ASP D 175 2.72 38.43 -35.32
N ARG D 176 1.75 37.68 -34.79
CA ARG D 176 1.85 37.14 -33.44
C ARG D 176 1.44 35.69 -33.46
N VAL D 177 2.14 34.88 -32.66
CA VAL D 177 1.90 33.44 -32.56
C VAL D 177 1.96 33.04 -31.09
N GLY D 178 1.52 31.82 -30.81
CA GLY D 178 1.57 31.28 -29.47
C GLY D 178 2.45 30.06 -29.34
N ILE D 179 3.35 30.05 -28.37
CA ILE D 179 4.33 29.00 -28.21
C ILE D 179 4.04 28.27 -26.90
N GLN D 180 4.19 26.94 -26.92
CA GLN D 180 3.99 26.11 -25.73
C GLN D 180 5.33 25.94 -25.03
N ALA D 181 5.63 26.84 -24.09
CA ALA D 181 6.85 26.73 -23.28
C ALA D 181 6.55 25.84 -22.08
N LEU D 182 6.60 24.53 -22.32
CA LEU D 182 6.29 23.58 -21.26
C LEU D 182 7.29 23.69 -20.12
N ALA D 183 6.79 23.45 -18.90
CA ALA D 183 7.55 23.77 -17.70
C ALA D 183 8.86 22.97 -17.61
N MET D 184 8.90 21.75 -18.16
CA MET D 184 10.07 20.89 -17.99
C MET D 184 11.15 21.11 -19.04
N HIS D 185 10.88 21.90 -20.08
CA HIS D 185 11.85 22.06 -21.16
C HIS D 185 12.76 23.25 -20.91
N ASP D 186 13.87 23.27 -21.65
CA ASP D 186 14.91 24.26 -21.38
C ASP D 186 14.39 25.69 -21.52
N ILE D 187 13.49 25.91 -22.49
CA ILE D 187 13.05 27.29 -22.76
C ILE D 187 12.34 27.88 -21.54
N ALA D 188 11.68 27.03 -20.74
CA ALA D 188 10.97 27.54 -19.57
C ALA D 188 11.94 28.05 -18.52
N VAL D 189 13.14 27.46 -18.45
CA VAL D 189 14.16 27.96 -17.53
C VAL D 189 14.57 29.37 -17.89
N GLN D 190 14.76 29.63 -19.18
CA GLN D 190 15.15 30.97 -19.63
C GLN D 190 14.00 31.94 -19.54
N LEU D 191 12.77 31.49 -19.78
CA LEU D 191 11.61 32.37 -19.69
C LEU D 191 11.36 32.82 -18.26
N GLU D 192 11.59 31.93 -17.29
CA GLU D 192 11.41 32.30 -15.89
C GLU D 192 12.38 33.40 -15.49
N LYS D 193 13.63 33.30 -15.92
CA LYS D 193 14.60 34.34 -15.60
C LYS D 193 14.18 35.69 -16.16
N ALA D 194 13.64 35.69 -17.38
CA ALA D 194 13.22 36.94 -18.02
C ALA D 194 11.95 37.49 -17.39
N GLU D 195 10.96 36.65 -17.14
CA GLU D 195 9.71 37.14 -16.56
C GLU D 195 9.91 37.59 -15.11
N ALA D 196 10.90 37.03 -14.42
CA ALA D 196 11.19 37.48 -13.06
C ALA D 196 11.66 38.92 -13.02
N GLU D 197 12.03 39.50 -14.16
CA GLU D 197 12.41 40.90 -14.26
C GLU D 197 11.50 41.68 -15.19
N ASN D 198 10.40 41.08 -15.63
CA ASN D 198 9.46 41.72 -16.56
C ASN D 198 10.18 42.17 -17.83
N LYS D 199 11.16 41.36 -18.28
CA LYS D 199 11.90 41.61 -19.51
C LYS D 199 11.49 40.61 -20.58
N PRO D 200 11.42 41.03 -21.84
CA PRO D 200 11.07 40.09 -22.90
C PRO D 200 12.20 39.09 -23.12
N LEU D 201 11.84 37.95 -23.72
CA LEU D 201 12.81 36.90 -24.03
C LEU D 201 13.06 36.84 -25.53
N PRO D 202 14.25 37.17 -26.02
CA PRO D 202 14.50 37.07 -27.47
C PRO D 202 14.38 35.62 -27.92
N ILE D 203 13.85 35.45 -29.12
CA ILE D 203 13.56 34.12 -29.67
C ILE D 203 13.69 34.16 -31.19
N ALA D 204 14.11 33.04 -31.76
CA ALA D 204 14.24 32.90 -33.21
C ALA D 204 13.63 31.56 -33.61
N ILE D 205 12.61 31.61 -34.45
CA ILE D 205 11.91 30.41 -34.90
C ILE D 205 12.37 30.11 -36.32
N THR D 206 13.09 28.99 -36.49
CA THR D 206 13.59 28.55 -37.79
C THR D 206 12.70 27.43 -38.33
N ILE D 207 12.58 27.40 -39.65
CA ILE D 207 11.71 26.43 -40.34
C ILE D 207 12.43 25.94 -41.58
N GLY D 208 12.36 24.63 -41.82
CA GLY D 208 13.00 24.05 -42.99
C GLY D 208 14.50 23.96 -42.88
N ASN D 209 15.01 23.10 -41.99
CA ASN D 209 16.43 23.00 -41.73
C ASN D 209 16.98 21.65 -42.18
N ASN D 210 18.31 21.57 -42.22
CA ASN D 210 18.98 20.29 -42.32
C ASN D 210 18.34 19.29 -41.34
N PRO D 211 17.99 18.08 -41.78
CA PRO D 211 17.28 17.15 -40.88
C PRO D 211 18.01 16.88 -39.57
N LEU D 212 19.34 17.00 -39.53
CA LEU D 212 20.04 16.80 -38.26
C LEU D 212 19.74 17.90 -37.25
N VAL D 213 19.52 19.13 -37.72
CA VAL D 213 19.15 20.20 -36.80
C VAL D 213 17.78 19.91 -36.19
N THR D 214 16.80 19.60 -37.05
CA THR D 214 15.49 19.20 -36.55
C THR D 214 15.60 18.03 -35.57
N PHE D 215 16.55 17.12 -35.83
CA PHE D 215 16.76 15.97 -34.96
C PHE D 215 17.23 16.42 -33.58
N MET D 216 18.25 17.27 -33.53
CA MET D 216 18.79 17.68 -32.24
C MET D 216 17.83 18.58 -31.47
N ALA D 217 17.02 19.37 -32.18
CA ALA D 217 16.06 20.23 -31.51
C ALA D 217 15.18 19.42 -30.55
N SER D 218 14.67 18.29 -31.02
CA SER D 218 13.80 17.41 -30.24
C SER D 218 14.57 16.47 -29.31
N THR D 219 15.91 16.59 -29.24
CA THR D 219 16.70 15.67 -28.42
C THR D 219 16.86 16.22 -27.02
N PRO D 220 16.59 15.42 -25.98
CA PRO D 220 16.66 15.91 -24.58
C PRO D 220 18.07 15.86 -23.99
N VAL D 221 18.96 16.70 -24.53
CA VAL D 221 20.31 16.87 -24.02
C VAL D 221 20.30 17.84 -22.84
N GLY D 222 21.42 17.93 -22.12
CA GLY D 222 21.48 18.81 -20.97
C GLY D 222 21.38 20.28 -21.33
N TYR D 223 21.09 21.09 -20.30
CA TYR D 223 20.94 22.53 -20.51
C TYR D 223 22.24 23.16 -20.97
N ASN D 224 23.36 22.75 -20.37
CA ASN D 224 24.66 23.32 -20.68
C ASN D 224 25.28 22.75 -21.94
N GLN D 225 24.49 22.08 -22.77
CA GLN D 225 24.97 21.48 -24.00
C GLN D 225 24.28 22.16 -25.18
N ASN D 226 25.09 22.66 -26.11
CA ASN D 226 24.58 23.32 -27.30
C ASN D 226 24.25 22.29 -28.38
N GLU D 227 23.04 22.38 -28.94
CA GLU D 227 22.63 21.37 -29.92
C GLU D 227 23.39 21.50 -31.23
N TYR D 228 23.82 22.71 -31.60
CA TYR D 228 24.61 22.88 -32.81
C TYR D 228 25.91 22.10 -32.73
N GLU D 229 26.51 22.01 -31.55
CA GLU D 229 27.75 21.24 -31.40
C GLU D 229 27.48 19.75 -31.55
N PHE D 230 26.27 19.30 -31.24
CA PHE D 230 25.92 17.90 -31.49
C PHE D 230 25.74 17.63 -32.98
N VAL D 231 25.23 18.61 -33.74
CA VAL D 231 25.02 18.42 -35.18
C VAL D 231 26.35 18.12 -35.87
N GLY D 232 27.41 18.84 -35.51
CA GLY D 232 28.71 18.54 -36.09
C GLY D 232 29.17 17.14 -35.77
N ALA D 233 28.83 16.63 -34.58
CA ALA D 233 29.22 15.28 -34.21
C ALA D 233 28.44 14.25 -35.02
N LEU D 234 27.12 14.42 -35.13
CA LEU D 234 26.34 13.48 -35.92
C LEU D 234 26.70 13.53 -37.39
N GLN D 235 27.30 14.63 -37.85
CA GLN D 235 27.88 14.70 -39.18
C GLN D 235 29.29 14.15 -39.23
N ASP D 236 29.69 13.40 -38.20
CA ASP D 236 30.95 12.66 -38.17
C ASP D 236 32.15 13.61 -38.16
N GLY D 237 32.01 14.75 -37.47
CA GLY D 237 33.08 15.71 -37.34
C GLY D 237 32.99 16.92 -38.24
N VAL D 238 32.06 16.92 -39.20
CA VAL D 238 31.88 18.05 -40.12
C VAL D 238 31.07 19.14 -39.43
N PRO D 239 31.67 20.29 -39.12
CA PRO D 239 30.92 21.34 -38.42
C PRO D 239 29.79 21.87 -39.29
N MET D 240 28.70 22.26 -38.64
CA MET D 240 27.57 22.87 -39.35
C MET D 240 27.72 24.39 -39.38
N ASP D 241 26.98 25.01 -40.29
CA ASP D 241 27.11 26.45 -40.54
C ASP D 241 25.97 27.21 -39.87
N ILE D 242 26.33 28.20 -39.06
CA ILE D 242 25.36 29.06 -38.39
C ILE D 242 25.74 30.51 -38.66
N VAL D 243 24.75 31.39 -38.53
CA VAL D 243 24.94 32.83 -38.73
C VAL D 243 24.22 33.58 -37.62
N LYS D 244 24.72 34.77 -37.32
CA LYS D 244 24.11 35.55 -36.25
C LYS D 244 22.77 36.13 -36.69
N SER D 245 21.82 36.14 -35.76
CA SER D 245 20.51 36.72 -36.05
C SER D 245 20.63 38.22 -36.29
N ASP D 246 19.70 38.76 -37.09
CA ASP D 246 19.76 40.18 -37.43
C ASP D 246 19.53 41.06 -36.20
N LEU D 247 18.40 40.86 -35.50
CA LEU D 247 18.03 41.79 -34.44
C LEU D 247 18.75 41.52 -33.12
N TYR D 248 19.10 40.25 -32.84
CA TYR D 248 19.65 39.86 -31.56
C TYR D 248 20.99 39.16 -31.76
N ASP D 249 22.04 39.71 -31.16
CA ASP D 249 23.26 38.94 -30.98
C ASP D 249 23.02 37.86 -29.92
N HIS D 250 23.99 36.97 -29.77
CA HIS D 250 23.87 35.84 -28.85
C HIS D 250 22.90 34.79 -29.39
N LEU D 251 22.23 35.11 -30.49
CA LEU D 251 21.24 34.24 -31.09
C LEU D 251 21.75 33.84 -32.47
N TYR D 252 21.98 32.55 -32.68
CA TYR D 252 22.52 32.05 -33.94
C TYR D 252 21.56 31.03 -34.54
N VAL D 253 21.32 31.16 -35.83
CA VAL D 253 20.37 30.28 -36.52
C VAL D 253 21.13 29.53 -37.61
N PRO D 254 20.62 28.37 -38.02
CA PRO D 254 21.27 27.64 -39.12
C PRO D 254 21.34 28.49 -40.37
N ALA D 255 22.45 28.39 -41.10
CA ALA D 255 22.62 29.26 -42.26
C ALA D 255 21.69 28.90 -43.40
N GLY D 256 21.29 27.64 -43.51
CA GLY D 256 20.47 27.20 -44.63
C GLY D 256 18.99 27.07 -44.33
N SER D 257 18.51 27.76 -43.30
CA SER D 257 17.10 27.66 -42.95
C SER D 257 16.24 28.31 -44.03
N GLU D 258 15.06 27.72 -44.24
CA GLU D 258 14.13 28.26 -45.23
C GLU D 258 13.49 29.55 -44.75
N VAL D 259 13.12 29.60 -43.48
CA VAL D 259 12.48 30.78 -42.89
C VAL D 259 13.02 30.97 -41.49
N VAL D 260 13.30 32.21 -41.13
CA VAL D 260 13.73 32.57 -39.78
C VAL D 260 12.77 33.65 -39.28
N LEU D 261 12.15 33.40 -38.14
CA LEU D 261 11.24 34.36 -37.51
C LEU D 261 11.93 34.89 -36.26
N GLU D 262 12.35 36.15 -36.30
CA GLU D 262 12.99 36.81 -35.18
C GLU D 262 11.93 37.59 -34.40
N GLY D 263 11.86 37.36 -33.10
CA GLY D 263 10.89 38.03 -32.27
C GLY D 263 11.21 37.91 -30.80
N HIS D 264 10.19 38.13 -29.97
CA HIS D 264 10.38 38.05 -28.53
C HIS D 264 9.09 37.56 -27.88
N ILE D 265 9.25 36.86 -26.76
CA ILE D 265 8.11 36.42 -25.96
C ILE D 265 7.68 37.59 -25.09
N ILE D 266 6.42 37.98 -25.20
CA ILE D 266 5.86 39.04 -24.36
C ILE D 266 5.87 38.54 -22.92
N PRO D 267 6.51 39.25 -21.99
CA PRO D 267 6.65 38.74 -20.63
C PRO D 267 5.38 38.87 -19.81
N ARG D 268 5.18 37.89 -18.93
CA ARG D 268 4.09 37.91 -17.95
C ARG D 268 2.73 38.02 -18.63
N VAL D 269 2.57 37.37 -19.79
CA VAL D 269 1.32 37.39 -20.53
C VAL D 269 1.02 35.98 -21.02
N ARG D 270 -0.23 35.55 -20.86
CA ARG D 270 -0.69 34.26 -21.36
C ARG D 270 -2.03 34.43 -22.08
N THR D 271 -2.21 33.71 -23.18
CA THR D 271 -3.45 33.76 -23.95
C THR D 271 -3.92 32.33 -24.24
N VAL D 272 -5.07 32.23 -24.90
CA VAL D 272 -5.73 30.94 -25.13
C VAL D 272 -5.02 30.24 -26.28
N GLU D 273 -4.20 29.25 -25.95
CA GLU D 273 -3.50 28.44 -26.93
C GLU D 273 -4.10 27.04 -26.96
N GLY D 274 -4.29 26.50 -28.16
CA GLY D 274 -4.90 25.21 -28.34
C GLY D 274 -6.39 25.35 -28.59
N PRO D 275 -7.11 24.23 -28.64
CA PRO D 275 -6.55 22.88 -28.46
C PRO D 275 -5.73 22.40 -29.66
N PHE D 276 -5.00 21.29 -29.50
CA PHE D 276 -4.11 20.81 -30.54
C PHE D 276 -3.92 19.31 -30.41
N GLY D 277 -4.13 18.58 -31.50
CA GLY D 277 -3.94 17.14 -31.49
C GLY D 277 -2.47 16.81 -31.34
N GLU D 278 -2.12 16.04 -30.32
CA GLU D 278 -0.73 15.72 -30.00
C GLU D 278 -0.48 14.23 -30.21
N PHE D 279 0.76 13.81 -29.92
CA PHE D 279 1.29 12.49 -30.25
C PHE D 279 0.58 11.35 -29.53
N PRO D 280 -0.04 11.57 -28.36
CA PRO D 280 -0.79 10.48 -27.73
C PRO D 280 -2.07 10.09 -28.47
N GLY D 281 -2.36 10.71 -29.61
CA GLY D 281 -3.55 10.39 -30.37
C GLY D 281 -4.81 11.10 -29.92
N SER D 282 -4.71 12.04 -28.98
CA SER D 282 -5.87 12.75 -28.47
C SER D 282 -5.63 14.24 -28.57
N TYR D 283 -6.72 15.01 -28.54
CA TYR D 283 -6.61 16.46 -28.47
C TYR D 283 -6.13 16.89 -27.09
N SER D 284 -5.18 17.81 -27.05
CA SER D 284 -4.75 18.39 -25.79
C SER D 284 -5.55 19.67 -25.53
N GLY D 285 -6.10 19.78 -24.33
CA GLY D 285 -7.01 20.88 -24.04
C GLY D 285 -6.34 22.23 -24.14
N ALA D 286 -7.18 23.25 -24.34
CA ALA D 286 -6.69 24.62 -24.45
C ALA D 286 -6.21 25.12 -23.10
N ARG D 287 -5.08 25.83 -23.10
CA ARG D 287 -4.53 26.39 -21.88
C ARG D 287 -4.07 27.82 -22.14
N LEU D 288 -3.73 28.52 -21.07
CA LEU D 288 -3.18 29.87 -21.16
C LEU D 288 -1.67 29.75 -21.33
N GLN D 289 -1.16 30.12 -22.50
CA GLN D 289 0.25 29.95 -22.83
C GLN D 289 0.80 31.26 -23.38
N CYS D 290 2.13 31.30 -23.55
CA CYS D 290 2.82 32.53 -23.91
C CYS D 290 2.40 33.00 -25.30
N GLU D 291 2.62 34.29 -25.55
CA GLU D 291 2.48 34.87 -26.88
C GLU D 291 3.84 35.36 -27.35
N VAL D 292 4.08 35.25 -28.65
CA VAL D 292 5.32 35.70 -29.26
C VAL D 292 4.98 36.76 -30.29
N LYS D 293 5.72 37.86 -30.28
CA LYS D 293 5.56 38.93 -31.26
C LYS D 293 6.66 38.78 -32.29
N ILE D 294 6.26 38.65 -33.56
CA ILE D 294 7.23 38.52 -34.66
C ILE D 294 7.70 39.91 -35.07
N ASP D 295 9.01 40.16 -34.94
CA ASP D 295 9.56 41.46 -35.24
C ASP D 295 10.12 41.58 -36.65
N ARG D 296 10.56 40.48 -37.25
CA ARG D 296 11.23 40.52 -38.55
C ARG D 296 11.35 39.09 -39.08
N ILE D 297 11.31 38.96 -40.41
CA ILE D 297 11.39 37.66 -41.07
C ILE D 297 12.51 37.70 -42.10
N THR D 298 13.38 36.69 -42.05
CA THR D 298 14.36 36.45 -43.10
C THR D 298 14.11 35.08 -43.70
N HIS D 299 14.23 34.98 -45.02
CA HIS D 299 13.87 33.74 -45.71
C HIS D 299 14.56 33.67 -47.05
N ARG D 300 14.72 32.44 -47.54
CA ARG D 300 15.26 32.20 -48.87
C ARG D 300 14.19 32.41 -49.93
N THR D 301 14.62 32.76 -51.13
CA THR D 301 13.68 32.92 -52.24
C THR D 301 13.04 31.58 -52.57
N ASN D 302 11.72 31.58 -52.75
CA ASN D 302 10.95 30.34 -52.90
C ASN D 302 11.14 29.46 -51.67
N PRO D 303 10.73 29.91 -50.49
CA PRO D 303 10.91 29.11 -49.28
C PRO D 303 10.01 27.88 -49.27
N ILE D 304 10.45 26.87 -48.53
CA ILE D 304 9.72 25.61 -48.40
C ILE D 304 9.29 25.45 -46.95
N PHE D 305 8.01 25.11 -46.75
CA PHE D 305 7.43 24.98 -45.42
C PHE D 305 7.55 23.53 -44.97
N GLU D 306 8.48 23.27 -44.05
CA GLU D 306 8.68 21.94 -43.49
C GLU D 306 7.80 21.82 -42.24
N ASN D 307 6.62 21.27 -42.42
CA ASN D 307 5.69 20.98 -41.34
C ASN D 307 5.43 19.48 -41.28
N LEU D 308 4.80 19.03 -40.20
CA LEU D 308 4.54 17.61 -40.04
C LEU D 308 3.11 17.41 -39.56
N TYR D 309 2.60 16.19 -39.79
CA TYR D 309 1.35 15.76 -39.22
C TYR D 309 1.62 14.91 -38.00
N LEU D 310 0.78 15.07 -36.98
CA LEU D 310 0.87 14.22 -35.80
C LEU D 310 -0.55 13.84 -35.39
N GLY D 311 -0.64 12.71 -34.70
CA GLY D 311 -1.93 12.18 -34.29
C GLY D 311 -1.79 10.79 -33.72
N ILE D 312 -2.71 9.90 -34.08
CA ILE D 312 -2.69 8.55 -33.55
C ILE D 312 -1.32 7.96 -33.86
N PRO D 313 -0.65 7.38 -32.86
CA PRO D 313 0.81 7.31 -32.87
C PRO D 313 1.38 6.55 -34.04
N TRP D 314 2.69 6.75 -34.19
CA TRP D 314 3.44 6.41 -35.39
C TRP D 314 2.93 7.19 -36.59
N THR D 315 2.83 8.51 -36.40
CA THR D 315 2.87 9.50 -37.45
C THR D 315 4.32 9.92 -37.66
N GLU D 316 4.55 10.97 -38.42
CA GLU D 316 5.92 11.41 -38.68
C GLU D 316 6.67 11.66 -37.38
N ILE D 317 6.01 12.26 -36.39
CA ILE D 317 6.70 12.70 -35.19
C ILE D 317 7.25 11.50 -34.42
N ASP D 318 6.51 10.39 -34.41
CA ASP D 318 6.94 9.22 -33.66
C ASP D 318 8.22 8.64 -34.22
N TYR D 319 8.40 8.71 -35.54
CA TYR D 319 9.68 8.30 -36.13
C TYR D 319 10.78 9.26 -35.71
N LEU D 320 10.50 10.56 -35.69
CA LEU D 320 11.49 11.54 -35.28
C LEU D 320 11.96 11.27 -33.86
N MET D 321 11.02 10.98 -32.96
CA MET D 321 11.30 10.82 -31.54
C MET D 321 11.77 9.42 -31.17
N ALA D 322 11.78 8.47 -32.11
CA ALA D 322 12.11 7.09 -31.76
C ALA D 322 13.54 6.98 -31.24
N LEU D 323 14.50 7.50 -31.99
CA LEU D 323 15.91 7.33 -31.63
C LEU D 323 16.51 8.55 -30.95
N ASN D 324 16.07 9.76 -31.28
CA ASN D 324 16.64 10.91 -30.60
C ASN D 324 16.27 10.97 -29.12
N THR D 325 15.32 10.14 -28.68
CA THR D 325 15.01 10.04 -27.25
C THR D 325 15.79 8.93 -26.57
N SER D 326 16.00 7.80 -27.26
CA SER D 326 16.66 6.67 -26.64
C SER D 326 18.16 6.87 -26.52
N VAL D 327 18.78 7.50 -27.52
CA VAL D 327 20.24 7.63 -27.48
C VAL D 327 20.73 8.48 -26.33
N PRO D 328 20.23 9.69 -26.12
CA PRO D 328 20.71 10.48 -24.98
C PRO D 328 20.39 9.84 -23.64
N LEU D 329 19.24 9.17 -23.53
CA LEU D 329 18.92 8.45 -22.31
C LEU D 329 19.92 7.34 -22.04
N TYR D 330 20.30 6.60 -23.08
CA TYR D 330 21.32 5.58 -22.91
C TYR D 330 22.65 6.19 -22.53
N LYS D 331 23.05 7.28 -23.20
CA LYS D 331 24.31 7.92 -22.87
C LYS D 331 24.29 8.50 -21.46
N GLN D 332 23.18 9.13 -21.08
CA GLN D 332 23.07 9.72 -19.75
C GLN D 332 23.17 8.65 -18.66
N LEU D 333 22.51 7.51 -18.85
CA LEU D 333 22.65 6.42 -17.89
C LEU D 333 24.06 5.85 -17.91
N LYS D 334 24.60 5.61 -19.10
CA LYS D 334 25.89 4.93 -19.20
C LYS D 334 27.01 5.72 -18.51
N GLU D 335 26.87 7.04 -18.42
CA GLU D 335 27.93 7.84 -17.81
C GLU D 335 28.18 7.42 -16.36
N THR D 336 27.10 7.23 -15.60
CA THR D 336 27.18 6.81 -14.21
C THR D 336 27.23 5.30 -14.06
N MET D 337 26.51 4.57 -14.91
CA MET D 337 26.30 3.13 -14.74
C MET D 337 26.73 2.40 -16.02
N PRO D 338 27.97 1.93 -16.07
CA PRO D 338 28.44 1.25 -17.30
C PRO D 338 27.75 -0.08 -17.55
N GLU D 339 27.04 -0.64 -16.58
CA GLU D 339 26.38 -1.92 -16.78
C GLU D 339 25.21 -1.85 -17.74
N VAL D 340 24.75 -0.65 -18.10
CA VAL D 340 23.59 -0.51 -18.96
C VAL D 340 23.93 -0.96 -20.38
N VAL D 341 23.05 -1.74 -20.99
CA VAL D 341 23.28 -2.30 -22.31
C VAL D 341 22.63 -1.45 -23.39
N ALA D 342 21.32 -1.22 -23.28
CA ALA D 342 20.58 -0.44 -24.26
C ALA D 342 19.32 0.11 -23.62
N VAL D 343 18.75 1.13 -24.25
CA VAL D 343 17.56 1.81 -23.77
C VAL D 343 16.58 1.97 -24.92
N ASN D 344 15.33 1.60 -24.70
CA ASN D 344 14.26 1.72 -25.68
C ASN D 344 13.24 2.71 -25.16
N ALA D 345 13.15 3.88 -25.81
CA ALA D 345 12.23 4.93 -25.42
C ALA D 345 11.45 5.44 -26.62
N MET D 346 11.15 4.53 -27.55
CA MET D 346 10.47 4.90 -28.79
C MET D 346 8.98 5.09 -28.62
N TYR D 347 8.42 4.69 -27.48
CA TYR D 347 6.98 4.55 -27.33
C TYR D 347 6.41 5.80 -26.64
N THR D 348 5.52 6.50 -27.34
CA THR D 348 4.86 7.70 -26.82
C THR D 348 5.86 8.68 -26.21
N HIS D 349 6.92 8.96 -26.98
CA HIS D 349 7.86 10.02 -26.64
C HIS D 349 8.55 9.75 -25.30
N GLY D 350 8.78 8.47 -24.99
CA GLY D 350 9.48 8.13 -23.78
C GLY D 350 8.62 7.99 -22.56
N ILE D 351 7.30 8.16 -22.67
CA ILE D 351 6.44 7.93 -21.51
C ILE D 351 6.55 6.48 -21.05
N GLY D 352 6.91 5.58 -21.96
CA GLY D 352 7.25 4.22 -21.58
C GLY D 352 8.67 3.91 -21.97
N VAL D 353 9.49 3.45 -21.03
CA VAL D 353 10.90 3.20 -21.28
C VAL D 353 11.23 1.78 -20.83
N ILE D 354 12.00 1.07 -21.66
CA ILE D 354 12.49 -0.27 -21.35
C ILE D 354 14.01 -0.24 -21.38
N ILE D 355 14.64 -0.67 -20.29
CA ILE D 355 16.08 -0.61 -20.13
C ILE D 355 16.64 -2.02 -19.99
N SER D 356 17.72 -2.30 -20.69
CA SER D 356 18.45 -3.55 -20.59
C SER D 356 19.74 -3.29 -19.83
N THR D 357 20.02 -4.11 -18.81
CA THR D 357 21.19 -3.83 -17.98
C THR D 357 21.69 -5.10 -17.31
N LYS D 358 22.99 -5.11 -17.04
CA LYS D 358 23.54 -6.06 -16.09
C LYS D 358 23.21 -5.60 -14.68
N VAL D 359 22.92 -6.54 -13.80
CA VAL D 359 22.57 -6.26 -12.42
C VAL D 359 23.84 -6.45 -11.60
N ARG D 360 24.49 -5.33 -11.26
CA ARG D 360 25.78 -5.39 -10.57
C ARG D 360 25.68 -6.07 -9.21
N TYR D 361 24.77 -5.61 -8.33
CA TYR D 361 24.73 -6.27 -7.03
C TYR D 361 23.33 -6.47 -6.45
N GLY D 362 22.34 -6.71 -7.27
CA GLY D 362 21.01 -6.98 -6.71
C GLY D 362 20.30 -5.71 -6.31
N GLY D 363 19.06 -5.58 -6.76
CA GLY D 363 18.34 -4.32 -6.65
C GLY D 363 18.89 -3.25 -7.56
N TYR D 364 19.98 -3.55 -8.29
CA TYR D 364 20.57 -2.56 -9.17
C TYR D 364 19.57 -2.11 -10.22
N ALA D 365 18.61 -2.98 -10.56
CA ALA D 365 17.60 -2.62 -11.55
C ALA D 365 16.81 -1.41 -11.10
N LYS D 366 16.45 -1.37 -9.82
CA LYS D 366 15.73 -0.21 -9.29
C LYS D 366 16.61 1.03 -9.30
N GLY D 367 17.90 0.87 -9.07
CA GLY D 367 18.81 2.02 -9.14
C GLY D 367 18.92 2.60 -10.54
N VAL D 368 18.99 1.73 -11.55
CA VAL D 368 18.99 2.19 -12.93
C VAL D 368 17.72 2.98 -13.23
N ALA D 369 16.57 2.45 -12.79
CA ALA D 369 15.31 3.18 -12.97
C ALA D 369 15.36 4.53 -12.26
N PHE D 370 16.01 4.59 -11.09
CA PHE D 370 16.12 5.86 -10.38
C PHE D 370 16.91 6.88 -11.20
N ARG D 371 18.00 6.46 -11.83
CA ARG D 371 18.75 7.37 -12.67
C ARG D 371 17.91 7.83 -13.86
N LEU D 372 17.17 6.91 -14.47
CA LEU D 372 16.31 7.27 -15.59
C LEU D 372 15.25 8.29 -15.16
N LEU D 373 14.75 8.17 -13.94
CA LEU D 373 13.72 9.09 -13.45
C LEU D 373 14.30 10.37 -12.88
N SER D 374 15.62 10.55 -12.92
CA SER D 374 16.27 11.78 -12.48
C SER D 374 17.05 12.42 -13.62
N THR D 375 16.73 12.07 -14.78
CA THR D 375 17.36 12.57 -15.99
C THR D 375 16.46 13.64 -16.61
N PRO D 376 17.05 14.60 -17.33
CA PRO D 376 16.27 15.70 -17.90
C PRO D 376 14.97 15.26 -18.53
N HIS D 377 15.02 14.37 -19.52
CA HIS D 377 13.79 13.93 -20.19
C HIS D 377 12.94 12.98 -19.33
N GLY D 378 13.58 12.02 -18.65
CA GLY D 378 12.81 10.95 -18.06
C GLY D 378 12.13 11.29 -16.74
N MET D 379 12.67 12.26 -16.01
CA MET D 379 12.03 12.66 -14.76
C MET D 379 10.60 13.15 -14.95
N PRO D 380 10.30 14.05 -15.90
CA PRO D 380 8.92 14.49 -16.07
C PRO D 380 8.12 13.63 -17.05
N TYR D 381 8.81 12.89 -17.92
CA TYR D 381 8.17 12.17 -19.01
C TYR D 381 7.89 10.70 -18.69
N SER D 382 8.92 9.97 -18.28
CA SER D 382 8.81 8.51 -18.18
C SER D 382 7.92 8.13 -17.00
N LYS D 383 6.79 7.49 -17.32
CA LYS D 383 5.81 7.04 -16.34
C LYS D 383 5.92 5.55 -16.04
N ILE D 384 6.24 4.73 -17.05
CA ILE D 384 6.35 3.28 -16.89
C ILE D 384 7.76 2.88 -17.31
N VAL D 385 8.54 2.38 -16.36
CA VAL D 385 9.93 2.01 -16.61
C VAL D 385 10.09 0.52 -16.34
N ILE D 386 10.41 -0.24 -17.38
CA ILE D 386 10.66 -1.68 -17.27
C ILE D 386 12.16 -1.91 -17.45
N VAL D 387 12.77 -2.69 -16.56
CA VAL D 387 14.18 -3.01 -16.61
C VAL D 387 14.32 -4.51 -16.83
N VAL D 388 15.12 -4.89 -17.83
CA VAL D 388 15.33 -6.30 -18.17
C VAL D 388 16.81 -6.61 -18.12
N ASP D 389 17.13 -7.89 -18.27
CA ASP D 389 18.50 -8.35 -18.09
C ASP D 389 19.39 -7.95 -19.26
N GLU D 390 20.68 -8.21 -19.10
CA GLU D 390 21.65 -7.85 -20.14
C GLU D 390 21.35 -8.53 -21.46
N PHE D 391 20.87 -9.78 -21.41
CA PHE D 391 20.69 -10.59 -22.61
C PHE D 391 19.34 -10.39 -23.29
N VAL D 392 18.48 -9.54 -22.73
CA VAL D 392 17.18 -9.25 -23.35
C VAL D 392 17.30 -7.98 -24.19
N ASP D 393 16.81 -8.05 -25.43
CA ASP D 393 16.77 -6.89 -26.31
C ASP D 393 15.58 -6.00 -25.94
N PRO D 394 15.82 -4.83 -25.36
CA PRO D 394 14.70 -3.98 -24.95
C PRO D 394 13.84 -3.50 -26.12
N PHE D 395 14.34 -3.57 -27.35
CA PHE D 395 13.55 -3.20 -28.52
C PHE D 395 12.70 -4.34 -29.02
N ASN D 396 12.87 -5.54 -28.47
CA ASN D 396 12.13 -6.74 -28.87
C ASN D 396 11.03 -7.00 -27.86
N LEU D 397 9.83 -6.46 -28.13
CA LEU D 397 8.73 -6.60 -27.18
C LEU D 397 8.40 -8.06 -26.89
N GLU D 398 8.70 -8.97 -27.83
CA GLU D 398 8.49 -10.39 -27.57
C GLU D 398 9.33 -10.85 -26.38
N GLN D 399 10.62 -10.48 -26.35
CA GLN D 399 11.47 -10.86 -25.23
C GLN D 399 11.06 -10.13 -23.96
N VAL D 400 10.73 -8.85 -24.07
CA VAL D 400 10.29 -8.10 -22.90
C VAL D 400 9.06 -8.76 -22.29
N MET D 401 8.15 -9.23 -23.13
CA MET D 401 6.98 -9.95 -22.63
C MET D 401 7.39 -11.20 -21.87
N TRP D 402 8.46 -11.86 -22.30
CA TRP D 402 8.96 -13.02 -21.57
C TRP D 402 9.53 -12.62 -20.21
N ALA D 403 10.32 -11.55 -20.15
CA ALA D 403 10.89 -11.14 -18.88
C ALA D 403 9.80 -10.77 -17.88
N LEU D 404 8.73 -10.14 -18.35
CA LEU D 404 7.65 -9.78 -17.44
C LEU D 404 6.99 -11.01 -16.85
N THR D 405 6.79 -12.06 -17.66
CA THR D 405 6.06 -13.23 -17.18
C THR D 405 6.91 -14.16 -16.33
N THR D 406 8.24 -14.13 -16.46
CA THR D 406 9.10 -15.08 -15.77
C THR D 406 10.06 -14.45 -14.76
N ARG D 407 10.20 -13.13 -14.72
CA ARG D 407 11.13 -12.49 -13.81
C ARG D 407 10.50 -11.45 -12.91
N VAL D 408 9.19 -11.23 -13.01
CA VAL D 408 8.52 -10.18 -12.25
C VAL D 408 7.67 -10.83 -11.18
N HIS D 409 8.01 -10.56 -9.91
CA HIS D 409 7.16 -10.94 -8.78
C HIS D 409 6.50 -9.69 -8.26
N PRO D 410 5.23 -9.44 -8.57
CA PRO D 410 4.60 -8.16 -8.22
C PRO D 410 4.66 -7.83 -6.72
N GLY D 411 4.98 -8.78 -5.86
CA GLY D 411 5.12 -8.46 -4.45
C GLY D 411 6.28 -7.51 -4.18
N LYS D 412 7.38 -7.69 -4.91
CA LYS D 412 8.59 -6.90 -4.70
C LYS D 412 9.05 -6.15 -5.94
N ASP D 413 8.85 -6.70 -7.13
CA ASP D 413 9.46 -6.16 -8.34
C ASP D 413 8.70 -4.96 -8.93
N VAL D 414 7.47 -4.71 -8.51
CA VAL D 414 6.67 -3.60 -9.01
C VAL D 414 6.62 -2.52 -7.93
N SER D 415 7.00 -1.29 -8.30
CA SER D 415 7.06 -0.17 -7.37
C SER D 415 6.30 1.02 -7.95
N ILE D 416 5.39 1.59 -7.15
CA ILE D 416 4.50 2.66 -7.58
C ILE D 416 4.72 3.85 -6.67
N ILE D 417 5.10 4.99 -7.25
CA ILE D 417 5.50 6.17 -6.49
C ILE D 417 4.56 7.32 -6.84
N GLU D 418 3.92 7.89 -5.83
CA GLU D 418 2.93 8.94 -6.02
C GLU D 418 3.59 10.31 -6.01
N ASN D 419 2.95 11.26 -6.70
CA ASN D 419 3.28 12.67 -6.60
C ASN D 419 4.69 12.96 -7.13
N CYS D 420 5.01 12.40 -8.29
CA CYS D 420 6.29 12.62 -8.96
C CYS D 420 6.11 13.47 -10.20
N PRO D 421 7.19 14.11 -10.68
CA PRO D 421 7.06 15.00 -11.83
C PRO D 421 6.40 14.32 -13.02
N GLY D 422 5.55 15.07 -13.73
CA GLY D 422 4.80 14.51 -14.83
C GLY D 422 4.82 15.43 -16.04
N MET D 423 4.18 14.95 -17.11
CA MET D 423 4.08 15.64 -18.39
C MET D 423 2.59 15.88 -18.67
N PRO D 424 2.15 17.12 -18.83
CA PRO D 424 0.70 17.37 -18.97
C PRO D 424 0.07 16.77 -20.22
N LEU D 425 0.83 16.56 -21.29
CA LEU D 425 0.26 16.00 -22.52
C LEU D 425 -0.18 14.54 -22.34
N ASP D 426 0.30 13.87 -21.32
CA ASP D 426 -0.18 12.54 -21.01
C ASP D 426 -1.63 12.61 -20.56
N PRO D 427 -2.59 12.09 -21.35
CA PRO D 427 -4.01 12.22 -20.98
C PRO D 427 -4.45 11.33 -19.82
N SER D 428 -3.53 10.60 -19.19
CA SER D 428 -3.89 9.76 -18.06
C SER D 428 -3.69 10.45 -16.72
N THR D 429 -2.83 11.47 -16.67
CA THR D 429 -2.50 12.13 -15.42
C THR D 429 -3.72 12.83 -14.82
N ASN D 430 -4.14 12.38 -13.63
CA ASN D 430 -5.32 12.99 -13.02
C ASN D 430 -5.02 14.36 -12.45
N PRO D 431 -4.02 14.55 -11.59
CA PRO D 431 -3.46 15.88 -11.42
C PRO D 431 -2.59 16.21 -12.62
N PRO D 432 -3.09 17.00 -13.54
CA PRO D 432 -2.45 17.11 -14.85
C PRO D 432 -1.05 17.68 -14.74
N GLY D 433 -0.13 17.12 -15.52
CA GLY D 433 1.27 17.47 -15.40
C GLY D 433 1.93 16.83 -14.21
N MET D 434 1.32 15.77 -13.68
CA MET D 434 1.75 15.18 -12.42
C MET D 434 1.30 13.73 -12.50
N HIS D 435 2.21 12.77 -12.56
CA HIS D 435 1.73 11.39 -12.60
C HIS D 435 2.48 10.52 -11.59
N THR D 436 1.80 9.44 -11.21
CA THR D 436 2.35 8.41 -10.33
C THR D 436 3.24 7.46 -11.15
N LYS D 437 4.50 7.32 -10.76
CA LYS D 437 5.44 6.50 -11.52
C LYS D 437 5.25 5.02 -11.17
N MET D 438 5.59 4.15 -12.11
CA MET D 438 5.55 2.70 -11.91
C MET D 438 6.84 2.09 -12.44
N ILE D 439 7.57 1.39 -11.57
CA ILE D 439 8.83 0.74 -11.92
C ILE D 439 8.64 -0.78 -11.85
N ILE D 440 9.06 -1.48 -12.90
CA ILE D 440 8.95 -2.93 -12.99
C ILE D 440 10.35 -3.50 -13.17
N ASP D 441 10.77 -4.32 -12.21
CA ASP D 441 12.11 -4.90 -12.21
C ASP D 441 11.96 -6.31 -12.77
N ALA D 442 12.10 -6.44 -14.09
CA ALA D 442 12.01 -7.73 -14.75
C ALA D 442 13.37 -8.40 -14.93
N THR D 443 14.32 -8.13 -14.03
CA THR D 443 15.63 -8.74 -14.08
C THR D 443 15.70 -9.93 -13.12
N THR D 444 16.65 -10.82 -13.40
CA THR D 444 16.86 -11.99 -12.55
C THR D 444 17.55 -11.58 -11.25
N PRO D 445 17.09 -12.06 -10.10
CA PRO D 445 17.68 -11.61 -8.83
C PRO D 445 19.18 -11.92 -8.74
N VAL D 446 19.91 -11.00 -8.11
CA VAL D 446 21.35 -11.14 -7.93
C VAL D 446 21.66 -10.94 -6.46
N PRO D 447 22.62 -11.65 -5.88
CA PRO D 447 22.94 -11.46 -4.47
C PRO D 447 23.27 -10.02 -4.18
N PRO D 448 22.95 -9.53 -2.96
CA PRO D 448 22.40 -10.32 -1.85
C PRO D 448 20.87 -10.43 -1.84
N GLU D 449 20.22 -10.25 -2.97
CA GLU D 449 18.78 -10.50 -3.04
C GLU D 449 18.53 -12.00 -2.96
N PRO D 450 17.78 -12.49 -1.98
CA PRO D 450 17.54 -13.93 -1.88
C PRO D 450 16.73 -14.46 -3.05
N ASN D 451 17.05 -15.69 -3.45
CA ASN D 451 16.34 -16.36 -4.54
C ASN D 451 16.29 -17.85 -4.29
N PRO D 452 15.17 -18.37 -3.77
CA PRO D 452 15.05 -19.82 -3.56
C PRO D 452 14.90 -20.64 -4.85
N ARG D 453 14.60 -19.99 -5.97
CA ARG D 453 14.32 -20.65 -7.24
C ARG D 453 15.59 -20.81 -8.06
N GLU D 454 15.46 -21.42 -9.24
CA GLU D 454 16.59 -21.64 -10.14
C GLU D 454 16.75 -20.45 -11.08
N THR D 455 15.75 -20.20 -11.93
CA THR D 455 15.69 -19.05 -12.83
C THR D 455 16.85 -18.91 -13.82
N GLN D 456 17.83 -19.80 -13.77
CA GLN D 456 18.92 -19.73 -14.75
C GLN D 456 18.46 -20.31 -16.08
N LEU D 457 18.94 -19.72 -17.19
CA LEU D 457 18.55 -20.22 -18.50
C LEU D 457 19.40 -21.42 -18.88
N LEU D 458 18.77 -22.43 -19.44
CA LEU D 458 19.46 -23.67 -19.78
C LEU D 458 20.21 -23.55 -21.11
N ASP D 459 21.44 -24.04 -21.12
CA ASP D 459 22.26 -24.04 -22.32
C ASP D 459 21.71 -25.00 -23.38
N PRO D 460 21.66 -24.57 -24.64
CA PRO D 460 21.12 -25.43 -25.68
C PRO D 460 21.91 -26.72 -25.78
N PRO D 461 21.26 -27.81 -26.24
CA PRO D 461 21.96 -29.10 -26.38
C PRO D 461 23.26 -29.00 -27.16
N ASP D 462 24.07 -30.05 -27.11
CA ASP D 462 25.46 -29.97 -27.56
C ASP D 462 25.56 -29.58 -29.02
N GLY D 463 24.98 -30.38 -29.92
CA GLY D 463 25.21 -30.19 -31.33
C GLY D 463 24.33 -29.16 -32.02
N THR D 464 23.59 -28.35 -31.28
CA THR D 464 22.63 -27.45 -31.90
C THR D 464 23.26 -26.61 -33.00
N GLU D 465 24.48 -26.12 -32.77
CA GLU D 465 25.14 -25.27 -33.77
C GLU D 465 25.33 -26.01 -35.09
N GLU D 466 25.91 -27.20 -35.05
CA GLU D 466 26.11 -27.96 -36.29
C GLU D 466 24.78 -28.41 -36.85
N TRP D 467 23.83 -28.78 -35.98
CA TRP D 467 22.56 -29.28 -36.46
C TRP D 467 21.77 -28.22 -37.21
N GLU D 468 21.96 -26.95 -36.87
CA GLU D 468 21.34 -25.89 -37.64
C GLU D 468 21.80 -25.92 -39.09
N GLU D 469 23.10 -26.19 -39.30
CA GLU D 469 23.62 -26.29 -40.65
C GLU D 469 23.14 -27.57 -41.32
N LYS D 470 23.16 -28.69 -40.59
CA LYS D 470 22.71 -29.94 -41.18
C LYS D 470 21.25 -29.87 -41.60
N LEU D 471 20.43 -29.14 -40.84
CA LEU D 471 19.04 -28.96 -41.22
C LEU D 471 18.90 -28.06 -42.43
N LYS D 472 19.64 -26.94 -42.47
CA LYS D 472 19.59 -26.06 -43.63
C LYS D 472 20.03 -26.79 -44.89
N GLU D 473 21.05 -27.64 -44.79
CA GLU D 473 21.50 -28.40 -45.95
C GLU D 473 20.46 -29.43 -46.38
N LEU D 474 19.86 -30.13 -45.41
CA LEU D 474 18.83 -31.11 -45.73
C LEU D 474 17.63 -30.44 -46.39
N LEU D 475 17.34 -29.18 -46.02
CA LEU D 475 16.20 -28.48 -46.59
C LEU D 475 16.44 -28.07 -48.04
N LYS D 476 17.70 -28.02 -48.48
CA LYS D 476 18.02 -27.61 -49.85
C LYS D 476 17.81 -28.79 -50.81
N ASN D 477 16.58 -29.30 -50.80
CA ASN D 477 16.20 -30.40 -51.66
C ASN D 477 14.79 -30.20 -52.21
N LYS E 3 10.09 30.91 44.42
CA LYS E 3 9.46 32.21 44.15
C LYS E 3 8.06 31.98 43.58
N VAL E 4 7.02 32.42 44.30
CA VAL E 4 5.64 32.29 43.85
C VAL E 4 5.07 33.68 43.57
N TYR E 5 4.35 33.81 42.47
CA TYR E 5 3.78 35.08 42.03
C TYR E 5 2.26 35.05 42.11
N LYS E 6 1.68 36.16 42.60
CA LYS E 6 0.23 36.29 42.63
C LYS E 6 -0.34 37.12 41.50
N ASP E 7 0.46 37.93 40.81
CA ASP E 7 -0.01 38.71 39.68
C ASP E 7 1.10 38.81 38.65
N LEU E 8 0.76 39.34 37.48
CA LEU E 8 1.75 39.54 36.44
C LEU E 8 2.82 40.54 36.86
N ARG E 9 2.47 41.50 37.72
CA ARG E 9 3.41 42.56 38.05
C ARG E 9 4.59 42.01 38.87
N GLU E 10 4.31 41.09 39.79
CA GLU E 10 5.41 40.49 40.57
C GLU E 10 6.40 39.78 39.65
N PHE E 11 5.89 39.04 38.65
CA PHE E 11 6.77 38.34 37.74
C PHE E 11 7.60 39.32 36.91
N LEU E 12 6.96 40.39 36.42
CA LEU E 12 7.71 41.39 35.66
C LEU E 12 8.82 42.01 36.50
N GLU E 13 8.55 42.23 37.79
CA GLU E 13 9.60 42.77 38.66
C GLU E 13 10.78 41.83 38.75
N VAL E 14 10.51 40.52 38.87
CA VAL E 14 11.59 39.54 38.90
C VAL E 14 12.35 39.54 37.57
N LEU E 15 11.63 39.60 36.46
CA LEU E 15 12.28 39.61 35.15
C LEU E 15 13.25 40.78 35.03
N GLU E 16 12.87 41.95 35.56
CA GLU E 16 13.75 43.10 35.46
C GLU E 16 14.95 42.97 36.39
N GLN E 17 14.74 42.44 37.59
CA GLN E 17 15.86 42.24 38.51
C GLN E 17 16.89 41.26 37.95
N GLU E 18 16.46 40.34 37.10
CA GLU E 18 17.35 39.34 36.51
C GLU E 18 17.88 39.76 35.15
N GLY E 19 17.64 41.01 34.73
CA GLY E 19 18.08 41.46 33.44
C GLY E 19 17.38 40.80 32.28
N GLN E 20 16.12 40.40 32.47
CA GLN E 20 15.32 39.76 31.43
C GLN E 20 14.12 40.62 31.06
N LEU E 21 14.20 41.93 31.27
CA LEU E 21 13.15 42.85 30.87
C LEU E 21 13.78 44.20 30.56
N ILE E 22 13.41 44.77 29.41
CA ILE E 22 13.91 46.07 28.99
C ILE E 22 12.72 46.99 28.75
N ARG E 23 12.89 48.27 29.05
CA ARG E 23 11.82 49.26 28.98
C ARG E 23 12.01 50.14 27.75
N VAL E 24 10.94 50.29 26.98
CA VAL E 24 10.91 51.21 25.84
C VAL E 24 10.24 52.48 26.36
N LYS E 25 11.06 53.41 26.87
CA LYS E 25 10.52 54.61 27.48
C LYS E 25 9.97 55.57 26.42
N GLU E 26 10.54 55.58 25.22
CA GLU E 26 10.06 56.46 24.16
C GLU E 26 8.67 56.05 23.69
N GLU E 27 7.89 57.04 23.27
CA GLU E 27 6.59 56.77 22.66
C GLU E 27 6.80 56.11 21.30
N VAL E 28 5.90 55.17 20.95
CA VAL E 28 6.05 54.37 19.76
C VAL E 28 4.70 54.07 19.10
N ASN E 29 4.69 54.07 17.76
CA ASN E 29 3.46 53.78 17.02
C ASN E 29 3.06 52.32 17.23
N PRO E 30 1.75 52.03 17.32
CA PRO E 30 1.34 50.67 17.70
C PRO E 30 1.39 49.70 16.55
N GLU E 31 1.23 50.19 15.32
CA GLU E 31 1.02 49.30 14.18
C GLU E 31 2.25 48.49 13.82
N PRO E 32 3.33 49.12 13.32
CA PRO E 32 4.49 48.35 12.87
C PRO E 32 5.49 48.02 13.95
N ASP E 33 5.37 48.62 15.14
CA ASP E 33 6.45 48.59 16.13
C ASP E 33 6.27 47.48 17.17
N ILE E 34 5.12 47.42 17.81
CA ILE E 34 4.92 46.40 18.84
C ILE E 34 5.13 45.01 18.26
N ALA E 35 4.71 44.82 17.00
CA ALA E 35 4.97 43.55 16.34
C ALA E 35 6.46 43.38 16.05
N ALA E 36 7.10 44.42 15.53
CA ALA E 36 8.52 44.32 15.20
C ALA E 36 9.34 44.04 16.44
N ALA E 37 9.05 44.74 17.54
CA ALA E 37 9.78 44.48 18.78
C ALA E 37 9.59 43.04 19.23
N GLY E 38 8.38 42.51 19.08
CA GLY E 38 8.15 41.12 19.44
C GLY E 38 8.94 40.16 18.56
N ARG E 39 8.96 40.40 17.25
CA ARG E 39 9.75 39.55 16.37
C ARG E 39 11.23 39.68 16.64
N ALA E 40 11.71 40.92 16.83
CA ALA E 40 13.12 41.14 17.11
C ALA E 40 13.53 40.50 18.43
N ALA E 41 12.68 40.60 19.45
CA ALA E 41 13.03 40.02 20.74
C ALA E 41 13.33 38.54 20.63
N ALA E 42 12.45 37.79 19.97
CA ALA E 42 12.69 36.36 19.78
C ALA E 42 13.87 36.12 18.87
N ASN E 43 14.12 37.01 17.91
CA ASN E 43 15.25 36.85 17.00
C ASN E 43 16.58 36.93 17.73
N LEU E 44 16.60 37.44 18.96
CA LEU E 44 17.86 37.56 19.69
C LEU E 44 18.52 36.21 19.93
N GLY E 45 17.78 35.11 19.79
CA GLY E 45 18.41 33.81 19.88
C GLY E 45 18.40 33.21 21.27
N LYS E 46 19.13 33.82 22.20
CA LYS E 46 19.27 33.32 23.55
C LYS E 46 19.05 34.45 24.55
N ASN E 47 18.65 34.07 25.76
CA ASN E 47 18.45 35.03 26.84
C ASN E 47 17.51 36.16 26.42
N GLN E 48 16.52 35.83 25.60
CA GLN E 48 15.61 36.85 25.08
C GLN E 48 14.81 37.47 26.22
N PRO E 49 14.79 38.79 26.34
CA PRO E 49 14.06 39.44 27.42
C PRO E 49 12.64 39.80 26.99
N ALA E 50 11.82 40.13 27.98
CA ALA E 50 10.54 40.76 27.72
C ALA E 50 10.74 42.25 27.53
N VAL E 51 10.00 42.84 26.59
CA VAL E 51 10.07 44.27 26.33
C VAL E 51 8.78 44.91 26.82
N PHE E 52 8.91 46.01 27.54
CA PHE E 52 7.79 46.70 28.15
C PHE E 52 7.64 48.08 27.53
N PHE E 53 6.52 48.32 26.85
CA PHE E 53 6.25 49.60 26.22
C PHE E 53 5.54 50.53 27.19
N GLU E 54 6.15 51.66 27.48
CA GLU E 54 5.59 52.61 28.44
C GLU E 54 4.58 53.57 27.81
N LYS E 55 4.75 53.91 26.53
CA LYS E 55 3.91 54.90 25.88
C LYS E 55 3.54 54.42 24.49
N ILE E 56 2.25 54.44 24.17
CA ILE E 56 1.73 54.08 22.86
C ILE E 56 0.99 55.28 22.28
N LYS E 57 1.12 55.47 20.97
CA LYS E 57 0.73 56.75 20.36
C LYS E 57 -0.68 57.18 20.75
N GLY E 58 -1.65 56.30 20.60
CA GLY E 58 -3.03 56.71 20.81
C GLY E 58 -3.62 56.36 22.17
N TYR E 59 -3.04 55.38 22.84
CA TYR E 59 -3.63 54.81 24.04
C TYR E 59 -3.04 55.42 25.30
N LYS E 60 -3.72 55.15 26.42
CA LYS E 60 -3.35 55.67 27.73
C LYS E 60 -2.38 54.76 28.48
N TYR E 61 -2.56 53.44 28.38
CA TYR E 61 -1.84 52.47 29.19
C TYR E 61 -0.71 51.83 28.38
N SER E 62 -0.12 50.77 28.93
CA SER E 62 1.12 50.19 28.41
C SER E 62 0.89 48.75 27.93
N VAL E 63 1.95 48.17 27.34
CA VAL E 63 1.91 46.82 26.80
C VAL E 63 3.20 46.08 27.14
N VAL E 64 3.10 44.75 27.19
CA VAL E 64 4.26 43.89 27.41
C VAL E 64 4.23 42.73 26.43
N THR E 65 5.33 42.51 25.74
CA THR E 65 5.44 41.42 24.79
C THR E 65 6.64 40.56 25.15
N ASN E 66 6.64 39.33 24.65
CA ASN E 66 7.71 38.35 24.89
C ASN E 66 7.96 38.10 26.37
N VAL E 67 6.88 37.94 27.14
CA VAL E 67 7.02 37.62 28.56
C VAL E 67 7.56 36.21 28.74
N HIS E 68 7.06 35.26 27.96
CA HIS E 68 7.46 33.85 28.04
C HIS E 68 8.53 33.50 27.02
N GLY E 69 9.06 34.49 26.29
CA GLY E 69 9.83 34.21 25.10
C GLY E 69 11.30 33.85 25.24
N SER E 70 11.63 33.01 26.21
CA SER E 70 13.01 32.52 26.33
C SER E 70 13.06 31.50 27.45
N TRP E 71 14.08 30.64 27.40
CA TRP E 71 14.27 29.65 28.46
C TRP E 71 14.59 30.33 29.79
N GLN E 72 15.25 31.49 29.75
CA GLN E 72 15.52 32.23 30.97
C GLN E 72 14.21 32.66 31.64
N ASN E 73 13.31 33.28 30.87
CA ASN E 73 12.01 33.66 31.41
C ASN E 73 11.21 32.43 31.84
N HIS E 74 11.30 31.36 31.06
CA HIS E 74 10.57 30.15 31.40
C HIS E 74 11.02 29.60 32.75
N ALA E 75 12.32 29.66 33.03
CA ALA E 75 12.82 29.16 34.32
C ALA E 75 12.39 30.06 35.46
N LEU E 76 12.50 31.39 35.29
CA LEU E 76 12.03 32.30 36.33
C LEU E 76 10.55 32.14 36.59
N MET E 77 9.79 31.73 35.57
CA MET E 77 8.36 31.47 35.78
C MET E 77 8.16 30.40 36.85
N LEU E 78 9.00 29.35 36.82
CA LEU E 78 8.92 28.26 37.78
C LEU E 78 9.63 28.57 39.09
N GLY E 79 10.12 29.80 39.26
CA GLY E 79 10.83 30.16 40.47
C GLY E 79 12.22 29.59 40.58
N LEU E 80 12.77 29.11 39.47
CA LEU E 80 14.09 28.48 39.44
C LEU E 80 15.14 29.51 39.04
N ASP E 81 16.41 29.09 39.07
CA ASP E 81 17.48 29.96 38.61
C ASP E 81 17.30 30.29 37.14
N LYS E 82 17.66 31.53 36.78
CA LYS E 82 17.41 32.00 35.42
C LYS E 82 18.10 31.14 34.38
N ASN E 83 19.19 30.47 34.75
CA ASN E 83 19.95 29.66 33.81
C ASN E 83 19.68 28.17 33.96
N THR E 84 18.62 27.78 34.66
CA THR E 84 18.26 26.37 34.78
C THR E 84 18.07 25.75 33.40
N SER E 85 18.60 24.54 33.23
CA SER E 85 18.60 23.92 31.91
C SER E 85 17.19 23.47 31.51
N THR E 86 17.04 23.11 30.24
CA THR E 86 15.74 22.65 29.74
C THR E 86 15.31 21.37 30.45
N LYS E 87 16.19 20.36 30.48
CA LYS E 87 15.81 19.10 31.11
C LYS E 87 15.64 19.25 32.62
N ASP E 88 16.34 20.20 33.22
CA ASP E 88 16.11 20.47 34.64
C ASP E 88 14.69 20.98 34.88
N GLN E 89 14.23 21.90 34.03
CA GLN E 89 12.86 22.42 34.15
C GLN E 89 11.85 21.33 33.85
N PHE E 90 12.12 20.50 32.83
CA PHE E 90 11.22 19.41 32.50
C PHE E 90 11.05 18.47 33.70
N TYR E 91 12.14 18.17 34.40
CA TYR E 91 12.05 17.29 35.57
C TYR E 91 11.39 17.99 36.74
N GLU E 92 11.55 19.30 36.87
CA GLU E 92 10.89 20.02 37.94
C GLU E 92 9.37 20.02 37.72
N LEU E 93 8.94 20.19 36.48
CA LEU E 93 7.51 20.10 36.16
C LEU E 93 6.99 18.69 36.39
N ASN E 94 7.78 17.67 36.05
CA ASN E 94 7.35 16.29 36.26
C ASN E 94 7.06 16.02 37.73
N ARG E 95 7.73 16.74 38.64
CA ARG E 95 7.54 16.51 40.06
C ARG E 95 6.31 17.26 40.57
N ARG E 96 6.27 18.58 40.39
CA ARG E 96 5.15 19.35 40.89
C ARG E 96 3.83 18.87 40.30
N TRP E 97 3.87 18.27 39.10
CA TRP E 97 2.65 17.80 38.46
C TRP E 97 1.90 16.78 39.32
N ASP E 98 2.63 15.95 40.07
CA ASP E 98 2.04 14.86 40.84
C ASP E 98 1.32 15.34 42.09
N LYS E 99 1.37 16.64 42.38
CA LYS E 99 0.60 17.23 43.46
C LYS E 99 -0.78 17.69 43.00
N PHE E 100 -1.33 17.05 41.97
CA PHE E 100 -2.31 17.72 41.11
C PHE E 100 -3.38 18.49 41.86
N PRO E 101 -4.26 17.83 42.60
CA PRO E 101 -5.38 18.59 43.19
C PRO E 101 -4.91 19.48 44.33
N VAL E 102 -4.82 20.78 44.05
CA VAL E 102 -4.45 21.79 45.03
C VAL E 102 -5.54 22.86 45.02
N PRO E 103 -6.63 22.67 45.77
CA PRO E 103 -7.78 23.55 45.62
C PRO E 103 -7.39 25.01 45.72
N PRO E 104 -7.84 25.84 44.79
CA PRO E 104 -7.53 27.26 44.84
C PRO E 104 -8.24 27.94 46.01
N ASN E 105 -7.77 29.15 46.32
CA ASN E 105 -8.29 29.92 47.43
C ASN E 105 -9.23 31.00 46.90
N VAL E 106 -10.50 30.92 47.29
CA VAL E 106 -11.50 31.91 46.90
C VAL E 106 -11.42 33.09 47.85
N VAL E 107 -11.40 34.30 47.29
CA VAL E 107 -11.27 35.51 48.10
C VAL E 107 -12.50 36.40 47.89
N LYS E 108 -12.70 37.32 48.84
CA LYS E 108 -13.76 38.31 48.73
C LYS E 108 -13.49 39.27 47.58
N ARG E 109 -14.55 39.90 47.09
CA ARG E 109 -14.42 40.78 45.94
C ARG E 109 -13.52 41.96 46.23
N GLU E 110 -13.59 42.50 47.46
CA GLU E 110 -12.78 43.66 47.81
C GLU E 110 -11.30 43.35 47.77
N ALA E 111 -10.92 42.09 47.95
CA ALA E 111 -9.51 41.70 48.01
C ALA E 111 -8.90 41.44 46.65
N ALA E 112 -9.70 41.46 45.58
CA ALA E 112 -9.20 41.14 44.24
C ALA E 112 -8.80 42.42 43.52
N PRO E 113 -7.52 42.61 43.17
CA PRO E 113 -7.14 43.82 42.43
C PRO E 113 -7.84 43.97 41.10
N CYS E 114 -8.24 42.87 40.45
CA CYS E 114 -8.90 42.96 39.16
C CYS E 114 -10.27 43.61 39.24
N LYS E 115 -10.83 43.76 40.44
CA LYS E 115 -12.12 44.40 40.62
C LYS E 115 -11.99 45.88 40.99
N GLU E 116 -10.79 46.45 40.88
CA GLU E 116 -10.58 47.84 41.28
C GLU E 116 -11.44 48.79 40.46
N ASN E 117 -11.55 48.54 39.16
CA ASN E 117 -12.35 49.39 38.29
C ASN E 117 -13.38 48.54 37.55
N VAL E 118 -14.56 49.10 37.35
CA VAL E 118 -15.65 48.40 36.67
C VAL E 118 -16.19 49.32 35.59
N ILE E 119 -16.43 48.76 34.41
CA ILE E 119 -17.01 49.48 33.29
C ILE E 119 -18.35 48.83 32.96
N ASP E 120 -19.43 49.59 33.13
CA ASP E 120 -20.79 49.11 32.89
C ASP E 120 -21.53 49.88 31.82
N LYS E 121 -21.25 51.18 31.67
CA LYS E 121 -21.84 51.99 30.61
C LYS E 121 -21.12 51.70 29.31
N ASP E 122 -21.30 52.56 28.32
CA ASP E 122 -20.85 52.34 26.96
C ASP E 122 -19.46 51.70 26.96
N ILE E 123 -19.37 50.47 26.44
CA ILE E 123 -18.19 49.64 26.57
C ILE E 123 -17.24 49.94 25.42
N ASN E 124 -15.96 50.05 25.74
CA ASN E 124 -14.94 50.36 24.73
C ASN E 124 -13.65 49.66 25.13
N LEU E 125 -13.23 48.65 24.37
CA LEU E 125 -11.99 47.97 24.68
C LEU E 125 -10.78 48.87 24.48
N PHE E 126 -10.84 49.74 23.48
CA PHE E 126 -9.70 50.59 23.15
C PHE E 126 -9.37 51.58 24.25
N GLU E 127 -10.35 51.90 25.11
CA GLU E 127 -10.08 52.82 26.21
C GLU E 127 -9.03 52.25 27.15
N ILE E 128 -9.05 50.92 27.36
CA ILE E 128 -8.19 50.30 28.35
C ILE E 128 -7.11 49.40 27.76
N LEU E 129 -7.31 48.86 26.55
CA LEU E 129 -6.34 47.95 25.97
C LEU E 129 -5.67 48.58 24.75
N PRO E 130 -4.35 48.76 24.75
CA PRO E 130 -3.69 49.27 23.54
C PRO E 130 -3.66 48.24 22.42
N LEU E 131 -4.81 48.03 21.78
CA LEU E 131 -4.90 47.03 20.74
C LEU E 131 -4.07 47.42 19.53
N TYR E 132 -3.38 46.44 18.95
CA TYR E 132 -2.52 46.65 17.80
C TYR E 132 -2.64 45.44 16.87
N ARG E 133 -2.14 45.60 15.64
CA ARG E 133 -2.14 44.52 14.66
C ARG E 133 -0.82 43.75 14.76
N ILE E 134 -0.92 42.42 14.79
CA ILE E 134 0.23 41.57 15.06
C ILE E 134 1.04 41.29 13.79
N ASN E 135 0.39 40.87 12.71
CA ASN E 135 1.06 40.62 11.44
C ASN E 135 0.34 41.36 10.32
N GLU E 136 1.08 41.63 9.25
CA GLU E 136 0.62 42.58 8.23
C GLU E 136 -0.77 42.23 7.73
N GLN E 137 -0.96 40.98 7.29
CA GLN E 137 -2.21 40.58 6.68
C GLN E 137 -3.24 40.07 7.68
N ASP E 138 -2.99 40.23 8.97
CA ASP E 138 -4.00 39.86 9.95
C ASP E 138 -5.30 40.60 9.66
N GLY E 139 -6.42 39.93 9.90
CA GLY E 139 -7.73 40.53 9.67
C GLY E 139 -8.09 41.67 10.60
N GLY E 140 -7.31 41.90 11.65
CA GLY E 140 -7.61 42.97 12.57
C GLY E 140 -6.70 42.92 13.78
N PHE E 141 -7.11 43.63 14.82
CA PHE E 141 -6.34 43.67 16.06
C PHE E 141 -6.67 42.46 16.92
N TYR E 142 -5.64 41.78 17.41
CA TYR E 142 -5.78 40.47 18.02
C TYR E 142 -5.31 40.49 19.47
N ILE E 143 -5.84 39.56 20.25
CA ILE E 143 -5.47 39.35 21.65
C ILE E 143 -4.96 37.92 21.73
N SER E 144 -3.64 37.75 21.60
CA SER E 144 -3.07 36.41 21.47
C SER E 144 -2.99 35.70 22.82
N LYS E 145 -2.20 36.24 23.75
CA LYS E 145 -2.03 35.63 25.06
C LYS E 145 -3.20 36.05 25.95
N ALA E 146 -4.16 35.13 26.14
CA ALA E 146 -5.35 35.42 26.94
C ALA E 146 -5.89 34.11 27.50
N SER E 147 -6.21 34.10 28.79
CA SER E 147 -6.76 32.92 29.45
C SER E 147 -8.28 33.08 29.56
N VAL E 148 -9.00 32.17 28.92
CA VAL E 148 -10.44 32.27 28.74
C VAL E 148 -11.12 31.24 29.63
N VAL E 149 -12.10 31.69 30.42
CA VAL E 149 -12.76 30.86 31.43
C VAL E 149 -14.19 30.58 30.97
N THR E 150 -14.53 29.29 30.85
CA THR E 150 -15.89 28.87 30.53
C THR E 150 -16.28 27.70 31.41
N ALA E 151 -17.59 27.53 31.59
CA ALA E 151 -18.13 26.46 32.43
C ALA E 151 -19.11 25.61 31.63
N ASP E 152 -19.21 24.35 32.01
CA ASP E 152 -20.09 23.42 31.31
C ASP E 152 -21.54 23.77 31.57
N PRO E 153 -22.35 24.05 30.53
CA PRO E 153 -23.76 24.36 30.79
C PRO E 153 -24.52 23.21 31.44
N GLU E 154 -24.17 21.96 31.12
CA GLU E 154 -24.89 20.82 31.67
C GLU E 154 -24.61 20.66 33.16
N TYR E 155 -23.38 20.92 33.58
CA TYR E 155 -22.97 20.80 34.98
C TYR E 155 -22.27 22.09 35.38
N PRO E 156 -23.05 23.17 35.53
CA PRO E 156 -22.42 24.47 35.85
C PRO E 156 -21.86 24.55 37.25
N ASP E 157 -22.22 23.62 38.13
CA ASP E 157 -21.71 23.62 39.50
C ASP E 157 -20.45 22.79 39.67
N ASP E 158 -20.15 21.90 38.72
CA ASP E 158 -18.95 21.06 38.81
C ASP E 158 -17.71 21.89 38.51
N PHE E 159 -16.91 22.16 39.55
CA PHE E 159 -15.73 22.98 39.36
C PHE E 159 -14.71 22.31 38.45
N ASN E 160 -14.73 20.97 38.37
CA ASN E 160 -13.79 20.29 37.48
C ASN E 160 -14.09 20.59 36.01
N LYS E 161 -15.36 20.68 35.66
CA LYS E 161 -15.75 20.96 34.29
C LYS E 161 -15.63 22.43 33.93
N LEU E 162 -15.25 23.28 34.86
CA LEU E 162 -14.81 24.63 34.53
C LEU E 162 -13.41 24.58 33.92
N ASN E 163 -13.28 25.04 32.67
CA ASN E 163 -12.03 24.94 31.94
C ASN E 163 -11.54 26.33 31.54
N VAL E 164 -10.23 26.53 31.68
CA VAL E 164 -9.56 27.75 31.25
C VAL E 164 -8.50 27.37 30.21
N GLY E 165 -8.55 28.03 29.05
CA GLY E 165 -7.63 27.75 27.97
C GLY E 165 -7.37 29.02 27.19
N THR E 166 -6.46 28.91 26.22
CA THR E 166 -6.04 30.04 25.40
C THR E 166 -6.65 29.92 24.01
N TYR E 167 -7.25 31.01 23.53
CA TYR E 167 -7.81 31.08 22.20
C TYR E 167 -7.58 32.47 21.63
N ARG E 168 -7.31 32.54 20.33
CA ARG E 168 -7.03 33.82 19.70
C ARG E 168 -8.32 34.61 19.53
N ILE E 169 -8.24 35.92 19.74
CA ILE E 169 -9.42 36.77 19.81
C ILE E 169 -9.21 37.98 18.90
N GLN E 170 -10.06 38.12 17.90
CA GLN E 170 -10.02 39.26 16.98
C GLN E 170 -11.03 40.30 17.42
N VAL E 171 -10.56 41.53 17.62
CA VAL E 171 -11.44 42.64 18.02
C VAL E 171 -12.23 43.10 16.80
N LYS E 172 -13.55 43.07 16.90
CA LYS E 172 -14.43 43.43 15.80
C LYS E 172 -15.25 44.69 16.04
N ASP E 173 -15.27 45.21 17.25
CA ASP E 173 -15.98 46.45 17.53
C ASP E 173 -15.59 46.89 18.93
N ARG E 174 -16.17 48.01 19.37
CA ARG E 174 -15.84 48.50 20.71
C ARG E 174 -16.13 47.45 21.77
N ASP E 175 -17.15 46.62 21.55
CA ASP E 175 -17.63 45.71 22.58
C ASP E 175 -17.85 44.28 22.09
N ARG E 176 -17.39 43.92 20.90
CA ARG E 176 -17.55 42.57 20.40
C ARG E 176 -16.24 42.07 19.83
N VAL E 177 -15.94 40.79 20.04
CA VAL E 177 -14.71 40.18 19.56
C VAL E 177 -15.04 38.82 18.97
N GLY E 178 -14.07 38.24 18.29
CA GLY E 178 -14.24 36.92 17.72
C GLY E 178 -13.25 35.92 18.27
N ILE E 179 -13.76 34.76 18.72
CA ILE E 179 -12.93 33.76 19.37
C ILE E 179 -12.87 32.51 18.50
N GLN E 180 -11.69 31.88 18.44
CA GLN E 180 -11.49 30.67 17.65
C GLN E 180 -11.77 29.46 18.55
N ALA E 181 -13.03 29.01 18.56
CA ALA E 181 -13.43 27.82 19.31
C ALA E 181 -13.18 26.61 18.43
N LEU E 182 -11.93 26.17 18.39
CA LEU E 182 -11.57 25.02 17.57
C LEU E 182 -12.29 23.78 18.07
N ALA E 183 -12.66 22.91 17.14
CA ALA E 183 -13.54 21.80 17.47
C ALA E 183 -12.91 20.83 18.46
N MET E 184 -11.59 20.70 18.44
CA MET E 184 -10.94 19.69 19.29
C MET E 184 -10.65 20.18 20.69
N HIS E 185 -10.86 21.46 20.98
CA HIS E 185 -10.55 21.99 22.30
C HIS E 185 -11.76 21.95 23.23
N ASP E 186 -11.49 22.11 24.53
CA ASP E 186 -12.54 21.93 25.53
C ASP E 186 -13.69 22.89 25.33
N ILE E 187 -13.41 24.13 24.93
CA ILE E 187 -14.48 25.12 24.84
C ILE E 187 -15.51 24.71 23.82
N ALA E 188 -15.11 23.95 22.79
CA ALA E 188 -16.07 23.51 21.79
C ALA E 188 -17.06 22.52 22.35
N VAL E 189 -16.65 21.71 23.33
CA VAL E 189 -17.58 20.78 23.96
C VAL E 189 -18.68 21.53 24.68
N GLN E 190 -18.30 22.59 25.42
CA GLN E 190 -19.28 23.37 26.15
C GLN E 190 -20.14 24.21 25.21
N LEU E 191 -19.55 24.72 24.11
CA LEU E 191 -20.32 25.52 23.17
C LEU E 191 -21.39 24.70 22.46
N GLU E 192 -21.08 23.45 22.13
CA GLU E 192 -22.07 22.60 21.46
C GLU E 192 -23.27 22.37 22.37
N LYS E 193 -23.02 22.13 23.66
CA LYS E 193 -24.14 21.94 24.57
C LYS E 193 -25.01 23.18 24.63
N ALA E 194 -24.40 24.37 24.61
CA ALA E 194 -25.18 25.61 24.67
C ALA E 194 -25.89 25.87 23.36
N GLU E 195 -25.20 25.70 22.24
CA GLU E 195 -25.82 25.99 20.94
C GLU E 195 -26.91 25.00 20.60
N ALA E 196 -26.85 23.78 21.15
CA ALA E 196 -27.92 22.81 20.92
C ALA E 196 -29.23 23.25 21.55
N GLU E 197 -29.22 24.24 22.44
CA GLU E 197 -30.43 24.79 23.04
C GLU E 197 -30.63 26.25 22.69
N ASN E 198 -29.83 26.79 21.78
CA ASN E 198 -29.91 28.20 21.38
C ASN E 198 -29.76 29.13 22.58
N LYS E 199 -28.94 28.73 23.55
CA LYS E 199 -28.64 29.55 24.73
C LYS E 199 -27.19 30.03 24.68
N PRO E 200 -26.92 31.25 25.12
CA PRO E 200 -25.55 31.75 25.12
C PRO E 200 -24.68 31.03 26.15
N LEU E 201 -23.37 31.09 25.90
CA LEU E 201 -22.39 30.47 26.78
C LEU E 201 -21.62 31.54 27.54
N PRO E 202 -21.76 31.64 28.86
CA PRO E 202 -21.01 32.63 29.62
C PRO E 202 -19.51 32.41 29.48
N ILE E 203 -18.76 33.51 29.43
CA ILE E 203 -17.33 33.48 29.16
C ILE E 203 -16.66 34.63 29.88
N ALA E 204 -15.42 34.41 30.31
CA ALA E 204 -14.60 35.44 30.96
C ALA E 204 -13.22 35.42 30.35
N ILE E 205 -12.83 36.53 29.74
CA ILE E 205 -11.53 36.66 29.06
C ILE E 205 -10.61 37.45 29.97
N THR E 206 -9.56 36.80 30.47
CA THR E 206 -8.58 37.43 31.34
C THR E 206 -7.30 37.74 30.57
N ILE E 207 -6.64 38.83 30.95
CA ILE E 207 -5.43 39.31 30.29
C ILE E 207 -4.45 39.80 31.33
N GLY E 208 -3.18 39.44 31.17
CA GLY E 208 -2.16 39.85 32.11
C GLY E 208 -2.22 39.11 33.43
N ASN E 209 -1.92 37.82 33.41
CA ASN E 209 -2.03 36.97 34.59
C ASN E 209 -0.67 36.47 35.04
N ASN E 210 -0.68 35.84 36.23
CA ASN E 210 0.43 35.02 36.70
C ASN E 210 0.93 34.14 35.56
N PRO E 211 2.23 34.13 35.30
CA PRO E 211 2.72 33.34 34.15
C PRO E 211 2.35 31.86 34.23
N LEU E 212 2.16 31.34 35.44
CA LEU E 212 1.71 29.95 35.57
C LEU E 212 0.28 29.78 35.09
N VAL E 213 -0.57 30.79 35.29
CA VAL E 213 -1.95 30.72 34.79
C VAL E 213 -1.94 30.68 33.27
N THR E 214 -1.22 31.62 32.65
CA THR E 214 -1.06 31.57 31.19
C THR E 214 -0.48 30.23 30.75
N PHE E 215 0.41 29.65 31.56
CA PHE E 215 1.00 28.37 31.22
C PHE E 215 -0.04 27.26 31.19
N MET E 216 -0.85 27.14 32.24
CA MET E 216 -1.82 26.06 32.31
C MET E 216 -2.94 26.22 31.30
N ALA E 217 -3.29 27.47 30.96
CA ALA E 217 -4.33 27.69 29.96
C ALA E 217 -4.01 26.94 28.67
N SER E 218 -2.75 27.06 28.20
CA SER E 218 -2.29 26.45 26.96
C SER E 218 -1.94 24.98 27.12
N THR E 219 -2.14 24.40 28.31
CA THR E 219 -1.77 23.00 28.57
C THR E 219 -2.95 22.08 28.26
N PRO E 220 -2.72 21.01 27.51
CA PRO E 220 -3.80 20.09 27.10
C PRO E 220 -4.10 19.03 28.16
N VAL E 221 -4.65 19.49 29.28
CA VAL E 221 -5.10 18.59 30.35
C VAL E 221 -6.50 18.09 30.04
N GLY E 222 -6.96 17.08 30.78
CA GLY E 222 -8.27 16.51 30.54
C GLY E 222 -9.39 17.50 30.80
N TYR E 223 -10.57 17.15 30.28
CA TYR E 223 -11.74 18.02 30.45
C TYR E 223 -12.14 18.14 31.90
N ASN E 224 -12.11 17.04 32.64
CA ASN E 224 -12.55 16.98 34.02
C ASN E 224 -11.50 17.46 35.00
N GLN E 225 -10.45 18.13 34.54
CA GLN E 225 -9.38 18.63 35.40
C GLN E 225 -9.37 20.15 35.35
N ASN E 226 -9.45 20.78 36.53
CA ASN E 226 -9.45 22.22 36.60
C ASN E 226 -8.03 22.77 36.57
N GLU E 227 -7.80 23.76 35.71
CA GLU E 227 -6.46 24.28 35.51
C GLU E 227 -5.98 25.09 36.71
N TYR E 228 -6.89 25.72 37.45
CA TYR E 228 -6.49 26.42 38.67
C TYR E 228 -5.87 25.47 39.68
N GLU E 229 -6.38 24.24 39.76
CA GLU E 229 -5.81 23.28 40.70
C GLU E 229 -4.41 22.85 40.27
N PHE E 230 -4.12 22.88 38.98
CA PHE E 230 -2.77 22.59 38.52
C PHE E 230 -1.82 23.74 38.88
N VAL E 231 -2.31 24.97 38.83
CA VAL E 231 -1.48 26.12 39.18
C VAL E 231 -0.96 25.98 40.61
N GLY E 232 -1.83 25.57 41.54
CA GLY E 232 -1.38 25.35 42.90
C GLY E 232 -0.32 24.27 42.97
N ALA E 233 -0.41 23.26 42.11
CA ALA E 233 0.60 22.21 42.08
C ALA E 233 1.92 22.75 41.54
N LEU E 234 1.88 23.51 40.45
CA LEU E 234 3.11 24.09 39.92
C LEU E 234 3.72 25.13 40.84
N GLN E 235 2.92 25.73 41.72
CA GLN E 235 3.47 26.60 42.76
C GLN E 235 3.94 25.81 43.97
N ASP E 236 4.11 24.51 43.80
CA ASP E 236 4.68 23.64 44.82
C ASP E 236 3.78 23.56 46.04
N GLY E 237 2.47 23.58 45.81
CA GLY E 237 1.49 23.44 46.87
C GLY E 237 0.85 24.74 47.32
N VAL E 238 1.35 25.89 46.88
CA VAL E 238 0.77 27.17 47.26
C VAL E 238 -0.47 27.42 46.42
N PRO E 239 -1.66 27.40 47.01
CA PRO E 239 -2.87 27.61 46.21
C PRO E 239 -2.88 29.01 45.63
N MET E 240 -3.47 29.14 44.44
CA MET E 240 -3.63 30.44 43.82
C MET E 240 -4.96 31.07 44.22
N ASP E 241 -5.06 32.38 44.01
CA ASP E 241 -6.22 33.16 44.44
C ASP E 241 -7.15 33.40 43.27
N ILE E 242 -8.42 33.06 43.47
CA ILE E 242 -9.45 33.29 42.46
C ILE E 242 -10.61 34.02 43.12
N VAL E 243 -11.40 34.72 42.29
CA VAL E 243 -12.56 35.44 42.76
C VAL E 243 -13.70 35.19 41.78
N LYS E 244 -14.93 35.28 42.29
CA LYS E 244 -16.09 35.05 41.44
C LYS E 244 -16.31 36.21 40.49
N SER E 245 -16.70 35.90 39.27
CA SER E 245 -17.04 36.92 38.29
C SER E 245 -18.26 37.71 38.74
N ASP E 246 -18.34 38.96 38.29
CA ASP E 246 -19.45 39.82 38.71
C ASP E 246 -20.78 39.32 38.14
N LEU E 247 -20.86 39.14 36.82
CA LEU E 247 -22.13 38.86 36.17
C LEU E 247 -22.52 37.39 36.24
N TYR E 248 -21.55 36.48 36.26
CA TYR E 248 -21.83 35.05 36.18
C TYR E 248 -21.21 34.34 37.38
N ASP E 249 -22.05 33.66 38.16
CA ASP E 249 -21.56 32.66 39.09
C ASP E 249 -21.06 31.44 38.30
N HIS E 250 -20.40 30.53 39.01
CA HIS E 250 -19.81 29.36 38.38
C HIS E 250 -18.58 29.73 37.56
N LEU E 251 -18.31 31.02 37.41
CA LEU E 251 -17.20 31.53 36.62
C LEU E 251 -16.23 32.24 37.57
N TYR E 252 -15.01 31.73 37.64
CA TYR E 252 -13.99 32.26 38.54
C TYR E 252 -12.76 32.67 37.75
N VAL E 253 -12.25 33.86 38.06
CA VAL E 253 -11.11 34.43 37.34
C VAL E 253 -9.99 34.65 38.35
N PRO E 254 -8.75 34.69 37.89
CA PRO E 254 -7.63 34.99 38.80
C PRO E 254 -7.81 36.35 39.46
N ALA E 255 -7.42 36.43 40.73
CA ALA E 255 -7.62 37.68 41.47
C ALA E 255 -6.67 38.78 41.00
N GLY E 256 -5.49 38.42 40.49
CA GLY E 256 -4.50 39.40 40.10
C GLY E 256 -4.44 39.71 38.61
N SER E 257 -5.53 39.46 37.89
CA SER E 257 -5.57 39.74 36.46
C SER E 257 -5.56 41.24 36.19
N GLU E 258 -4.92 41.62 35.08
CA GLU E 258 -4.91 43.03 34.70
C GLU E 258 -6.26 43.46 34.15
N VAL E 259 -6.88 42.62 33.34
CA VAL E 259 -8.17 42.94 32.73
C VAL E 259 -9.01 41.67 32.70
N VAL E 260 -10.30 41.80 33.00
CA VAL E 260 -11.25 40.71 32.89
C VAL E 260 -12.39 41.19 32.01
N LEU E 261 -12.68 40.44 30.95
CA LEU E 261 -13.78 40.73 30.05
C LEU E 261 -14.86 39.68 30.28
N GLU E 262 -15.96 40.09 30.91
CA GLU E 262 -17.09 39.21 31.16
C GLU E 262 -18.11 39.39 30.06
N GLY E 263 -18.49 38.28 29.43
CA GLY E 263 -19.43 38.33 28.34
C GLY E 263 -20.01 36.97 28.04
N HIS E 264 -20.53 36.82 26.83
CA HIS E 264 -21.15 35.57 26.41
C HIS E 264 -20.94 35.37 24.93
N ILE E 265 -20.84 34.10 24.53
CA ILE E 265 -20.75 33.75 23.11
C ILE E 265 -22.16 33.75 22.54
N ILE E 266 -22.36 34.53 21.48
CA ILE E 266 -23.65 34.58 20.79
C ILE E 266 -23.90 33.24 20.12
N PRO E 267 -25.01 32.58 20.41
CA PRO E 267 -25.22 31.20 19.95
C PRO E 267 -25.64 31.13 18.49
N ARG E 268 -25.19 30.06 17.83
CA ARG E 268 -25.60 29.73 16.46
C ARG E 268 -25.29 30.85 15.48
N VAL E 269 -24.19 31.57 15.70
CA VAL E 269 -23.80 32.68 14.84
C VAL E 269 -22.32 32.57 14.56
N ARG E 270 -21.94 32.76 13.30
CA ARG E 270 -20.54 32.78 12.89
C ARG E 270 -20.32 33.98 11.98
N THR E 271 -19.16 34.64 12.14
CA THR E 271 -18.79 35.79 11.34
C THR E 271 -17.37 35.61 10.81
N VAL E 272 -16.92 36.57 10.01
CA VAL E 272 -15.64 36.47 9.30
C VAL E 272 -14.53 36.76 10.30
N GLU E 273 -13.82 35.72 10.72
CA GLU E 273 -12.67 35.83 11.61
C GLU E 273 -11.41 35.52 10.83
N GLY E 274 -10.36 36.28 11.09
CA GLY E 274 -9.10 36.08 10.42
C GLY E 274 -8.99 36.94 9.19
N PRO E 275 -7.93 36.72 8.39
CA PRO E 275 -6.90 35.70 8.64
C PRO E 275 -5.95 36.11 9.76
N PHE E 276 -5.08 35.19 10.19
CA PHE E 276 -4.22 35.44 11.34
C PHE E 276 -2.96 34.62 11.20
N GLY E 277 -1.80 35.26 11.35
CA GLY E 277 -0.54 34.55 11.30
C GLY E 277 -0.39 33.67 12.52
N GLU E 278 -0.19 32.37 12.30
CA GLU E 278 -0.15 31.38 13.37
C GLU E 278 1.25 30.78 13.49
N PHE E 279 1.40 29.85 14.43
CA PHE E 279 2.70 29.33 14.84
C PHE E 279 3.43 28.55 13.75
N PRO E 280 2.74 27.96 12.77
CA PRO E 280 3.48 27.27 11.70
C PRO E 280 4.23 28.23 10.78
N GLY E 281 4.22 29.53 11.07
CA GLY E 281 4.89 30.51 10.25
C GLY E 281 4.12 30.97 9.04
N SER E 282 2.86 30.56 8.91
CA SER E 282 2.03 30.91 7.76
C SER E 282 0.75 31.56 8.23
N TYR E 283 0.12 32.32 7.33
CA TYR E 283 -1.21 32.85 7.60
C TYR E 283 -2.23 31.72 7.57
N SER E 284 -3.13 31.70 8.55
CA SER E 284 -4.26 30.79 8.52
C SER E 284 -5.44 31.50 7.89
N GLY E 285 -6.10 30.82 6.94
CA GLY E 285 -7.14 31.47 6.17
C GLY E 285 -8.31 31.91 7.01
N ALA E 286 -9.07 32.87 6.48
CA ALA E 286 -10.25 33.38 7.16
C ALA E 286 -11.38 32.35 7.12
N ARG E 287 -12.05 32.18 8.25
CA ARG E 287 -13.17 31.25 8.38
C ARG E 287 -14.30 31.94 9.12
N LEU E 288 -15.45 31.28 9.16
CA LEU E 288 -16.60 31.78 9.92
C LEU E 288 -16.49 31.24 11.34
N GLN E 289 -16.26 32.14 12.31
CA GLN E 289 -16.02 31.73 13.69
C GLN E 289 -16.93 32.54 14.61
N CYS E 290 -16.96 32.11 15.88
CA CYS E 290 -17.92 32.65 16.84
C CYS E 290 -17.65 34.12 17.14
N GLU E 291 -18.70 34.80 17.60
CA GLU E 291 -18.60 36.17 18.09
C GLU E 291 -18.96 36.20 19.57
N VAL E 292 -18.30 37.09 20.29
CA VAL E 292 -18.50 37.27 21.72
C VAL E 292 -18.92 38.71 21.96
N LYS E 293 -19.94 38.89 22.80
CA LYS E 293 -20.40 40.21 23.20
C LYS E 293 -19.85 40.52 24.60
N ILE E 294 -19.14 41.63 24.73
CA ILE E 294 -18.59 42.03 26.01
C ILE E 294 -19.66 42.74 26.81
N ASP E 295 -20.02 42.17 27.96
CA ASP E 295 -21.07 42.72 28.82
C ASP E 295 -20.56 43.62 29.93
N ARG E 296 -19.31 43.44 30.35
CA ARG E 296 -18.78 44.19 31.48
C ARG E 296 -17.27 43.99 31.52
N ILE E 297 -16.57 45.02 31.99
CA ILE E 297 -15.11 45.01 32.10
C ILE E 297 -14.72 45.36 33.52
N THR E 298 -13.87 44.54 34.13
CA THR E 298 -13.22 44.85 35.38
C THR E 298 -11.72 44.83 35.14
N HIS E 299 -11.01 45.77 35.74
CA HIS E 299 -9.58 45.86 35.46
C HIS E 299 -8.89 46.60 36.60
N ARG E 300 -7.61 46.32 36.74
CA ARG E 300 -6.79 47.02 37.71
C ARG E 300 -6.43 48.41 37.19
N THR E 301 -6.22 49.33 38.13
CA THR E 301 -5.81 50.68 37.75
C THR E 301 -4.43 50.64 37.10
N ASN E 302 -4.31 51.36 35.97
CA ASN E 302 -3.11 51.30 35.13
C ASN E 302 -2.88 49.86 34.68
N PRO E 303 -3.80 49.28 33.91
CA PRO E 303 -3.64 47.90 33.48
C PRO E 303 -2.51 47.76 32.47
N ILE E 304 -1.95 46.54 32.41
CA ILE E 304 -0.85 46.23 31.50
C ILE E 304 -1.33 45.16 30.53
N PHE E 305 -1.09 45.39 29.24
CA PHE E 305 -1.54 44.50 28.18
C PHE E 305 -0.46 43.47 27.89
N GLU E 306 -0.68 42.23 28.34
CA GLU E 306 0.24 41.13 28.09
C GLU E 306 -0.20 40.45 26.80
N ASN E 307 0.43 40.84 25.69
CA ASN E 307 0.20 40.21 24.40
C ASN E 307 1.51 39.59 23.92
N LEU E 308 1.41 38.76 22.88
CA LEU E 308 2.58 38.09 22.33
C LEU E 308 2.57 38.18 20.82
N TYR E 309 3.76 38.05 20.24
CA TYR E 309 3.92 37.91 18.80
C TYR E 309 4.17 36.44 18.46
N LEU E 310 3.58 35.99 17.35
CA LEU E 310 3.82 34.64 16.86
C LEU E 310 3.96 34.71 15.35
N GLY E 311 4.66 33.73 14.79
CA GLY E 311 4.96 33.70 13.37
C GLY E 311 5.97 32.62 13.04
N ILE E 312 6.95 32.94 12.20
CA ILE E 312 7.93 31.92 11.80
C ILE E 312 8.59 31.34 13.06
N PRO E 313 8.65 30.02 13.18
CA PRO E 313 8.69 29.39 14.51
C PRO E 313 9.85 29.80 15.38
N TRP E 314 9.66 29.45 16.66
CA TRP E 314 10.42 29.96 17.80
C TRP E 314 10.27 31.48 17.90
N THR E 315 9.00 31.89 17.95
CA THR E 315 8.57 33.16 18.54
C THR E 315 8.26 32.91 20.02
N GLU E 316 7.64 33.88 20.70
CA GLU E 316 7.32 33.69 22.11
C GLU E 316 6.44 32.46 22.32
N ILE E 317 5.48 32.23 21.43
CA ILE E 317 4.51 31.15 21.65
C ILE E 317 5.20 29.80 21.62
N ASP E 318 6.23 29.64 20.80
CA ASP E 318 6.89 28.34 20.72
C ASP E 318 7.59 27.99 22.03
N TYR E 319 8.11 29.00 22.75
CA TYR E 319 8.66 28.75 24.08
C TYR E 319 7.56 28.39 25.07
N LEU E 320 6.42 29.09 25.01
CA LEU E 320 5.33 28.80 25.93
C LEU E 320 4.85 27.36 25.77
N MET E 321 4.69 26.90 24.54
CA MET E 321 4.13 25.59 24.26
C MET E 321 5.18 24.48 24.31
N ALA E 322 6.45 24.82 24.52
CA ALA E 322 7.51 23.81 24.45
C ALA E 322 7.30 22.72 25.49
N LEU E 323 7.15 23.11 26.75
CA LEU E 323 7.05 22.12 27.82
C LEU E 323 5.63 21.85 28.29
N ASN E 324 4.73 22.83 28.21
CA ASN E 324 3.37 22.56 28.65
C ASN E 324 2.66 21.56 27.73
N THR E 325 3.22 21.25 26.58
CA THR E 325 2.67 20.20 25.73
C THR E 325 3.33 18.85 25.98
N SER E 326 4.63 18.84 26.28
CA SER E 326 5.34 17.57 26.44
C SER E 326 5.01 16.90 27.76
N VAL E 327 4.84 17.68 28.83
CA VAL E 327 4.67 17.13 30.18
C VAL E 327 3.36 16.36 30.30
N PRO E 328 2.21 16.95 29.95
CA PRO E 328 0.95 16.20 30.07
C PRO E 328 0.90 15.00 29.15
N LEU E 329 1.48 15.09 27.96
CA LEU E 329 1.56 13.91 27.10
C LEU E 329 2.39 12.80 27.74
N TYR E 330 3.50 13.16 28.37
CA TYR E 330 4.29 12.17 29.07
C TYR E 330 3.51 11.56 30.24
N LYS E 331 2.83 12.40 31.02
CA LYS E 331 2.04 11.88 32.13
C LYS E 331 0.89 11.02 31.65
N GLN E 332 0.17 11.47 30.61
CA GLN E 332 -0.97 10.71 30.12
C GLN E 332 -0.54 9.34 29.60
N LEU E 333 0.58 9.29 28.89
CA LEU E 333 1.13 8.02 28.43
C LEU E 333 1.60 7.18 29.61
N LYS E 334 2.33 7.81 30.54
CA LYS E 334 2.95 7.07 31.64
C LYS E 334 1.91 6.39 32.53
N GLU E 335 0.70 6.95 32.62
CA GLU E 335 -0.32 6.37 33.49
C GLU E 335 -0.66 4.94 33.08
N THR E 336 -0.81 4.69 31.78
CA THR E 336 -1.10 3.36 31.27
C THR E 336 0.15 2.54 31.03
N MET E 337 1.23 3.19 30.60
CA MET E 337 2.44 2.50 30.11
C MET E 337 3.64 3.00 30.88
N PRO E 338 4.02 2.32 31.96
CA PRO E 338 5.18 2.77 32.75
C PRO E 338 6.50 2.67 32.01
N GLU E 339 6.53 1.97 30.88
CA GLU E 339 7.76 1.80 30.12
C GLU E 339 8.21 3.09 29.45
N VAL E 340 7.36 4.10 29.35
CA VAL E 340 7.73 5.32 28.63
C VAL E 340 8.75 6.12 29.43
N VAL E 341 9.77 6.60 28.76
CA VAL E 341 10.86 7.32 29.42
C VAL E 341 10.63 8.82 29.38
N ALA E 342 10.45 9.37 28.19
CA ALA E 342 10.23 10.81 28.04
C ALA E 342 9.54 11.07 26.71
N VAL E 343 8.93 12.26 26.60
CA VAL E 343 8.18 12.66 25.42
C VAL E 343 8.60 14.06 25.02
N ASN E 344 8.95 14.23 23.74
CA ASN E 344 9.35 15.50 23.17
C ASN E 344 8.29 15.95 22.17
N ALA E 345 7.57 17.01 22.53
CA ALA E 345 6.50 17.57 21.70
C ALA E 345 6.66 19.08 21.57
N MET E 346 7.91 19.56 21.55
CA MET E 346 8.16 20.99 21.51
C MET E 346 8.03 21.59 20.13
N TYR E 347 7.97 20.76 19.09
CA TYR E 347 8.15 21.23 17.72
C TYR E 347 6.78 21.47 17.10
N THR E 348 6.52 22.74 16.75
CA THR E 348 5.27 23.17 16.12
C THR E 348 4.05 22.63 16.88
N HIS E 349 4.04 22.85 18.19
CA HIS E 349 2.85 22.62 19.01
C HIS E 349 2.44 21.15 19.03
N GLY E 350 3.41 20.25 18.95
CA GLY E 350 3.15 18.83 19.08
C GLY E 350 2.75 18.13 17.81
N ILE E 351 2.70 18.82 16.66
CA ILE E 351 2.43 18.14 15.41
C ILE E 351 3.49 17.09 15.12
N GLY E 352 4.68 17.28 15.68
CA GLY E 352 5.70 16.25 15.66
C GLY E 352 6.07 15.86 17.08
N VAL E 353 6.00 14.58 17.39
CA VAL E 353 6.26 14.08 18.73
C VAL E 353 7.28 12.95 18.65
N ILE E 354 8.28 12.98 19.54
CA ILE E 354 9.28 11.93 19.63
C ILE E 354 9.17 11.34 21.03
N ILE E 355 8.98 10.02 21.10
CA ILE E 355 8.75 9.32 22.35
C ILE E 355 9.90 8.36 22.58
N SER E 356 10.43 8.38 23.79
CA SER E 356 11.46 7.45 24.24
C SER E 356 10.80 6.43 25.16
N THR E 357 11.04 5.14 24.89
CA THR E 357 10.34 4.13 25.67
C THR E 357 11.12 2.82 25.67
N LYS E 358 10.93 2.06 26.75
CA LYS E 358 11.31 0.65 26.73
C LYS E 358 10.25 -0.13 25.96
N VAL E 359 10.69 -1.15 25.25
CA VAL E 359 9.81 -1.99 24.44
C VAL E 359 9.50 -3.23 25.26
N ARG E 360 8.31 -3.26 25.87
CA ARG E 360 7.96 -4.37 26.75
C ARG E 360 7.98 -5.68 25.99
N TYR E 361 7.26 -5.74 24.88
CA TYR E 361 7.25 -6.89 23.99
C TYR E 361 7.19 -6.39 22.56
N GLY E 362 7.57 -7.26 21.63
CA GLY E 362 7.50 -6.95 20.22
C GLY E 362 6.36 -6.07 19.78
N GLY E 363 6.67 -5.03 19.00
CA GLY E 363 5.68 -4.08 18.53
C GLY E 363 5.15 -3.09 19.54
N TYR E 364 5.65 -3.13 20.79
CA TYR E 364 5.14 -2.21 21.81
C TYR E 364 5.30 -0.76 21.40
N ALA E 365 6.28 -0.45 20.56
CA ALA E 365 6.47 0.93 20.13
C ALA E 365 5.23 1.45 19.42
N LYS E 366 4.61 0.62 18.58
CA LYS E 366 3.40 1.01 17.89
C LYS E 366 2.25 1.24 18.87
N GLY E 367 2.19 0.43 19.93
CA GLY E 367 1.17 0.66 20.95
C GLY E 367 1.34 1.99 21.65
N VAL E 368 2.59 2.36 21.96
CA VAL E 368 2.83 3.67 22.57
C VAL E 368 2.34 4.77 21.65
N ALA E 369 2.67 4.67 20.36
CA ALA E 369 2.19 5.64 19.39
C ALA E 369 0.67 5.68 19.35
N PHE E 370 0.04 4.51 19.46
CA PHE E 370 -1.42 4.47 19.47
C PHE E 370 -1.98 5.26 20.65
N ARG E 371 -1.37 5.12 21.83
CA ARG E 371 -1.85 5.86 22.98
C ARG E 371 -1.68 7.36 22.76
N LEU E 372 -0.54 7.78 22.22
CA LEU E 372 -0.34 9.20 21.97
C LEU E 372 -1.39 9.72 21.00
N LEU E 373 -1.80 8.90 20.03
CA LEU E 373 -2.76 9.32 19.02
C LEU E 373 -4.20 9.19 19.52
N SER E 374 -4.38 8.75 20.76
CA SER E 374 -5.70 8.66 21.38
C SER E 374 -5.78 9.52 22.64
N THR E 375 -4.89 10.50 22.75
CA THR E 375 -4.83 11.43 23.85
C THR E 375 -5.46 12.77 23.45
N PRO E 376 -6.00 13.52 24.41
CA PRO E 376 -6.68 14.79 24.08
C PRO E 376 -5.92 15.68 23.10
N HIS E 377 -4.61 15.83 23.27
CA HIS E 377 -3.87 16.72 22.38
C HIS E 377 -3.21 16.03 21.21
N GLY E 378 -3.02 14.72 21.24
CA GLY E 378 -2.21 14.10 20.23
C GLY E 378 -3.07 13.47 19.16
N MET E 379 -4.30 13.13 19.54
CA MET E 379 -5.26 12.61 18.57
C MET E 379 -5.52 13.61 17.45
N PRO E 380 -5.77 14.90 17.72
CA PRO E 380 -5.99 15.84 16.63
C PRO E 380 -4.73 16.52 16.13
N TYR E 381 -3.68 16.58 16.97
CA TYR E 381 -2.51 17.39 16.66
C TYR E 381 -1.35 16.57 16.08
N SER E 382 -0.97 15.48 16.74
CA SER E 382 0.25 14.77 16.39
C SER E 382 0.08 14.06 15.05
N LYS E 383 0.85 14.49 14.06
CA LYS E 383 0.84 13.90 12.72
C LYS E 383 1.98 12.92 12.49
N ILE E 384 3.16 13.22 13.04
CA ILE E 384 4.35 12.39 12.88
C ILE E 384 4.81 11.99 14.26
N VAL E 385 4.78 10.69 14.54
CA VAL E 385 5.16 10.15 15.85
C VAL E 385 6.36 9.22 15.65
N ILE E 386 7.50 9.62 16.19
CA ILE E 386 8.71 8.81 16.14
C ILE E 386 8.94 8.22 17.53
N VAL E 387 9.16 6.92 17.60
CA VAL E 387 9.38 6.21 18.85
C VAL E 387 10.79 5.65 18.85
N VAL E 388 11.54 5.93 19.91
CA VAL E 388 12.93 5.49 20.02
C VAL E 388 13.08 4.69 21.31
N ASP E 389 14.27 4.12 21.49
CA ASP E 389 14.52 3.23 22.61
C ASP E 389 14.61 4.03 23.91
N GLU E 390 14.74 3.28 25.02
CA GLU E 390 14.84 3.88 26.34
C GLU E 390 16.05 4.79 26.45
N PHE E 391 17.16 4.38 25.84
CA PHE E 391 18.44 5.06 26.03
C PHE E 391 18.66 6.21 25.06
N VAL E 392 17.72 6.50 24.19
CA VAL E 392 17.84 7.63 23.26
C VAL E 392 17.16 8.84 23.88
N ASP E 393 17.86 9.98 23.87
CA ASP E 393 17.24 11.21 24.36
C ASP E 393 16.34 11.78 23.27
N PRO E 394 15.02 11.73 23.44
CA PRO E 394 14.13 12.24 22.39
C PRO E 394 14.31 13.73 22.15
N PHE E 395 14.95 14.45 23.06
CA PHE E 395 15.23 15.86 22.86
C PHE E 395 16.53 16.11 22.11
N ASN E 396 17.34 15.08 21.89
CA ASN E 396 18.62 15.20 21.18
C ASN E 396 18.40 14.72 19.75
N LEU E 397 18.08 15.66 18.85
CA LEU E 397 17.75 15.28 17.49
C LEU E 397 18.90 14.52 16.82
N GLU E 398 20.14 14.77 17.25
CA GLU E 398 21.26 14.03 16.71
C GLU E 398 21.10 12.54 16.96
N GLN E 399 20.74 12.16 18.20
CA GLN E 399 20.53 10.76 18.51
C GLN E 399 19.31 10.21 17.80
N VAL E 400 18.23 10.99 17.74
CA VAL E 400 17.04 10.54 17.03
C VAL E 400 17.38 10.23 15.57
N MET E 401 18.22 11.06 14.95
CA MET E 401 18.66 10.78 13.59
C MET E 401 19.44 9.47 13.54
N TRP E 402 20.20 9.16 14.59
CA TRP E 402 20.89 7.87 14.64
C TRP E 402 19.89 6.73 14.76
N ALA E 403 18.89 6.88 15.60
CA ALA E 403 17.88 5.83 15.74
C ALA E 403 17.14 5.61 14.43
N LEU E 404 16.87 6.69 13.68
CA LEU E 404 16.20 6.55 12.39
C LEU E 404 17.06 5.77 11.40
N THR E 405 18.36 6.05 11.35
CA THR E 405 19.21 5.48 10.34
C THR E 405 19.59 4.03 10.62
N THR E 406 19.56 3.60 11.87
CA THR E 406 20.03 2.29 12.24
C THR E 406 18.97 1.34 12.78
N ARG E 407 17.77 1.84 13.08
CA ARG E 407 16.73 1.00 13.67
C ARG E 407 15.42 0.99 12.90
N VAL E 408 15.34 1.68 11.76
CA VAL E 408 14.08 1.82 11.03
C VAL E 408 14.17 1.01 9.74
N HIS E 409 13.31 0.01 9.61
CA HIS E 409 13.16 -0.73 8.36
C HIS E 409 11.84 -0.32 7.74
N PRO E 410 11.83 0.59 6.75
CA PRO E 410 10.57 1.14 6.26
C PRO E 410 9.58 0.10 5.77
N GLY E 411 10.01 -1.14 5.55
CA GLY E 411 9.06 -2.18 5.18
C GLY E 411 8.06 -2.46 6.28
N LYS E 412 8.50 -2.39 7.53
CA LYS E 412 7.65 -2.70 8.67
C LYS E 412 7.54 -1.57 9.68
N ASP E 413 8.59 -0.80 9.88
CA ASP E 413 8.63 0.17 10.96
C ASP E 413 7.90 1.47 10.66
N VAL E 414 7.56 1.75 9.41
CA VAL E 414 6.84 2.96 9.04
C VAL E 414 5.40 2.58 8.70
N SER E 415 4.44 3.23 9.37
CA SER E 415 3.02 2.93 9.21
C SER E 415 2.24 4.21 8.93
N ILE E 416 1.44 4.20 7.87
CA ILE E 416 0.73 5.39 7.42
C ILE E 416 -0.75 5.11 7.42
N ILE E 417 -1.52 5.90 8.16
CA ILE E 417 -2.92 5.63 8.43
C ILE E 417 -3.74 6.81 7.91
N GLU E 418 -4.70 6.52 7.03
CA GLU E 418 -5.49 7.57 6.37
C GLU E 418 -6.72 7.95 7.19
N ASN E 419 -7.17 9.18 7.01
CA ASN E 419 -8.49 9.61 7.48
C ASN E 419 -8.59 9.59 9.00
N CYS E 420 -7.60 10.17 9.65
CA CYS E 420 -7.56 10.28 11.10
C CYS E 420 -7.80 11.72 11.52
N PRO E 421 -8.19 11.95 12.78
CA PRO E 421 -8.45 13.32 13.25
C PRO E 421 -7.25 14.23 12.99
N GLY E 422 -7.53 15.47 12.58
CA GLY E 422 -6.49 16.40 12.20
C GLY E 422 -6.69 17.79 12.79
N MET E 423 -5.69 18.63 12.51
CA MET E 423 -5.65 20.00 13.00
C MET E 423 -5.65 20.97 11.83
N PRO E 424 -6.65 21.86 11.72
CA PRO E 424 -6.71 22.73 10.54
C PRO E 424 -5.55 23.71 10.42
N LEU E 425 -4.94 24.09 11.53
CA LEU E 425 -3.84 25.06 11.48
C LEU E 425 -2.60 24.51 10.80
N ASP E 426 -2.47 23.20 10.71
CA ASP E 426 -1.37 22.60 9.95
C ASP E 426 -1.62 22.80 8.46
N PRO E 427 -0.81 23.60 7.76
CA PRO E 427 -1.09 23.90 6.34
C PRO E 427 -0.84 22.76 5.38
N SER E 428 -0.50 21.58 5.87
CA SER E 428 -0.27 20.44 5.00
C SER E 428 -1.53 19.59 4.81
N THR E 429 -2.50 19.66 5.71
CA THR E 429 -3.69 18.82 5.62
C THR E 429 -4.46 19.12 4.34
N ASN E 430 -4.55 18.13 3.45
CA ASN E 430 -5.22 18.39 2.18
C ASN E 430 -6.73 18.47 2.39
N PRO E 431 -7.38 17.48 2.98
CA PRO E 431 -8.69 17.72 3.58
C PRO E 431 -8.51 18.46 4.89
N PRO E 432 -8.78 19.76 4.91
CA PRO E 432 -8.31 20.59 6.02
C PRO E 432 -8.93 20.13 7.34
N GLY E 433 -8.11 20.14 8.40
CA GLY E 433 -8.58 19.63 9.68
C GLY E 433 -8.60 18.12 9.75
N MET E 434 -7.89 17.45 8.87
CA MET E 434 -7.95 16.01 8.71
C MET E 434 -6.63 15.60 8.09
N HIS E 435 -5.81 14.84 8.80
CA HIS E 435 -4.54 14.47 8.19
C HIS E 435 -4.24 13.00 8.39
N THR E 436 -3.43 12.48 7.46
CA THR E 436 -2.93 11.10 7.47
C THR E 436 -1.75 11.00 8.43
N LYS E 437 -1.85 10.11 9.41
CA LYS E 437 -0.82 9.97 10.43
C LYS E 437 0.33 9.08 9.94
N MET E 438 1.53 9.34 10.47
CA MET E 438 2.70 8.53 10.17
C MET E 438 3.40 8.16 11.46
N ILE E 439 3.54 6.86 11.71
CA ILE E 439 4.21 6.33 12.90
C ILE E 439 5.51 5.68 12.47
N ILE E 440 6.61 6.04 13.14
CA ILE E 440 7.94 5.53 12.82
C ILE E 440 8.47 4.82 14.04
N ASP E 441 8.75 3.53 13.90
CA ASP E 441 9.20 2.69 15.00
C ASP E 441 10.72 2.60 14.90
N ALA E 442 11.41 3.54 15.54
CA ALA E 442 12.86 3.57 15.55
C ALA E 442 13.44 2.83 16.76
N THR E 443 12.73 1.83 17.26
CA THR E 443 13.17 1.04 18.39
C THR E 443 13.82 -0.25 17.90
N THR E 444 14.65 -0.82 18.76
CA THR E 444 15.30 -2.08 18.44
C THR E 444 14.30 -3.22 18.59
N PRO E 445 14.24 -4.14 17.63
CA PRO E 445 13.23 -5.21 17.70
C PRO E 445 13.36 -6.05 18.95
N VAL E 446 12.21 -6.45 19.48
CA VAL E 446 12.12 -7.29 20.69
C VAL E 446 11.22 -8.47 20.38
N PRO E 447 11.49 -9.66 20.93
CA PRO E 447 10.63 -10.81 20.67
C PRO E 447 9.20 -10.49 21.05
N PRO E 448 8.22 -11.11 20.37
CA PRO E 448 8.47 -12.16 19.38
C PRO E 448 8.69 -11.65 17.96
N GLU E 449 9.08 -10.39 17.80
CA GLU E 449 9.43 -9.87 16.49
C GLU E 449 10.74 -10.50 16.04
N PRO E 450 10.78 -11.22 14.93
CA PRO E 450 12.04 -11.85 14.51
C PRO E 450 13.08 -10.81 14.12
N ASN E 451 14.33 -11.11 14.44
CA ASN E 451 15.46 -10.23 14.10
C ASN E 451 16.69 -11.10 13.89
N PRO E 452 17.02 -11.41 12.63
CA PRO E 452 18.23 -12.21 12.37
C PRO E 452 19.52 -11.45 12.55
N ARG E 453 19.49 -10.12 12.62
CA ARG E 453 20.70 -9.32 12.67
C ARG E 453 21.12 -9.05 14.11
N GLU E 454 22.34 -8.53 14.25
CA GLU E 454 22.89 -8.15 15.56
C GLU E 454 22.75 -6.64 15.72
N THR E 455 21.89 -6.21 16.64
CA THR E 455 21.64 -4.79 16.85
C THR E 455 22.05 -4.30 18.22
N GLN E 456 22.63 -5.14 19.08
CA GLN E 456 23.04 -4.70 20.40
C GLN E 456 24.22 -3.73 20.31
N LEU E 457 24.22 -2.76 21.22
CA LEU E 457 25.23 -1.70 21.23
C LEU E 457 26.53 -2.16 21.90
N LEU E 458 27.62 -1.53 21.49
CA LEU E 458 28.95 -1.89 21.97
C LEU E 458 29.18 -1.35 23.38
N ASP E 459 29.64 -2.22 24.27
CA ASP E 459 30.09 -1.77 25.58
C ASP E 459 31.41 -1.03 25.43
N PRO E 460 31.58 0.15 26.03
CA PRO E 460 32.81 0.89 25.83
C PRO E 460 34.01 0.08 26.31
N PRO E 461 35.18 0.29 25.70
CA PRO E 461 36.38 -0.43 26.17
C PRO E 461 36.61 -0.26 27.66
N ASP E 462 37.50 -1.07 28.23
CA ASP E 462 37.58 -1.21 29.68
C ASP E 462 37.86 0.11 30.37
N GLY E 463 39.01 0.71 30.08
CA GLY E 463 39.45 1.85 30.85
C GLY E 463 38.89 3.21 30.46
N THR E 464 37.86 3.24 29.61
CA THR E 464 37.38 4.52 29.09
C THR E 464 37.07 5.50 30.22
N GLU E 465 36.49 5.01 31.32
CA GLU E 465 36.15 5.92 32.41
C GLU E 465 37.39 6.64 32.92
N GLU E 466 38.43 5.88 33.27
CA GLU E 466 39.66 6.48 33.79
C GLU E 466 40.40 7.24 32.68
N TRP E 467 40.38 6.71 31.46
CA TRP E 467 41.11 7.38 30.38
C TRP E 467 40.52 8.75 30.10
N GLU E 468 39.23 8.94 30.35
CA GLU E 468 38.64 10.27 30.21
C GLU E 468 39.31 11.26 31.17
N GLU E 469 39.59 10.82 32.40
CA GLU E 469 40.25 11.70 33.37
C GLU E 469 41.71 11.93 32.99
N LYS E 470 42.42 10.86 32.62
CA LYS E 470 43.83 11.00 32.30
C LYS E 470 44.04 11.92 31.10
N LEU E 471 43.11 11.90 30.13
CA LEU E 471 43.21 12.80 28.99
C LEU E 471 42.93 14.24 29.40
N LYS E 472 41.89 14.46 30.21
CA LYS E 472 41.58 15.81 30.67
C LYS E 472 42.76 16.40 31.43
N GLU E 473 43.41 15.59 32.26
CA GLU E 473 44.55 16.07 33.03
C GLU E 473 45.74 16.37 32.12
N LEU E 474 46.02 15.49 31.17
CA LEU E 474 47.12 15.74 30.24
C LEU E 474 46.89 17.00 29.42
N LEU E 475 45.62 17.33 29.15
CA LEU E 475 45.31 18.52 28.37
C LEU E 475 45.57 19.81 29.15
N LYS E 476 45.60 19.72 30.49
CA LYS E 476 45.84 20.87 31.35
C LYS E 476 47.35 21.11 31.52
N ASN E 477 48.00 21.38 30.38
CA ASN E 477 49.43 21.64 30.37
C ASN E 477 49.76 22.82 29.45
N ALA F 2 -10.06 -28.48 -44.91
CA ALA F 2 -10.95 -29.63 -44.80
C ALA F 2 -10.20 -30.87 -44.35
N LYS F 3 -8.98 -31.05 -44.87
CA LYS F 3 -8.22 -32.28 -44.67
C LYS F 3 -8.23 -32.70 -43.20
N VAL F 4 -8.82 -33.87 -42.96
CA VAL F 4 -8.94 -34.44 -41.61
C VAL F 4 -8.03 -35.65 -41.51
N TYR F 5 -7.35 -35.78 -40.37
CA TYR F 5 -6.39 -36.85 -40.13
C TYR F 5 -6.93 -37.80 -39.07
N LYS F 6 -6.81 -39.10 -39.33
CA LYS F 6 -7.22 -40.11 -38.37
C LYS F 6 -6.06 -40.66 -37.55
N ASP F 7 -4.82 -40.49 -38.00
CA ASP F 7 -3.64 -40.92 -37.29
C ASP F 7 -2.52 -39.92 -37.49
N LEU F 8 -1.46 -40.05 -36.71
CA LEU F 8 -0.32 -39.16 -36.87
C LEU F 8 0.35 -39.34 -38.23
N ARG F 9 0.27 -40.54 -38.80
CA ARG F 9 0.97 -40.80 -40.05
C ARG F 9 0.38 -40.00 -41.20
N GLU F 10 -0.95 -39.87 -41.23
CA GLU F 10 -1.57 -39.06 -42.28
C GLU F 10 -1.09 -37.62 -42.21
N PHE F 11 -0.97 -37.08 -40.99
CA PHE F 11 -0.47 -35.72 -40.85
C PHE F 11 0.97 -35.60 -41.31
N LEU F 12 1.82 -36.54 -40.91
CA LEU F 12 3.23 -36.48 -41.31
C LEU F 12 3.38 -36.49 -42.82
N GLU F 13 2.55 -37.27 -43.51
CA GLU F 13 2.59 -37.30 -44.97
C GLU F 13 2.29 -35.93 -45.57
N VAL F 14 1.29 -35.24 -45.02
CA VAL F 14 0.97 -33.90 -45.51
C VAL F 14 2.14 -32.94 -45.23
N LEU F 15 2.75 -33.05 -44.05
CA LEU F 15 3.89 -32.18 -43.73
C LEU F 15 5.00 -32.32 -44.77
N GLU F 16 5.26 -33.55 -45.20
CA GLU F 16 6.33 -33.76 -46.18
C GLU F 16 5.90 -33.27 -47.56
N GLN F 17 4.64 -33.50 -47.94
CA GLN F 17 4.16 -33.01 -49.23
C GLN F 17 4.23 -31.49 -49.31
N GLU F 18 4.12 -30.81 -48.17
CA GLU F 18 4.18 -29.37 -48.11
C GLU F 18 5.59 -28.86 -47.82
N GLY F 19 6.58 -29.74 -47.84
CA GLY F 19 7.93 -29.32 -47.55
C GLY F 19 8.13 -28.89 -46.12
N GLN F 20 7.36 -29.46 -45.18
CA GLN F 20 7.47 -29.14 -43.77
C GLN F 20 7.91 -30.34 -42.94
N LEU F 21 8.59 -31.31 -43.56
CA LEU F 21 9.14 -32.46 -42.84
C LEU F 21 10.39 -32.92 -43.56
N ILE F 22 11.47 -33.13 -42.79
CA ILE F 22 12.75 -33.59 -43.31
C ILE F 22 13.11 -34.89 -42.61
N ARG F 23 13.75 -35.79 -43.35
CA ARG F 23 14.10 -37.12 -42.87
C ARG F 23 15.59 -37.20 -42.58
N VAL F 24 15.94 -37.67 -41.38
CA VAL F 24 17.33 -37.92 -41.01
C VAL F 24 17.56 -39.41 -41.26
N LYS F 25 18.06 -39.72 -42.46
CA LYS F 25 18.23 -41.12 -42.84
C LYS F 25 19.40 -41.78 -42.11
N GLU F 26 20.44 -41.01 -41.80
CA GLU F 26 21.60 -41.56 -41.10
C GLU F 26 21.25 -41.94 -39.67
N GLU F 27 21.92 -42.98 -39.18
CA GLU F 27 21.76 -43.37 -37.78
C GLU F 27 22.40 -42.31 -36.86
N VAL F 28 21.75 -42.06 -35.73
CA VAL F 28 22.21 -41.02 -34.82
C VAL F 28 21.92 -41.45 -33.38
N ASN F 29 22.93 -41.40 -32.52
CA ASN F 29 22.76 -41.80 -31.14
C ASN F 29 21.87 -40.79 -30.40
N PRO F 30 21.08 -41.25 -29.42
CA PRO F 30 19.94 -40.45 -28.95
C PRO F 30 20.28 -39.31 -28.02
N GLU F 31 21.42 -39.33 -27.34
CA GLU F 31 21.56 -38.44 -26.20
C GLU F 31 21.63 -36.98 -26.61
N PRO F 32 22.67 -36.53 -27.30
CA PRO F 32 22.82 -35.11 -27.60
C PRO F 32 22.12 -34.65 -28.86
N ASP F 33 21.62 -35.59 -29.68
CA ASP F 33 21.21 -35.29 -31.05
C ASP F 33 19.72 -35.04 -31.21
N ILE F 34 18.87 -35.95 -30.72
CA ILE F 34 17.43 -35.74 -30.85
C ILE F 34 17.03 -34.43 -30.19
N ALA F 35 17.67 -34.10 -29.06
CA ALA F 35 17.41 -32.83 -28.40
C ALA F 35 17.93 -31.66 -29.25
N ALA F 36 19.14 -31.80 -29.78
CA ALA F 36 19.73 -30.72 -30.56
C ALA F 36 18.91 -30.43 -31.81
N ALA F 37 18.45 -31.48 -32.50
CA ALA F 37 17.66 -31.26 -33.70
C ALA F 37 16.36 -30.52 -33.38
N GLY F 38 15.71 -30.87 -32.27
CA GLY F 38 14.51 -30.16 -31.87
C GLY F 38 14.77 -28.71 -31.56
N ARG F 39 15.87 -28.42 -30.85
CA ARG F 39 16.22 -27.04 -30.58
C ARG F 39 16.59 -26.31 -31.87
N ALA F 40 17.37 -26.96 -32.74
CA ALA F 40 17.75 -26.36 -34.01
C ALA F 40 16.54 -26.11 -34.90
N ALA F 41 15.61 -27.07 -34.95
CA ALA F 41 14.42 -26.91 -35.79
C ALA F 41 13.63 -25.67 -35.39
N ALA F 42 13.36 -25.51 -34.10
CA ALA F 42 12.64 -24.33 -33.64
C ALA F 42 13.47 -23.06 -33.85
N ASN F 43 14.80 -23.16 -33.74
CA ASN F 43 15.65 -22.00 -33.94
C ASN F 43 15.62 -21.47 -35.36
N LEU F 44 15.11 -22.25 -36.31
CA LEU F 44 15.07 -21.78 -37.69
C LEU F 44 14.20 -20.54 -37.86
N GLY F 45 13.36 -20.22 -36.88
CA GLY F 45 12.62 -18.97 -36.92
C GLY F 45 11.25 -19.06 -37.57
N LYS F 46 11.22 -19.32 -38.88
CA LYS F 46 9.97 -19.39 -39.62
C LYS F 46 9.96 -20.64 -40.49
N ASN F 47 8.75 -21.08 -40.84
CA ASN F 47 8.57 -22.26 -41.68
C ASN F 47 9.30 -23.47 -41.12
N GLN F 48 9.36 -23.57 -39.79
CA GLN F 48 10.10 -24.64 -39.15
C GLN F 48 9.46 -25.99 -39.47
N PRO F 49 10.22 -26.96 -39.96
CA PRO F 49 9.66 -28.27 -40.29
C PRO F 49 9.77 -29.25 -39.13
N ALA F 50 9.02 -30.34 -39.25
CA ALA F 50 9.23 -31.48 -38.35
C ALA F 50 10.36 -32.34 -38.89
N VAL F 51 11.20 -32.84 -37.98
CA VAL F 51 12.33 -33.67 -38.36
C VAL F 51 12.04 -35.10 -37.93
N PHE F 52 12.29 -36.04 -38.84
CA PHE F 52 11.99 -37.45 -38.65
C PHE F 52 13.30 -38.24 -38.60
N PHE F 53 13.56 -38.87 -37.46
CA PHE F 53 14.73 -39.70 -37.29
C PHE F 53 14.38 -41.14 -37.67
N GLU F 54 15.07 -41.67 -38.68
CA GLU F 54 14.76 -43.01 -39.16
C GLU F 54 15.45 -44.11 -38.35
N LYS F 55 16.65 -43.86 -37.83
CA LYS F 55 17.39 -44.86 -37.08
C LYS F 55 18.03 -44.23 -35.86
N ILE F 56 17.89 -44.89 -34.71
CA ILE F 56 18.49 -44.46 -33.45
C ILE F 56 19.42 -45.56 -32.98
N LYS F 57 20.54 -45.16 -32.37
CA LYS F 57 21.66 -46.07 -32.16
C LYS F 57 21.23 -47.37 -31.51
N GLY F 58 20.47 -47.30 -30.42
CA GLY F 58 20.16 -48.50 -29.67
C GLY F 58 18.82 -49.15 -29.91
N TYR F 59 17.86 -48.38 -30.44
CA TYR F 59 16.48 -48.81 -30.52
C TYR F 59 16.14 -49.35 -31.91
N LYS F 60 14.97 -49.98 -31.99
CA LYS F 60 14.48 -50.59 -33.23
C LYS F 60 13.69 -49.63 -34.10
N TYR F 61 12.88 -48.78 -33.50
CA TYR F 61 11.93 -47.93 -34.19
C TYR F 61 12.46 -46.49 -34.27
N SER F 62 11.61 -45.56 -34.70
CA SER F 62 11.99 -44.19 -35.04
C SER F 62 11.27 -43.18 -34.14
N VAL F 63 11.63 -41.90 -34.31
CA VAL F 63 11.02 -40.80 -33.57
C VAL F 63 10.83 -39.61 -34.49
N VAL F 64 9.90 -38.73 -34.12
CA VAL F 64 9.65 -37.49 -34.85
C VAL F 64 9.48 -36.35 -33.86
N THR F 65 10.18 -35.25 -34.10
CA THR F 65 10.12 -34.08 -33.22
C THR F 65 9.70 -32.85 -34.01
N ASN F 66 9.34 -31.80 -33.26
CA ASN F 66 8.88 -30.52 -33.83
C ASN F 66 7.69 -30.70 -34.77
N VAL F 67 6.71 -31.50 -34.36
CA VAL F 67 5.52 -31.69 -35.19
C VAL F 67 4.68 -30.42 -35.22
N HIS F 68 4.49 -29.77 -34.07
CA HIS F 68 3.69 -28.56 -33.97
C HIS F 68 4.53 -27.29 -33.99
N GLY F 69 5.83 -27.40 -34.22
CA GLY F 69 6.74 -26.30 -33.96
C GLY F 69 6.86 -25.23 -35.03
N SER F 70 5.74 -24.79 -35.60
CA SER F 70 5.76 -23.68 -36.55
C SER F 70 4.33 -23.32 -36.91
N TRP F 71 4.16 -22.07 -37.36
CA TRP F 71 2.85 -21.64 -37.81
C TRP F 71 2.41 -22.40 -39.05
N GLN F 72 3.36 -22.80 -39.89
CA GLN F 72 3.02 -23.59 -41.08
C GLN F 72 2.41 -24.94 -40.68
N ASN F 73 3.09 -25.67 -39.80
CA ASN F 73 2.53 -26.93 -39.32
C ASN F 73 1.23 -26.72 -38.58
N HIS F 74 1.15 -25.65 -37.78
CA HIS F 74 -0.07 -25.35 -37.05
C HIS F 74 -1.24 -25.15 -38.02
N ALA F 75 -0.99 -24.51 -39.16
CA ALA F 75 -2.03 -24.30 -40.15
C ALA F 75 -2.41 -25.62 -40.82
N LEU F 76 -1.41 -26.44 -41.18
CA LEU F 76 -1.71 -27.73 -41.78
C LEU F 76 -2.49 -28.63 -40.82
N MET F 77 -2.27 -28.47 -39.52
CA MET F 77 -3.03 -29.24 -38.53
C MET F 77 -4.53 -29.01 -38.68
N LEU F 78 -4.93 -27.77 -38.94
CA LEU F 78 -6.33 -27.42 -39.10
C LEU F 78 -6.85 -27.70 -40.52
N GLY F 79 -6.03 -28.28 -41.38
CA GLY F 79 -6.45 -28.51 -42.75
C GLY F 79 -6.48 -27.29 -43.62
N LEU F 80 -5.83 -26.20 -43.20
CA LEU F 80 -5.79 -24.95 -43.94
C LEU F 80 -4.50 -24.86 -44.76
N ASP F 81 -4.41 -23.80 -45.57
CA ASP F 81 -3.21 -23.56 -46.36
C ASP F 81 -2.00 -23.37 -45.45
N LYS F 82 -0.85 -23.88 -45.92
CA LYS F 82 0.35 -23.89 -45.09
C LYS F 82 0.77 -22.47 -44.67
N ASN F 83 0.40 -21.45 -45.46
CA ASN F 83 0.79 -20.09 -45.16
C ASN F 83 -0.35 -19.26 -44.58
N THR F 84 -1.42 -19.90 -44.13
CA THR F 84 -2.51 -19.17 -43.51
C THR F 84 -2.01 -18.36 -42.32
N SER F 85 -2.47 -17.12 -42.21
CA SER F 85 -1.94 -16.20 -41.22
C SER F 85 -2.37 -16.61 -39.81
N THR F 86 -1.74 -15.96 -38.82
CA THR F 86 -2.09 -16.23 -37.42
C THR F 86 -3.55 -15.86 -37.15
N LYS F 87 -3.95 -14.64 -37.55
CA LYS F 87 -5.31 -14.20 -37.25
C LYS F 87 -6.34 -15.02 -38.03
N ASP F 88 -5.97 -15.53 -39.21
CA ASP F 88 -6.89 -16.40 -39.94
C ASP F 88 -7.14 -17.71 -39.20
N GLN F 89 -6.09 -18.30 -38.64
CA GLN F 89 -6.27 -19.53 -37.88
C GLN F 89 -7.07 -19.28 -36.60
N PHE F 90 -6.81 -18.16 -35.91
CA PHE F 90 -7.54 -17.84 -34.70
C PHE F 90 -9.04 -17.71 -34.99
N TYR F 91 -9.39 -17.07 -36.11
CA TYR F 91 -10.80 -16.93 -36.45
C TYR F 91 -11.41 -18.25 -36.91
N GLU F 92 -10.61 -19.12 -37.53
CA GLU F 92 -11.12 -20.43 -37.91
C GLU F 92 -11.41 -21.28 -36.67
N LEU F 93 -10.54 -21.22 -35.67
CA LEU F 93 -10.80 -21.92 -34.41
C LEU F 93 -12.01 -21.35 -33.70
N ASN F 94 -12.18 -20.03 -33.72
CA ASN F 94 -13.34 -19.42 -33.08
C ASN F 94 -14.65 -19.93 -33.68
N ARG F 95 -14.63 -20.32 -34.95
CA ARG F 95 -15.85 -20.80 -35.60
C ARG F 95 -16.11 -22.27 -35.29
N ARG F 96 -15.14 -23.13 -35.58
CA ARG F 96 -15.35 -24.56 -35.35
C ARG F 96 -15.64 -24.84 -33.88
N TRP F 97 -15.15 -23.99 -32.98
CA TRP F 97 -15.36 -24.19 -31.55
C TRP F 97 -16.85 -24.24 -31.19
N ASP F 98 -17.69 -23.48 -31.90
CA ASP F 98 -19.09 -23.32 -31.49
C ASP F 98 -19.94 -24.55 -31.76
N LYS F 99 -19.41 -25.53 -32.48
CA LYS F 99 -20.06 -26.82 -32.76
C LYS F 99 -19.69 -27.88 -31.73
N PHE F 100 -19.43 -27.47 -30.49
CA PHE F 100 -18.66 -28.22 -29.50
C PHE F 100 -19.09 -29.68 -29.41
N PRO F 101 -20.32 -30.00 -28.99
CA PRO F 101 -20.64 -31.43 -28.79
C PRO F 101 -20.73 -32.17 -30.12
N VAL F 102 -19.67 -32.92 -30.42
CA VAL F 102 -19.59 -33.77 -31.61
C VAL F 102 -19.23 -35.18 -31.16
N PRO F 103 -20.20 -36.01 -30.81
CA PRO F 103 -19.89 -37.29 -30.18
C PRO F 103 -18.89 -38.08 -31.01
N PRO F 104 -17.85 -38.61 -30.38
CA PRO F 104 -16.87 -39.41 -31.11
C PRO F 104 -17.51 -40.72 -31.59
N ASN F 105 -16.82 -41.37 -32.51
CA ASN F 105 -17.29 -42.60 -33.10
C ASN F 105 -16.53 -43.76 -32.47
N VAL F 106 -17.24 -44.62 -31.74
CA VAL F 106 -16.63 -45.78 -31.11
C VAL F 106 -16.51 -46.89 -32.14
N VAL F 107 -15.33 -47.51 -32.22
CA VAL F 107 -15.06 -48.54 -33.19
C VAL F 107 -14.73 -49.83 -32.46
N LYS F 108 -14.90 -50.96 -33.16
CA LYS F 108 -14.54 -52.25 -32.61
C LYS F 108 -13.03 -52.36 -32.45
N ARG F 109 -12.61 -53.27 -31.56
CA ARG F 109 -11.19 -53.38 -31.24
C ARG F 109 -10.38 -53.80 -32.46
N GLU F 110 -10.95 -54.66 -33.31
CA GLU F 110 -10.23 -55.14 -34.48
C GLU F 110 -9.94 -54.02 -35.47
N ALA F 111 -10.74 -52.96 -35.45
CA ALA F 111 -10.58 -51.85 -36.40
C ALA F 111 -9.61 -50.78 -35.93
N ALA F 112 -9.12 -50.86 -34.69
CA ALA F 112 -8.24 -49.84 -34.15
C ALA F 112 -6.79 -50.23 -34.39
N PRO F 113 -6.03 -49.47 -35.18
CA PRO F 113 -4.62 -49.84 -35.42
C PRO F 113 -3.79 -49.92 -34.15
N CYS F 114 -4.15 -49.17 -33.11
CA CYS F 114 -3.38 -49.20 -31.87
C CYS F 114 -3.46 -50.54 -31.15
N LYS F 115 -4.40 -51.41 -31.53
CA LYS F 115 -4.54 -52.73 -30.93
C LYS F 115 -3.85 -53.82 -31.74
N GLU F 116 -3.02 -53.44 -32.73
CA GLU F 116 -2.38 -54.45 -33.59
C GLU F 116 -1.46 -55.36 -32.79
N ASN F 117 -0.70 -54.79 -31.85
CA ASN F 117 0.25 -55.54 -31.02
C ASN F 117 -0.06 -55.32 -29.55
N VAL F 118 0.11 -56.36 -28.75
CA VAL F 118 -0.14 -56.30 -27.31
C VAL F 118 1.07 -56.87 -26.59
N ILE F 119 1.51 -56.18 -25.54
CA ILE F 119 2.60 -56.63 -24.69
C ILE F 119 2.02 -56.80 -23.29
N ASP F 120 2.01 -58.04 -22.81
CA ASP F 120 1.44 -58.37 -21.51
C ASP F 120 2.42 -59.02 -20.54
N LYS F 121 3.40 -59.77 -21.03
CA LYS F 121 4.44 -60.35 -20.17
C LYS F 121 5.40 -59.25 -19.79
N ASP F 122 6.58 -59.62 -19.28
CA ASP F 122 7.51 -58.65 -18.71
C ASP F 122 7.56 -57.39 -19.56
N ILE F 123 7.18 -56.27 -18.96
CA ILE F 123 6.94 -55.03 -19.69
C ILE F 123 8.24 -54.24 -19.81
N ASN F 124 8.48 -53.69 -21.00
CA ASN F 124 9.70 -52.92 -21.24
C ASN F 124 9.36 -51.78 -22.19
N LEU F 125 9.42 -50.55 -21.68
CA LEU F 125 9.14 -49.38 -22.51
C LEU F 125 10.22 -49.19 -23.58
N PHE F 126 11.47 -49.51 -23.24
CA PHE F 126 12.57 -49.28 -24.18
C PHE F 126 12.49 -50.17 -25.41
N GLU F 127 11.81 -51.31 -25.34
CA GLU F 127 11.67 -52.16 -26.52
C GLU F 127 10.98 -51.43 -27.65
N ILE F 128 10.00 -50.59 -27.32
CA ILE F 128 9.14 -49.98 -28.33
C ILE F 128 9.34 -48.47 -28.46
N LEU F 129 9.79 -47.79 -27.42
CA LEU F 129 9.94 -46.33 -27.45
C LEU F 129 11.39 -45.94 -27.38
N PRO F 130 11.93 -45.25 -28.39
CA PRO F 130 13.33 -44.81 -28.31
C PRO F 130 13.51 -43.69 -27.29
N LEU F 131 13.54 -44.05 -26.01
CA LEU F 131 13.64 -43.05 -24.96
C LEU F 131 14.99 -42.33 -25.03
N TYR F 132 14.95 -41.00 -24.86
CA TYR F 132 16.14 -40.19 -24.90
C TYR F 132 16.01 -39.06 -23.90
N ARG F 133 17.14 -38.43 -23.58
CA ARG F 133 17.16 -37.32 -22.64
C ARG F 133 17.01 -36.00 -23.39
N ILE F 134 16.13 -35.14 -22.89
CA ILE F 134 15.76 -33.92 -23.61
C ILE F 134 16.75 -32.78 -23.31
N ASN F 135 17.03 -32.51 -22.06
CA ASN F 135 17.99 -31.50 -21.67
C ASN F 135 19.01 -32.09 -20.72
N GLU F 136 20.20 -31.49 -20.71
CA GLU F 136 21.35 -32.11 -20.05
C GLU F 136 21.04 -32.50 -18.62
N GLN F 137 20.54 -31.56 -17.82
CA GLN F 137 20.35 -31.78 -16.41
C GLN F 137 19.01 -32.41 -16.07
N ASP F 138 18.25 -32.87 -17.07
CA ASP F 138 17.00 -33.55 -16.78
C ASP F 138 17.27 -34.76 -15.90
N GLY F 139 16.33 -35.06 -14.99
CA GLY F 139 16.49 -36.19 -14.10
C GLY F 139 16.42 -37.55 -14.78
N GLY F 140 16.03 -37.59 -16.04
CA GLY F 140 15.95 -38.86 -16.74
C GLY F 140 15.32 -38.69 -18.11
N PHE F 141 14.90 -39.81 -18.68
CA PHE F 141 14.28 -39.80 -19.99
C PHE F 141 12.79 -39.48 -19.87
N TYR F 142 12.33 -38.54 -20.67
CA TYR F 142 11.01 -37.95 -20.51
C TYR F 142 10.14 -38.18 -21.75
N ILE F 143 8.83 -38.16 -21.53
CA ILE F 143 7.84 -38.25 -22.60
C ILE F 143 7.00 -36.98 -22.51
N SER F 144 7.38 -35.97 -23.29
CA SER F 144 6.76 -34.64 -23.17
C SER F 144 5.40 -34.60 -23.86
N LYS F 145 5.36 -34.82 -25.17
CA LYS F 145 4.09 -34.76 -25.91
C LYS F 145 3.38 -36.09 -25.73
N ALA F 146 2.36 -36.10 -24.88
CA ALA F 146 1.61 -37.32 -24.58
C ALA F 146 0.21 -36.95 -24.11
N SER F 147 -0.80 -37.62 -24.67
CA SER F 147 -2.19 -37.40 -24.30
C SER F 147 -2.64 -38.46 -23.31
N VAL F 148 -2.99 -38.03 -22.11
CA VAL F 148 -3.27 -38.90 -20.98
C VAL F 148 -4.76 -38.92 -20.70
N VAL F 149 -5.34 -40.11 -20.61
CA VAL F 149 -6.78 -40.30 -20.45
C VAL F 149 -7.04 -40.84 -19.05
N THR F 150 -7.86 -40.13 -18.28
CA THR F 150 -8.29 -40.57 -16.96
C THR F 150 -9.78 -40.31 -16.81
N ALA F 151 -10.42 -41.07 -15.92
CA ALA F 151 -11.85 -40.95 -15.69
C ALA F 151 -12.11 -40.69 -14.21
N ASP F 152 -13.22 -40.02 -13.94
CA ASP F 152 -13.60 -39.66 -12.57
C ASP F 152 -13.97 -40.92 -11.78
N PRO F 153 -13.32 -41.21 -10.65
CA PRO F 153 -13.70 -42.40 -9.88
C PRO F 153 -15.12 -42.38 -9.36
N GLU F 154 -15.61 -41.20 -8.98
CA GLU F 154 -16.96 -41.10 -8.41
C GLU F 154 -18.03 -41.32 -9.48
N TYR F 155 -17.78 -40.87 -10.70
CA TYR F 155 -18.73 -40.98 -11.80
C TYR F 155 -18.01 -41.61 -13.00
N PRO F 156 -17.69 -42.90 -12.92
CA PRO F 156 -16.93 -43.54 -14.00
C PRO F 156 -17.71 -43.73 -15.28
N ASP F 157 -19.04 -43.62 -15.24
CA ASP F 157 -19.85 -43.77 -16.44
C ASP F 157 -20.10 -42.46 -17.16
N ASP F 158 -19.88 -41.33 -16.50
CA ASP F 158 -20.08 -40.03 -17.11
C ASP F 158 -18.98 -39.75 -18.12
N PHE F 159 -19.32 -39.85 -19.41
CA PHE F 159 -18.31 -39.62 -20.45
C PHE F 159 -17.79 -38.20 -20.42
N ASN F 160 -18.58 -37.24 -19.92
CA ASN F 160 -18.13 -35.85 -19.86
C ASN F 160 -16.96 -35.70 -18.89
N LYS F 161 -17.00 -36.42 -17.77
CA LYS F 161 -15.94 -36.30 -16.78
C LYS F 161 -14.70 -37.11 -17.13
N LEU F 162 -14.73 -37.86 -18.23
CA LEU F 162 -13.50 -38.41 -18.79
C LEU F 162 -12.69 -37.28 -19.42
N ASN F 163 -11.49 -37.04 -18.92
CA ASN F 163 -10.66 -35.94 -19.38
C ASN F 163 -9.34 -36.48 -19.90
N VAL F 164 -8.88 -35.92 -21.02
CA VAL F 164 -7.58 -36.22 -21.60
C VAL F 164 -6.77 -34.94 -21.63
N GLY F 165 -5.56 -34.98 -21.11
CA GLY F 165 -4.68 -33.82 -21.07
C GLY F 165 -3.24 -34.26 -21.21
N THR F 166 -2.35 -33.28 -21.28
CA THR F 166 -0.93 -33.52 -21.45
C THR F 166 -0.21 -33.26 -20.14
N TYR F 167 0.63 -34.21 -19.72
CA TYR F 167 1.42 -34.10 -18.51
C TYR F 167 2.78 -34.72 -18.77
N ARG F 168 3.82 -34.12 -18.19
CA ARG F 168 5.17 -34.63 -18.43
C ARG F 168 5.41 -35.89 -17.63
N ILE F 169 6.10 -36.85 -18.25
CA ILE F 169 6.24 -38.21 -17.73
C ILE F 169 7.70 -38.61 -17.74
N GLN F 170 8.25 -38.88 -16.56
CA GLN F 170 9.64 -39.32 -16.40
C GLN F 170 9.68 -40.84 -16.31
N VAL F 171 10.46 -41.47 -17.18
CA VAL F 171 10.62 -42.92 -17.17
C VAL F 171 11.57 -43.31 -16.05
N LYS F 172 11.11 -44.15 -15.12
CA LYS F 172 11.88 -44.54 -13.94
C LYS F 172 12.25 -46.02 -13.90
N ASP F 173 11.69 -46.84 -14.77
CA ASP F 173 12.00 -48.26 -14.84
C ASP F 173 11.41 -48.82 -16.12
N ARG F 174 11.59 -50.13 -16.32
CA ARG F 174 11.05 -50.77 -17.50
C ARG F 174 9.54 -50.62 -17.58
N ASP F 175 8.87 -50.57 -16.42
CA ASP F 175 7.41 -50.60 -16.39
C ASP F 175 6.81 -49.57 -15.46
N ARG F 176 7.58 -48.62 -14.96
CA ARG F 176 7.05 -47.59 -14.08
C ARG F 176 7.55 -46.23 -14.53
N VAL F 177 6.67 -45.22 -14.45
CA VAL F 177 6.99 -43.87 -14.86
C VAL F 177 6.46 -42.90 -13.82
N GLY F 178 6.90 -41.65 -13.94
CA GLY F 178 6.44 -40.61 -13.04
C GLY F 178 5.69 -39.52 -13.77
N ILE F 179 4.51 -39.17 -13.27
CA ILE F 179 3.64 -38.19 -13.91
C ILE F 179 3.53 -36.97 -13.01
N GLN F 180 3.53 -35.78 -13.63
CA GLN F 180 3.37 -34.52 -12.90
C GLN F 180 1.88 -34.20 -12.86
N ALA F 181 1.21 -34.66 -11.81
CA ALA F 181 -0.22 -34.37 -11.61
C ALA F 181 -0.32 -33.04 -10.88
N LEU F 182 -0.21 -31.96 -11.65
CA LEU F 182 -0.26 -30.63 -11.07
C LEU F 182 -1.61 -30.38 -10.41
N ALA F 183 -1.58 -29.64 -9.30
CA ALA F 183 -2.76 -29.54 -8.44
C ALA F 183 -3.92 -28.85 -9.13
N MET F 184 -3.66 -27.90 -10.04
CA MET F 184 -4.74 -27.12 -10.63
C MET F 184 -5.36 -27.76 -11.87
N HIS F 185 -4.82 -28.88 -12.36
CA HIS F 185 -5.33 -29.51 -13.56
C HIS F 185 -6.39 -30.55 -13.24
N ASP F 186 -7.11 -30.99 -14.28
CA ASP F 186 -8.25 -31.87 -14.07
C ASP F 186 -7.86 -33.19 -13.40
N ILE F 187 -6.68 -33.72 -13.75
CA ILE F 187 -6.31 -35.05 -13.27
C ILE F 187 -6.16 -35.04 -11.76
N ALA F 188 -5.76 -33.92 -11.17
CA ALA F 188 -5.58 -33.86 -9.73
C ALA F 188 -6.90 -34.00 -9.00
N VAL F 189 -8.00 -33.56 -9.61
CA VAL F 189 -9.32 -33.74 -8.99
C VAL F 189 -9.67 -35.22 -8.89
N GLN F 190 -9.41 -35.97 -9.96
CA GLN F 190 -9.74 -37.39 -9.96
C GLN F 190 -8.79 -38.19 -9.07
N LEU F 191 -7.51 -37.79 -9.00
CA LEU F 191 -6.56 -38.51 -8.15
C LEU F 191 -6.92 -38.35 -6.67
N GLU F 192 -7.38 -37.16 -6.28
CA GLU F 192 -7.76 -36.96 -4.89
C GLU F 192 -8.92 -37.87 -4.51
N LYS F 193 -9.90 -38.01 -5.41
CA LYS F 193 -11.01 -38.91 -5.11
C LYS F 193 -10.53 -40.33 -4.91
N ALA F 194 -9.56 -40.77 -5.72
CA ALA F 194 -9.05 -42.14 -5.61
C ALA F 194 -8.16 -42.30 -4.38
N GLU F 195 -7.26 -41.35 -4.14
CA GLU F 195 -6.36 -41.46 -2.99
C GLU F 195 -7.10 -41.29 -1.68
N ALA F 196 -8.23 -40.58 -1.67
CA ALA F 196 -9.02 -40.45 -0.46
C ALA F 196 -9.59 -41.78 -0.01
N GLU F 197 -9.59 -42.79 -0.88
CA GLU F 197 -10.02 -44.14 -0.54
C GLU F 197 -8.91 -45.15 -0.69
N ASN F 198 -7.67 -44.68 -0.90
CA ASN F 198 -6.51 -45.54 -1.09
C ASN F 198 -6.71 -46.52 -2.25
N LYS F 199 -7.40 -46.06 -3.29
CA LYS F 199 -7.63 -46.86 -4.48
C LYS F 199 -6.80 -46.31 -5.64
N PRO F 200 -6.30 -47.17 -6.51
CA PRO F 200 -5.54 -46.68 -7.66
C PRO F 200 -6.44 -45.97 -8.66
N LEU F 201 -5.81 -45.10 -9.45
CA LEU F 201 -6.52 -44.35 -10.47
C LEU F 201 -6.15 -44.87 -11.85
N PRO F 202 -7.08 -45.50 -12.57
CA PRO F 202 -6.75 -45.98 -13.92
C PRO F 202 -6.35 -44.83 -14.82
N ILE F 203 -5.38 -45.10 -15.70
CA ILE F 203 -4.80 -44.09 -16.56
C ILE F 203 -4.38 -44.76 -17.86
N ALA F 204 -4.47 -44.02 -18.95
CA ALA F 204 -4.05 -44.49 -20.26
C ALA F 204 -3.21 -43.40 -20.91
N ILE F 205 -1.96 -43.73 -21.19
CA ILE F 205 -1.01 -42.77 -21.78
C ILE F 205 -0.88 -43.09 -23.26
N THR F 206 -1.36 -42.17 -24.09
CA THR F 206 -1.30 -42.33 -25.54
C THR F 206 -0.17 -41.50 -26.12
N ILE F 207 0.43 -42.01 -27.19
CA ILE F 207 1.58 -41.38 -27.83
C ILE F 207 1.42 -41.48 -29.34
N GLY F 208 1.72 -40.39 -30.04
CA GLY F 208 1.64 -40.39 -31.48
C GLY F 208 0.22 -40.33 -32.01
N ASN F 209 -0.48 -39.22 -31.80
CA ASN F 209 -1.86 -39.09 -32.21
C ASN F 209 -2.01 -38.05 -33.31
N ASN F 210 -3.19 -38.07 -33.93
CA ASN F 210 -3.64 -36.98 -34.77
C ASN F 210 -3.33 -35.66 -34.09
N PRO F 211 -2.73 -34.69 -34.78
CA PRO F 211 -2.31 -33.46 -34.09
C PRO F 211 -3.45 -32.73 -33.40
N LEU F 212 -4.70 -32.92 -33.85
CA LEU F 212 -5.82 -32.29 -33.15
C LEU F 212 -6.04 -32.88 -31.77
N VAL F 213 -5.77 -34.19 -31.60
CA VAL F 213 -5.87 -34.80 -30.28
C VAL F 213 -4.82 -34.19 -29.35
N THR F 214 -3.57 -34.13 -29.81
CA THR F 214 -2.53 -33.45 -29.04
C THR F 214 -2.92 -32.01 -28.75
N PHE F 215 -3.60 -31.35 -29.69
CA PHE F 215 -4.01 -29.96 -29.49
C PHE F 215 -5.01 -29.83 -28.35
N MET F 216 -6.06 -30.63 -28.36
CA MET F 216 -7.09 -30.54 -27.34
C MET F 216 -6.59 -30.99 -25.97
N ALA F 217 -5.64 -31.92 -25.94
CA ALA F 217 -5.08 -32.37 -24.67
C ALA F 217 -4.56 -31.18 -23.87
N SER F 218 -3.82 -30.29 -24.53
CA SER F 218 -3.21 -29.14 -23.89
C SER F 218 -4.16 -27.97 -23.71
N THR F 219 -5.43 -28.13 -24.08
CA THR F 219 -6.39 -27.04 -24.02
C THR F 219 -7.13 -27.02 -22.69
N PRO F 220 -7.22 -25.86 -22.03
CA PRO F 220 -7.88 -25.78 -20.71
C PRO F 220 -9.40 -25.60 -20.78
N VAL F 221 -10.08 -26.64 -21.24
CA VAL F 221 -11.54 -26.66 -21.26
C VAL F 221 -12.04 -27.07 -19.88
N GLY F 222 -13.34 -26.93 -19.65
CA GLY F 222 -13.91 -27.27 -18.36
C GLY F 222 -13.82 -28.75 -18.04
N TYR F 223 -14.00 -29.05 -16.75
CA TYR F 223 -13.90 -30.42 -16.28
C TYR F 223 -14.98 -31.29 -16.91
N ASN F 224 -16.20 -30.77 -17.02
CA ASN F 224 -17.33 -31.53 -17.53
C ASN F 224 -17.37 -31.58 -19.04
N GLN F 225 -16.27 -31.25 -19.71
CA GLN F 225 -16.20 -31.24 -21.17
C GLN F 225 -15.22 -32.30 -21.63
N ASN F 226 -15.69 -33.18 -22.52
CA ASN F 226 -14.85 -34.22 -23.07
C ASN F 226 -14.06 -33.69 -24.26
N GLU F 227 -12.74 -33.88 -24.23
CA GLU F 227 -11.90 -33.32 -25.28
C GLU F 227 -12.09 -34.03 -26.61
N TYR F 228 -12.48 -35.31 -26.61
CA TYR F 228 -12.77 -36.00 -27.86
C TYR F 228 -13.91 -35.33 -28.60
N GLU F 229 -14.90 -34.81 -27.86
CA GLU F 229 -16.01 -34.12 -28.52
C GLU F 229 -15.57 -32.79 -29.12
N PHE F 230 -14.53 -32.17 -28.56
CA PHE F 230 -13.98 -30.96 -29.17
C PHE F 230 -13.20 -31.28 -30.45
N VAL F 231 -12.54 -32.44 -30.50
CA VAL F 231 -11.81 -32.83 -31.70
C VAL F 231 -12.75 -32.92 -32.89
N GLY F 232 -13.93 -33.51 -32.69
CA GLY F 232 -14.91 -33.56 -33.77
C GLY F 232 -15.33 -32.18 -34.24
N ALA F 233 -15.36 -31.21 -33.32
CA ALA F 233 -15.71 -29.84 -33.71
C ALA F 233 -14.59 -29.20 -34.52
N LEU F 234 -13.34 -29.35 -34.09
CA LEU F 234 -12.24 -28.77 -34.84
C LEU F 234 -12.04 -29.44 -36.19
N GLN F 235 -12.51 -30.67 -36.35
CA GLN F 235 -12.56 -31.32 -37.65
C GLN F 235 -13.81 -30.94 -38.43
N ASP F 236 -14.46 -29.85 -38.02
CA ASP F 236 -15.59 -29.27 -38.75
C ASP F 236 -16.80 -30.22 -38.79
N GLY F 237 -17.01 -30.95 -37.70
CA GLY F 237 -18.14 -31.85 -37.58
C GLY F 237 -17.83 -33.30 -37.84
N VAL F 238 -16.63 -33.62 -38.32
CA VAL F 238 -16.25 -35.01 -38.58
C VAL F 238 -15.85 -35.66 -37.27
N PRO F 239 -16.62 -36.62 -36.75
CA PRO F 239 -16.26 -37.25 -35.49
C PRO F 239 -14.95 -38.03 -35.60
N MET F 240 -14.21 -38.06 -34.50
CA MET F 240 -12.98 -38.83 -34.43
C MET F 240 -13.26 -40.23 -33.91
N ASP F 241 -12.31 -41.13 -34.13
CA ASP F 241 -12.47 -42.56 -33.84
C ASP F 241 -11.77 -42.91 -32.53
N ILE F 242 -12.52 -43.53 -31.62
CA ILE F 242 -11.98 -43.97 -30.33
C ILE F 242 -12.33 -45.43 -30.12
N VAL F 243 -11.55 -46.09 -29.26
CA VAL F 243 -11.78 -47.48 -28.89
C VAL F 243 -11.58 -47.61 -27.38
N LYS F 244 -12.25 -48.60 -26.79
CA LYS F 244 -12.16 -48.82 -25.35
C LYS F 244 -10.81 -49.42 -24.98
N SER F 245 -10.31 -49.01 -23.82
CA SER F 245 -9.07 -49.57 -23.32
C SER F 245 -9.22 -51.06 -23.06
N ASP F 246 -8.10 -51.78 -23.17
CA ASP F 246 -8.14 -53.23 -22.95
C ASP F 246 -8.45 -53.56 -21.50
N LEU F 247 -7.67 -53.00 -20.56
CA LEU F 247 -7.79 -53.39 -19.16
C LEU F 247 -8.92 -52.67 -18.44
N TYR F 248 -9.24 -51.43 -18.84
CA TYR F 248 -10.20 -50.60 -18.14
C TYR F 248 -11.31 -50.16 -19.09
N ASP F 249 -12.55 -50.51 -18.76
CA ASP F 249 -13.68 -49.81 -19.34
C ASP F 249 -13.76 -48.39 -18.78
N HIS F 250 -14.64 -47.58 -19.37
CA HIS F 250 -14.75 -46.17 -19.00
C HIS F 250 -13.56 -45.37 -19.52
N LEU F 251 -12.56 -46.06 -20.08
CA LEU F 251 -11.36 -45.43 -20.60
C LEU F 251 -11.30 -45.66 -22.11
N TYR F 252 -11.30 -44.57 -22.86
CA TYR F 252 -11.31 -44.61 -24.32
C TYR F 252 -10.08 -43.88 -24.84
N VAL F 253 -9.40 -44.50 -25.80
CA VAL F 253 -8.18 -43.95 -26.39
C VAL F 253 -8.42 -43.79 -27.88
N PRO F 254 -7.69 -42.89 -28.53
CA PRO F 254 -7.80 -42.75 -29.98
C PRO F 254 -7.46 -44.06 -30.69
N ALA F 255 -8.19 -44.34 -31.77
CA ALA F 255 -7.98 -45.59 -32.49
C ALA F 255 -6.67 -45.59 -33.25
N GLY F 256 -6.20 -44.42 -33.68
CA GLY F 256 -4.99 -44.36 -34.49
C GLY F 256 -3.72 -43.97 -33.74
N SER F 257 -3.71 -44.15 -32.43
CA SER F 257 -2.52 -43.83 -31.65
C SER F 257 -1.39 -44.81 -31.96
N GLU F 258 -0.16 -44.31 -31.91
CA GLU F 258 1.00 -45.16 -32.17
C GLU F 258 1.27 -46.10 -30.99
N VAL F 259 1.16 -45.60 -29.76
CA VAL F 259 1.40 -46.39 -28.56
C VAL F 259 0.37 -46.03 -27.52
N VAL F 260 -0.14 -47.04 -26.83
CA VAL F 260 -1.06 -46.83 -25.71
C VAL F 260 -0.48 -47.53 -24.49
N LEU F 261 -0.31 -46.79 -23.40
CA LEU F 261 0.19 -47.35 -22.15
C LEU F 261 -0.96 -47.39 -21.15
N GLU F 262 -1.47 -48.58 -20.87
CA GLU F 262 -2.54 -48.76 -19.91
C GLU F 262 -1.93 -49.12 -18.55
N GLY F 263 -2.31 -48.38 -17.54
CA GLY F 263 -1.77 -48.61 -16.21
C GLY F 263 -2.62 -47.94 -15.16
N HIS F 264 -2.00 -47.69 -14.00
CA HIS F 264 -2.71 -47.06 -12.89
C HIS F 264 -1.72 -46.23 -12.08
N ILE F 265 -2.23 -45.16 -11.49
CA ILE F 265 -1.43 -44.33 -10.59
C ILE F 265 -1.42 -44.98 -9.22
N ILE F 266 -0.23 -45.25 -8.71
CA ILE F 266 -0.09 -45.84 -7.38
C ILE F 266 -0.57 -44.83 -6.33
N PRO F 267 -1.54 -45.19 -5.50
CA PRO F 267 -2.15 -44.20 -4.61
C PRO F 267 -1.28 -43.90 -3.40
N ARG F 268 -1.37 -42.64 -2.96
CA ARG F 268 -0.72 -42.19 -1.72
C ARG F 268 0.78 -42.43 -1.74
N VAL F 269 1.41 -42.31 -2.91
CA VAL F 269 2.83 -42.56 -3.07
C VAL F 269 3.43 -41.43 -3.90
N ARG F 270 4.56 -40.89 -3.45
CA ARG F 270 5.29 -39.87 -4.18
C ARG F 270 6.77 -40.24 -4.20
N THR F 271 7.44 -40.00 -5.33
CA THR F 271 8.86 -40.26 -5.48
C THR F 271 9.53 -39.05 -6.12
N VAL F 272 10.85 -39.12 -6.26
CA VAL F 272 11.66 -37.99 -6.74
C VAL F 272 11.50 -37.88 -8.26
N GLU F 273 10.73 -36.89 -8.70
CA GLU F 273 10.53 -36.59 -10.11
C GLU F 273 11.27 -35.31 -10.48
N GLY F 274 11.92 -35.32 -11.64
CA GLY F 274 12.68 -34.18 -12.09
C GLY F 274 14.15 -34.27 -11.73
N PRO F 275 14.90 -33.18 -11.95
CA PRO F 275 14.43 -31.91 -12.50
C PRO F 275 14.20 -32.00 -14.00
N PHE F 276 13.58 -30.99 -14.59
CA PHE F 276 13.18 -31.02 -15.99
C PHE F 276 13.10 -29.62 -16.57
N GLY F 277 13.74 -29.42 -17.72
CA GLY F 277 13.67 -28.13 -18.38
C GLY F 277 12.27 -27.86 -18.92
N GLU F 278 11.67 -26.74 -18.52
CA GLU F 278 10.30 -26.41 -18.88
C GLU F 278 10.27 -25.17 -19.76
N PHE F 279 9.06 -24.77 -20.15
CA PHE F 279 8.85 -23.73 -21.16
C PHE F 279 9.36 -22.35 -20.76
N PRO F 280 9.45 -22.00 -19.47
CA PRO F 280 10.00 -20.69 -19.11
C PRO F 280 11.48 -20.55 -19.39
N GLY F 281 12.12 -21.56 -20.00
CA GLY F 281 13.54 -21.50 -20.32
C GLY F 281 14.46 -21.87 -19.18
N SER F 282 13.92 -22.34 -18.05
CA SER F 282 14.71 -22.70 -16.89
C SER F 282 14.38 -24.12 -16.47
N TYR F 283 15.31 -24.74 -15.73
CA TYR F 283 15.04 -26.05 -15.13
C TYR F 283 14.06 -25.90 -13.97
N SER F 284 13.07 -26.79 -13.92
CA SER F 284 12.16 -26.83 -12.78
C SER F 284 12.68 -27.84 -11.77
N GLY F 285 12.73 -27.42 -10.50
CA GLY F 285 13.36 -28.23 -9.49
C GLY F 285 12.68 -29.57 -9.28
N ALA F 286 13.43 -30.51 -8.72
CA ALA F 286 12.89 -31.83 -8.46
C ALA F 286 11.92 -31.79 -7.29
N ARG F 287 10.81 -32.52 -7.42
CA ARG F 287 9.80 -32.61 -6.37
C ARG F 287 9.38 -34.07 -6.23
N LEU F 288 8.60 -34.35 -5.18
CA LEU F 288 8.02 -35.67 -4.94
C LEU F 288 6.68 -35.74 -5.67
N GLN F 289 6.61 -36.58 -6.70
CA GLN F 289 5.42 -36.65 -7.55
C GLN F 289 4.98 -38.10 -7.71
N CYS F 290 3.80 -38.28 -8.30
CA CYS F 290 3.15 -39.58 -8.36
C CYS F 290 3.94 -40.56 -9.22
N GLU F 291 3.70 -41.84 -8.99
CA GLU F 291 4.25 -42.90 -9.81
C GLU F 291 3.12 -43.64 -10.50
N VAL F 292 3.38 -44.09 -11.73
CA VAL F 292 2.41 -44.86 -12.52
C VAL F 292 3.04 -46.19 -12.87
N LYS F 293 2.25 -47.26 -12.71
CA LYS F 293 2.68 -48.61 -13.05
C LYS F 293 2.06 -49.00 -14.38
N ILE F 294 2.90 -49.36 -15.34
CA ILE F 294 2.43 -49.76 -16.66
C ILE F 294 2.04 -51.24 -16.63
N ASP F 295 0.76 -51.52 -16.89
CA ASP F 295 0.24 -52.87 -16.83
C ASP F 295 0.20 -53.57 -18.19
N ARG F 296 0.12 -52.81 -19.28
CA ARG F 296 -0.01 -53.42 -20.59
C ARG F 296 0.23 -52.34 -21.65
N ILE F 297 0.79 -52.76 -22.78
CA ILE F 297 1.10 -51.86 -23.88
C ILE F 297 0.45 -52.37 -25.16
N THR F 298 -0.28 -51.50 -25.84
CA THR F 298 -0.79 -51.77 -27.18
C THR F 298 -0.20 -50.74 -28.13
N HIS F 299 0.20 -51.18 -29.31
CA HIS F 299 0.90 -50.30 -30.21
C HIS F 299 0.76 -50.80 -31.63
N ARG F 300 0.90 -49.88 -32.58
CA ARG F 300 0.91 -50.21 -33.99
C ARG F 300 2.27 -50.76 -34.41
N THR F 301 2.27 -51.59 -35.44
CA THR F 301 3.52 -52.12 -35.97
C THR F 301 4.38 -51.00 -36.55
N ASN F 302 5.67 -51.03 -36.21
CA ASN F 302 6.60 -49.96 -36.55
C ASN F 302 6.13 -48.64 -35.97
N PRO F 303 6.01 -48.54 -34.64
CA PRO F 303 5.53 -47.28 -34.04
C PRO F 303 6.54 -46.15 -34.16
N ILE F 304 6.01 -44.93 -34.17
CA ILE F 304 6.82 -43.72 -34.24
C ILE F 304 6.61 -42.91 -32.97
N PHE F 305 7.70 -42.43 -32.39
CA PHE F 305 7.70 -41.71 -31.12
C PHE F 305 7.53 -40.22 -31.37
N GLU F 306 6.34 -39.69 -31.06
CA GLU F 306 6.04 -38.27 -31.19
C GLU F 306 6.37 -37.58 -29.86
N ASN F 307 7.58 -37.06 -29.76
CA ASN F 307 8.05 -36.29 -28.61
C ASN F 307 8.41 -34.89 -29.08
N LEU F 308 8.63 -34.00 -28.11
CA LEU F 308 8.97 -32.62 -28.43
C LEU F 308 10.11 -32.15 -27.56
N TYR F 309 10.80 -31.10 -28.01
CA TYR F 309 11.78 -30.40 -27.21
C TYR F 309 11.17 -29.11 -26.67
N LEU F 310 11.52 -28.77 -25.43
CA LEU F 310 11.10 -27.52 -24.83
C LEU F 310 12.28 -26.93 -24.08
N GLY F 311 12.26 -25.61 -23.93
CA GLY F 311 13.34 -24.89 -23.29
C GLY F 311 13.17 -23.41 -23.49
N ILE F 312 14.25 -22.70 -23.80
CA ILE F 312 14.19 -21.24 -23.94
C ILE F 312 13.09 -20.90 -24.94
N PRO F 313 12.21 -19.96 -24.60
CA PRO F 313 10.85 -19.97 -25.17
C PRO F 313 10.82 -19.85 -26.68
N TRP F 314 9.63 -20.18 -27.18
CA TRP F 314 9.38 -20.44 -28.60
C TRP F 314 10.21 -21.62 -29.10
N THR F 315 10.09 -22.73 -28.37
CA THR F 315 10.34 -24.07 -28.87
C THR F 315 9.04 -24.61 -29.43
N GLU F 316 9.01 -25.92 -29.74
CA GLU F 316 7.79 -26.50 -30.31
C GLU F 316 6.59 -26.25 -29.41
N ILE F 317 6.77 -26.34 -28.09
CA ILE F 317 5.64 -26.27 -27.17
C ILE F 317 4.97 -24.90 -27.22
N ASP F 318 5.76 -23.84 -27.40
CA ASP F 318 5.20 -22.50 -27.39
C ASP F 318 4.28 -22.27 -28.57
N TYR F 319 4.55 -22.92 -29.72
CA TYR F 319 3.59 -22.88 -30.82
C TYR F 319 2.32 -23.67 -30.48
N LEU F 320 2.49 -24.83 -29.85
CA LEU F 320 1.33 -25.66 -29.50
C LEU F 320 0.38 -24.90 -28.58
N MET F 321 0.92 -24.22 -27.57
CA MET F 321 0.11 -23.53 -26.58
C MET F 321 -0.33 -22.14 -27.02
N ALA F 322 0.12 -21.67 -28.20
CA ALA F 322 -0.15 -20.28 -28.57
C ALA F 322 -1.64 -20.01 -28.71
N LEU F 323 -2.34 -20.83 -29.49
CA LEU F 323 -3.76 -20.57 -29.76
C LEU F 323 -4.71 -21.41 -28.93
N ASN F 324 -4.31 -22.63 -28.53
CA ASN F 324 -5.18 -23.45 -27.71
C ASN F 324 -5.38 -22.90 -26.30
N THR F 325 -4.58 -21.91 -25.89
CA THR F 325 -4.80 -21.25 -24.61
C THR F 325 -5.68 -20.02 -24.76
N SER F 326 -5.51 -19.27 -25.84
CA SER F 326 -6.24 -18.02 -26.01
C SER F 326 -7.69 -18.24 -26.41
N VAL F 327 -7.97 -19.25 -27.23
CA VAL F 327 -9.32 -19.46 -27.74
C VAL F 327 -10.29 -19.80 -26.60
N PRO F 328 -10.01 -20.83 -25.79
CA PRO F 328 -10.95 -21.15 -24.70
C PRO F 328 -11.06 -20.06 -23.65
N LEU F 329 -9.97 -19.33 -23.38
CA LEU F 329 -10.07 -18.18 -22.50
C LEU F 329 -10.99 -17.12 -23.08
N TYR F 330 -10.88 -16.88 -24.40
CA TYR F 330 -11.78 -15.93 -25.03
C TYR F 330 -13.23 -16.40 -24.96
N LYS F 331 -13.46 -17.68 -25.27
CA LYS F 331 -14.81 -18.21 -25.23
C LYS F 331 -15.39 -18.19 -23.82
N GLN F 332 -14.57 -18.56 -22.83
CA GLN F 332 -15.06 -18.59 -21.45
C GLN F 332 -15.44 -17.18 -20.98
N LEU F 333 -14.64 -16.18 -21.31
CA LEU F 333 -14.99 -14.81 -20.95
C LEU F 333 -16.25 -14.36 -21.66
N LYS F 334 -16.33 -14.62 -22.97
CA LYS F 334 -17.42 -14.09 -23.79
C LYS F 334 -18.78 -14.59 -23.34
N GLU F 335 -18.83 -15.78 -22.73
CA GLU F 335 -20.12 -16.33 -22.30
C GLU F 335 -20.79 -15.44 -21.27
N THR F 336 -20.02 -14.92 -20.31
CA THR F 336 -20.57 -14.03 -19.29
C THR F 336 -20.61 -12.57 -19.74
N MET F 337 -19.59 -12.12 -20.48
CA MET F 337 -19.41 -10.71 -20.83
C MET F 337 -19.24 -10.57 -22.33
N PRO F 338 -20.32 -10.30 -23.07
CA PRO F 338 -20.20 -10.18 -24.53
C PRO F 338 -19.36 -9.00 -25.00
N GLU F 339 -19.04 -8.06 -24.12
CA GLU F 339 -18.23 -6.91 -24.51
C GLU F 339 -16.80 -7.28 -24.86
N VAL F 340 -16.36 -8.51 -24.54
CA VAL F 340 -14.98 -8.90 -24.80
C VAL F 340 -14.76 -9.10 -26.29
N VAL F 341 -13.64 -8.57 -26.79
CA VAL F 341 -13.35 -8.62 -28.22
C VAL F 341 -12.45 -9.81 -28.54
N ALA F 342 -11.28 -9.88 -27.91
CA ALA F 342 -10.33 -10.96 -28.14
C ALA F 342 -9.41 -11.08 -26.93
N VAL F 343 -8.75 -12.24 -26.84
CA VAL F 343 -7.87 -12.55 -25.72
C VAL F 343 -6.56 -13.08 -26.27
N ASN F 344 -5.45 -12.53 -25.80
CA ASN F 344 -4.11 -12.96 -26.20
C ASN F 344 -3.41 -13.60 -25.00
N ALA F 345 -3.21 -14.92 -25.07
CA ALA F 345 -2.56 -15.63 -23.99
C ALA F 345 -1.50 -16.59 -24.51
N MET F 346 -0.86 -16.23 -25.62
CA MET F 346 0.15 -17.11 -26.21
C MET F 346 1.51 -16.98 -25.53
N TYR F 347 1.71 -16.01 -24.65
CA TYR F 347 3.03 -15.68 -24.13
C TYR F 347 3.26 -16.42 -22.82
N THR F 348 4.29 -17.26 -22.79
CA THR F 348 4.66 -18.05 -21.62
C THR F 348 3.46 -18.81 -21.06
N HIS F 349 2.74 -19.47 -21.95
CA HIS F 349 1.70 -20.43 -21.56
C HIS F 349 0.59 -19.75 -20.76
N GLY F 350 0.31 -18.49 -21.06
CA GLY F 350 -0.78 -17.77 -20.42
C GLY F 350 -0.45 -17.08 -19.12
N ILE F 351 0.80 -17.15 -18.67
CA ILE F 351 1.17 -16.41 -17.46
C ILE F 351 0.98 -14.92 -17.69
N GLY F 352 1.05 -14.46 -18.94
CA GLY F 352 0.69 -13.10 -19.26
C GLY F 352 -0.47 -13.05 -20.23
N VAL F 353 -1.53 -12.33 -19.89
CA VAL F 353 -2.73 -12.29 -20.72
C VAL F 353 -3.11 -10.86 -21.00
N ILE F 354 -3.47 -10.58 -22.26
CA ILE F 354 -3.93 -9.26 -22.69
C ILE F 354 -5.34 -9.41 -23.24
N ILE F 355 -6.28 -8.63 -22.71
CA ILE F 355 -7.69 -8.72 -23.08
C ILE F 355 -8.12 -7.41 -23.71
N SER F 356 -8.82 -7.51 -24.84
CA SER F 356 -9.44 -6.38 -25.51
C SER F 356 -10.94 -6.44 -25.27
N THR F 357 -11.53 -5.33 -24.83
CA THR F 357 -12.94 -5.35 -24.50
C THR F 357 -13.53 -3.96 -24.60
N LYS F 358 -14.83 -3.90 -24.89
CA LYS F 358 -15.60 -2.69 -24.67
C LYS F 358 -15.90 -2.56 -23.18
N VAL F 359 -15.90 -1.33 -22.69
CA VAL F 359 -16.14 -1.04 -21.28
C VAL F 359 -17.60 -0.62 -21.14
N ARG F 360 -18.44 -1.54 -20.67
CA ARG F 360 -19.87 -1.26 -20.56
C ARG F 360 -20.14 -0.09 -19.63
N TYR F 361 -19.61 -0.14 -18.42
CA TYR F 361 -19.71 0.94 -17.45
C TYR F 361 -18.39 1.05 -16.70
N GLY F 362 -18.06 2.27 -16.28
CA GLY F 362 -16.85 2.53 -15.52
C GLY F 362 -16.38 1.39 -14.64
N GLY F 363 -15.08 1.11 -14.71
CA GLY F 363 -14.44 0.00 -14.03
C GLY F 363 -14.71 -1.38 -14.59
N TYR F 364 -15.46 -1.49 -15.68
CA TYR F 364 -15.76 -2.80 -16.23
C TYR F 364 -14.50 -3.57 -16.58
N ALA F 365 -13.42 -2.86 -16.88
CA ALA F 365 -12.18 -3.54 -17.25
C ALA F 365 -11.69 -4.45 -16.14
N LYS F 366 -11.77 -3.98 -14.90
CA LYS F 366 -11.34 -4.80 -13.77
C LYS F 366 -12.23 -6.03 -13.63
N GLY F 367 -13.52 -5.88 -13.90
CA GLY F 367 -14.42 -7.03 -13.83
C GLY F 367 -14.08 -8.10 -14.84
N VAL F 368 -13.70 -7.67 -16.05
CA VAL F 368 -13.22 -8.63 -17.05
C VAL F 368 -11.98 -9.34 -16.54
N ALA F 369 -11.04 -8.59 -15.97
CA ALA F 369 -9.85 -9.21 -15.40
C ALA F 369 -10.22 -10.21 -14.31
N PHE F 370 -11.23 -9.87 -13.50
CA PHE F 370 -11.67 -10.78 -12.44
C PHE F 370 -12.16 -12.10 -13.01
N ARG F 371 -12.96 -12.06 -14.09
CA ARG F 371 -13.43 -13.29 -14.70
C ARG F 371 -12.26 -14.11 -15.25
N LEU F 372 -11.28 -13.44 -15.86
CA LEU F 372 -10.11 -14.15 -16.35
C LEU F 372 -9.37 -14.83 -15.21
N LEU F 373 -9.35 -14.21 -14.03
CA LEU F 373 -8.67 -14.77 -12.87
C LEU F 373 -9.53 -15.77 -12.11
N SER F 374 -10.74 -16.07 -12.58
CA SER F 374 -11.58 -17.08 -11.98
C SER F 374 -11.93 -18.18 -12.98
N THR F 375 -11.12 -18.33 -14.01
CA THR F 375 -11.33 -19.34 -15.02
C THR F 375 -10.39 -20.53 -14.78
N PRO F 376 -10.81 -21.72 -15.20
CA PRO F 376 -9.99 -22.93 -14.95
C PRO F 376 -8.51 -22.77 -15.25
N HIS F 377 -8.13 -21.96 -16.23
CA HIS F 377 -6.71 -21.82 -16.55
C HIS F 377 -6.11 -20.50 -16.10
N GLY F 378 -6.91 -19.50 -15.84
CA GLY F 378 -6.36 -18.18 -15.65
C GLY F 378 -6.25 -17.88 -14.17
N MET F 379 -7.06 -18.58 -13.39
CA MET F 379 -6.97 -18.44 -11.93
C MET F 379 -5.61 -18.86 -11.39
N PRO F 380 -5.05 -20.01 -11.77
CA PRO F 380 -3.72 -20.36 -11.26
C PRO F 380 -2.55 -19.91 -12.12
N TYR F 381 -2.79 -19.64 -13.40
CA TYR F 381 -1.72 -19.42 -14.38
C TYR F 381 -1.45 -17.94 -14.63
N SER F 382 -2.49 -17.14 -14.88
CA SER F 382 -2.34 -15.76 -15.30
C SER F 382 -1.86 -14.90 -14.14
N LYS F 383 -0.65 -14.35 -14.26
CA LYS F 383 -0.05 -13.48 -13.25
C LYS F 383 -0.17 -12.00 -13.59
N ILE F 384 -0.04 -11.64 -14.86
CA ILE F 384 -0.13 -10.25 -15.30
C ILE F 384 -1.26 -10.18 -16.33
N VAL F 385 -2.30 -9.42 -16.00
CA VAL F 385 -3.47 -9.31 -16.86
C VAL F 385 -3.61 -7.84 -17.27
N ILE F 386 -3.46 -7.58 -18.57
CA ILE F 386 -3.64 -6.24 -19.13
C ILE F 386 -4.94 -6.21 -19.93
N VAL F 387 -5.76 -5.21 -19.68
CA VAL F 387 -7.04 -5.02 -20.36
C VAL F 387 -6.97 -3.72 -21.15
N VAL F 388 -7.28 -3.79 -22.44
CA VAL F 388 -7.23 -2.64 -23.32
C VAL F 388 -8.60 -2.45 -23.96
N ASP F 389 -8.73 -1.34 -24.71
CA ASP F 389 -10.02 -0.96 -25.27
C ASP F 389 -10.39 -1.88 -26.43
N GLU F 390 -11.62 -1.69 -26.91
CA GLU F 390 -12.14 -2.51 -27.99
C GLU F 390 -11.28 -2.41 -29.25
N PHE F 391 -10.75 -1.22 -29.54
CA PHE F 391 -10.07 -0.94 -30.80
C PHE F 391 -8.58 -1.28 -30.77
N VAL F 392 -8.06 -1.76 -29.65
CA VAL F 392 -6.65 -2.15 -29.57
C VAL F 392 -6.53 -3.64 -29.87
N ASP F 393 -5.61 -3.99 -30.76
CA ASP F 393 -5.34 -5.39 -31.04
C ASP F 393 -4.46 -5.95 -29.92
N PRO F 394 -5.00 -6.81 -29.06
CA PRO F 394 -4.18 -7.34 -27.97
C PRO F 394 -3.01 -8.18 -28.44
N PHE F 395 -3.02 -8.63 -29.70
CA PHE F 395 -1.90 -9.38 -30.23
C PHE F 395 -0.81 -8.47 -30.81
N ASN F 396 -1.06 -7.17 -30.89
CA ASN F 396 -0.10 -6.19 -31.38
C ASN F 396 0.53 -5.51 -30.17
N LEU F 397 1.68 -6.04 -29.72
CA LEU F 397 2.31 -5.48 -28.53
C LEU F 397 2.64 -4.00 -28.73
N GLU F 398 2.83 -3.55 -29.97
CA GLU F 398 3.05 -2.13 -30.22
C GLU F 398 1.86 -1.30 -29.75
N GLN F 399 0.65 -1.72 -30.11
CA GLN F 399 -0.53 -0.99 -29.66
C GLN F 399 -0.72 -1.10 -28.15
N VAL F 400 -0.50 -2.30 -27.60
CA VAL F 400 -0.63 -2.47 -26.16
C VAL F 400 0.35 -1.56 -25.43
N MET F 401 1.58 -1.42 -25.95
CA MET F 401 2.53 -0.48 -25.37
C MET F 401 2.01 0.95 -25.44
N TRP F 402 1.25 1.29 -26.49
CA TRP F 402 0.64 2.59 -26.55
C TRP F 402 -0.45 2.74 -25.48
N ALA F 403 -1.29 1.71 -25.33
CA ALA F 403 -2.37 1.79 -24.34
C ALA F 403 -1.79 1.93 -22.93
N LEU F 404 -0.68 1.24 -22.65
CA LEU F 404 -0.08 1.34 -21.31
C LEU F 404 0.39 2.76 -21.02
N THR F 405 0.98 3.42 -22.01
CA THR F 405 1.56 4.72 -21.79
C THR F 405 0.52 5.84 -21.78
N THR F 406 -0.64 5.64 -22.39
CA THR F 406 -1.61 6.71 -22.52
C THR F 406 -2.92 6.48 -21.77
N ARG F 407 -3.15 5.28 -21.25
CA ARG F 407 -4.41 4.98 -20.57
C ARG F 407 -4.24 4.44 -19.16
N VAL F 408 -3.00 4.32 -18.66
CA VAL F 408 -2.74 3.71 -17.36
C VAL F 408 -2.28 4.80 -16.41
N HIS F 409 -3.06 5.02 -15.35
CA HIS F 409 -2.65 5.87 -14.24
C HIS F 409 -2.35 4.97 -13.05
N PRO F 410 -1.09 4.66 -12.76
CA PRO F 410 -0.79 3.64 -11.74
C PRO F 410 -1.43 3.90 -10.37
N GLY F 411 -1.93 5.11 -10.12
CA GLY F 411 -2.62 5.35 -8.87
C GLY F 411 -3.90 4.55 -8.74
N LYS F 412 -4.63 4.38 -9.83
CA LYS F 412 -5.89 3.66 -9.81
C LYS F 412 -5.94 2.46 -10.73
N ASP F 413 -5.27 2.52 -11.87
CA ASP F 413 -5.43 1.50 -12.91
C ASP F 413 -4.61 0.23 -12.64
N VAL F 414 -3.65 0.29 -11.73
CA VAL F 414 -2.81 -0.86 -11.38
C VAL F 414 -3.25 -1.36 -10.00
N SER F 415 -3.58 -2.64 -9.93
CA SER F 415 -4.05 -3.30 -8.71
C SER F 415 -3.25 -4.56 -8.47
N ILE F 416 -2.72 -4.73 -7.26
CA ILE F 416 -1.85 -5.85 -6.90
C ILE F 416 -2.47 -6.62 -5.75
N ILE F 417 -2.72 -7.91 -5.95
CA ILE F 417 -3.49 -8.74 -5.03
C ILE F 417 -2.59 -9.86 -4.53
N GLU F 418 -2.41 -9.96 -3.22
CA GLU F 418 -1.50 -10.91 -2.61
C GLU F 418 -2.17 -12.25 -2.34
N ASN F 419 -1.36 -13.30 -2.33
CA ASN F 419 -1.78 -14.61 -1.84
C ASN F 419 -2.89 -15.22 -2.68
N CYS F 420 -2.71 -15.18 -3.99
CA CYS F 420 -3.66 -15.74 -4.93
C CYS F 420 -3.10 -17.00 -5.58
N PRO F 421 -3.97 -17.84 -6.16
CA PRO F 421 -3.50 -19.09 -6.77
C PRO F 421 -2.41 -18.83 -7.80
N GLY F 422 -1.41 -19.72 -7.80
CA GLY F 422 -0.25 -19.57 -8.68
C GLY F 422 0.10 -20.87 -9.37
N MET F 423 1.12 -20.78 -10.23
CA MET F 423 1.59 -21.91 -11.01
C MET F 423 3.05 -22.18 -10.63
N PRO F 424 3.38 -23.37 -10.13
CA PRO F 424 4.74 -23.60 -9.62
C PRO F 424 5.83 -23.51 -10.66
N LEU F 425 5.53 -23.75 -11.95
CA LEU F 425 6.57 -23.69 -12.97
C LEU F 425 7.06 -22.27 -13.22
N ASP F 426 6.32 -21.27 -12.78
CA ASP F 426 6.75 -19.88 -12.80
C ASP F 426 7.91 -19.66 -11.84
N PRO F 427 9.13 -19.43 -12.32
CA PRO F 427 10.28 -19.32 -11.41
C PRO F 427 10.30 -18.02 -10.63
N SER F 428 9.25 -17.22 -10.74
CA SER F 428 9.18 -15.96 -10.00
C SER F 428 8.46 -16.11 -8.67
N THR F 429 7.60 -17.14 -8.54
CA THR F 429 6.79 -17.32 -7.34
C THR F 429 7.65 -17.55 -6.11
N ASN F 430 7.61 -16.63 -5.13
CA ASN F 430 8.44 -16.84 -3.95
C ASN F 430 7.85 -17.90 -3.04
N PRO F 431 6.59 -17.79 -2.64
CA PRO F 431 5.87 -18.99 -2.21
C PRO F 431 5.50 -19.80 -3.44
N PRO F 432 6.26 -20.85 -3.74
CA PRO F 432 6.15 -21.48 -5.07
C PRO F 432 4.76 -22.08 -5.28
N GLY F 433 4.26 -21.94 -6.50
CA GLY F 433 2.90 -22.35 -6.76
C GLY F 433 1.89 -21.36 -6.24
N MET F 434 2.33 -20.13 -5.97
CA MET F 434 1.51 -19.14 -5.31
C MET F 434 2.07 -17.79 -5.74
N HIS F 435 1.31 -17.00 -6.49
CA HIS F 435 1.87 -15.71 -6.89
C HIS F 435 0.89 -14.56 -6.64
N THR F 436 1.47 -13.37 -6.49
CA THR F 436 0.73 -12.13 -6.34
C THR F 436 0.30 -11.63 -7.72
N LYS F 437 -1.00 -11.42 -7.91
CA LYS F 437 -1.51 -11.01 -9.21
C LYS F 437 -1.36 -9.50 -9.40
N MET F 438 -1.24 -9.09 -10.66
CA MET F 438 -1.18 -7.68 -11.03
C MET F 438 -2.16 -7.44 -12.17
N ILE F 439 -3.10 -6.51 -11.96
CA ILE F 439 -4.12 -6.15 -12.95
C ILE F 439 -3.84 -4.74 -13.45
N ILE F 440 -3.79 -4.57 -14.77
CA ILE F 440 -3.51 -3.28 -15.40
C ILE F 440 -4.68 -2.90 -16.29
N ASP F 441 -5.33 -1.78 -15.97
CA ASP F 441 -6.51 -1.32 -16.70
C ASP F 441 -6.07 -0.24 -17.68
N ALA F 442 -5.71 -0.67 -18.89
CA ALA F 442 -5.28 0.27 -19.93
C ALA F 442 -6.43 0.71 -20.82
N THR F 443 -7.66 0.76 -20.27
CA THR F 443 -8.83 1.19 -21.01
C THR F 443 -9.13 2.66 -20.73
N THR F 444 -9.86 3.28 -21.65
CA THR F 444 -10.27 4.67 -21.49
C THR F 444 -11.39 4.75 -20.46
N PRO F 445 -11.31 5.67 -19.49
CA PRO F 445 -12.34 5.72 -18.44
C PRO F 445 -13.72 5.96 -19.01
N VAL F 446 -14.71 5.31 -18.39
CA VAL F 446 -16.11 5.39 -18.80
C VAL F 446 -16.95 5.74 -17.58
N PRO F 447 -18.01 6.52 -17.74
CA PRO F 447 -18.85 6.86 -16.59
C PRO F 447 -19.36 5.59 -15.91
N PRO F 448 -19.55 5.63 -14.58
CA PRO F 448 -19.41 6.82 -13.75
C PRO F 448 -18.00 7.07 -13.23
N GLU F 449 -16.99 6.53 -13.89
CA GLU F 449 -15.62 6.86 -13.51
C GLU F 449 -15.32 8.29 -13.92
N PRO F 450 -15.00 9.19 -13.00
CA PRO F 450 -14.71 10.58 -13.39
C PRO F 450 -13.46 10.67 -14.25
N ASN F 451 -13.49 11.59 -15.20
CA ASN F 451 -12.36 11.82 -16.10
C ASN F 451 -12.29 13.30 -16.42
N PRO F 452 -11.44 14.05 -15.72
CA PRO F 452 -11.31 15.48 -16.04
C PRO F 452 -10.59 15.76 -17.34
N ARG F 453 -9.86 14.78 -17.88
CA ARG F 453 -9.06 14.99 -19.08
C ARG F 453 -9.82 14.58 -20.34
N GLU F 454 -9.25 14.95 -21.49
CA GLU F 454 -9.78 14.58 -22.79
C GLU F 454 -8.98 13.39 -23.32
N THR F 455 -9.65 12.25 -23.50
CA THR F 455 -8.97 11.03 -23.93
C THR F 455 -9.48 10.43 -25.24
N GLN F 456 -10.46 11.05 -25.91
CA GLN F 456 -10.94 10.50 -27.17
C GLN F 456 -9.90 10.64 -28.27
N LEU F 457 -9.88 9.66 -29.16
CA LEU F 457 -8.92 9.57 -30.25
C LEU F 457 -9.31 10.46 -31.42
N LEU F 458 -8.30 10.86 -32.20
CA LEU F 458 -8.50 11.77 -33.32
C LEU F 458 -9.09 11.02 -34.51
N ASP F 459 -10.15 11.56 -35.08
CA ASP F 459 -10.65 11.04 -36.35
C ASP F 459 -9.70 11.47 -37.47
N PRO F 460 -9.29 10.56 -38.34
CA PRO F 460 -8.31 10.94 -39.36
C PRO F 460 -8.86 12.05 -40.23
N PRO F 461 -7.98 12.90 -40.76
CA PRO F 461 -8.45 13.98 -41.65
C PRO F 461 -9.31 13.46 -42.79
N ASP F 462 -9.99 14.36 -43.48
CA ASP F 462 -11.09 13.96 -44.36
C ASP F 462 -10.65 12.97 -45.43
N GLY F 463 -9.73 13.39 -46.30
CA GLY F 463 -9.42 12.58 -47.46
C GLY F 463 -8.42 11.46 -47.27
N THR F 464 -8.08 11.12 -46.02
CA THR F 464 -7.01 10.15 -45.78
C THR F 464 -7.25 8.86 -46.56
N GLU F 465 -8.50 8.41 -46.65
CA GLU F 465 -8.78 7.19 -47.38
C GLU F 465 -8.31 7.29 -48.82
N GLU F 466 -8.75 8.34 -49.53
CA GLU F 466 -8.36 8.49 -50.92
C GLU F 466 -6.88 8.80 -51.06
N TRP F 467 -6.33 9.61 -50.13
CA TRP F 467 -4.93 10.00 -50.25
C TRP F 467 -4.00 8.80 -50.12
N GLU F 468 -4.41 7.77 -49.39
CA GLU F 468 -3.61 6.56 -49.34
C GLU F 468 -3.45 5.96 -50.73
N GLU F 469 -4.52 6.00 -51.53
CA GLU F 469 -4.43 5.47 -52.88
C GLU F 469 -3.61 6.38 -53.77
N LYS F 470 -3.85 7.70 -53.69
CA LYS F 470 -3.11 8.63 -54.55
C LYS F 470 -1.62 8.56 -54.27
N LEU F 471 -1.23 8.32 -53.02
CA LEU F 471 0.19 8.18 -52.72
C LEU F 471 0.76 6.86 -53.24
N LYS F 472 0.01 5.76 -53.07
CA LYS F 472 0.49 4.49 -53.59
C LYS F 472 0.67 4.55 -55.10
N GLU F 473 -0.23 5.26 -55.79
CA GLU F 473 -0.11 5.38 -57.24
C GLU F 473 1.10 6.21 -57.62
N LEU F 474 1.31 7.33 -56.93
CA LEU F 474 2.47 8.16 -57.24
C LEU F 474 3.78 7.41 -57.04
N LEU F 475 3.80 6.47 -56.09
CA LEU F 475 5.01 5.71 -55.80
C LEU F 475 5.33 4.68 -56.89
N LYS F 476 4.36 4.32 -57.72
CA LYS F 476 4.55 3.33 -58.77
C LYS F 476 5.19 3.97 -60.00
N ASN F 477 6.37 4.57 -59.77
CA ASN F 477 7.15 5.21 -60.81
C ASN F 477 8.64 4.91 -60.63
N MET G 1 45.78 -26.65 24.56
CA MET G 1 45.14 -25.35 24.33
C MET G 1 44.10 -25.37 23.21
N LYS G 2 42.92 -24.81 23.48
CA LYS G 2 41.82 -24.77 22.54
C LYS G 2 41.53 -23.34 22.11
N CYS G 3 40.75 -23.20 21.04
CA CYS G 3 40.32 -21.91 20.55
C CYS G 3 39.07 -21.44 21.30
N HIS G 4 39.05 -20.16 21.66
CA HIS G 4 37.96 -19.63 22.47
C HIS G 4 36.69 -19.39 21.67
N ARG G 5 36.75 -19.37 20.34
CA ARG G 5 35.58 -19.07 19.53
C ARG G 5 34.88 -20.30 18.97
N CYS G 6 35.63 -21.33 18.59
CA CYS G 6 35.06 -22.54 18.02
C CYS G 6 35.45 -23.81 18.77
N GLY G 7 36.37 -23.74 19.74
CA GLY G 7 36.74 -24.91 20.51
C GLY G 7 37.63 -25.90 19.80
N SER G 8 38.24 -25.53 18.68
CA SER G 8 39.15 -26.44 18.00
C SER G 8 40.51 -26.43 18.67
N ASP G 9 41.18 -27.57 18.62
CA ASP G 9 42.53 -27.71 19.13
C ASP G 9 43.60 -27.49 18.06
N ASN G 10 43.20 -27.16 16.83
CA ASN G 10 44.16 -26.90 15.76
C ASN G 10 44.66 -25.47 15.81
N VAL G 11 45.11 -25.02 16.99
CA VAL G 11 45.56 -23.66 17.21
C VAL G 11 47.07 -23.64 17.40
N ARG G 12 47.73 -22.62 16.85
CA ARG G 12 49.18 -22.51 16.89
C ARG G 12 49.57 -21.07 17.20
N LYS G 13 50.84 -20.88 17.56
CA LYS G 13 51.38 -19.56 17.83
C LYS G 13 51.61 -18.81 16.53
N MET G 14 51.21 -17.54 16.51
CA MET G 14 51.34 -16.74 15.30
C MET G 14 52.63 -15.91 15.30
N VAL G 15 52.94 -15.27 16.43
CA VAL G 15 54.11 -14.39 16.51
C VAL G 15 54.46 -14.17 17.97
N ASP G 16 55.72 -13.84 18.22
CA ASP G 16 56.21 -13.45 19.53
C ASP G 16 56.31 -11.94 19.62
N SER G 17 56.29 -11.43 20.85
CA SER G 17 56.45 -10.00 21.06
C SER G 17 57.82 -9.57 20.53
N PRO G 18 57.88 -8.56 19.66
CA PRO G 18 59.18 -8.17 19.08
C PRO G 18 60.22 -7.75 20.12
N VAL G 19 59.79 -7.30 21.29
CA VAL G 19 60.70 -6.84 22.34
C VAL G 19 60.46 -7.70 23.58
N GLY G 20 61.45 -8.53 23.90
CA GLY G 20 61.38 -9.32 25.12
C GLY G 20 60.36 -10.45 25.08
N ASP G 21 59.98 -10.88 26.27
CA ASP G 21 58.98 -11.93 26.48
C ASP G 21 57.64 -11.36 26.92
N ALA G 22 57.25 -10.22 26.37
CA ALA G 22 56.04 -9.54 26.83
C ALA G 22 54.80 -10.42 26.66
N TRP G 23 54.63 -11.00 25.47
CA TRP G 23 53.40 -11.74 25.19
C TRP G 23 53.60 -12.55 23.91
N GLU G 24 52.61 -13.39 23.61
CA GLU G 24 52.55 -14.15 22.37
C GLU G 24 51.16 -13.99 21.78
N VAL G 25 51.02 -14.39 20.52
CA VAL G 25 49.75 -14.30 19.79
C VAL G 25 49.44 -15.66 19.19
N TYR G 26 48.21 -16.12 19.36
CA TYR G 26 47.79 -17.43 18.86
C TYR G 26 46.68 -17.26 17.83
N VAL G 27 46.59 -18.24 16.92
CA VAL G 27 45.63 -18.19 15.83
C VAL G 27 44.93 -19.54 15.72
N CYS G 28 43.65 -19.51 15.36
CA CYS G 28 42.85 -20.72 15.33
C CYS G 28 43.13 -21.59 14.11
N GLU G 29 43.12 -20.98 12.92
CA GLU G 29 43.37 -21.70 11.67
C GLU G 29 42.18 -22.58 11.25
N LYS G 30 41.17 -22.71 12.10
CA LYS G 30 39.89 -23.26 11.67
C LYS G 30 38.83 -22.18 11.49
N CYS G 31 38.94 -21.07 12.23
CA CYS G 31 38.04 -19.94 12.06
C CYS G 31 38.77 -18.60 12.05
N CYS G 32 40.10 -18.61 12.09
CA CYS G 32 40.95 -17.42 11.95
C CYS G 32 40.99 -16.54 13.19
N TYR G 33 40.37 -16.95 14.30
CA TYR G 33 40.34 -16.12 15.49
C TYR G 33 41.74 -16.00 16.10
N SER G 34 42.18 -14.78 16.32
CA SER G 34 43.48 -14.51 16.93
C SER G 34 43.29 -13.79 18.25
N TRP G 35 44.24 -13.99 19.16
CA TRP G 35 44.20 -13.34 20.47
C TRP G 35 45.61 -13.32 21.06
N ARG G 36 45.82 -12.38 21.98
CA ARG G 36 47.12 -12.21 22.62
C ARG G 36 47.16 -13.02 23.92
N SER G 37 48.37 -13.47 24.27
CA SER G 37 48.53 -14.30 25.46
C SER G 37 48.15 -13.57 26.73
N THR G 38 48.21 -12.23 26.73
CA THR G 38 47.84 -11.47 27.92
C THR G 38 46.33 -11.41 28.09
N GLU G 39 45.62 -10.88 27.10
CA GLU G 39 44.18 -10.76 27.19
C GLU G 39 43.52 -12.13 27.25
N ASN G 40 42.81 -12.42 28.34
CA ASN G 40 42.03 -13.65 28.43
C ASN G 40 40.65 -13.41 27.82
N PRO G 41 40.41 -13.87 26.61
CA PRO G 41 39.15 -13.56 25.94
C PRO G 41 38.03 -14.53 26.33
N VAL G 42 36.83 -13.98 26.40
CA VAL G 42 35.61 -14.76 26.64
C VAL G 42 34.65 -14.37 25.51
N VAL G 43 34.60 -15.19 24.47
CA VAL G 43 33.73 -14.90 23.32
C VAL G 43 32.28 -15.11 23.72
N MET G 44 31.44 -14.12 23.42
CA MET G 44 30.03 -14.23 23.75
C MET G 44 29.41 -15.41 23.02
N GLU G 45 28.42 -16.04 23.66
CA GLU G 45 27.82 -17.22 23.06
C GLU G 45 27.23 -16.91 21.68
N LYS G 46 26.85 -15.66 21.42
CA LYS G 46 26.32 -15.30 20.10
C LYS G 46 27.41 -15.31 19.03
N PHE G 47 28.67 -15.04 19.40
CA PHE G 47 29.75 -14.91 18.44
C PHE G 47 30.58 -16.18 18.31
N LYS G 48 30.21 -17.25 18.99
CA LYS G 48 30.93 -18.50 18.85
C LYS G 48 30.58 -19.16 17.52
N LEU G 49 31.40 -20.14 17.13
CA LEU G 49 31.25 -20.77 15.82
C LEU G 49 31.45 -22.27 15.93
N ASP G 50 30.76 -22.99 15.04
CA ASP G 50 30.98 -24.41 14.81
C ASP G 50 31.16 -24.63 13.30
N ASP G 51 31.49 -25.87 12.92
CA ASP G 51 31.66 -26.15 11.49
C ASP G 51 30.38 -25.86 10.71
N ASN G 52 29.22 -25.93 11.36
CA ASN G 52 27.96 -25.74 10.66
C ASN G 52 27.73 -24.28 10.31
N LYS G 53 28.02 -23.36 11.24
CA LYS G 53 27.81 -21.94 10.98
C LYS G 53 28.80 -21.41 9.95
N ILE G 54 30.06 -21.87 10.02
CA ILE G 54 31.04 -21.45 9.02
C ILE G 54 30.63 -21.91 7.64
N ALA G 55 29.93 -23.04 7.54
CA ALA G 55 29.50 -23.54 6.24
C ALA G 55 28.55 -22.56 5.56
N ASN G 56 27.47 -22.19 6.24
CA ASN G 56 26.49 -21.27 5.68
C ASN G 56 26.72 -19.86 6.23
N MET G 57 27.87 -19.28 5.84
CA MET G 57 28.26 -17.99 6.37
C MET G 57 27.99 -16.83 5.42
N GLY G 58 28.00 -17.08 4.11
CA GLY G 58 27.77 -16.00 3.16
C GLY G 58 29.05 -15.26 2.83
N VAL G 59 29.29 -15.03 1.54
CA VAL G 59 30.55 -14.48 1.07
C VAL G 59 30.34 -13.05 0.61
N ILE G 60 31.38 -12.25 0.78
CA ILE G 60 31.37 -10.84 0.43
C ILE G 60 32.76 -10.50 -0.12
N PRO G 61 32.88 -10.17 -1.41
CA PRO G 61 31.74 -10.17 -2.32
C PRO G 61 31.58 -11.52 -2.99
N PRO G 62 30.53 -11.68 -3.79
CA PRO G 62 30.33 -12.96 -4.48
C PRO G 62 31.49 -13.25 -5.43
N ILE G 63 31.75 -14.54 -5.63
CA ILE G 63 32.80 -14.98 -6.56
C ILE G 63 32.18 -15.13 -7.94
N PRO G 64 32.73 -14.48 -8.97
CA PRO G 64 32.13 -14.55 -10.30
C PRO G 64 32.45 -15.87 -10.99
N PRO G 65 31.68 -16.21 -12.03
CA PRO G 65 32.03 -17.40 -12.84
C PRO G 65 33.37 -17.22 -13.54
N LEU G 66 33.84 -18.31 -14.14
CA LEU G 66 35.21 -18.37 -14.64
C LEU G 66 35.36 -18.02 -16.11
N LYS G 67 34.29 -18.08 -16.90
CA LYS G 67 34.35 -17.82 -18.35
C LYS G 67 34.72 -19.11 -19.11
N MET H 1 10.71 -49.46 27.72
CA MET H 1 9.64 -48.53 27.37
C MET H 1 10.17 -47.21 26.80
N LYS H 2 9.56 -46.77 25.69
CA LYS H 2 9.96 -45.54 25.00
C LYS H 2 8.86 -44.49 25.12
N CYS H 3 9.22 -43.24 24.80
CA CYS H 3 8.26 -42.15 24.81
C CYS H 3 7.50 -42.10 23.50
N HIS H 4 6.20 -41.85 23.59
CA HIS H 4 5.36 -41.85 22.39
C HIS H 4 5.54 -40.60 21.53
N ARG H 5 6.12 -39.54 22.07
CA ARG H 5 6.27 -38.29 21.32
C ARG H 5 7.66 -38.08 20.76
N CYS H 6 8.72 -38.49 21.47
CA CYS H 6 10.08 -38.31 20.99
C CYS H 6 10.89 -39.59 20.89
N GLY H 7 10.36 -40.72 21.35
CA GLY H 7 11.05 -41.98 21.21
C GLY H 7 12.26 -42.19 22.09
N SER H 8 12.46 -41.35 23.11
CA SER H 8 13.58 -41.54 24.01
C SER H 8 13.26 -42.61 25.04
N ASP H 9 14.30 -43.30 25.50
CA ASP H 9 14.16 -44.31 26.55
C ASP H 9 14.38 -43.75 27.93
N ASN H 10 14.63 -42.45 28.08
CA ASN H 10 14.82 -41.84 29.39
C ASN H 10 13.48 -41.50 30.03
N VAL H 11 12.57 -42.47 30.07
CA VAL H 11 11.22 -42.29 30.60
C VAL H 11 11.11 -43.05 31.91
N ARG H 12 10.40 -42.46 32.88
CA ARG H 12 10.26 -43.04 34.21
C ARG H 12 8.83 -42.88 34.69
N LYS H 13 8.48 -43.62 35.75
CA LYS H 13 7.16 -43.54 36.35
C LYS H 13 7.02 -42.26 37.17
N MET H 14 5.89 -41.56 37.00
CA MET H 14 5.68 -40.30 37.70
C MET H 14 4.87 -40.47 38.98
N VAL H 15 3.81 -41.27 38.95
CA VAL H 15 2.93 -41.42 40.11
C VAL H 15 2.12 -42.69 39.94
N ASP H 16 1.68 -43.25 41.06
CA ASP H 16 0.75 -44.38 41.09
C ASP H 16 -0.65 -43.89 41.40
N SER H 17 -1.64 -44.71 41.03
CA SER H 17 -3.02 -44.36 41.31
C SER H 17 -3.22 -44.29 42.82
N PRO H 18 -3.76 -43.19 43.35
CA PRO H 18 -3.91 -43.08 44.81
C PRO H 18 -4.76 -44.19 45.41
N VAL H 19 -5.67 -44.78 44.65
CA VAL H 19 -6.58 -45.81 45.15
C VAL H 19 -6.34 -47.08 44.33
N GLY H 20 -5.78 -48.10 44.98
CA GLY H 20 -5.61 -49.39 44.33
C GLY H 20 -4.55 -49.42 43.25
N ASP H 21 -4.68 -50.42 42.37
CA ASP H 21 -3.80 -50.62 41.23
C ASP H 21 -4.46 -50.19 39.92
N ALA H 22 -5.21 -49.09 39.96
CA ALA H 22 -5.97 -48.68 38.78
C ALA H 22 -5.06 -48.39 37.59
N TRP H 23 -4.00 -47.60 37.81
CA TRP H 23 -3.18 -47.16 36.69
C TRP H 23 -1.90 -46.54 37.23
N GLU H 24 -1.00 -46.22 36.31
CA GLU H 24 0.23 -45.48 36.60
C GLU H 24 0.37 -44.35 35.60
N VAL H 25 1.28 -43.43 35.88
CA VAL H 25 1.53 -42.29 35.00
C VAL H 25 3.03 -42.22 34.72
N TYR H 26 3.40 -42.03 33.45
CA TYR H 26 4.80 -41.99 33.04
C TYR H 26 5.13 -40.63 32.45
N VAL H 27 6.42 -40.25 32.53
CA VAL H 27 6.88 -38.96 32.05
C VAL H 27 8.14 -39.16 31.23
N CYS H 28 8.29 -38.35 30.16
CA CYS H 28 9.40 -38.49 29.23
C CYS H 28 10.71 -37.97 29.81
N GLU H 29 10.69 -36.75 30.35
CA GLU H 29 11.89 -36.19 30.95
C GLU H 29 12.88 -35.75 29.88
N LYS H 30 12.61 -36.07 28.62
CA LYS H 30 13.31 -35.45 27.50
C LYS H 30 12.44 -34.42 26.80
N CYS H 31 11.13 -34.59 26.84
CA CYS H 31 10.19 -33.62 26.27
C CYS H 31 9.01 -33.31 27.17
N CYS H 32 8.97 -33.85 28.39
CA CYS H 32 7.93 -33.56 29.39
C CYS H 32 6.60 -34.22 29.10
N TYR H 33 6.51 -35.07 28.09
CA TYR H 33 5.24 -35.70 27.76
C TYR H 33 4.87 -36.72 28.83
N SER H 34 3.66 -36.60 29.37
CA SER H 34 3.15 -37.52 30.38
C SER H 34 1.91 -38.24 29.85
N TRP H 35 1.68 -39.45 30.32
CA TRP H 35 0.51 -40.21 29.90
C TRP H 35 0.20 -41.27 30.95
N ARG H 36 -1.06 -41.71 30.93
CA ARG H 36 -1.56 -42.70 31.86
C ARG H 36 -1.44 -44.10 31.27
N SER H 37 -1.21 -45.08 32.15
CA SER H 37 -1.01 -46.45 31.67
C SER H 37 -2.25 -47.02 31.01
N THR H 38 -3.43 -46.50 31.32
CA THR H 38 -4.64 -47.00 30.68
C THR H 38 -4.75 -46.50 29.26
N GLU H 39 -4.77 -45.18 29.08
CA GLU H 39 -4.89 -44.60 27.74
C GLU H 39 -3.65 -44.95 26.93
N ASN H 40 -3.84 -45.68 25.83
CA ASN H 40 -2.74 -45.94 24.89
C ASN H 40 -2.66 -44.76 23.93
N PRO H 41 -1.71 -43.86 24.12
CA PRO H 41 -1.67 -42.65 23.29
C PRO H 41 -0.98 -42.92 21.97
N VAL H 42 -1.47 -42.23 20.94
CA VAL H 42 -0.88 -42.26 19.62
C VAL H 42 -0.67 -40.80 19.22
N VAL H 43 0.54 -40.30 19.40
CA VAL H 43 0.83 -38.90 19.08
C VAL H 43 0.83 -38.72 17.57
N MET H 44 0.10 -37.71 17.10
CA MET H 44 0.06 -37.44 15.67
C MET H 44 1.45 -37.08 15.17
N GLU H 45 1.74 -37.46 13.92
CA GLU H 45 3.03 -37.14 13.33
C GLU H 45 3.30 -35.65 13.35
N LYS H 46 2.24 -34.83 13.44
CA LYS H 46 2.43 -33.39 13.52
C LYS H 46 3.09 -32.97 14.82
N PHE H 47 2.78 -33.68 15.92
CA PHE H 47 3.18 -33.26 17.24
C PHE H 47 4.38 -34.03 17.80
N LYS H 48 4.98 -34.92 17.01
CA LYS H 48 6.15 -35.62 17.51
C LYS H 48 7.36 -34.67 17.57
N LEU H 49 8.38 -35.09 18.31
CA LEU H 49 9.53 -34.24 18.58
C LEU H 49 10.83 -35.05 18.48
N ASP H 50 11.89 -34.38 18.06
CA ASP H 50 13.23 -34.92 18.10
C ASP H 50 14.14 -33.89 18.78
N ASP H 51 15.40 -34.28 18.99
CA ASP H 51 16.34 -33.34 19.62
C ASP H 51 16.46 -32.06 18.82
N ASN H 52 16.22 -32.12 17.51
CA ASN H 52 16.39 -30.94 16.67
C ASN H 52 15.25 -29.94 16.87
N LYS H 53 14.01 -30.42 16.95
CA LYS H 53 12.88 -29.52 17.11
C LYS H 53 12.88 -28.87 18.49
N ILE H 54 13.24 -29.63 19.52
CA ILE H 54 13.31 -29.06 20.86
C ILE H 54 14.37 -27.98 20.92
N ALA H 55 15.46 -28.12 20.15
CA ALA H 55 16.52 -27.12 20.19
C ALA H 55 16.01 -25.76 19.74
N ASN H 56 15.44 -25.68 18.54
CA ASN H 56 14.91 -24.42 18.00
C ASN H 56 13.40 -24.36 18.18
N MET H 57 12.98 -24.30 19.46
CA MET H 57 11.56 -24.35 19.72
C MET H 57 10.93 -22.99 20.02
N GLY H 58 11.69 -22.04 20.55
CA GLY H 58 11.11 -20.75 20.87
C GLY H 58 10.49 -20.71 22.24
N VAL H 59 10.79 -19.66 22.99
CA VAL H 59 10.47 -19.59 24.41
C VAL H 59 9.36 -18.58 24.66
N ILE H 60 8.61 -18.80 25.72
CA ILE H 60 7.51 -17.93 26.13
C ILE H 60 7.48 -17.88 27.66
N PRO H 61 7.77 -16.73 28.27
CA PRO H 61 8.21 -15.50 27.60
C PRO H 61 9.74 -15.46 27.49
N PRO H 62 10.26 -14.43 26.82
CA PRO H 62 11.71 -14.31 26.66
C PRO H 62 12.43 -14.16 28.00
N ILE H 63 13.67 -14.62 28.02
CA ILE H 63 14.52 -14.50 29.21
C ILE H 63 15.25 -13.16 29.13
N PRO H 64 15.15 -12.30 30.14
CA PRO H 64 15.79 -10.99 30.07
C PRO H 64 17.29 -11.10 30.30
N PRO H 65 18.06 -10.07 29.95
CA PRO H 65 19.48 -10.04 30.32
C PRO H 65 19.64 -9.98 31.82
N LEU H 66 20.88 -10.15 32.28
CA LEU H 66 21.11 -10.37 33.70
C LEU H 66 21.43 -9.12 34.49
N LYS H 67 21.86 -8.03 33.84
CA LYS H 67 22.28 -6.81 34.54
C LYS H 67 23.75 -6.86 34.96
N MET I 1 -48.38 31.31 -6.59
CA MET I 1 -47.92 30.07 -5.95
C MET I 1 -46.55 29.62 -6.47
N LYS I 2 -45.66 29.26 -5.56
CA LYS I 2 -44.31 28.86 -5.89
C LYS I 2 -44.09 27.38 -5.61
N CYS I 3 -43.00 26.86 -6.14
CA CYS I 3 -42.58 25.48 -5.89
C CYS I 3 -41.76 25.42 -4.62
N HIS I 4 -41.99 24.38 -3.81
CA HIS I 4 -41.33 24.26 -2.52
C HIS I 4 -39.89 23.80 -2.60
N ARG I 5 -39.45 23.27 -3.74
CA ARG I 5 -38.09 22.75 -3.87
C ARG I 5 -37.13 23.72 -4.56
N CYS I 6 -37.59 24.45 -5.57
CA CYS I 6 -36.74 25.37 -6.31
C CYS I 6 -37.26 26.81 -6.33
N GLY I 7 -38.47 27.06 -5.81
CA GLY I 7 -38.98 28.41 -5.76
C GLY I 7 -39.42 29.01 -7.07
N SER I 8 -39.59 28.20 -8.12
CA SER I 8 -40.07 28.73 -9.38
C SER I 8 -41.58 28.91 -9.36
N ASP I 9 -42.05 29.90 -10.10
CA ASP I 9 -43.48 30.14 -10.23
C ASP I 9 -44.08 29.43 -11.44
N ASN I 10 -43.28 28.67 -12.19
CA ASN I 10 -43.80 27.96 -13.36
C ASN I 10 -44.44 26.65 -12.93
N VAL I 11 -45.33 26.71 -11.94
CA VAL I 11 -45.98 25.54 -11.38
C VAL I 11 -47.45 25.52 -11.78
N ARG I 12 -47.97 24.34 -12.08
CA ARG I 12 -49.34 24.19 -12.54
C ARG I 12 -49.97 22.97 -11.87
N LYS I 13 -51.30 22.89 -11.96
CA LYS I 13 -52.04 21.77 -11.41
C LYS I 13 -51.90 20.56 -12.33
N MET I 14 -51.65 19.39 -11.71
CA MET I 14 -51.46 18.15 -12.45
C MET I 14 -52.75 17.34 -12.59
N VAL I 15 -53.51 17.19 -11.50
CA VAL I 15 -54.71 16.37 -11.51
C VAL I 15 -55.56 16.74 -10.29
N ASP I 16 -56.86 16.49 -10.41
CA ASP I 16 -57.83 16.63 -9.32
C ASP I 16 -58.11 15.27 -8.69
N SER I 17 -58.59 15.28 -7.46
CA SER I 17 -58.95 14.03 -6.81
C SER I 17 -60.07 13.36 -7.60
N PRO I 18 -59.91 12.10 -8.00
CA PRO I 18 -60.96 11.46 -8.82
C PRO I 18 -62.31 11.42 -8.13
N VAL I 19 -62.35 11.48 -6.81
CA VAL I 19 -63.59 11.41 -6.06
C VAL I 19 -63.74 12.71 -5.29
N GLY I 20 -64.70 13.54 -5.70
CA GLY I 20 -65.02 14.74 -4.96
C GLY I 20 -63.94 15.82 -5.06
N ASP I 21 -63.98 16.72 -4.09
CA ASP I 21 -63.03 17.82 -3.96
C ASP I 21 -62.02 17.55 -2.85
N ALA I 22 -61.59 16.29 -2.72
CA ALA I 22 -60.73 15.91 -1.62
C ALA I 22 -59.43 16.70 -1.63
N TRP I 23 -58.77 16.77 -2.78
CA TRP I 23 -57.45 17.39 -2.86
C TRP I 23 -57.09 17.62 -4.32
N GLU I 24 -55.98 18.33 -4.52
CA GLU I 24 -55.40 18.56 -5.84
C GLU I 24 -53.91 18.24 -5.78
N VAL I 25 -53.29 18.09 -6.96
CA VAL I 25 -51.87 17.78 -7.06
C VAL I 25 -51.22 18.78 -8.00
N TYR I 26 -50.07 19.32 -7.59
CA TYR I 26 -49.35 20.32 -8.37
C TYR I 26 -47.97 19.80 -8.76
N VAL I 27 -47.43 20.33 -9.85
CA VAL I 27 -46.14 19.91 -10.39
C VAL I 27 -45.31 21.14 -10.73
N CYS I 28 -44.00 21.05 -10.49
CA CYS I 28 -43.15 22.21 -10.68
C CYS I 28 -42.88 22.51 -12.14
N GLU I 29 -42.49 21.50 -12.92
CA GLU I 29 -42.19 21.62 -14.34
C GLU I 29 -40.83 22.29 -14.59
N LYS I 30 -40.18 22.82 -13.56
CA LYS I 30 -38.78 23.22 -13.67
C LYS I 30 -37.86 22.23 -13.01
N CYS I 31 -38.35 21.49 -12.01
CA CYS I 31 -37.60 20.45 -11.35
C CYS I 31 -38.40 19.17 -11.12
N CYS I 32 -39.64 19.10 -11.61
CA CYS I 32 -40.50 17.91 -11.57
C CYS I 32 -41.08 17.60 -10.20
N TYR I 33 -40.86 18.45 -9.19
CA TYR I 33 -41.36 18.16 -7.86
C TYR I 33 -42.88 18.23 -7.84
N SER I 34 -43.51 17.18 -7.35
CA SER I 34 -44.96 17.11 -7.24
C SER I 34 -45.36 17.00 -5.78
N TRP I 35 -46.56 17.50 -5.46
CA TRP I 35 -47.04 17.43 -4.09
C TRP I 35 -48.56 17.58 -4.09
N ARG I 36 -49.17 17.10 -3.00
CA ARG I 36 -50.61 17.13 -2.84
C ARG I 36 -51.03 18.38 -2.08
N SER I 37 -52.23 18.89 -2.41
CA SER I 37 -52.70 20.12 -1.80
C SER I 37 -52.92 19.97 -0.29
N THR I 38 -53.15 18.75 0.20
CA THR I 38 -53.35 18.56 1.63
C THR I 38 -52.03 18.66 2.38
N GLU I 39 -51.08 17.79 2.04
CA GLU I 39 -49.79 17.78 2.71
C GLU I 39 -49.05 19.08 2.40
N ASN I 40 -48.76 19.87 3.44
CA ASN I 40 -47.94 21.06 3.27
C ASN I 40 -46.48 20.65 3.39
N PRO I 41 -45.76 20.54 2.28
CA PRO I 41 -44.40 20.04 2.33
C PRO I 41 -43.40 21.13 2.68
N VAL I 42 -42.36 20.72 3.41
CA VAL I 42 -41.25 21.59 3.77
C VAL I 42 -39.99 20.87 3.31
N VAL I 43 -39.49 21.24 2.13
CA VAL I 43 -38.30 20.58 1.60
C VAL I 43 -37.09 21.02 2.43
N MET I 44 -36.33 20.04 2.90
CA MET I 44 -35.15 20.35 3.68
C MET I 44 -34.16 21.15 2.84
N GLU I 45 -33.41 22.04 3.50
CA GLU I 45 -32.44 22.84 2.78
C GLU I 45 -31.45 21.96 2.01
N LYS I 46 -31.29 20.71 2.44
CA LYS I 46 -30.40 19.78 1.75
C LYS I 46 -30.93 19.42 0.36
N PHE I 47 -32.24 19.33 0.21
CA PHE I 47 -32.85 18.82 -1.00
C PHE I 47 -33.38 19.90 -1.93
N LYS I 48 -33.20 21.18 -1.61
CA LYS I 48 -33.68 22.23 -2.49
C LYS I 48 -32.81 22.33 -3.74
N LEU I 49 -33.34 23.01 -4.76
CA LEU I 49 -32.68 23.07 -6.07
C LEU I 49 -32.75 24.47 -6.65
N ASP I 50 -31.71 24.81 -7.41
CA ASP I 50 -31.69 26.01 -8.25
C ASP I 50 -31.27 25.61 -9.66
N ASP I 51 -31.30 26.59 -10.57
CA ASP I 51 -30.87 26.30 -11.94
C ASP I 51 -29.44 25.79 -11.99
N ASN I 52 -28.62 26.16 -10.99
CA ASN I 52 -27.22 25.77 -11.03
C ASN I 52 -27.04 24.29 -10.70
N LYS I 53 -27.74 23.78 -9.68
CA LYS I 53 -27.56 22.39 -9.29
C LYS I 53 -28.13 21.45 -10.34
N ILE I 54 -29.28 21.81 -10.92
CA ILE I 54 -29.83 20.97 -11.98
C ILE I 54 -28.89 20.92 -13.17
N ALA I 55 -28.12 21.99 -13.38
CA ALA I 55 -27.16 22.02 -14.49
C ALA I 55 -26.12 20.92 -14.36
N ASN I 56 -25.41 20.90 -13.24
CA ASN I 56 -24.38 19.87 -12.99
C ASN I 56 -24.96 18.77 -12.10
N MET I 57 -25.91 18.03 -12.65
CA MET I 57 -26.59 17.03 -11.84
C MET I 57 -26.10 15.62 -12.07
N GLY I 58 -25.61 15.30 -13.26
CA GLY I 58 -25.17 13.93 -13.51
C GLY I 58 -26.33 13.07 -13.93
N VAL I 59 -26.17 12.30 -15.01
CA VAL I 59 -27.25 11.58 -15.63
C VAL I 59 -27.10 10.09 -15.37
N ILE I 60 -28.24 9.41 -15.33
CA ILE I 60 -28.28 7.96 -15.07
C ILE I 60 -29.37 7.35 -15.93
N PRO I 61 -29.03 6.51 -16.91
CA PRO I 61 -27.64 6.18 -17.26
C PRO I 61 -27.10 7.14 -18.30
N PRO I 62 -25.81 7.02 -18.63
CA PRO I 62 -25.23 7.91 -19.63
C PRO I 62 -25.89 7.73 -21.00
N ILE I 63 -25.88 8.80 -21.78
CA ILE I 63 -26.44 8.80 -23.13
C ILE I 63 -25.34 8.41 -24.11
N PRO I 64 -25.54 7.39 -24.93
CA PRO I 64 -24.48 6.95 -25.86
C PRO I 64 -24.38 7.89 -27.03
N PRO I 65 -23.26 7.85 -27.78
CA PRO I 65 -23.18 8.64 -29.01
C PRO I 65 -24.18 8.16 -30.06
N LEU I 66 -24.28 8.95 -31.13
CA LEU I 66 -25.38 8.78 -32.07
C LEU I 66 -25.06 7.92 -33.28
N LYS I 67 -23.78 7.71 -33.60
CA LYS I 67 -23.36 6.99 -34.81
C LYS I 67 -23.25 7.94 -36.01
N MET J 1 -21.83 38.23 -38.22
CA MET J 1 -21.04 36.99 -38.16
C MET J 1 -20.43 36.76 -36.77
N LYS J 2 -20.59 35.56 -36.24
CA LYS J 2 -20.16 35.20 -34.89
C LYS J 2 -19.03 34.18 -34.93
N CYS J 3 -18.42 33.98 -33.76
CA CYS J 3 -17.36 32.98 -33.58
C CYS J 3 -17.94 31.60 -33.30
N HIS J 4 -17.33 30.59 -33.91
CA HIS J 4 -17.81 29.22 -33.78
C HIS J 4 -17.45 28.56 -32.45
N ARG J 5 -16.49 29.11 -31.70
CA ARG J 5 -16.05 28.48 -30.47
C ARG J 5 -16.66 29.11 -29.21
N CYS J 6 -16.83 30.43 -29.18
CA CYS J 6 -17.40 31.08 -28.00
C CYS J 6 -18.65 31.88 -28.30
N GLY J 7 -19.03 32.03 -29.57
CA GLY J 7 -20.24 32.75 -29.93
C GLY J 7 -20.17 34.25 -29.80
N SER J 8 -18.98 34.82 -29.66
CA SER J 8 -18.85 36.26 -29.59
C SER J 8 -18.89 36.87 -30.99
N ASP J 9 -19.41 38.08 -31.08
CA ASP J 9 -19.44 38.81 -32.34
C ASP J 9 -18.25 39.75 -32.51
N ASN J 10 -17.31 39.74 -31.56
CA ASN J 10 -16.11 40.57 -31.65
C ASN J 10 -15.06 39.89 -32.53
N VAL J 11 -15.45 39.48 -33.73
CA VAL J 11 -14.58 38.77 -34.66
C VAL J 11 -14.25 39.69 -35.82
N ARG J 12 -13.00 39.61 -36.30
CA ARG J 12 -12.51 40.46 -37.36
C ARG J 12 -11.71 39.64 -38.34
N LYS J 13 -11.46 40.21 -39.52
CA LYS J 13 -10.67 39.55 -40.55
C LYS J 13 -9.19 39.65 -40.17
N MET J 14 -8.48 38.54 -40.31
CA MET J 14 -7.06 38.47 -39.96
C MET J 14 -6.17 38.71 -41.16
N VAL J 15 -6.47 38.08 -42.30
CA VAL J 15 -5.61 38.22 -43.47
C VAL J 15 -6.39 37.75 -44.69
N ASP J 16 -6.02 38.28 -45.85
CA ASP J 16 -6.59 37.84 -47.12
C ASP J 16 -5.64 36.86 -47.81
N SER J 17 -6.21 36.05 -48.69
CA SER J 17 -5.42 35.09 -49.45
C SER J 17 -4.41 35.85 -50.30
N PRO J 18 -3.12 35.54 -50.18
CA PRO J 18 -2.12 36.31 -50.94
C PRO J 18 -2.32 36.27 -52.44
N VAL J 19 -2.98 35.23 -52.97
CA VAL J 19 -3.17 35.06 -54.41
C VAL J 19 -4.67 35.04 -54.68
N GLY J 20 -5.16 36.08 -55.35
CA GLY J 20 -6.55 36.11 -55.76
C GLY J 20 -7.55 36.27 -54.62
N ASP J 21 -8.79 35.89 -54.91
CA ASP J 21 -9.89 35.93 -53.96
C ASP J 21 -10.23 34.55 -53.43
N ALA J 22 -9.22 33.72 -53.20
CA ALA J 22 -9.45 32.33 -52.82
C ALA J 22 -10.22 32.23 -51.51
N TRP J 23 -9.78 32.95 -50.48
CA TRP J 23 -10.37 32.80 -49.15
C TRP J 23 -9.90 33.94 -48.26
N GLU J 24 -10.50 34.01 -47.08
CA GLU J 24 -10.13 34.95 -46.03
C GLU J 24 -9.99 34.16 -44.72
N VAL J 25 -9.37 34.80 -43.72
CA VAL J 25 -9.17 34.19 -42.42
C VAL J 25 -9.69 35.14 -41.35
N TYR J 26 -10.45 34.61 -40.40
CA TYR J 26 -11.07 35.39 -39.35
C TYR J 26 -10.51 34.96 -38.00
N VAL J 27 -10.56 35.89 -37.04
CA VAL J 27 -10.01 35.65 -35.71
C VAL J 27 -11.04 36.10 -34.67
N CYS J 28 -11.10 35.37 -33.55
CA CYS J 28 -12.09 35.66 -32.51
C CYS J 28 -11.68 36.88 -31.69
N GLU J 29 -10.46 36.89 -31.18
CA GLU J 29 -9.96 38.01 -30.38
C GLU J 29 -10.60 38.02 -29.00
N LYS J 30 -11.60 37.17 -28.78
CA LYS J 30 -12.09 36.89 -27.44
C LYS J 30 -11.60 35.55 -26.91
N CYS J 31 -11.34 34.59 -27.82
CA CYS J 31 -10.75 33.32 -27.42
C CYS J 31 -9.64 32.86 -28.35
N CYS J 32 -9.24 33.67 -29.32
CA CYS J 32 -8.12 33.46 -30.26
C CYS J 32 -8.43 32.47 -31.38
N TYR J 33 -9.64 31.93 -31.46
CA TYR J 33 -9.93 30.92 -32.46
C TYR J 33 -9.89 31.53 -33.85
N SER J 34 -9.10 30.93 -34.75
CA SER J 34 -9.00 31.37 -36.13
C SER J 34 -9.50 30.28 -37.05
N TRP J 35 -10.02 30.68 -38.21
CA TRP J 35 -10.52 29.72 -39.18
C TRP J 35 -10.55 30.37 -40.56
N ARG J 36 -10.57 29.51 -41.58
CA ARG J 36 -10.56 29.97 -42.97
C ARG J 36 -11.99 30.09 -43.49
N SER J 37 -12.20 31.06 -44.38
CA SER J 37 -13.54 31.31 -44.89
C SER J 37 -14.09 30.13 -45.67
N THR J 38 -13.23 29.27 -46.22
CA THR J 38 -13.70 28.10 -46.95
C THR J 38 -14.20 27.01 -46.00
N GLU J 39 -13.32 26.55 -45.11
CA GLU J 39 -13.69 25.48 -44.20
C GLU J 39 -14.78 25.97 -43.24
N ASN J 40 -15.95 25.33 -43.29
CA ASN J 40 -17.00 25.61 -42.32
C ASN J 40 -16.79 24.79 -41.06
N PRO J 41 -16.26 25.40 -39.99
CA PRO J 41 -15.94 24.63 -38.80
C PRO J 41 -17.16 24.45 -37.90
N VAL J 42 -17.20 23.30 -37.24
CA VAL J 42 -18.23 22.99 -36.25
C VAL J 42 -17.51 22.52 -34.99
N VAL J 43 -17.29 23.43 -34.05
CA VAL J 43 -16.58 23.10 -32.83
C VAL J 43 -17.47 22.21 -31.95
N MET J 44 -16.91 21.10 -31.49
CA MET J 44 -17.65 20.22 -30.59
C MET J 44 -17.96 20.95 -29.29
N GLU J 45 -19.12 20.61 -28.71
CA GLU J 45 -19.49 21.22 -27.45
C GLU J 45 -18.43 20.98 -26.39
N LYS J 46 -17.59 19.96 -26.57
CA LYS J 46 -16.51 19.69 -25.62
C LYS J 46 -15.47 20.81 -25.62
N PHE J 47 -15.21 21.42 -26.78
CA PHE J 47 -14.15 22.40 -26.93
C PHE J 47 -14.67 23.84 -27.00
N LYS J 48 -15.97 24.05 -26.80
CA LYS J 48 -16.50 25.41 -26.81
C LYS J 48 -16.10 26.16 -25.53
N LEU J 49 -16.23 27.49 -25.58
CA LEU J 49 -15.74 28.34 -24.51
C LEU J 49 -16.73 29.46 -24.20
N ASP J 50 -16.74 29.87 -22.93
CA ASP J 50 -17.40 31.07 -22.47
C ASP J 50 -16.41 31.88 -21.63
N ASP J 51 -16.83 33.07 -21.21
CA ASP J 51 -15.95 33.90 -20.39
C ASP J 51 -15.57 33.17 -19.10
N ASN J 52 -16.42 32.26 -18.63
CA ASN J 52 -16.15 31.58 -17.36
C ASN J 52 -15.01 30.58 -17.50
N LYS J 53 -15.00 29.81 -18.59
CA LYS J 53 -13.96 28.81 -18.78
C LYS J 53 -12.61 29.47 -19.06
N ILE J 54 -12.60 30.55 -19.83
CA ILE J 54 -11.36 31.26 -20.08
C ILE J 54 -10.80 31.83 -18.78
N ALA J 55 -11.68 32.19 -17.86
CA ALA J 55 -11.24 32.67 -16.55
C ALA J 55 -10.51 31.55 -15.81
N ASN J 56 -11.14 30.39 -15.69
CA ASN J 56 -10.56 29.27 -14.96
C ASN J 56 -9.88 28.30 -15.93
N MET J 57 -8.81 28.77 -16.60
CA MET J 57 -8.18 27.92 -17.60
C MET J 57 -6.85 27.31 -17.17
N GLY J 58 -6.06 27.98 -16.35
CA GLY J 58 -4.77 27.43 -16.00
C GLY J 58 -3.68 27.80 -16.99
N VAL J 59 -2.52 28.21 -16.48
CA VAL J 59 -1.45 28.77 -17.31
C VAL J 59 -0.29 27.79 -17.40
N ILE J 60 0.43 27.87 -18.51
CA ILE J 60 1.58 27.01 -18.77
C ILE J 60 2.64 27.84 -19.50
N PRO J 61 3.79 28.12 -18.88
CA PRO J 61 4.13 27.79 -17.50
C PRO J 61 3.72 28.89 -16.53
N PRO J 62 3.86 28.63 -15.23
CA PRO J 62 3.50 29.63 -14.23
C PRO J 62 4.35 30.88 -14.35
N ILE J 63 3.77 32.02 -13.96
CA ILE J 63 4.48 33.30 -13.98
C ILE J 63 5.20 33.48 -12.66
N PRO J 64 6.51 33.75 -12.66
CA PRO J 64 7.26 33.85 -11.42
C PRO J 64 6.99 35.17 -10.72
N PRO J 65 7.31 35.26 -9.42
CA PRO J 65 7.23 36.56 -8.73
C PRO J 65 8.22 37.56 -9.34
N LEU J 66 8.09 38.81 -8.91
CA LEU J 66 8.78 39.90 -9.59
C LEU J 66 10.13 40.26 -9.01
N LYS J 67 10.44 39.83 -7.79
CA LYS J 67 11.68 40.19 -7.11
C LYS J 67 11.56 41.51 -6.36
N MET K 1 -15.14 56.38 0.69
CA MET K 1 -14.14 55.45 1.24
C MET K 1 -14.58 53.99 1.15
N LYS K 2 -13.69 53.14 0.65
CA LYS K 2 -13.97 51.73 0.43
C LYS K 2 -13.15 50.85 1.36
N CYS K 3 -13.56 49.58 1.46
CA CYS K 3 -12.85 48.57 2.23
C CYS K 3 -11.75 47.96 1.39
N HIS K 4 -10.59 47.78 2.01
CA HIS K 4 -9.43 47.27 1.28
C HIS K 4 -9.47 45.78 1.02
N ARG K 5 -10.35 45.04 1.71
CA ARG K 5 -10.40 43.59 1.56
C ARG K 5 -11.51 43.09 0.65
N CYS K 6 -12.69 43.73 0.68
CA CYS K 6 -13.80 43.32 -0.15
C CYS K 6 -14.35 44.42 -1.05
N GLY K 7 -13.86 45.65 -0.93
CA GLY K 7 -14.29 46.72 -1.81
C GLY K 7 -15.68 47.26 -1.55
N SER K 8 -16.27 46.95 -0.41
CA SER K 8 -17.58 47.49 -0.08
C SER K 8 -17.48 48.90 0.46
N ASP K 9 -18.51 49.69 0.21
CA ASP K 9 -18.59 51.04 0.73
C ASP K 9 -19.36 51.10 2.04
N ASN K 10 -19.81 49.96 2.56
CA ASN K 10 -20.56 49.92 3.82
C ASN K 10 -19.60 49.90 5.00
N VAL K 11 -18.64 50.82 5.03
CA VAL K 11 -17.61 50.88 6.06
C VAL K 11 -17.88 52.09 6.94
N ARG K 12 -17.66 51.91 8.24
CA ARG K 12 -17.94 52.97 9.21
C ARG K 12 -16.80 53.05 10.22
N LYS K 13 -16.77 54.16 10.96
CA LYS K 13 -15.77 54.36 11.99
C LYS K 13 -16.12 53.54 13.22
N MET K 14 -15.12 52.86 13.78
CA MET K 14 -15.31 51.99 14.94
C MET K 14 -15.00 52.70 16.25
N VAL K 15 -13.90 53.44 16.33
CA VAL K 15 -13.51 54.09 17.56
C VAL K 15 -12.51 55.19 17.24
N ASP K 16 -12.43 56.19 18.11
CA ASP K 16 -11.43 57.24 18.05
C ASP K 16 -10.30 56.95 19.03
N SER K 17 -9.14 57.52 18.76
CA SER K 17 -8.01 57.34 19.65
C SER K 17 -8.34 57.91 21.02
N PRO K 18 -8.19 57.14 22.09
CA PRO K 18 -8.56 57.65 23.42
C PRO K 18 -7.80 58.89 23.83
N VAL K 19 -6.60 59.12 23.27
CA VAL K 19 -5.75 60.23 23.62
C VAL K 19 -5.49 61.07 22.38
N GLY K 20 -6.05 62.28 22.35
CA GLY K 20 -5.77 63.20 21.26
C GLY K 20 -6.41 62.83 19.94
N ASP K 21 -5.83 63.38 18.86
CA ASP K 21 -6.25 63.11 17.49
C ASP K 21 -5.28 62.16 16.79
N ALA K 22 -4.75 61.19 17.52
CA ALA K 22 -3.71 60.32 16.97
C ALA K 22 -4.22 59.56 15.75
N TRP K 23 -5.37 58.91 15.86
CA TRP K 23 -5.83 58.05 14.78
C TRP K 23 -7.28 57.67 15.00
N GLU K 24 -7.85 57.02 13.99
CA GLU K 24 -9.19 56.43 14.03
C GLU K 24 -9.11 55.01 13.52
N VAL K 25 -10.18 54.23 13.75
CA VAL K 25 -10.24 52.84 13.33
C VAL K 25 -11.54 52.63 12.57
N TYR K 26 -11.46 51.96 11.42
CA TYR K 26 -12.62 51.74 10.57
C TYR K 26 -12.90 50.24 10.45
N VAL K 27 -14.16 49.90 10.21
CA VAL K 27 -14.61 48.51 10.15
C VAL K 27 -15.48 48.34 8.91
N CYS K 28 -15.37 47.16 8.28
CA CYS K 28 -16.06 46.93 7.01
C CYS K 28 -17.55 46.65 7.21
N GLU K 29 -17.89 45.72 8.11
CA GLU K 29 -19.28 45.36 8.37
C GLU K 29 -19.83 44.48 7.25
N LYS K 30 -19.08 44.31 6.17
CA LYS K 30 -19.38 43.27 5.19
C LYS K 30 -18.45 42.07 5.32
N CYS K 31 -17.22 42.29 5.79
CA CYS K 31 -16.29 41.20 6.03
C CYS K 31 -15.56 41.33 7.36
N CYS K 32 -15.90 42.31 8.19
CA CYS K 32 -15.36 42.50 9.54
C CYS K 32 -13.92 43.02 9.55
N TYR K 33 -13.37 43.37 8.39
CA TYR K 33 -12.00 43.84 8.35
C TYR K 33 -11.89 45.21 9.03
N SER K 34 -10.98 45.33 9.97
CA SER K 34 -10.71 46.58 10.66
C SER K 34 -9.28 47.03 10.38
N TRP K 35 -9.07 48.34 10.41
CA TRP K 35 -7.75 48.89 10.17
C TRP K 35 -7.69 50.28 10.76
N ARG K 36 -6.46 50.73 11.04
CA ARG K 36 -6.23 52.03 11.65
C ARG K 36 -5.99 53.07 10.58
N SER K 37 -6.40 54.31 10.88
CA SER K 37 -6.28 55.38 9.89
C SER K 37 -4.83 55.66 9.52
N THR K 38 -3.87 55.31 10.39
CA THR K 38 -2.47 55.53 10.06
C THR K 38 -1.98 54.51 9.03
N GLU K 39 -2.09 53.22 9.35
CA GLU K 39 -1.64 52.18 8.45
C GLU K 39 -2.49 52.16 7.18
N ASN K 40 -1.85 52.38 6.02
CA ASN K 40 -2.54 52.22 4.75
C ASN K 40 -2.42 50.76 4.31
N PRO K 41 -3.45 49.95 4.48
CA PRO K 41 -3.32 48.52 4.22
C PRO K 41 -3.51 48.16 2.76
N VAL K 42 -2.74 47.16 2.32
CA VAL K 42 -2.84 46.61 0.98
C VAL K 42 -3.02 45.10 1.14
N VAL K 43 -4.27 44.64 1.06
CA VAL K 43 -4.59 43.23 1.22
C VAL K 43 -4.08 42.46 0.01
N MET K 44 -3.35 41.38 0.25
CA MET K 44 -2.86 40.57 -0.86
C MET K 44 -4.03 39.98 -1.65
N GLU K 45 -3.84 39.85 -2.97
CA GLU K 45 -4.94 39.37 -3.79
C GLU K 45 -5.45 38.01 -3.32
N LYS K 46 -4.60 37.21 -2.68
CA LYS K 46 -5.05 35.91 -2.20
C LYS K 46 -6.01 36.04 -1.03
N PHE K 47 -5.91 37.10 -0.24
CA PHE K 47 -6.71 37.27 0.97
C PHE K 47 -7.93 38.16 0.76
N LYS K 48 -8.16 38.65 -0.47
CA LYS K 48 -9.32 39.49 -0.70
C LYS K 48 -10.60 38.66 -0.69
N LEU K 49 -11.73 39.34 -0.60
CA LEU K 49 -13.01 38.66 -0.44
C LEU K 49 -14.07 39.31 -1.31
N ASP K 50 -15.01 38.48 -1.77
CA ASP K 50 -16.23 38.91 -2.41
C ASP K 50 -17.40 38.21 -1.73
N ASP K 51 -18.62 38.57 -2.13
CA ASP K 51 -19.78 37.90 -1.54
C ASP K 51 -19.74 36.40 -1.81
N ASN K 52 -19.06 35.97 -2.87
CA ASN K 52 -19.04 34.55 -3.22
C ASN K 52 -18.16 33.75 -2.27
N LYS K 53 -16.97 34.27 -1.94
CA LYS K 53 -16.06 33.53 -1.08
C LYS K 53 -16.59 33.46 0.35
N ILE K 54 -17.19 34.54 0.83
CA ILE K 54 -17.77 34.52 2.17
C ILE K 54 -18.90 33.52 2.26
N ALA K 55 -19.61 33.27 1.15
CA ALA K 55 -20.70 32.31 1.16
C ALA K 55 -20.20 30.89 1.47
N ASN K 56 -19.23 30.41 0.69
CA ASN K 56 -18.67 29.07 0.90
C ASN K 56 -17.35 29.18 1.66
N MET K 57 -17.46 29.60 2.92
CA MET K 57 -16.27 29.84 3.73
C MET K 57 -15.95 28.71 4.70
N GLY K 58 -16.95 27.98 5.18
CA GLY K 58 -16.68 26.93 6.14
C GLY K 58 -16.66 27.45 7.56
N VAL K 59 -17.33 26.76 8.47
CA VAL K 59 -17.55 27.26 9.82
C VAL K 59 -16.69 26.49 10.81
N ILE K 60 -16.32 27.18 11.88
CA ILE K 60 -15.49 26.59 12.94
C ILE K 60 -15.97 27.13 14.28
N PRO K 61 -16.55 26.29 15.15
CA PRO K 61 -16.82 24.88 14.87
C PRO K 61 -18.20 24.72 14.25
N PRO K 62 -18.55 23.51 13.83
CA PRO K 62 -19.88 23.30 13.25
C PRO K 62 -20.97 23.60 14.26
N ILE K 63 -22.11 24.05 13.75
CA ILE K 63 -23.27 24.37 14.60
C ILE K 63 -24.14 23.12 14.74
N PRO K 64 -24.45 22.71 15.96
CA PRO K 64 -25.22 21.47 16.14
C PRO K 64 -26.68 21.69 15.82
N PRO K 65 -27.43 20.61 15.58
CA PRO K 65 -28.89 20.74 15.43
C PRO K 65 -29.55 21.19 16.72
N LEU K 66 -30.84 21.52 16.61
CA LEU K 66 -31.57 22.20 17.67
C LEU K 66 -32.33 21.29 18.62
N LYS K 67 -32.59 20.03 18.23
CA LYS K 67 -33.42 19.10 19.01
C LYS K 67 -34.89 19.25 18.60
N MET L 1 30.30 -48.96 -8.51
CA MET L 1 29.62 -47.88 -9.20
C MET L 1 28.67 -47.06 -8.30
N LYS L 2 28.77 -45.74 -8.38
CA LYS L 2 27.97 -44.85 -7.56
C LYS L 2 27.03 -44.03 -8.45
N CYS L 3 26.05 -43.41 -7.79
CA CYS L 3 25.10 -42.53 -8.46
C CYS L 3 25.67 -41.11 -8.58
N HIS L 4 25.45 -40.49 -9.74
CA HIS L 4 26.02 -39.18 -10.01
C HIS L 4 25.28 -38.04 -9.32
N ARG L 5 24.05 -38.25 -8.86
CA ARG L 5 23.27 -37.17 -8.26
C ARG L 5 23.29 -37.17 -6.74
N CYS L 6 23.27 -38.34 -6.11
CA CYS L 6 23.27 -38.42 -4.65
C CYS L 6 24.41 -39.26 -4.09
N GLY L 7 25.21 -39.91 -4.94
CA GLY L 7 26.36 -40.65 -4.47
C GLY L 7 26.06 -41.96 -3.77
N SER L 8 24.85 -42.48 -3.89
CA SER L 8 24.54 -43.75 -3.28
C SER L 8 25.06 -44.89 -4.15
N ASP L 9 25.42 -45.98 -3.50
CA ASP L 9 25.87 -47.18 -4.18
C ASP L 9 24.73 -48.15 -4.46
N ASN L 10 23.51 -47.80 -4.09
CA ASN L 10 22.34 -48.66 -4.33
C ASN L 10 21.82 -48.48 -5.74
N VAL L 11 22.70 -48.56 -6.73
CA VAL L 11 22.37 -48.33 -8.13
C VAL L 11 22.39 -49.67 -8.85
N ARG L 12 21.44 -49.85 -9.76
CA ARG L 12 21.31 -51.11 -10.49
C ARG L 12 21.02 -50.85 -11.95
N LYS L 13 21.21 -51.88 -12.76
CA LYS L 13 20.93 -51.79 -14.19
C LYS L 13 19.43 -51.83 -14.43
N MET L 14 18.94 -50.92 -15.28
CA MET L 14 17.51 -50.84 -15.56
C MET L 14 17.12 -51.63 -16.80
N VAL L 15 17.89 -51.51 -17.88
CA VAL L 15 17.56 -52.18 -19.14
C VAL L 15 18.80 -52.20 -20.02
N ASP L 16 18.84 -53.16 -20.94
CA ASP L 16 19.87 -53.26 -21.98
C ASP L 16 19.35 -52.67 -23.28
N SER L 17 20.28 -52.28 -24.14
CA SER L 17 19.88 -51.77 -25.45
C SER L 17 19.18 -52.90 -26.19
N PRO L 18 17.95 -52.69 -26.68
CA PRO L 18 17.24 -53.78 -27.35
C PRO L 18 17.98 -54.33 -28.55
N VAL L 19 18.84 -53.54 -29.18
CA VAL L 19 19.57 -53.94 -30.38
C VAL L 19 21.05 -53.88 -30.09
N GLY L 20 21.70 -55.04 -30.03
CA GLY L 20 23.13 -55.14 -29.88
C GLY L 20 23.61 -54.74 -28.48
N ASP L 21 24.90 -54.41 -28.41
CA ASP L 21 25.55 -53.98 -27.19
C ASP L 21 25.79 -52.47 -27.19
N ALA L 22 24.83 -51.71 -27.72
CA ALA L 22 25.03 -50.27 -27.87
C ALA L 22 25.27 -49.60 -26.53
N TRP L 23 24.41 -49.88 -25.54
CA TRP L 23 24.48 -49.16 -24.27
C TRP L 23 23.63 -49.88 -23.23
N GLU L 24 23.74 -49.41 -21.99
CA GLU L 24 22.91 -49.84 -20.88
C GLU L 24 22.38 -48.61 -20.17
N VAL L 25 21.37 -48.82 -19.31
CA VAL L 25 20.76 -47.74 -18.56
C VAL L 25 20.75 -48.13 -17.08
N TYR L 26 21.17 -47.20 -16.22
CA TYR L 26 21.26 -47.45 -14.79
C TYR L 26 20.31 -46.51 -14.04
N VAL L 27 19.87 -46.95 -12.85
CA VAL L 27 18.91 -46.21 -12.04
C VAL L 27 19.43 -46.18 -10.61
N CYS L 28 19.17 -45.06 -9.92
CA CYS L 28 19.68 -44.88 -8.57
C CYS L 28 18.85 -45.63 -7.55
N GLU L 29 17.53 -45.47 -7.59
CA GLU L 29 16.64 -46.15 -6.66
C GLU L 29 16.70 -45.55 -5.26
N LYS L 30 17.63 -44.62 -5.02
CA LYS L 30 17.60 -43.78 -3.84
C LYS L 30 17.10 -42.38 -4.15
N CYS L 31 17.27 -41.93 -5.39
CA CYS L 31 16.73 -40.66 -5.83
C CYS L 31 16.09 -40.74 -7.22
N CYS L 32 16.02 -41.93 -7.83
CA CYS L 32 15.38 -42.18 -9.11
C CYS L 32 16.18 -41.68 -10.31
N TYR L 33 17.40 -41.19 -10.11
CA TYR L 33 18.16 -40.65 -11.23
C TYR L 33 18.58 -41.79 -12.17
N SER L 34 18.26 -41.63 -13.45
CA SER L 34 18.62 -42.59 -14.47
C SER L 34 19.56 -41.94 -15.47
N TRP L 35 20.41 -42.76 -16.09
CA TRP L 35 21.34 -42.26 -17.10
C TRP L 35 21.79 -43.42 -17.98
N ARG L 36 22.26 -43.07 -19.18
CA ARG L 36 22.70 -44.06 -20.15
C ARG L 36 24.21 -44.28 -20.02
N SER L 37 24.64 -45.50 -20.33
CA SER L 37 26.05 -45.84 -20.20
C SER L 37 26.94 -45.05 -21.14
N THR L 38 26.41 -44.55 -22.25
CA THR L 38 27.22 -43.75 -23.18
C THR L 38 27.46 -42.34 -22.63
N GLU L 39 26.38 -41.60 -22.39
CA GLU L 39 26.50 -40.24 -21.91
C GLU L 39 27.11 -40.24 -20.51
N ASN L 40 28.26 -39.57 -20.37
CA ASN L 40 28.88 -39.39 -19.06
C ASN L 40 28.28 -38.16 -18.40
N PRO L 41 27.37 -38.33 -17.45
CA PRO L 41 26.67 -37.18 -16.86
C PRO L 41 27.48 -36.55 -15.73
N VAL L 42 27.39 -35.23 -15.65
CA VAL L 42 27.98 -34.46 -14.57
C VAL L 42 26.87 -33.59 -13.99
N VAL L 43 26.23 -34.05 -12.92
CA VAL L 43 25.13 -33.29 -12.33
C VAL L 43 25.69 -32.04 -11.67
N MET L 44 25.10 -30.90 -11.99
CA MET L 44 25.57 -29.65 -11.38
C MET L 44 25.37 -29.70 -9.87
N GLU L 45 26.28 -29.06 -9.14
CA GLU L 45 26.20 -29.09 -7.69
C GLU L 45 24.87 -28.54 -7.19
N LYS L 46 24.20 -27.69 -7.97
CA LYS L 46 22.91 -27.18 -7.56
C LYS L 46 21.83 -28.27 -7.57
N PHE L 47 21.96 -29.26 -8.46
CA PHE L 47 20.94 -30.28 -8.63
C PHE L 47 21.26 -31.58 -7.90
N LYS L 48 22.35 -31.64 -7.14
CA LYS L 48 22.68 -32.84 -6.39
C LYS L 48 21.75 -33.00 -5.19
N LEU L 49 21.72 -34.21 -4.63
CA LEU L 49 20.77 -34.55 -3.58
C LEU L 49 21.43 -35.36 -2.48
N ASP L 50 20.93 -35.18 -1.26
CA ASP L 50 21.27 -36.01 -0.12
C ASP L 50 19.99 -36.47 0.55
N ASP L 51 20.14 -37.36 1.54
CA ASP L 51 18.95 -37.84 2.25
C ASP L 51 18.20 -36.69 2.91
N ASN L 52 18.89 -35.59 3.24
CA ASN L 52 18.24 -34.49 3.94
C ASN L 52 17.32 -33.70 3.01
N LYS L 53 17.78 -33.44 1.78
CA LYS L 53 16.97 -32.68 0.84
C LYS L 53 15.76 -33.49 0.37
N ILE L 54 15.94 -34.78 0.15
CA ILE L 54 14.82 -35.64 -0.23
C ILE L 54 13.77 -35.67 0.87
N ALA L 55 14.18 -35.52 2.13
CA ALA L 55 13.23 -35.52 3.23
C ALA L 55 12.25 -34.36 3.12
N ASN L 56 12.77 -33.13 3.03
CA ASN L 56 11.93 -31.93 2.91
C ASN L 56 11.87 -31.48 1.45
N MET L 57 11.22 -32.30 0.62
CA MET L 57 11.17 -32.03 -0.81
C MET L 57 9.88 -31.38 -1.29
N GLY L 58 8.76 -31.61 -0.62
CA GLY L 58 7.51 -31.03 -1.06
C GLY L 58 6.83 -31.89 -2.10
N VAL L 59 5.54 -32.14 -1.92
CA VAL L 59 4.83 -33.11 -2.73
C VAL L 59 3.88 -32.39 -3.68
N ILE L 60 3.63 -33.01 -4.82
CA ILE L 60 2.75 -32.46 -5.84
C ILE L 60 1.97 -33.58 -6.50
N PRO L 61 0.65 -33.68 -6.31
CA PRO L 61 -0.12 -32.80 -5.42
C PRO L 61 -0.19 -33.36 -4.01
N PRO L 62 -0.76 -32.60 -3.07
CA PRO L 62 -0.87 -33.09 -1.69
C PRO L 62 -1.71 -34.36 -1.61
N ILE L 63 -1.41 -35.19 -0.62
CA ILE L 63 -2.14 -36.43 -0.40
C ILE L 63 -3.33 -36.16 0.52
N PRO L 64 -4.54 -36.53 0.12
CA PRO L 64 -5.72 -36.22 0.95
C PRO L 64 -5.83 -37.16 2.13
N PRO L 65 -6.62 -36.79 3.14
CA PRO L 65 -6.89 -37.72 4.25
C PRO L 65 -7.67 -38.95 3.79
N LEU L 66 -7.80 -39.90 4.71
CA LEU L 66 -8.29 -41.22 4.37
C LEU L 66 -9.79 -41.39 4.60
N LYS L 67 -10.42 -40.53 5.40
CA LYS L 67 -11.83 -40.64 5.77
C LYS L 67 -12.01 -41.54 6.99
C1 PEG M . 13.29 30.22 7.88
O1 PEG M . 14.44 31.03 7.72
C2 PEG M . 13.63 28.90 8.53
O2 PEG M . 12.46 28.31 9.09
C3 PEG M . 12.35 28.47 10.50
C4 PEG M . 12.53 27.15 11.18
O4 PEG M . 12.74 27.31 12.58
H11 PEG M . 12.90 30.05 7.01
H12 PEG M . 12.64 30.69 8.43
HO1 PEG M . 14.28 31.83 7.48
H21 PEG M . 14.27 29.06 9.24
H22 PEG M . 14.01 28.31 7.87
H31 PEG M . 11.48 28.83 10.72
H32 PEG M . 13.04 29.08 10.81
H41 PEG M . 13.30 26.69 10.80
H42 PEG M . 11.73 26.61 11.05
HO4 PEG M . 12.97 26.61 12.99
NA NA N . 37.74 6.80 -2.53
NA NA O . 5.42 18.53 0.44
NA NA P . 39.28 6.25 -9.85
P PO4 Q . 35.61 3.94 -2.94
O1 PO4 Q . 36.60 4.59 -3.88
O2 PO4 Q . 36.23 2.72 -2.30
O3 PO4 Q . 34.36 3.53 -3.68
O4 PO4 Q . 35.25 4.94 -1.87
MG MG R . 37.13 5.85 -5.90
CL CL S . 24.83 -10.14 11.43
CL CL T . -6.51 27.92 3.70
NA NA U . -7.08 -10.22 36.08
NA NA V . -16.92 6.00 7.56
NA NA W . -2.99 -5.48 40.36
P PO4 X . -4.07 -10.44 34.21
O1 PO4 X . -2.95 -10.40 33.20
O2 PO4 X . -4.89 -11.68 33.95
O3 PO4 X . -4.94 -9.21 34.08
O4 PO4 X . -3.51 -10.47 35.61
MG MG Y . -4.47 -8.06 36.59
CL CL Z . 2.65 -23.88 15.94
C1 PEG AA . -17.29 -24.09 13.31
O1 PEG AA . -17.95 -25.26 13.77
C2 PEG AA . -16.85 -23.20 14.45
O2 PEG AA . -17.96 -22.45 14.92
C3 PEG AA . -17.65 -21.56 15.99
C4 PEG AA . -18.85 -20.71 16.32
O4 PEG AA . -19.98 -21.49 16.70
H11 PEG AA . -17.89 -23.59 12.74
H12 PEG AA . -16.51 -24.35 12.80
HO1 PEG AA . -17.45 -25.79 14.23
H21 PEG AA . -16.49 -23.74 15.16
H22 PEG AA . -16.17 -22.59 14.12
H31 PEG AA . -16.92 -20.98 15.73
H32 PEG AA . -17.40 -22.07 16.77
H41 PEG AA . -19.08 -20.18 15.55
H42 PEG AA . -18.62 -20.13 17.07
HO4 PEG AA . -20.67 -21.04 16.91
NA NA BA . -34.83 -10.05 -13.20
NA NA CA . -6.89 -17.33 5.37
P PO4 DA . -32.62 -7.31 -14.21
O1 PO4 DA . -31.33 -6.60 -14.51
O2 PO4 DA . -33.45 -7.45 -15.47
O3 PO4 DA . -33.39 -6.51 -13.18
O4 PO4 DA . -32.34 -8.70 -13.67
MG MG EA . -33.14 -10.08 -16.48
CL CL FA . -26.05 12.17 -3.29
C1 PEG GA . 12.21 -15.08 -25.89
O1 PEG GA . 11.76 -14.95 -27.23
C2 PEG GA . 13.69 -15.32 -25.82
O2 PEG GA . 14.17 -15.04 -24.50
C3 PEG GA . 15.41 -14.32 -24.49
C4 PEG GA . 16.56 -15.27 -24.41
O4 PEG GA . 17.74 -14.75 -25.02
H11 PEG GA . 11.75 -15.83 -25.48
H12 PEG GA . 12.00 -14.28 -25.40
HO1 PEG GA . 10.93 -14.80 -27.30
H21 PEG GA . 14.14 -14.74 -26.45
H22 PEG GA . 13.88 -16.25 -26.04
H31 PEG GA . 15.42 -13.74 -23.71
H32 PEG GA . 15.48 -13.80 -25.29
H41 PEG GA . 16.32 -16.10 -24.86
H42 PEG GA . 16.75 -15.47 -23.49
HO4 PEG GA . 18.15 -15.30 -25.53
NA NA HA . 17.17 20.02 -27.81
NA NA IA . 13.20 -9.46 -10.42
P PO4 JA . 15.13 21.16 -25.31
O1 PO4 JA . 15.19 20.36 -26.59
O2 PO4 JA . 15.80 22.49 -25.52
O3 PO4 JA . 13.69 21.37 -24.90
O4 PO4 JA . 15.84 20.38 -24.22
MG MG KA . 18.47 22.01 -25.02
CL CL LA . -7.65 18.56 -21.01
CL CL MA . 13.11 -24.87 -7.35
C1 PEG NA . 16.08 29.84 17.80
O1 PEG NA . 15.51 31.14 17.70
C2 PEG NA . 15.73 29.15 19.08
O2 PEG NA . 16.04 27.77 18.99
C3 PEG NA . 16.09 27.12 20.26
C4 PEG NA . 15.77 25.66 20.12
O4 PEG NA . 15.85 24.99 21.37
H11 PEG NA . 17.05 29.92 17.74
H12 PEG NA . 15.76 29.30 17.06
HO1 PEG NA . 15.80 31.60 17.04
H21 PEG NA . 14.78 29.26 19.26
H22 PEG NA . 16.25 29.55 19.80
H31 PEG NA . 15.43 27.53 20.85
H32 PEG NA . 16.97 27.22 20.65
H41 PEG NA . 16.40 25.27 19.51
H42 PEG NA . 14.87 25.57 19.77
HO4 PEG NA . 16.62 24.99 21.72
C1 EDO OA . -2.83 29.69 20.20
O1 EDO OA . -2.93 30.78 19.27
C2 EDO OA . -3.75 28.53 19.79
O2 EDO OA . -3.82 27.53 20.81
H11 EDO OA . -3.10 30.04 21.20
H12 EDO OA . -1.79 29.34 20.25
HO1 EDO OA . -2.27 31.45 19.47
H21 EDO OA . -3.37 28.09 18.86
H22 EDO OA . -4.75 28.92 19.59
HO2 EDO OA . -3.10 27.66 21.44
C1 PEG PA . 24.39 8.83 18.79
O1 PEG PA . 24.83 10.18 18.94
C2 PEG PA . 24.68 8.01 20.01
O2 PEG PA . 23.55 7.22 20.35
C3 PEG PA . 23.78 6.33 21.44
C4 PEG PA . 23.27 6.91 22.73
O4 PEG PA . 23.82 6.26 23.87
H11 PEG PA . 24.86 8.45 18.02
H12 PEG PA . 23.44 8.83 18.62
HO1 PEG PA . 24.82 10.64 18.22
H21 PEG PA . 24.89 8.60 20.74
H22 PEG PA . 25.44 7.43 19.84
H31 PEG PA . 24.74 6.16 21.52
H32 PEG PA . 23.33 5.48 21.27
H41 PEG PA . 22.30 6.82 22.74
H42 PEG PA . 23.50 7.86 22.75
HO4 PEG PA . 23.61 5.45 23.96
NA NA QA . 12.41 -1.13 14.53
NA NA RA . -5.90 24.07 29.19
NA NA SA . -11.21 21.70 33.36
P PO4 TA . -7.98 23.55 26.25
O1 PO4 TA . -7.97 24.81 25.42
O2 PO4 TA . -8.71 22.46 25.49
O3 PO4 TA . -8.67 23.79 27.56
O4 PO4 TA . -6.57 23.09 26.52
MG MG UA . -8.60 22.53 29.69
C1 PEG VA . -4.68 2.04 -31.84
O1 PEG VA . -5.42 2.13 -33.06
C2 PEG VA . -3.45 2.91 -31.86
O2 PEG VA . -2.28 2.10 -31.96
C3 PEG VA . -1.08 2.85 -32.13
C4 PEG VA . 0.09 1.92 -32.24
O4 PEG VA . 0.18 1.32 -33.53
H11 PEG VA . -4.41 1.12 -31.70
H12 PEG VA . -5.25 2.33 -31.12
HO1 PEG VA . -6.12 1.66 -33.06
H21 PEG VA . -3.41 3.43 -31.05
H22 PEG VA . -3.48 3.52 -32.63
H31 PEG VA . -0.97 3.43 -31.36
H32 PEG VA . -1.15 3.38 -32.94
H41 PEG VA . 0.01 1.22 -31.58
H42 PEG VA . 0.90 2.43 -32.08
HO4 PEG VA . 0.90 1.47 -33.95
NA NA WA . -7.32 -30.82 -21.90
NA NA XA . -7.75 3.45 -17.36
P PO4 YA . -6.82 -30.11 -18.52
O1 PO4 YA . -6.55 -29.64 -19.92
O2 PO4 YA . -5.53 -30.28 -17.75
O3 PO4 YA . -7.68 -29.11 -17.81
O4 PO4 YA . -7.56 -31.44 -18.62
MG MG ZA . -10.18 -31.40 -19.47
ZN ZN AB . 38.44 -21.17 16.26
ZN ZN BB . 9.48 -37.67 24.74
ZN ZN CB . -39.33 23.31 -8.46
ZN ZN DB . -14.62 32.76 -29.70
ZN ZN EB . -14.60 44.34 3.52
ZN ZN FB . 21.11 -40.96 -6.51
#